data_8HEQ
#
_entry.id   8HEQ
#
loop_
_entity.id
_entity.type
_entity.pdbx_description
1 polymer 'Anti-sigma-I factor RsgI2'
2 polymer 'Anti-sigma-I factor RsgI2'
#
loop_
_entity_poly.entity_id
_entity_poly.type
_entity_poly.pdbx_seq_one_letter_code
_entity_poly.pdbx_strand_id
1 'polypeptide(L)' MYAYIDVDIN A
2 'polypeptide(L)'
;PSIGLVIDKKEKVIDAKPLNNDAKPILDEAAPKDMPLYDALSKILDISKKNGYINSADNIVLFSASINSGRNNVSESDKG
IQEIISTLKDVAKDAGVKFEIIPSTEEDRQKALDQNLSMGRYAIYVKAVEEGVNLNLEDARNLSVSEILGKLEHHHHHH
;
B
#
# COMPACT_ATOMS: atom_id res chain seq x y z
N MET A 1 -2.79 -0.61 18.11
CA MET A 1 -3.12 -0.80 16.72
C MET A 1 -4.03 0.32 16.32
N TYR A 2 -3.79 0.88 15.18
CA TYR A 2 -4.58 1.96 14.68
C TYR A 2 -4.83 1.78 13.20
N ALA A 3 -3.79 1.78 12.41
CA ALA A 3 -3.98 1.72 10.99
C ALA A 3 -3.02 0.76 10.36
N TYR A 4 -3.44 0.21 9.27
CA TYR A 4 -2.67 -0.67 8.47
C TYR A 4 -2.39 0.04 7.19
N ILE A 5 -1.15 0.22 6.85
CA ILE A 5 -0.79 0.82 5.60
C ILE A 5 -0.13 -0.24 4.75
N ASP A 6 -0.77 -0.60 3.71
CA ASP A 6 -0.24 -1.57 2.81
C ASP A 6 0.26 -0.89 1.58
N VAL A 7 1.52 -1.09 1.36
CA VAL A 7 2.28 -0.41 0.35
C VAL A 7 2.63 -1.38 -0.75
N ASP A 8 2.31 -1.02 -1.95
CA ASP A 8 2.64 -1.81 -3.09
C ASP A 8 3.55 -1.15 -4.04
N ILE A 9 4.67 -1.76 -4.17
CA ILE A 9 5.70 -1.39 -5.08
C ILE A 9 5.91 -2.59 -5.97
N ASN A 10 6.16 -2.36 -7.27
CA ASN A 10 6.45 -3.42 -8.27
C ASN A 10 5.33 -4.43 -8.27
N PRO B 1 7.40 -5.45 -4.07
CA PRO B 1 7.32 -5.51 -2.64
C PRO B 1 5.93 -5.13 -2.16
N SER B 2 5.26 -6.07 -1.52
CA SER B 2 3.97 -5.80 -0.90
C SER B 2 4.12 -5.82 0.64
N ILE B 3 4.01 -4.67 1.26
CA ILE B 3 4.29 -4.48 2.70
C ILE B 3 3.04 -4.00 3.42
N GLY B 4 2.82 -4.46 4.63
CA GLY B 4 1.83 -3.89 5.49
C GLY B 4 2.49 -3.32 6.73
N LEU B 5 2.36 -2.06 6.92
CA LEU B 5 2.89 -1.36 8.07
C LEU B 5 1.79 -1.13 9.06
N VAL B 6 1.83 -1.82 10.15
CA VAL B 6 0.82 -1.68 11.16
C VAL B 6 1.30 -0.62 12.13
N ILE B 7 0.60 0.49 12.20
CA ILE B 7 0.98 1.57 13.10
C ILE B 7 0.04 1.63 14.28
N ASP B 8 0.45 2.33 15.30
CA ASP B 8 -0.39 2.55 16.45
C ASP B 8 -0.87 3.99 16.45
N LYS B 9 -1.48 4.41 17.56
CA LYS B 9 -2.02 5.75 17.81
C LYS B 9 -0.94 6.88 17.73
N LYS B 10 0.35 6.51 17.77
CA LYS B 10 1.44 7.42 17.67
C LYS B 10 2.21 7.30 16.37
N GLU B 11 1.54 6.70 15.38
CA GLU B 11 1.95 6.62 13.98
C GLU B 11 3.21 5.80 13.74
N LYS B 12 3.67 5.08 14.74
CA LYS B 12 4.84 4.33 14.54
C LYS B 12 4.51 2.89 14.26
N VAL B 13 5.30 2.29 13.44
CA VAL B 13 5.10 0.94 13.01
C VAL B 13 5.50 0.00 14.11
N ILE B 14 4.51 -0.70 14.61
CA ILE B 14 4.71 -1.64 15.66
C ILE B 14 5.18 -2.97 15.07
N ASP B 15 4.70 -3.30 13.87
CA ASP B 15 5.09 -4.50 13.18
C ASP B 15 4.86 -4.35 11.68
N ALA B 16 5.74 -4.90 10.91
CA ALA B 16 5.65 -4.86 9.47
C ALA B 16 5.47 -6.28 8.96
N LYS B 17 4.47 -6.47 8.14
CA LYS B 17 4.13 -7.76 7.59
C LYS B 17 4.39 -7.81 6.07
N PRO B 18 5.15 -8.81 5.57
CA PRO B 18 5.29 -9.02 4.14
C PRO B 18 4.12 -9.86 3.60
N LEU B 19 3.36 -9.30 2.67
CA LEU B 19 2.21 -10.00 2.08
C LEU B 19 2.64 -10.72 0.81
N ASN B 20 3.85 -10.46 0.42
CA ASN B 20 4.47 -11.03 -0.72
C ASN B 20 5.95 -11.17 -0.38
N ASN B 21 6.58 -12.25 -0.86
CA ASN B 21 7.96 -12.64 -0.44
C ASN B 21 9.05 -11.64 -0.84
N ASP B 22 8.77 -10.83 -1.82
CA ASP B 22 9.72 -9.83 -2.34
C ASP B 22 9.85 -8.61 -1.40
N ALA B 23 8.92 -8.53 -0.47
CA ALA B 23 8.89 -7.48 0.53
C ALA B 23 9.82 -7.77 1.69
N LYS B 24 10.03 -9.06 1.98
CA LYS B 24 10.92 -9.51 3.06
C LYS B 24 12.36 -8.87 2.99
N PRO B 25 13.11 -8.92 1.81
CA PRO B 25 14.44 -8.26 1.69
C PRO B 25 14.38 -6.73 1.88
N ILE B 26 13.24 -6.13 1.48
CA ILE B 26 13.03 -4.69 1.63
C ILE B 26 12.88 -4.32 3.08
N LEU B 27 12.04 -5.06 3.79
CA LEU B 27 11.78 -4.85 5.22
C LEU B 27 13.01 -5.10 6.06
N ASP B 28 13.85 -6.01 5.60
CA ASP B 28 15.12 -6.33 6.23
C ASP B 28 16.03 -5.13 6.30
N GLU B 29 16.24 -4.47 5.16
CA GLU B 29 17.13 -3.33 5.08
C GLU B 29 16.48 -2.06 5.63
N ALA B 30 15.17 -1.96 5.45
CA ALA B 30 14.39 -0.82 5.91
C ALA B 30 14.36 -0.73 7.44
N ALA B 31 14.04 -1.86 8.09
CA ALA B 31 13.82 -1.98 9.54
C ALA B 31 12.80 -0.92 10.04
N PRO B 32 11.50 -1.03 9.58
CA PRO B 32 10.47 -0.04 9.88
C PRO B 32 9.78 -0.25 11.21
N LYS B 33 10.13 -1.34 11.89
CA LYS B 33 9.56 -1.62 13.19
C LYS B 33 10.24 -0.71 14.19
N ASP B 34 9.42 -0.02 14.99
CA ASP B 34 9.82 1.02 15.98
C ASP B 34 10.17 2.33 15.27
N MET B 35 9.77 2.44 14.01
CA MET B 35 10.06 3.61 13.24
C MET B 35 8.77 4.38 12.96
N PRO B 36 8.77 5.74 13.05
CA PRO B 36 7.60 6.57 12.69
C PRO B 36 7.24 6.40 11.19
N LEU B 37 5.93 6.53 10.88
CA LEU B 37 5.30 6.32 9.54
C LEU B 37 6.10 6.98 8.41
N TYR B 38 6.50 8.24 8.62
CA TYR B 38 7.25 9.02 7.62
C TYR B 38 8.56 8.32 7.21
N ASP B 39 9.39 7.96 8.20
CA ASP B 39 10.71 7.37 7.90
C ASP B 39 10.54 5.92 7.44
N ALA B 40 9.61 5.21 8.08
CA ALA B 40 9.32 3.81 7.81
C ALA B 40 8.88 3.60 6.37
N LEU B 41 7.93 4.42 5.94
CA LEU B 41 7.38 4.36 4.60
C LEU B 41 8.43 4.79 3.57
N SER B 42 9.27 5.77 3.97
CA SER B 42 10.33 6.28 3.14
C SER B 42 11.37 5.19 2.88
N LYS B 43 11.64 4.36 3.91
CA LYS B 43 12.54 3.23 3.82
C LYS B 43 12.04 2.21 2.81
N ILE B 44 10.74 1.89 2.87
CA ILE B 44 10.13 0.92 1.93
C ILE B 44 10.33 1.36 0.46
N LEU B 45 10.23 2.64 0.21
CA LEU B 45 10.36 3.19 -1.14
C LEU B 45 11.84 3.22 -1.57
N ASP B 46 12.65 3.70 -0.66
CA ASP B 46 14.11 3.86 -0.82
C ASP B 46 14.78 2.52 -1.11
N ILE B 47 14.48 1.53 -0.30
CA ILE B 47 15.07 0.22 -0.40
C ILE B 47 14.57 -0.52 -1.68
N SER B 48 13.33 -0.26 -2.12
CA SER B 48 12.81 -0.93 -3.30
C SER B 48 13.46 -0.44 -4.60
N LYS B 49 13.80 0.86 -4.67
CA LYS B 49 14.45 1.36 -5.87
C LYS B 49 15.93 0.93 -5.92
N LYS B 50 16.54 0.77 -4.74
CA LYS B 50 17.93 0.30 -4.63
C LYS B 50 18.07 -1.16 -5.00
N ASN B 51 17.04 -1.93 -4.72
CA ASN B 51 17.02 -3.35 -5.06
C ASN B 51 16.50 -3.59 -6.49
N GLY B 52 16.21 -2.52 -7.21
CA GLY B 52 15.85 -2.61 -8.62
C GLY B 52 14.42 -3.06 -8.90
N TYR B 53 13.54 -2.99 -7.91
CA TYR B 53 12.13 -3.38 -8.13
C TYR B 53 11.37 -2.31 -8.87
N ILE B 54 11.78 -1.07 -8.66
CA ILE B 54 11.24 0.07 -9.34
C ILE B 54 12.35 0.95 -9.81
N ASN B 55 12.12 1.65 -10.89
CA ASN B 55 13.05 2.60 -11.42
C ASN B 55 12.47 3.96 -11.16
N SER B 56 13.28 4.95 -10.97
CA SER B 56 12.83 6.29 -10.62
C SER B 56 12.07 7.02 -11.75
N ALA B 57 12.27 6.58 -13.01
CA ALA B 57 11.59 7.17 -14.16
C ALA B 57 10.11 6.74 -14.21
N ASP B 58 9.82 5.54 -13.75
CA ASP B 58 8.45 5.06 -13.63
C ASP B 58 8.29 4.22 -12.39
N ASN B 59 7.80 4.86 -11.36
CA ASN B 59 7.51 4.24 -10.12
C ASN B 59 6.24 4.74 -9.55
N ILE B 60 5.21 3.99 -9.78
CA ILE B 60 3.92 4.24 -9.18
C ILE B 60 3.83 3.35 -7.96
N VAL B 61 3.76 3.97 -6.82
CA VAL B 61 3.64 3.27 -5.59
C VAL B 61 2.21 3.41 -5.09
N LEU B 62 1.65 2.32 -4.76
CA LEU B 62 0.31 2.22 -4.33
C LEU B 62 0.30 2.22 -2.79
N PHE B 63 -0.60 2.97 -2.22
CA PHE B 63 -0.75 3.03 -0.79
C PHE B 63 -2.21 2.84 -0.42
N SER B 64 -2.49 1.88 0.38
CA SER B 64 -3.81 1.67 0.89
C SER B 64 -3.78 1.62 2.39
N ALA B 65 -4.68 2.32 3.04
CA ALA B 65 -4.68 2.38 4.48
C ALA B 65 -6.07 2.19 5.05
N SER B 66 -6.16 1.33 6.03
CA SER B 66 -7.41 1.08 6.72
C SER B 66 -7.21 1.27 8.22
N ILE B 67 -8.16 1.88 8.85
CA ILE B 67 -8.08 2.04 10.29
C ILE B 67 -8.84 0.92 10.97
N ASN B 68 -8.07 -0.02 11.47
CA ASN B 68 -8.58 -1.16 12.20
C ASN B 68 -8.69 -0.70 13.61
N SER B 69 -9.91 -0.49 14.00
CA SER B 69 -10.35 0.14 15.22
C SER B 69 -9.68 -0.33 16.53
N GLY B 70 -8.57 0.30 16.83
CA GLY B 70 -7.92 0.17 18.11
C GLY B 70 -7.88 1.54 18.78
N ARG B 71 -8.39 2.50 18.05
CA ARG B 71 -8.51 3.87 18.41
C ARG B 71 -9.72 4.31 17.62
N ASN B 72 -10.56 5.17 18.17
CA ASN B 72 -11.79 5.58 17.48
C ASN B 72 -12.34 6.84 18.13
N ASN B 73 -12.44 6.81 19.48
CA ASN B 73 -13.00 7.90 20.34
C ASN B 73 -14.50 8.15 20.02
N VAL B 74 -14.77 8.85 18.91
CA VAL B 74 -16.12 9.08 18.43
C VAL B 74 -16.10 9.50 16.94
N SER B 75 -15.18 10.38 16.58
CA SER B 75 -15.08 10.93 15.23
C SER B 75 -13.60 11.14 14.85
N GLU B 76 -12.72 10.38 15.50
CA GLU B 76 -11.28 10.51 15.35
C GLU B 76 -10.81 10.01 14.01
N SER B 77 -11.13 8.75 13.73
CA SER B 77 -10.61 8.00 12.58
C SER B 77 -10.99 8.59 11.22
N ASP B 78 -12.06 9.37 11.21
CA ASP B 78 -12.52 10.09 10.01
C ASP B 78 -11.47 11.09 9.53
N LYS B 79 -10.99 11.88 10.45
CA LYS B 79 -9.96 12.87 10.17
C LYS B 79 -8.57 12.29 10.37
N GLY B 80 -8.52 11.19 11.12
CA GLY B 80 -7.31 10.47 11.38
C GLY B 80 -6.77 9.81 10.16
N ILE B 81 -7.65 9.22 9.34
CA ILE B 81 -7.28 8.61 8.07
C ILE B 81 -6.72 9.68 7.11
N GLN B 82 -7.16 10.93 7.28
CA GLN B 82 -6.69 12.03 6.46
C GLN B 82 -5.26 12.42 6.82
N GLU B 83 -4.90 12.22 8.10
CA GLU B 83 -3.53 12.44 8.58
C GLU B 83 -2.62 11.33 8.00
N ILE B 84 -3.21 10.14 7.82
CA ILE B 84 -2.53 9.01 7.22
C ILE B 84 -2.25 9.31 5.73
N ILE B 85 -3.34 9.67 4.99
CA ILE B 85 -3.32 9.96 3.53
C ILE B 85 -2.30 11.05 3.19
N SER B 86 -2.30 12.13 3.98
CA SER B 86 -1.40 13.25 3.78
C SER B 86 0.07 12.85 4.00
N THR B 87 0.31 11.89 4.90
CA THR B 87 1.66 11.40 5.13
C THR B 87 2.08 10.46 3.98
N LEU B 88 1.15 9.62 3.49
CA LEU B 88 1.41 8.65 2.40
C LEU B 88 1.89 9.35 1.13
N LYS B 89 1.25 10.45 0.80
CA LYS B 89 1.62 11.23 -0.36
C LYS B 89 2.86 12.09 -0.11
N ASP B 90 3.10 12.47 1.15
CA ASP B 90 4.22 13.35 1.50
C ASP B 90 5.52 12.58 1.43
N VAL B 91 5.45 11.31 1.83
CA VAL B 91 6.58 10.39 1.74
C VAL B 91 6.84 10.03 0.26
N ALA B 92 5.79 9.99 -0.54
CA ALA B 92 5.93 9.73 -1.96
C ALA B 92 6.65 10.90 -2.65
N LYS B 93 6.35 12.11 -2.19
CA LYS B 93 7.03 13.33 -2.63
C LYS B 93 8.50 13.34 -2.18
N ASP B 94 8.73 12.82 -0.96
CA ASP B 94 10.08 12.68 -0.36
C ASP B 94 10.97 11.79 -1.21
N ALA B 95 10.43 10.65 -1.58
CA ALA B 95 11.13 9.65 -2.38
C ALA B 95 11.24 10.04 -3.85
N GLY B 96 10.35 10.88 -4.31
CA GLY B 96 10.32 11.29 -5.69
C GLY B 96 9.63 10.24 -6.54
N VAL B 97 8.58 9.66 -6.00
CA VAL B 97 7.84 8.64 -6.69
C VAL B 97 6.41 9.12 -6.96
N LYS B 98 5.75 8.43 -7.86
CA LYS B 98 4.37 8.71 -8.19
C LYS B 98 3.53 7.83 -7.31
N PHE B 99 2.32 8.23 -7.04
CA PHE B 99 1.52 7.50 -6.08
C PHE B 99 0.08 7.31 -6.51
N GLU B 100 -0.52 6.30 -5.95
CA GLU B 100 -1.93 6.08 -6.03
C GLU B 100 -2.39 5.60 -4.68
N ILE B 101 -3.23 6.37 -4.05
CA ILE B 101 -3.70 6.07 -2.72
C ILE B 101 -5.18 5.70 -2.77
N ILE B 102 -5.47 4.46 -2.46
CA ILE B 102 -6.83 3.98 -2.37
C ILE B 102 -7.06 3.61 -0.91
N PRO B 103 -7.82 4.41 -0.13
CA PRO B 103 -8.12 4.08 1.28
C PRO B 103 -8.92 2.78 1.40
N SER B 104 -8.51 1.94 2.30
CA SER B 104 -9.09 0.66 2.48
C SER B 104 -10.05 0.65 3.64
N THR B 105 -10.87 -0.35 3.67
CA THR B 105 -11.81 -0.57 4.73
C THR B 105 -11.26 -1.77 5.54
N GLU B 106 -11.74 -1.99 6.75
CA GLU B 106 -11.31 -3.10 7.59
C GLU B 106 -11.81 -4.43 6.97
N GLU B 107 -12.99 -4.36 6.35
CA GLU B 107 -13.61 -5.47 5.61
C GLU B 107 -12.67 -5.81 4.41
N ASP B 108 -12.16 -4.76 3.77
CA ASP B 108 -11.26 -4.83 2.60
C ASP B 108 -9.91 -5.43 3.02
N ARG B 109 -9.44 -5.04 4.22
CA ARG B 109 -8.21 -5.54 4.84
C ARG B 109 -8.23 -7.06 5.01
N GLN B 110 -9.34 -7.61 5.50
CA GLN B 110 -9.39 -9.03 5.70
C GLN B 110 -9.62 -9.81 4.41
N LYS B 111 -10.23 -9.16 3.41
CA LYS B 111 -10.36 -9.71 2.09
C LYS B 111 -9.01 -9.78 1.37
N ALA B 112 -8.20 -8.73 1.55
CA ALA B 112 -6.86 -8.63 0.98
C ALA B 112 -5.98 -9.78 1.42
N LEU B 113 -5.90 -10.00 2.74
CA LEU B 113 -5.07 -11.06 3.30
C LEU B 113 -5.58 -12.45 2.93
N ASP B 114 -6.89 -12.56 2.64
CA ASP B 114 -7.51 -13.81 2.26
C ASP B 114 -7.18 -14.14 0.80
N GLN B 115 -6.94 -13.09 0.00
CA GLN B 115 -6.60 -13.25 -1.42
C GLN B 115 -5.10 -13.41 -1.62
N ASN B 116 -4.32 -13.21 -0.53
CA ASN B 116 -2.83 -13.27 -0.52
C ASN B 116 -2.28 -12.06 -1.24
N LEU B 117 -2.83 -10.97 -0.92
CA LEU B 117 -2.45 -9.73 -1.47
C LEU B 117 -2.35 -8.73 -0.35
N SER B 118 -1.63 -7.70 -0.60
CA SER B 118 -1.60 -6.56 0.26
C SER B 118 -2.82 -5.75 -0.05
N MET B 119 -3.20 -4.87 0.84
CA MET B 119 -4.41 -4.06 0.64
C MET B 119 -4.27 -3.13 -0.54
N GLY B 120 -3.03 -2.73 -0.87
CA GLY B 120 -2.80 -1.88 -2.02
C GLY B 120 -3.10 -2.62 -3.31
N ARG B 121 -2.42 -3.75 -3.48
CA ARG B 121 -2.55 -4.64 -4.63
C ARG B 121 -4.00 -5.10 -4.79
N TYR B 122 -4.64 -5.41 -3.68
CA TYR B 122 -6.01 -5.85 -3.65
C TYR B 122 -7.00 -4.72 -3.96
N ALA B 123 -6.74 -3.51 -3.45
CA ALA B 123 -7.63 -2.34 -3.65
C ALA B 123 -7.76 -2.00 -5.11
N ILE B 124 -6.67 -2.12 -5.83
CA ILE B 124 -6.69 -1.87 -7.23
C ILE B 124 -7.10 -3.12 -8.05
N TYR B 125 -6.83 -4.32 -7.50
CA TYR B 125 -7.34 -5.61 -8.05
C TYR B 125 -8.87 -5.58 -8.11
N VAL B 126 -9.48 -5.18 -6.99
CA VAL B 126 -10.91 -5.16 -6.87
C VAL B 126 -11.53 -4.02 -7.72
N LYS B 127 -10.73 -2.96 -7.95
CA LYS B 127 -11.13 -1.89 -8.87
C LYS B 127 -11.17 -2.43 -10.29
N ALA B 128 -10.05 -3.03 -10.70
CA ALA B 128 -9.85 -3.59 -12.04
C ALA B 128 -10.85 -4.66 -12.37
N VAL B 129 -11.16 -5.54 -11.41
CA VAL B 129 -12.09 -6.63 -11.62
C VAL B 129 -13.53 -6.09 -11.85
N GLU B 130 -13.83 -4.93 -11.25
CA GLU B 130 -15.11 -4.26 -11.47
C GLU B 130 -15.11 -3.52 -12.79
N GLU B 131 -13.95 -2.98 -13.19
CA GLU B 131 -13.77 -2.24 -14.44
C GLU B 131 -13.91 -3.12 -15.68
N GLY B 132 -13.80 -4.42 -15.49
CA GLY B 132 -13.88 -5.35 -16.60
C GLY B 132 -12.50 -5.78 -17.07
N VAL B 133 -11.52 -5.46 -16.26
CA VAL B 133 -10.15 -5.87 -16.47
C VAL B 133 -10.02 -7.24 -15.80
N ASN B 134 -9.72 -8.25 -16.60
CA ASN B 134 -9.66 -9.60 -16.10
C ASN B 134 -8.38 -9.86 -15.35
N LEU B 135 -8.51 -9.84 -14.06
CA LEU B 135 -7.43 -10.16 -13.18
C LEU B 135 -7.71 -11.41 -12.42
N ASN B 136 -6.70 -12.21 -12.33
CA ASN B 136 -6.70 -13.42 -11.57
C ASN B 136 -5.87 -13.08 -10.35
N LEU B 137 -5.98 -13.86 -9.31
CA LEU B 137 -5.17 -13.67 -8.13
C LEU B 137 -3.72 -13.94 -8.43
N GLU B 138 -3.45 -14.87 -9.35
CA GLU B 138 -2.09 -15.13 -9.83
C GLU B 138 -1.52 -13.97 -10.61
N ASP B 139 -2.37 -13.31 -11.41
CA ASP B 139 -1.94 -12.10 -12.13
C ASP B 139 -1.65 -10.98 -11.15
N ALA B 140 -2.48 -10.85 -10.13
CA ALA B 140 -2.27 -9.87 -9.06
C ALA B 140 -0.97 -10.17 -8.21
N ARG B 141 -0.64 -11.47 -8.03
CA ARG B 141 0.61 -11.93 -7.37
C ARG B 141 1.83 -11.50 -8.18
N ASN B 142 1.65 -11.45 -9.49
CA ASN B 142 2.77 -11.32 -10.41
C ASN B 142 2.94 -9.98 -11.09
N LEU B 143 1.88 -9.42 -11.66
CA LEU B 143 1.94 -8.17 -12.43
C LEU B 143 2.19 -6.98 -11.56
N SER B 144 2.92 -6.05 -12.11
CA SER B 144 3.32 -4.88 -11.41
C SER B 144 2.20 -3.85 -11.31
N VAL B 145 2.34 -2.98 -10.31
CA VAL B 145 1.46 -1.85 -10.04
C VAL B 145 1.24 -0.99 -11.31
N SER B 146 2.33 -0.68 -12.01
CA SER B 146 2.28 0.08 -13.26
C SER B 146 1.46 -0.65 -14.37
N GLU B 147 1.45 -2.00 -14.34
CA GLU B 147 0.67 -2.78 -15.29
C GLU B 147 -0.80 -2.71 -14.97
N ILE B 148 -1.13 -2.81 -13.68
CA ILE B 148 -2.51 -2.83 -13.21
C ILE B 148 -3.17 -1.43 -13.44
N LEU B 149 -2.44 -0.36 -13.05
CA LEU B 149 -2.89 1.03 -13.23
C LEU B 149 -3.07 1.36 -14.71
N GLY B 150 -2.13 0.90 -15.54
CA GLY B 150 -2.15 1.16 -16.98
C GLY B 150 -3.37 0.57 -17.66
N LYS B 151 -3.86 -0.54 -17.12
CA LYS B 151 -5.03 -1.22 -17.64
C LYS B 151 -6.31 -0.48 -17.30
N LEU B 152 -6.31 0.19 -16.14
CA LEU B 152 -7.47 1.01 -15.71
C LEU B 152 -7.59 2.25 -16.59
N GLU B 153 -6.44 2.76 -17.02
CA GLU B 153 -6.36 3.96 -17.85
C GLU B 153 -6.97 3.73 -19.22
N HIS B 154 -6.60 2.61 -19.84
CA HIS B 154 -7.10 2.33 -21.19
C HIS B 154 -8.44 1.59 -21.22
N HIS B 155 -8.82 0.99 -20.10
CA HIS B 155 -10.07 0.29 -20.04
C HIS B 155 -10.77 0.65 -18.74
N HIS B 156 -11.58 1.66 -18.80
CA HIS B 156 -12.32 2.11 -17.66
C HIS B 156 -13.78 2.02 -18.03
N HIS B 157 -14.56 1.33 -17.25
CA HIS B 157 -15.92 1.00 -17.63
C HIS B 157 -16.90 0.98 -16.42
N HIS B 158 -16.39 1.11 -15.21
CA HIS B 158 -17.24 0.99 -14.02
C HIS B 158 -16.85 2.06 -12.98
N HIS B 159 -17.66 2.18 -11.95
CA HIS B 159 -17.33 2.96 -10.79
C HIS B 159 -17.22 2.01 -9.61
N MET A 1 -3.53 -1.92 17.88
CA MET A 1 -3.27 -1.61 16.48
C MET A 1 -4.07 -0.37 16.15
N TYR A 2 -3.86 0.20 14.99
CA TYR A 2 -4.66 1.31 14.56
C TYR A 2 -4.93 1.19 13.09
N ALA A 3 -3.92 1.30 12.28
CA ALA A 3 -4.13 1.28 10.87
C ALA A 3 -3.12 0.43 10.19
N TYR A 4 -3.53 -0.10 9.11
CA TYR A 4 -2.72 -0.89 8.26
C TYR A 4 -2.48 -0.08 7.05
N ILE A 5 -1.25 0.11 6.72
CA ILE A 5 -0.88 0.81 5.53
C ILE A 5 -0.26 -0.19 4.61
N ASP A 6 -0.89 -0.48 3.53
CA ASP A 6 -0.34 -1.43 2.60
C ASP A 6 0.20 -0.71 1.43
N VAL A 7 1.46 -0.83 1.29
CA VAL A 7 2.22 -0.15 0.31
C VAL A 7 2.57 -1.14 -0.77
N ASP A 8 2.13 -0.83 -1.93
CA ASP A 8 2.35 -1.64 -3.07
C ASP A 8 3.29 -0.99 -4.01
N ILE A 9 4.37 -1.66 -4.22
CA ILE A 9 5.44 -1.26 -5.08
C ILE A 9 5.59 -2.36 -6.16
N ASN A 10 6.19 -2.02 -7.30
CA ASN A 10 6.48 -2.96 -8.42
C ASN A 10 7.10 -4.24 -7.92
N PRO B 1 7.04 -5.03 -4.58
CA PRO B 1 6.50 -6.03 -3.67
C PRO B 1 5.32 -5.44 -2.88
N SER B 2 4.72 -6.23 -2.01
CA SER B 2 3.57 -5.80 -1.22
C SER B 2 3.92 -5.79 0.29
N ILE B 3 3.98 -4.60 0.85
CA ILE B 3 4.40 -4.39 2.24
C ILE B 3 3.23 -3.83 3.06
N GLY B 4 2.94 -4.42 4.19
CA GLY B 4 1.95 -3.84 5.07
C GLY B 4 2.58 -3.32 6.34
N LEU B 5 2.46 -2.05 6.56
CA LEU B 5 2.97 -1.38 7.73
C LEU B 5 1.85 -1.22 8.72
N VAL B 6 1.90 -1.91 9.82
CA VAL B 6 0.88 -1.81 10.83
C VAL B 6 1.31 -0.73 11.80
N ILE B 7 0.54 0.31 11.89
CA ILE B 7 0.86 1.40 12.78
C ILE B 7 -0.05 1.37 13.98
N ASP B 8 0.41 1.95 15.05
CA ASP B 8 -0.34 2.04 16.27
C ASP B 8 -1.08 3.36 16.32
N LYS B 9 -1.68 3.62 17.47
CA LYS B 9 -2.45 4.84 17.80
C LYS B 9 -1.62 6.16 17.64
N LYS B 10 -0.30 6.04 17.59
CA LYS B 10 0.59 7.15 17.48
C LYS B 10 1.36 7.09 16.14
N GLU B 11 0.77 6.38 15.15
CA GLU B 11 1.26 6.22 13.77
C GLU B 11 2.72 5.73 13.66
N LYS B 12 3.12 4.93 14.60
CA LYS B 12 4.40 4.30 14.58
C LYS B 12 4.20 2.87 14.10
N VAL B 13 5.04 2.41 13.17
CA VAL B 13 4.94 1.08 12.63
C VAL B 13 5.45 0.12 13.67
N ILE B 14 4.57 -0.63 14.21
CA ILE B 14 4.88 -1.56 15.24
C ILE B 14 5.34 -2.88 14.64
N ASP B 15 4.78 -3.24 13.50
CA ASP B 15 5.14 -4.45 12.81
C ASP B 15 4.90 -4.26 11.33
N ALA B 16 5.81 -4.76 10.52
CA ALA B 16 5.69 -4.72 9.10
C ALA B 16 5.56 -6.15 8.60
N LYS B 17 4.54 -6.39 7.81
CA LYS B 17 4.22 -7.72 7.35
C LYS B 17 4.24 -7.85 5.83
N PRO B 18 4.89 -8.92 5.28
CA PRO B 18 4.91 -9.19 3.84
C PRO B 18 3.61 -9.85 3.37
N LEU B 19 2.98 -9.26 2.37
CA LEU B 19 1.78 -9.86 1.75
C LEU B 19 2.21 -10.61 0.49
N ASN B 20 3.45 -10.41 0.15
CA ASN B 20 4.14 -10.99 -0.97
C ASN B 20 5.53 -11.33 -0.45
N ASN B 21 6.09 -12.45 -0.87
CA ASN B 21 7.41 -12.95 -0.38
C ASN B 21 8.58 -12.04 -0.81
N ASP B 22 8.40 -11.28 -1.89
CA ASP B 22 9.44 -10.35 -2.38
C ASP B 22 9.58 -9.13 -1.48
N ALA B 23 8.63 -8.94 -0.56
CA ALA B 23 8.65 -7.83 0.39
C ALA B 23 9.61 -8.10 1.54
N LYS B 24 9.87 -9.38 1.83
CA LYS B 24 10.75 -9.80 2.91
C LYS B 24 12.18 -9.18 2.83
N PRO B 25 12.93 -9.21 1.62
CA PRO B 25 14.25 -8.54 1.49
C PRO B 25 14.18 -7.01 1.69
N ILE B 26 13.05 -6.42 1.32
CA ILE B 26 12.84 -4.96 1.48
C ILE B 26 12.74 -4.60 2.96
N LEU B 27 11.95 -5.39 3.71
CA LEU B 27 11.76 -5.19 5.16
C LEU B 27 13.04 -5.49 5.93
N ASP B 28 13.82 -6.39 5.38
CA ASP B 28 15.12 -6.80 5.92
C ASP B 28 16.12 -5.64 5.92
N GLU B 29 16.18 -4.93 4.81
CA GLU B 29 17.11 -3.83 4.65
C GLU B 29 16.59 -2.52 5.26
N ALA B 30 15.29 -2.29 5.14
CA ALA B 30 14.65 -1.06 5.64
C ALA B 30 14.55 -1.06 7.17
N ALA B 31 14.19 -2.23 7.72
CA ALA B 31 13.96 -2.47 9.15
C ALA B 31 12.88 -1.50 9.73
N PRO B 32 11.60 -1.58 9.25
CA PRO B 32 10.52 -0.64 9.61
C PRO B 32 9.77 -0.95 10.91
N LYS B 33 10.20 -1.94 11.66
CA LYS B 33 9.52 -2.22 12.92
C LYS B 33 10.10 -1.33 14.00
N ASP B 34 9.18 -0.68 14.74
CA ASP B 34 9.46 0.29 15.83
C ASP B 34 9.93 1.64 15.19
N MET B 35 9.55 1.83 13.94
CA MET B 35 9.96 2.97 13.15
C MET B 35 8.70 3.80 12.86
N PRO B 36 8.75 5.17 12.95
CA PRO B 36 7.57 6.02 12.70
C PRO B 36 7.09 5.96 11.23
N LEU B 37 5.76 6.18 11.00
CA LEU B 37 5.08 6.10 9.66
C LEU B 37 5.88 6.72 8.52
N TYR B 38 6.21 8.01 8.69
CA TYR B 38 6.99 8.77 7.72
C TYR B 38 8.35 8.11 7.43
N ASP B 39 9.12 7.89 8.48
CA ASP B 39 10.52 7.40 8.41
C ASP B 39 10.60 5.97 7.84
N ALA B 40 9.63 5.15 8.22
CA ALA B 40 9.51 3.77 7.77
C ALA B 40 9.14 3.70 6.31
N LEU B 41 8.17 4.53 5.91
CA LEU B 41 7.67 4.57 4.55
C LEU B 41 8.74 5.08 3.59
N SER B 42 9.58 6.01 4.09
CA SER B 42 10.73 6.52 3.35
C SER B 42 11.67 5.38 3.00
N LYS B 43 11.86 4.43 3.94
CA LYS B 43 12.78 3.35 3.71
C LYS B 43 12.19 2.22 2.91
N ILE B 44 10.86 2.08 2.92
CA ILE B 44 10.18 1.10 2.05
C ILE B 44 10.43 1.49 0.59
N LEU B 45 10.32 2.77 0.31
CA LEU B 45 10.53 3.30 -1.03
C LEU B 45 12.02 3.32 -1.40
N ASP B 46 12.84 3.74 -0.44
CA ASP B 46 14.31 3.84 -0.56
C ASP B 46 14.94 2.51 -0.91
N ILE B 47 14.56 1.49 -0.17
CA ILE B 47 15.10 0.16 -0.36
C ILE B 47 14.58 -0.47 -1.66
N SER B 48 13.34 -0.16 -2.03
CA SER B 48 12.77 -0.70 -3.26
C SER B 48 13.41 -0.07 -4.50
N LYS B 49 13.87 1.19 -4.41
CA LYS B 49 14.54 1.81 -5.53
C LYS B 49 15.99 1.32 -5.66
N LYS B 50 16.60 0.98 -4.50
CA LYS B 50 17.94 0.37 -4.46
C LYS B 50 17.93 -1.05 -5.02
N ASN B 51 16.84 -1.77 -4.75
CA ASN B 51 16.62 -3.13 -5.26
C ASN B 51 16.25 -3.12 -6.75
N GLY B 52 15.87 -1.96 -7.25
CA GLY B 52 15.56 -1.81 -8.66
C GLY B 52 14.14 -2.16 -9.00
N TYR B 53 13.26 -2.14 -8.03
CA TYR B 53 11.85 -2.39 -8.26
C TYR B 53 11.18 -1.14 -8.78
N ILE B 54 11.58 -0.02 -8.24
CA ILE B 54 11.11 1.26 -8.71
C ILE B 54 12.29 2.11 -9.12
N ASN B 55 12.24 2.65 -10.30
CA ASN B 55 13.30 3.52 -10.80
C ASN B 55 12.76 4.94 -10.80
N SER B 56 13.62 5.92 -10.77
CA SER B 56 13.19 7.31 -10.66
C SER B 56 12.51 7.88 -11.93
N ALA B 57 12.65 7.22 -13.08
CA ALA B 57 12.00 7.70 -14.28
C ALA B 57 10.54 7.23 -14.31
N ASP B 58 10.28 6.06 -13.76
CA ASP B 58 8.93 5.52 -13.62
C ASP B 58 8.80 4.69 -12.38
N ASN B 59 7.97 5.14 -11.52
CA ASN B 59 7.77 4.57 -10.21
C ASN B 59 6.38 4.87 -9.72
N ILE B 60 5.47 3.96 -9.90
CA ILE B 60 4.14 4.10 -9.38
C ILE B 60 4.02 3.28 -8.12
N VAL B 61 3.63 3.92 -7.05
CA VAL B 61 3.46 3.28 -5.77
C VAL B 61 2.01 3.47 -5.33
N LEU B 62 1.42 2.41 -4.90
CA LEU B 62 0.05 2.39 -4.47
C LEU B 62 0.08 2.36 -2.94
N PHE B 63 -0.70 3.18 -2.31
CA PHE B 63 -0.79 3.19 -0.87
C PHE B 63 -2.23 2.97 -0.49
N SER B 64 -2.48 2.12 0.43
CA SER B 64 -3.79 1.94 0.96
C SER B 64 -3.72 2.07 2.45
N ALA B 65 -4.78 2.51 3.07
CA ALA B 65 -4.79 2.62 4.50
C ALA B 65 -6.15 2.28 5.01
N SER B 66 -6.19 1.43 6.01
CA SER B 66 -7.42 0.96 6.61
C SER B 66 -7.27 0.97 8.11
N ILE B 67 -8.15 1.64 8.80
CA ILE B 67 -8.11 1.68 10.24
C ILE B 67 -8.92 0.53 10.78
N ASN B 68 -8.27 -0.34 11.53
CA ASN B 68 -8.90 -1.48 12.13
C ASN B 68 -9.14 -1.17 13.57
N SER B 69 -10.32 -0.59 13.84
CA SER B 69 -10.76 -0.10 15.13
C SER B 69 -9.68 0.77 15.87
N GLY B 70 -8.89 0.13 16.74
CA GLY B 70 -7.76 0.74 17.42
C GLY B 70 -8.09 1.94 18.23
N ARG B 71 -7.43 3.04 17.91
CA ARG B 71 -7.65 4.33 18.55
C ARG B 71 -9.00 4.89 18.13
N ASN B 72 -9.99 4.63 18.93
CA ASN B 72 -11.32 5.05 18.67
C ASN B 72 -11.76 6.04 19.71
N ASN B 73 -11.94 7.26 19.25
CA ASN B 73 -12.36 8.36 20.08
C ASN B 73 -12.87 9.42 19.12
N VAL B 74 -13.60 10.43 19.64
CA VAL B 74 -14.28 11.46 18.85
C VAL B 74 -13.42 12.13 17.76
N SER B 75 -13.72 11.74 16.51
CA SER B 75 -13.09 12.22 15.27
C SER B 75 -11.58 11.89 15.14
N GLU B 76 -11.05 11.03 16.01
CA GLU B 76 -9.62 10.72 16.00
C GLU B 76 -9.24 9.63 15.02
N SER B 77 -10.23 8.97 14.46
CA SER B 77 -9.99 8.06 13.38
C SER B 77 -10.34 8.75 12.06
N ASP B 78 -11.33 9.67 12.13
CA ASP B 78 -11.82 10.41 10.96
C ASP B 78 -10.79 11.44 10.48
N LYS B 79 -10.19 12.14 11.43
CA LYS B 79 -9.10 13.07 11.14
C LYS B 79 -7.81 12.30 10.96
N GLY B 80 -7.69 11.19 11.72
CA GLY B 80 -6.52 10.33 11.71
C GLY B 80 -6.21 9.76 10.36
N ILE B 81 -7.24 9.23 9.68
CA ILE B 81 -7.06 8.65 8.35
C ILE B 81 -6.60 9.72 7.34
N GLN B 82 -7.11 10.95 7.49
CA GLN B 82 -6.77 12.07 6.60
C GLN B 82 -5.33 12.51 6.77
N GLU B 83 -4.80 12.35 7.98
CA GLU B 83 -3.43 12.72 8.26
C GLU B 83 -2.50 11.67 7.73
N ILE B 84 -2.96 10.42 7.79
CA ILE B 84 -2.26 9.29 7.19
C ILE B 84 -2.18 9.49 5.66
N ILE B 85 -3.34 9.85 5.05
CA ILE B 85 -3.43 10.11 3.59
C ILE B 85 -2.43 11.20 3.17
N SER B 86 -2.37 12.27 3.97
CA SER B 86 -1.47 13.38 3.73
C SER B 86 0.02 12.98 3.87
N THR B 87 0.32 12.05 4.80
CA THR B 87 1.68 11.57 5.02
C THR B 87 2.12 10.64 3.87
N LEU B 88 1.17 9.87 3.35
CA LEU B 88 1.41 8.96 2.22
C LEU B 88 1.80 9.75 0.98
N LYS B 89 1.13 10.89 0.78
CA LYS B 89 1.46 11.81 -0.31
C LYS B 89 2.81 12.45 -0.07
N ASP B 90 3.06 12.84 1.17
CA ASP B 90 4.25 13.62 1.58
C ASP B 90 5.55 12.85 1.34
N VAL B 91 5.57 11.59 1.81
CA VAL B 91 6.73 10.71 1.63
C VAL B 91 6.95 10.42 0.13
N ALA B 92 5.85 10.25 -0.59
CA ALA B 92 5.86 9.94 -2.01
C ALA B 92 6.40 11.09 -2.85
N LYS B 93 6.04 12.32 -2.49
CA LYS B 93 6.50 13.52 -3.20
C LYS B 93 7.98 13.75 -2.97
N ASP B 94 8.42 13.51 -1.73
CA ASP B 94 9.83 13.64 -1.36
C ASP B 94 10.67 12.59 -2.08
N ALA B 95 10.14 11.38 -2.13
CA ALA B 95 10.76 10.24 -2.83
C ALA B 95 10.80 10.46 -4.34
N GLY B 96 9.86 11.24 -4.85
CA GLY B 96 9.80 11.53 -6.25
C GLY B 96 9.10 10.45 -7.02
N VAL B 97 8.02 9.93 -6.47
CA VAL B 97 7.29 8.85 -7.09
C VAL B 97 5.88 9.30 -7.51
N LYS B 98 5.26 8.47 -8.35
CA LYS B 98 3.89 8.63 -8.76
C LYS B 98 3.11 7.78 -7.79
N PHE B 99 1.92 8.15 -7.45
CA PHE B 99 1.20 7.41 -6.44
C PHE B 99 -0.29 7.37 -6.67
N GLU B 100 -0.92 6.43 -5.98
CA GLU B 100 -2.35 6.26 -5.97
C GLU B 100 -2.71 5.80 -4.56
N ILE B 101 -3.60 6.51 -3.90
CA ILE B 101 -3.97 6.17 -2.54
C ILE B 101 -5.42 5.70 -2.50
N ILE B 102 -5.63 4.47 -2.06
CA ILE B 102 -6.97 3.92 -1.94
C ILE B 102 -7.26 3.70 -0.43
N PRO B 103 -8.03 4.58 0.23
CA PRO B 103 -8.43 4.37 1.63
C PRO B 103 -9.50 3.30 1.71
N SER B 104 -9.25 2.30 2.49
CA SER B 104 -10.09 1.12 2.51
C SER B 104 -10.67 0.86 3.94
N THR B 105 -11.49 -0.17 4.05
CA THR B 105 -12.15 -0.53 5.28
C THR B 105 -11.35 -1.67 5.98
N GLU B 106 -11.59 -1.90 7.28
CA GLU B 106 -10.94 -3.00 8.02
C GLU B 106 -11.41 -4.38 7.51
N GLU B 107 -12.63 -4.40 6.95
CA GLU B 107 -13.18 -5.55 6.23
C GLU B 107 -12.27 -5.84 5.02
N ASP B 108 -11.93 -4.78 4.29
CA ASP B 108 -11.11 -4.87 3.06
C ASP B 108 -9.72 -5.37 3.35
N ARG B 109 -9.22 -5.04 4.53
CA ARG B 109 -7.95 -5.53 5.05
C ARG B 109 -7.91 -7.07 5.12
N GLN B 110 -8.98 -7.67 5.66
CA GLN B 110 -8.99 -9.11 5.80
C GLN B 110 -9.28 -9.80 4.46
N LYS B 111 -10.09 -9.15 3.62
CA LYS B 111 -10.40 -9.62 2.26
C LYS B 111 -9.15 -9.65 1.38
N ALA B 112 -8.23 -8.73 1.67
CA ALA B 112 -6.96 -8.63 1.01
C ALA B 112 -6.09 -9.84 1.36
N LEU B 113 -5.91 -10.09 2.66
CA LEU B 113 -5.07 -11.19 3.13
C LEU B 113 -5.70 -12.57 2.86
N ASP B 114 -7.03 -12.60 2.75
CA ASP B 114 -7.78 -13.82 2.43
C ASP B 114 -7.52 -14.21 0.96
N GLN B 115 -7.26 -13.18 0.14
CA GLN B 115 -6.94 -13.32 -1.28
C GLN B 115 -5.44 -13.27 -1.54
N ASN B 116 -4.65 -13.19 -0.44
CA ASN B 116 -3.17 -13.20 -0.41
C ASN B 116 -2.61 -12.02 -1.23
N LEU B 117 -3.19 -10.91 -1.00
CA LEU B 117 -2.82 -9.69 -1.62
C LEU B 117 -2.70 -8.65 -0.53
N SER B 118 -2.14 -7.55 -0.85
CA SER B 118 -2.12 -6.41 -0.01
C SER B 118 -3.39 -5.63 -0.24
N MET B 119 -3.66 -4.68 0.61
CA MET B 119 -4.91 -3.93 0.55
C MET B 119 -5.03 -3.09 -0.71
N GLY B 120 -3.93 -2.49 -1.14
CA GLY B 120 -3.93 -1.67 -2.34
C GLY B 120 -4.11 -2.53 -3.56
N ARG B 121 -3.34 -3.60 -3.59
CA ARG B 121 -3.36 -4.60 -4.65
C ARG B 121 -4.78 -5.19 -4.80
N TYR B 122 -5.41 -5.55 -3.67
CA TYR B 122 -6.76 -6.12 -3.65
C TYR B 122 -7.83 -5.09 -4.03
N ALA B 123 -7.72 -3.88 -3.50
CA ALA B 123 -8.72 -2.83 -3.75
C ALA B 123 -8.76 -2.46 -5.22
N ILE B 124 -7.60 -2.46 -5.87
CA ILE B 124 -7.57 -2.22 -7.28
C ILE B 124 -7.93 -3.51 -8.06
N TYR B 125 -7.59 -4.69 -7.53
CA TYR B 125 -7.97 -6.00 -8.14
C TYR B 125 -9.49 -6.13 -8.33
N VAL B 126 -10.23 -5.86 -7.26
CA VAL B 126 -11.66 -5.97 -7.27
C VAL B 126 -12.30 -4.82 -8.09
N LYS B 127 -11.60 -3.68 -8.14
CA LYS B 127 -12.03 -2.58 -8.95
C LYS B 127 -11.87 -2.96 -10.42
N ALA B 128 -10.69 -3.48 -10.79
CA ALA B 128 -10.31 -3.88 -12.14
C ALA B 128 -11.21 -4.94 -12.70
N VAL B 129 -11.59 -5.92 -11.88
CA VAL B 129 -12.48 -6.98 -12.33
C VAL B 129 -13.88 -6.41 -12.68
N GLU B 130 -14.27 -5.33 -11.98
CA GLU B 130 -15.51 -4.65 -12.27
C GLU B 130 -15.36 -3.59 -13.40
N GLU B 131 -14.11 -3.11 -13.64
CA GLU B 131 -13.79 -2.16 -14.72
C GLU B 131 -13.85 -2.86 -16.09
N GLY B 132 -13.88 -4.20 -16.06
CA GLY B 132 -13.88 -5.00 -17.27
C GLY B 132 -12.49 -5.51 -17.60
N VAL B 133 -11.59 -5.34 -16.66
CA VAL B 133 -10.21 -5.73 -16.78
C VAL B 133 -10.05 -7.18 -16.26
N ASN B 134 -9.17 -7.93 -16.90
CA ASN B 134 -8.94 -9.30 -16.52
C ASN B 134 -7.79 -9.40 -15.55
N LEU B 135 -8.09 -9.80 -14.36
CA LEU B 135 -7.09 -10.07 -13.36
C LEU B 135 -7.30 -11.40 -12.67
N ASN B 136 -6.21 -12.00 -12.33
CA ASN B 136 -6.14 -13.23 -11.56
C ASN B 136 -5.40 -12.82 -10.30
N LEU B 137 -5.68 -13.48 -9.17
CA LEU B 137 -4.98 -13.22 -7.89
C LEU B 137 -3.48 -13.41 -8.04
N GLU B 138 -3.10 -14.41 -8.83
CA GLU B 138 -1.71 -14.73 -9.09
C GLU B 138 -1.10 -13.67 -9.97
N ASP B 139 -1.83 -13.24 -11.02
CA ASP B 139 -1.35 -12.21 -11.95
C ASP B 139 -1.11 -10.93 -11.19
N ALA B 140 -2.13 -10.49 -10.43
CA ALA B 140 -2.08 -9.28 -9.61
C ALA B 140 -0.88 -9.23 -8.66
N ARG B 141 -0.58 -10.34 -7.96
CA ARG B 141 0.56 -10.35 -7.01
C ARG B 141 1.93 -10.49 -7.71
N ASN B 142 1.91 -11.01 -8.92
CA ASN B 142 3.12 -11.15 -9.75
C ASN B 142 3.43 -9.87 -10.51
N LEU B 143 2.41 -9.07 -10.74
CA LEU B 143 2.54 -7.81 -11.46
C LEU B 143 3.27 -6.76 -10.68
N SER B 144 3.69 -5.78 -11.39
CA SER B 144 4.22 -4.60 -10.83
C SER B 144 3.06 -3.59 -10.70
N VAL B 145 3.23 -2.55 -9.93
CA VAL B 145 2.19 -1.55 -9.70
C VAL B 145 2.03 -0.62 -10.92
N SER B 146 3.11 -0.44 -11.68
CA SER B 146 3.03 0.25 -12.97
C SER B 146 2.19 -0.58 -13.99
N GLU B 147 2.08 -1.91 -13.74
CA GLU B 147 1.24 -2.80 -14.53
C GLU B 147 -0.20 -2.71 -14.03
N ILE B 148 -0.37 -2.65 -12.70
CA ILE B 148 -1.67 -2.53 -12.02
C ILE B 148 -2.40 -1.24 -12.48
N LEU B 149 -1.72 -0.10 -12.30
CA LEU B 149 -2.24 1.20 -12.74
C LEU B 149 -2.32 1.24 -14.24
N GLY B 150 -1.30 0.72 -14.93
CA GLY B 150 -1.28 0.67 -16.39
C GLY B 150 -2.49 -0.05 -17.00
N LYS B 151 -2.98 -1.09 -16.31
CA LYS B 151 -4.16 -1.81 -16.74
C LYS B 151 -5.39 -0.93 -16.71
N LEU B 152 -5.54 -0.16 -15.62
CA LEU B 152 -6.66 0.78 -15.44
C LEU B 152 -6.56 1.97 -16.40
N GLU B 153 -5.34 2.37 -16.68
CA GLU B 153 -5.05 3.49 -17.53
C GLU B 153 -5.42 3.23 -18.98
N HIS B 154 -5.04 2.06 -19.50
CA HIS B 154 -5.37 1.74 -20.89
C HIS B 154 -6.77 1.15 -21.06
N HIS B 155 -7.38 0.67 -19.97
CA HIS B 155 -8.73 0.14 -20.00
C HIS B 155 -9.38 0.28 -18.64
N HIS B 156 -10.49 0.91 -18.59
CA HIS B 156 -11.20 1.15 -17.34
C HIS B 156 -12.69 1.05 -17.58
N HIS B 157 -13.48 1.41 -16.59
CA HIS B 157 -14.93 1.38 -16.71
C HIS B 157 -15.44 2.42 -17.73
N HIS B 158 -15.87 1.92 -18.85
CA HIS B 158 -16.56 2.71 -19.81
C HIS B 158 -17.88 2.04 -20.00
N HIS B 159 -18.72 2.31 -19.06
CA HIS B 159 -20.00 1.72 -18.95
C HIS B 159 -20.92 2.83 -18.49
N MET A 1 -3.38 -0.74 18.36
CA MET A 1 -3.40 -0.79 16.90
C MET A 1 -4.13 0.41 16.40
N TYR A 2 -3.77 0.89 15.25
CA TYR A 2 -4.47 2.00 14.66
C TYR A 2 -4.83 1.67 13.24
N ALA A 3 -3.87 1.66 12.37
CA ALA A 3 -4.15 1.47 11.00
C ALA A 3 -3.15 0.58 10.34
N TYR A 4 -3.62 -0.11 9.36
CA TYR A 4 -2.81 -0.89 8.50
C TYR A 4 -2.52 -0.04 7.32
N ILE A 5 -1.29 0.24 7.11
CA ILE A 5 -0.88 1.02 5.98
C ILE A 5 -0.23 0.10 5.01
N ASP A 6 -0.82 -0.08 3.93
CA ASP A 6 -0.35 -0.95 2.93
C ASP A 6 0.39 -0.14 1.91
N VAL A 7 1.56 -0.57 1.60
CA VAL A 7 2.39 0.06 0.63
C VAL A 7 2.83 -1.02 -0.32
N ASP A 8 2.49 -0.88 -1.56
CA ASP A 8 2.90 -1.84 -2.52
C ASP A 8 3.70 -1.15 -3.59
N ILE A 9 4.87 -1.63 -3.81
CA ILE A 9 5.80 -1.05 -4.73
C ILE A 9 6.18 -2.10 -5.71
N ASN A 10 5.91 -1.87 -7.00
CA ASN A 10 6.20 -2.82 -8.11
C ASN A 10 5.35 -4.07 -8.01
N PRO B 1 6.43 -5.91 -4.65
CA PRO B 1 6.42 -6.42 -3.31
C PRO B 1 5.37 -5.72 -2.48
N SER B 2 4.62 -6.49 -1.74
CA SER B 2 3.50 -6.02 -0.96
C SER B 2 3.88 -5.87 0.54
N ILE B 3 3.93 -4.64 1.01
CA ILE B 3 4.34 -4.31 2.39
C ILE B 3 3.14 -3.79 3.20
N GLY B 4 2.99 -4.26 4.42
CA GLY B 4 2.01 -3.72 5.32
C GLY B 4 2.67 -3.18 6.57
N LEU B 5 2.52 -1.92 6.79
CA LEU B 5 3.06 -1.24 7.94
C LEU B 5 1.92 -1.02 8.92
N VAL B 6 1.92 -1.73 9.99
CA VAL B 6 0.87 -1.60 10.98
C VAL B 6 1.33 -0.55 11.96
N ILE B 7 0.60 0.51 12.07
CA ILE B 7 0.95 1.57 12.99
C ILE B 7 0.04 1.59 14.19
N ASP B 8 0.51 2.22 15.25
CA ASP B 8 -0.30 2.46 16.43
C ASP B 8 -0.84 3.87 16.34
N LYS B 9 -1.51 4.31 17.38
CA LYS B 9 -2.15 5.64 17.45
C LYS B 9 -1.12 6.79 17.40
N LYS B 10 0.13 6.51 17.75
CA LYS B 10 1.18 7.48 17.76
C LYS B 10 2.01 7.36 16.44
N GLU B 11 1.48 6.56 15.48
CA GLU B 11 2.02 6.38 14.12
C GLU B 11 3.37 5.67 14.09
N LYS B 12 3.63 4.87 15.08
CA LYS B 12 4.82 4.07 15.10
C LYS B 12 4.48 2.79 14.39
N VAL B 13 5.29 2.40 13.45
CA VAL B 13 5.10 1.13 12.79
C VAL B 13 5.53 0.06 13.76
N ILE B 14 4.58 -0.59 14.34
CA ILE B 14 4.82 -1.58 15.36
C ILE B 14 5.24 -2.90 14.73
N ASP B 15 4.72 -3.18 13.56
CA ASP B 15 5.06 -4.36 12.82
C ASP B 15 4.98 -4.07 11.35
N ALA B 16 5.94 -4.56 10.64
CA ALA B 16 5.98 -4.48 9.23
C ALA B 16 5.85 -5.89 8.73
N LYS B 17 4.78 -6.16 8.08
CA LYS B 17 4.43 -7.48 7.68
C LYS B 17 4.44 -7.60 6.15
N PRO B 18 5.03 -8.66 5.59
CA PRO B 18 4.98 -8.87 4.18
C PRO B 18 3.68 -9.59 3.79
N LEU B 19 2.93 -8.98 2.89
CA LEU B 19 1.69 -9.59 2.37
C LEU B 19 2.02 -10.49 1.19
N ASN B 20 3.25 -10.37 0.78
CA ASN B 20 3.86 -11.16 -0.25
C ASN B 20 5.33 -11.27 0.13
N ASN B 21 5.91 -12.46 -0.04
CA ASN B 21 7.29 -12.80 0.39
C ASN B 21 8.36 -12.05 -0.33
N ASP B 22 8.00 -11.52 -1.45
CA ASP B 22 8.86 -10.70 -2.29
C ASP B 22 9.23 -9.37 -1.56
N ALA B 23 8.45 -9.03 -0.51
CA ALA B 23 8.67 -7.83 0.30
C ALA B 23 9.54 -8.10 1.52
N LYS B 24 9.79 -9.39 1.84
CA LYS B 24 10.64 -9.75 2.97
C LYS B 24 12.08 -9.15 2.89
N PRO B 25 12.84 -9.25 1.69
CA PRO B 25 14.18 -8.62 1.55
C PRO B 25 14.15 -7.10 1.80
N ILE B 26 13.02 -6.46 1.43
CA ILE B 26 12.79 -5.05 1.65
C ILE B 26 12.69 -4.74 3.11
N LEU B 27 11.86 -5.49 3.81
CA LEU B 27 11.60 -5.28 5.23
C LEU B 27 12.78 -5.60 6.09
N ASP B 28 13.59 -6.53 5.65
CA ASP B 28 14.84 -6.85 6.33
C ASP B 28 15.82 -5.68 6.23
N GLU B 29 15.95 -5.12 5.02
CA GLU B 29 16.84 -3.99 4.79
C GLU B 29 16.35 -2.70 5.44
N ALA B 30 15.10 -2.37 5.19
CA ALA B 30 14.46 -1.17 5.71
C ALA B 30 14.41 -1.16 7.23
N ALA B 31 14.08 -2.33 7.80
CA ALA B 31 13.90 -2.53 9.25
C ALA B 31 12.94 -1.49 9.88
N PRO B 32 11.64 -1.50 9.46
CA PRO B 32 10.66 -0.48 9.87
C PRO B 32 9.89 -0.81 11.15
N LYS B 33 10.32 -1.82 11.88
CA LYS B 33 9.64 -2.16 13.10
C LYS B 33 10.17 -1.28 14.22
N ASP B 34 9.24 -0.59 14.88
CA ASP B 34 9.46 0.41 15.95
C ASP B 34 10.06 1.70 15.32
N MET B 35 9.73 1.91 14.07
CA MET B 35 10.18 3.06 13.30
C MET B 35 8.94 3.94 13.01
N PRO B 36 9.04 5.31 13.12
CA PRO B 36 7.91 6.26 12.80
C PRO B 36 7.37 6.07 11.37
N LEU B 37 6.07 6.36 11.14
CA LEU B 37 5.37 6.21 9.82
C LEU B 37 6.16 6.83 8.65
N TYR B 38 6.47 8.11 8.78
CA TYR B 38 7.25 8.87 7.79
C TYR B 38 8.63 8.23 7.57
N ASP B 39 9.32 7.93 8.67
CA ASP B 39 10.70 7.42 8.65
C ASP B 39 10.78 6.00 8.06
N ALA B 40 9.81 5.17 8.43
CA ALA B 40 9.67 3.79 7.97
C ALA B 40 9.38 3.73 6.49
N LEU B 41 8.41 4.54 6.05
CA LEU B 41 7.99 4.60 4.65
C LEU B 41 9.13 5.13 3.77
N SER B 42 9.98 5.99 4.33
CA SER B 42 11.16 6.49 3.66
C SER B 42 12.12 5.33 3.32
N LYS B 43 12.26 4.36 4.24
CA LYS B 43 13.10 3.22 3.99
C LYS B 43 12.47 2.20 3.08
N ILE B 44 11.13 2.10 3.09
CA ILE B 44 10.40 1.20 2.18
C ILE B 44 10.64 1.64 0.72
N LEU B 45 10.59 2.95 0.51
CA LEU B 45 10.81 3.54 -0.81
C LEU B 45 12.29 3.50 -1.21
N ASP B 46 13.15 3.75 -0.24
CA ASP B 46 14.63 3.72 -0.41
C ASP B 46 15.10 2.37 -0.90
N ILE B 47 14.70 1.33 -0.19
CA ILE B 47 15.13 -0.02 -0.47
C ILE B 47 14.54 -0.56 -1.78
N SER B 48 13.35 -0.14 -2.12
CA SER B 48 12.72 -0.64 -3.31
C SER B 48 13.35 -0.06 -4.60
N LYS B 49 13.71 1.21 -4.56
CA LYS B 49 14.37 1.83 -5.71
C LYS B 49 15.85 1.37 -5.79
N LYS B 50 16.41 1.01 -4.64
CA LYS B 50 17.78 0.56 -4.50
C LYS B 50 17.97 -0.88 -5.02
N ASN B 51 17.02 -1.76 -4.71
CA ASN B 51 17.07 -3.14 -5.22
C ASN B 51 16.71 -3.19 -6.70
N GLY B 52 15.98 -2.18 -7.17
CA GLY B 52 15.67 -2.10 -8.57
C GLY B 52 14.26 -2.52 -8.94
N TYR B 53 13.32 -2.30 -8.05
CA TYR B 53 11.93 -2.62 -8.36
C TYR B 53 11.33 -1.51 -9.18
N ILE B 54 11.54 -0.29 -8.71
CA ILE B 54 11.05 0.90 -9.35
C ILE B 54 12.21 1.79 -9.78
N ASN B 55 12.03 2.49 -10.89
CA ASN B 55 13.04 3.40 -11.42
C ASN B 55 12.52 4.81 -11.21
N SER B 56 13.36 5.81 -11.30
CA SER B 56 12.93 7.17 -11.01
C SER B 56 12.14 7.87 -12.14
N ALA B 57 12.07 7.26 -13.32
CA ALA B 57 11.30 7.83 -14.42
C ALA B 57 9.83 7.36 -14.32
N ASP B 58 9.65 6.14 -13.85
CA ASP B 58 8.34 5.61 -13.59
C ASP B 58 8.37 4.72 -12.39
N ASN B 59 7.70 5.16 -11.39
CA ASN B 59 7.67 4.51 -10.11
C ASN B 59 6.33 4.72 -9.47
N ILE B 60 5.40 3.85 -9.73
CA ILE B 60 4.09 3.99 -9.17
C ILE B 60 3.97 3.12 -7.93
N VAL B 61 3.75 3.75 -6.82
CA VAL B 61 3.59 3.11 -5.56
C VAL B 61 2.12 3.16 -5.16
N LEU B 62 1.61 2.05 -4.75
CA LEU B 62 0.25 1.91 -4.37
C LEU B 62 0.18 2.00 -2.84
N PHE B 63 -0.82 2.66 -2.34
CA PHE B 63 -1.03 2.81 -0.93
C PHE B 63 -2.47 2.49 -0.59
N SER B 64 -2.66 2.00 0.59
CA SER B 64 -3.94 1.79 1.18
C SER B 64 -3.80 2.00 2.67
N ALA B 65 -4.86 2.38 3.32
CA ALA B 65 -4.86 2.55 4.75
C ALA B 65 -6.24 2.25 5.26
N SER B 66 -6.31 1.46 6.32
CA SER B 66 -7.57 1.13 6.95
C SER B 66 -7.40 1.17 8.46
N ILE B 67 -8.31 1.83 9.14
CA ILE B 67 -8.22 1.98 10.59
C ILE B 67 -8.92 0.82 11.27
N ASN B 68 -8.13 -0.11 11.75
CA ASN B 68 -8.63 -1.35 12.32
C ASN B 68 -8.86 -1.27 13.80
N SER B 69 -10.10 -0.89 14.16
CA SER B 69 -10.67 -0.91 15.52
C SER B 69 -10.04 -0.01 16.63
N GLY B 70 -8.71 -0.03 16.76
CA GLY B 70 -7.95 0.62 17.83
C GLY B 70 -8.35 2.03 18.19
N ARG B 71 -8.08 2.97 17.30
CA ARG B 71 -8.49 4.34 17.53
C ARG B 71 -9.88 4.53 16.94
N ASN B 72 -10.88 4.46 17.78
CA ASN B 72 -12.24 4.59 17.31
C ASN B 72 -12.94 5.73 18.02
N ASN B 73 -13.14 6.78 17.29
CA ASN B 73 -13.91 7.91 17.72
C ASN B 73 -14.46 8.54 16.47
N VAL B 74 -15.77 8.68 16.43
CA VAL B 74 -16.49 9.20 15.27
C VAL B 74 -16.00 10.63 14.96
N SER B 75 -15.71 10.86 13.67
CA SER B 75 -15.19 12.11 13.11
C SER B 75 -13.67 12.32 13.38
N GLU B 76 -13.14 11.71 14.45
CA GLU B 76 -11.72 11.83 14.81
C GLU B 76 -10.89 10.91 13.94
N SER B 77 -11.35 9.66 13.81
CA SER B 77 -10.70 8.66 12.99
C SER B 77 -10.86 9.02 11.50
N ASP B 78 -11.96 9.68 11.19
CA ASP B 78 -12.29 10.14 9.82
C ASP B 78 -11.37 11.30 9.40
N LYS B 79 -10.85 11.99 10.39
CA LYS B 79 -9.92 13.09 10.16
C LYS B 79 -8.51 12.51 10.14
N GLY B 80 -8.26 11.62 11.10
CA GLY B 80 -6.99 10.94 11.27
C GLY B 80 -6.57 10.09 10.07
N ILE B 81 -7.54 9.53 9.34
CA ILE B 81 -7.24 8.77 8.13
C ILE B 81 -6.68 9.71 7.04
N GLN B 82 -7.17 10.97 7.02
CA GLN B 82 -6.75 11.97 6.05
C GLN B 82 -5.35 12.46 6.36
N GLU B 83 -4.98 12.38 7.65
CA GLU B 83 -3.66 12.75 8.10
C GLU B 83 -2.67 11.76 7.54
N ILE B 84 -3.05 10.47 7.64
CA ILE B 84 -2.29 9.34 7.14
C ILE B 84 -2.10 9.47 5.64
N ILE B 85 -3.21 9.70 4.91
CA ILE B 85 -3.20 9.83 3.44
C ILE B 85 -2.23 10.93 2.99
N SER B 86 -2.25 12.05 3.72
CA SER B 86 -1.40 13.18 3.42
C SER B 86 0.08 12.88 3.76
N THR B 87 0.33 12.04 4.76
CA THR B 87 1.68 11.66 5.15
C THR B 87 2.27 10.66 4.14
N LEU B 88 1.43 9.77 3.61
CA LEU B 88 1.83 8.75 2.63
C LEU B 88 2.29 9.41 1.35
N LYS B 89 1.52 10.42 0.92
CA LYS B 89 1.87 11.16 -0.26
C LYS B 89 3.02 12.14 -0.01
N ASP B 90 3.21 12.54 1.26
CA ASP B 90 4.28 13.46 1.65
C ASP B 90 5.63 12.78 1.53
N VAL B 91 5.69 11.52 1.99
CA VAL B 91 6.91 10.71 1.86
C VAL B 91 7.13 10.39 0.37
N ALA B 92 6.04 10.08 -0.32
CA ALA B 92 6.07 9.68 -1.72
C ALA B 92 6.54 10.80 -2.65
N LYS B 93 6.08 12.03 -2.40
CA LYS B 93 6.44 13.18 -3.25
C LYS B 93 7.89 13.59 -3.02
N ASP B 94 8.38 13.36 -1.82
CA ASP B 94 9.75 13.69 -1.45
C ASP B 94 10.72 12.72 -2.10
N ALA B 95 10.32 11.44 -2.15
CA ALA B 95 11.09 10.37 -2.78
C ALA B 95 11.10 10.48 -4.30
N GLY B 96 10.12 11.19 -4.84
CA GLY B 96 10.02 11.39 -6.25
C GLY B 96 9.25 10.26 -6.91
N VAL B 97 8.34 9.65 -6.17
CA VAL B 97 7.57 8.57 -6.70
C VAL B 97 6.14 9.02 -7.00
N LYS B 98 5.50 8.26 -7.85
CA LYS B 98 4.14 8.47 -8.26
C LYS B 98 3.31 7.59 -7.35
N PHE B 99 2.10 7.95 -7.10
CA PHE B 99 1.31 7.22 -6.13
C PHE B 99 -0.16 7.14 -6.45
N GLU B 100 -0.77 6.14 -5.91
CA GLU B 100 -2.19 5.93 -5.95
C GLU B 100 -2.61 5.41 -4.58
N ILE B 101 -3.44 6.16 -3.90
CA ILE B 101 -3.82 5.82 -2.54
C ILE B 101 -5.30 5.46 -2.50
N ILE B 102 -5.61 4.24 -2.11
CA ILE B 102 -6.98 3.81 -1.99
C ILE B 102 -7.26 3.49 -0.51
N PRO B 103 -7.94 4.37 0.25
CA PRO B 103 -8.35 4.05 1.63
C PRO B 103 -9.35 2.90 1.60
N SER B 104 -9.15 1.93 2.44
CA SER B 104 -9.94 0.74 2.39
C SER B 104 -10.65 0.50 3.70
N THR B 105 -11.51 -0.48 3.71
CA THR B 105 -12.24 -0.84 4.86
C THR B 105 -11.44 -1.95 5.59
N GLU B 106 -11.73 -2.19 6.85
CA GLU B 106 -11.11 -3.25 7.64
C GLU B 106 -11.58 -4.61 7.11
N GLU B 107 -12.77 -4.59 6.50
CA GLU B 107 -13.33 -5.72 5.78
C GLU B 107 -12.42 -6.03 4.59
N ASP B 108 -11.95 -4.99 3.91
CA ASP B 108 -11.08 -5.14 2.74
C ASP B 108 -9.69 -5.58 3.14
N ARG B 109 -9.28 -5.20 4.35
CA ARG B 109 -8.02 -5.63 4.97
C ARG B 109 -7.95 -7.14 5.09
N GLN B 110 -9.03 -7.76 5.58
CA GLN B 110 -9.06 -9.19 5.74
C GLN B 110 -9.21 -9.90 4.39
N LYS B 111 -9.90 -9.25 3.43
CA LYS B 111 -10.07 -9.77 2.07
C LYS B 111 -8.74 -9.78 1.32
N ALA B 112 -7.89 -8.82 1.65
CA ALA B 112 -6.58 -8.68 1.07
C ALA B 112 -5.71 -9.88 1.42
N LEU B 113 -5.62 -10.16 2.73
CA LEU B 113 -4.81 -11.28 3.22
C LEU B 113 -5.43 -12.64 2.85
N ASP B 114 -6.75 -12.65 2.62
CA ASP B 114 -7.50 -13.84 2.20
C ASP B 114 -7.14 -14.19 0.74
N GLN B 115 -6.86 -13.15 -0.04
CA GLN B 115 -6.49 -13.26 -1.48
C GLN B 115 -4.97 -13.31 -1.68
N ASN B 116 -4.25 -13.21 -0.55
CA ASN B 116 -2.76 -13.25 -0.44
C ASN B 116 -2.12 -12.00 -1.06
N LEU B 117 -2.86 -10.95 -1.07
CA LEU B 117 -2.42 -9.71 -1.64
C LEU B 117 -2.31 -8.68 -0.55
N SER B 118 -1.87 -7.54 -0.94
CA SER B 118 -1.84 -6.37 -0.13
C SER B 118 -3.17 -5.68 -0.22
N MET B 119 -3.42 -4.72 0.63
CA MET B 119 -4.68 -4.01 0.61
C MET B 119 -4.76 -3.10 -0.59
N GLY B 120 -3.62 -2.49 -0.96
CA GLY B 120 -3.57 -1.61 -2.09
C GLY B 120 -3.77 -2.35 -3.37
N ARG B 121 -3.05 -3.46 -3.52
CA ARG B 121 -3.12 -4.27 -4.73
C ARG B 121 -4.48 -4.96 -4.85
N TYR B 122 -5.06 -5.37 -3.71
CA TYR B 122 -6.40 -5.97 -3.73
C TYR B 122 -7.49 -4.93 -4.02
N ALA B 123 -7.37 -3.73 -3.46
CA ALA B 123 -8.35 -2.66 -3.66
C ALA B 123 -8.43 -2.24 -5.14
N ILE B 124 -7.29 -2.27 -5.80
CA ILE B 124 -7.26 -1.99 -7.21
C ILE B 124 -7.62 -3.24 -8.05
N TYR B 125 -7.32 -4.44 -7.55
CA TYR B 125 -7.73 -5.73 -8.16
C TYR B 125 -9.25 -5.83 -8.28
N VAL B 126 -9.94 -5.51 -7.18
CA VAL B 126 -11.40 -5.56 -7.16
C VAL B 126 -12.00 -4.47 -8.06
N LYS B 127 -11.33 -3.32 -8.12
CA LYS B 127 -11.73 -2.20 -8.98
C LYS B 127 -11.57 -2.62 -10.47
N ALA B 128 -10.46 -3.29 -10.76
CA ALA B 128 -10.10 -3.80 -12.09
C ALA B 128 -11.10 -4.82 -12.58
N VAL B 129 -11.49 -5.73 -11.70
CA VAL B 129 -12.40 -6.79 -12.08
C VAL B 129 -13.86 -6.23 -12.32
N GLU B 130 -14.15 -5.05 -11.75
CA GLU B 130 -15.40 -4.34 -11.99
C GLU B 130 -15.37 -3.66 -13.36
N GLU B 131 -14.21 -3.08 -13.71
CA GLU B 131 -14.00 -2.36 -14.97
C GLU B 131 -14.00 -3.30 -16.18
N GLY B 132 -13.80 -4.57 -15.94
CA GLY B 132 -13.75 -5.54 -17.01
C GLY B 132 -12.32 -5.88 -17.37
N VAL B 133 -11.44 -5.69 -16.43
CA VAL B 133 -10.04 -6.03 -16.58
C VAL B 133 -9.86 -7.46 -16.09
N ASN B 134 -9.25 -8.29 -16.93
CA ASN B 134 -9.04 -9.69 -16.61
C ASN B 134 -7.82 -9.86 -15.70
N LEU B 135 -8.08 -9.92 -14.42
CA LEU B 135 -7.07 -10.19 -13.45
C LEU B 135 -7.35 -11.46 -12.67
N ASN B 136 -6.29 -12.09 -12.34
CA ASN B 136 -6.24 -13.30 -11.54
C ASN B 136 -5.40 -12.95 -10.35
N LEU B 137 -5.47 -13.72 -9.28
CA LEU B 137 -4.69 -13.44 -8.05
C LEU B 137 -3.20 -13.53 -8.31
N GLU B 138 -2.81 -14.48 -9.16
CA GLU B 138 -1.41 -14.70 -9.52
C GLU B 138 -0.93 -13.60 -10.42
N ASP B 139 -1.75 -13.25 -11.41
CA ASP B 139 -1.48 -12.19 -12.37
C ASP B 139 -1.30 -10.87 -11.65
N ALA B 140 -2.21 -10.59 -10.72
CA ALA B 140 -2.20 -9.39 -9.89
C ALA B 140 -0.88 -9.21 -9.17
N ARG B 141 -0.39 -10.26 -8.47
CA ARG B 141 0.88 -10.16 -7.72
C ARG B 141 2.13 -10.18 -8.62
N ASN B 142 2.06 -10.85 -9.75
CA ASN B 142 3.22 -10.99 -10.65
C ASN B 142 3.47 -9.78 -11.53
N LEU B 143 2.42 -9.08 -11.87
CA LEU B 143 2.54 -7.85 -12.64
C LEU B 143 2.94 -6.70 -11.71
N SER B 144 3.36 -5.61 -12.26
CA SER B 144 3.71 -4.48 -11.44
C SER B 144 2.52 -3.54 -11.25
N VAL B 145 2.61 -2.68 -10.25
CA VAL B 145 1.62 -1.63 -9.93
C VAL B 145 1.35 -0.75 -11.17
N SER B 146 2.42 -0.38 -11.91
CA SER B 146 2.33 0.38 -13.15
C SER B 146 1.49 -0.38 -14.23
N GLU B 147 1.59 -1.73 -14.23
CA GLU B 147 0.81 -2.59 -15.12
C GLU B 147 -0.65 -2.61 -14.73
N ILE B 148 -0.92 -2.67 -13.44
CA ILE B 148 -2.29 -2.77 -12.92
C ILE B 148 -3.05 -1.43 -13.17
N LEU B 149 -2.37 -0.31 -12.89
CA LEU B 149 -2.91 1.04 -13.14
C LEU B 149 -3.07 1.33 -14.63
N GLY B 150 -2.10 0.85 -15.41
CA GLY B 150 -2.12 1.00 -16.86
C GLY B 150 -3.29 0.28 -17.49
N LYS B 151 -3.68 -0.86 -16.90
CA LYS B 151 -4.81 -1.64 -17.35
C LYS B 151 -6.11 -0.90 -17.13
N LEU B 152 -6.22 -0.20 -16.01
CA LEU B 152 -7.44 0.58 -15.69
C LEU B 152 -7.57 1.76 -16.62
N GLU B 153 -6.48 2.45 -16.84
CA GLU B 153 -6.46 3.65 -17.66
C GLU B 153 -6.76 3.37 -19.12
N HIS B 154 -6.18 2.30 -19.69
CA HIS B 154 -6.45 2.01 -21.09
C HIS B 154 -7.72 1.16 -21.29
N HIS B 155 -8.13 0.46 -20.25
CA HIS B 155 -9.30 -0.38 -20.33
C HIS B 155 -10.14 -0.20 -19.09
N HIS B 156 -11.10 0.62 -19.18
CA HIS B 156 -12.05 0.82 -18.11
C HIS B 156 -13.41 0.70 -18.70
N HIS B 157 -14.45 0.71 -17.87
CA HIS B 157 -15.82 0.50 -18.37
C HIS B 157 -16.24 1.56 -19.39
N HIS B 158 -16.39 1.12 -20.62
CA HIS B 158 -16.75 1.95 -21.75
C HIS B 158 -18.25 2.28 -21.71
N HIS B 159 -19.00 1.44 -21.04
CA HIS B 159 -20.41 1.64 -20.80
C HIS B 159 -20.56 1.89 -19.32
N MET A 1 -4.45 -2.10 17.46
CA MET A 1 -3.77 -1.44 16.35
C MET A 1 -4.48 -0.13 16.11
N TYR A 2 -4.05 0.63 15.16
CA TYR A 2 -4.78 1.79 14.77
C TYR A 2 -5.05 1.74 13.29
N ALA A 3 -4.01 1.64 12.50
CA ALA A 3 -4.22 1.58 11.09
C ALA A 3 -3.26 0.66 10.42
N TYR A 4 -3.63 0.27 9.26
CA TYR A 4 -2.84 -0.56 8.41
C TYR A 4 -2.58 0.22 7.17
N ILE A 5 -1.33 0.39 6.84
CA ILE A 5 -0.97 1.06 5.62
C ILE A 5 -0.27 0.07 4.75
N ASP A 6 -0.88 -0.26 3.69
CA ASP A 6 -0.35 -1.19 2.78
C ASP A 6 0.22 -0.49 1.59
N VAL A 7 1.49 -0.61 1.50
CA VAL A 7 2.30 0.03 0.51
C VAL A 7 2.70 -1.03 -0.47
N ASP A 8 2.36 -0.85 -1.70
CA ASP A 8 2.74 -1.79 -2.69
C ASP A 8 3.57 -1.10 -3.71
N ILE A 9 4.68 -1.68 -3.97
CA ILE A 9 5.68 -1.15 -4.84
C ILE A 9 5.89 -2.15 -5.97
N ASN A 10 6.44 -1.67 -7.10
CA ASN A 10 6.78 -2.43 -8.30
C ASN A 10 5.56 -2.67 -9.10
N PRO B 1 6.96 -5.45 -4.36
CA PRO B 1 6.93 -5.66 -2.93
C PRO B 1 5.61 -5.26 -2.32
N SER B 2 4.85 -6.24 -1.85
CA SER B 2 3.61 -5.94 -1.12
C SER B 2 3.89 -5.86 0.42
N ILE B 3 3.82 -4.67 1.00
CA ILE B 3 4.15 -4.43 2.44
C ILE B 3 2.92 -3.86 3.18
N GLY B 4 2.68 -4.35 4.38
CA GLY B 4 1.73 -3.73 5.23
C GLY B 4 2.39 -3.21 6.49
N LEU B 5 2.32 -1.93 6.69
CA LEU B 5 2.85 -1.29 7.87
C LEU B 5 1.73 -1.15 8.87
N VAL B 6 1.79 -1.90 9.92
CA VAL B 6 0.76 -1.87 10.92
C VAL B 6 1.17 -0.84 11.95
N ILE B 7 0.42 0.23 12.06
CA ILE B 7 0.77 1.30 12.97
C ILE B 7 -0.16 1.38 14.17
N ASP B 8 0.34 1.96 15.23
CA ASP B 8 -0.42 2.21 16.44
C ASP B 8 -0.99 3.61 16.43
N LYS B 9 -1.54 4.02 17.56
CA LYS B 9 -2.22 5.30 17.79
C LYS B 9 -1.36 6.55 17.41
N LYS B 10 -0.04 6.43 17.45
CA LYS B 10 0.84 7.53 17.19
C LYS B 10 1.66 7.22 15.95
N GLU B 11 1.05 6.47 15.01
CA GLU B 11 1.54 6.09 13.69
C GLU B 11 2.93 5.44 13.70
N LYS B 12 3.24 4.78 14.78
CA LYS B 12 4.48 4.10 14.94
C LYS B 12 4.24 2.65 14.51
N VAL B 13 5.07 2.15 13.59
CA VAL B 13 4.91 0.80 13.04
C VAL B 13 5.27 -0.25 14.09
N ILE B 14 4.28 -1.03 14.45
CA ILE B 14 4.45 -2.07 15.44
C ILE B 14 4.98 -3.37 14.78
N ASP B 15 4.63 -3.58 13.51
CA ASP B 15 5.11 -4.73 12.73
C ASP B 15 4.88 -4.45 11.26
N ALA B 16 5.78 -4.93 10.44
CA ALA B 16 5.69 -4.79 9.02
C ALA B 16 5.52 -6.19 8.42
N LYS B 17 4.41 -6.38 7.75
CA LYS B 17 4.02 -7.66 7.19
C LYS B 17 4.27 -7.74 5.67
N PRO B 18 5.01 -8.76 5.17
CA PRO B 18 5.14 -8.98 3.76
C PRO B 18 3.97 -9.85 3.27
N LEU B 19 3.18 -9.31 2.37
CA LEU B 19 1.99 -10.00 1.86
C LEU B 19 2.37 -10.82 0.63
N ASN B 20 3.48 -10.49 0.06
CA ASN B 20 4.01 -11.18 -1.08
C ASN B 20 5.49 -11.38 -0.84
N ASN B 21 6.00 -12.50 -1.29
CA ASN B 21 7.36 -13.04 -0.99
C ASN B 21 8.52 -12.08 -1.35
N ASP B 22 8.33 -11.21 -2.33
CA ASP B 22 9.41 -10.29 -2.77
C ASP B 22 9.60 -9.11 -1.81
N ALA B 23 8.63 -8.93 -0.93
CA ALA B 23 8.67 -7.85 0.05
C ALA B 23 9.52 -8.16 1.27
N LYS B 24 9.73 -9.45 1.53
CA LYS B 24 10.53 -9.91 2.67
C LYS B 24 11.98 -9.30 2.68
N PRO B 25 12.80 -9.36 1.54
CA PRO B 25 14.14 -8.70 1.47
C PRO B 25 14.09 -7.15 1.62
N ILE B 26 12.95 -6.55 1.26
CA ILE B 26 12.76 -5.10 1.42
C ILE B 26 12.66 -4.75 2.91
N LEU B 27 11.87 -5.53 3.63
CA LEU B 27 11.67 -5.33 5.07
C LEU B 27 12.90 -5.70 5.86
N ASP B 28 13.69 -6.59 5.30
CA ASP B 28 14.98 -7.03 5.84
C ASP B 28 15.93 -5.84 5.98
N GLU B 29 16.09 -5.07 4.90
CA GLU B 29 16.98 -3.95 4.88
C GLU B 29 16.33 -2.71 5.51
N ALA B 30 15.02 -2.57 5.36
CA ALA B 30 14.28 -1.41 5.87
C ALA B 30 14.19 -1.41 7.39
N ALA B 31 13.89 -2.59 7.96
CA ALA B 31 13.73 -2.81 9.42
C ALA B 31 12.71 -1.81 10.07
N PRO B 32 11.44 -1.68 9.52
CA PRO B 32 10.49 -0.59 9.89
C PRO B 32 9.77 -0.79 11.22
N LYS B 33 10.18 -1.76 11.99
CA LYS B 33 9.55 -2.04 13.24
C LYS B 33 10.14 -1.13 14.29
N ASP B 34 9.24 -0.32 14.87
CA ASP B 34 9.51 0.68 15.92
C ASP B 34 9.96 1.98 15.32
N MET B 35 9.60 2.16 14.09
CA MET B 35 9.89 3.33 13.33
C MET B 35 8.60 4.12 13.07
N PRO B 36 8.67 5.49 13.01
CA PRO B 36 7.51 6.36 12.65
C PRO B 36 7.04 6.06 11.23
N LEU B 37 5.76 6.31 10.94
CA LEU B 37 5.12 6.03 9.63
C LEU B 37 5.90 6.69 8.49
N TYR B 38 6.25 7.96 8.68
CA TYR B 38 7.02 8.73 7.71
C TYR B 38 8.39 8.12 7.45
N ASP B 39 9.11 7.81 8.53
CA ASP B 39 10.49 7.35 8.42
C ASP B 39 10.57 5.87 7.94
N ALA B 40 9.59 5.07 8.36
CA ALA B 40 9.46 3.67 7.96
C ALA B 40 9.15 3.59 6.48
N LEU B 41 8.19 4.41 6.03
CA LEU B 41 7.80 4.46 4.62
C LEU B 41 8.94 5.01 3.76
N SER B 42 9.74 5.93 4.33
CA SER B 42 10.93 6.44 3.67
C SER B 42 11.92 5.30 3.39
N LYS B 43 12.01 4.33 4.31
CA LYS B 43 12.89 3.20 4.15
C LYS B 43 12.31 2.15 3.21
N ILE B 44 10.98 1.97 3.23
CA ILE B 44 10.30 1.03 2.31
C ILE B 44 10.58 1.42 0.84
N LEU B 45 10.46 2.71 0.58
CA LEU B 45 10.69 3.27 -0.75
C LEU B 45 12.18 3.27 -1.11
N ASP B 46 13.01 3.62 -0.14
CA ASP B 46 14.49 3.68 -0.26
C ASP B 46 15.08 2.34 -0.64
N ILE B 47 14.64 1.31 0.05
CA ILE B 47 15.13 -0.04 -0.18
C ILE B 47 14.62 -0.60 -1.53
N SER B 48 13.41 -0.21 -1.90
CA SER B 48 12.86 -0.66 -3.16
C SER B 48 13.57 -0.02 -4.36
N LYS B 49 14.05 1.21 -4.21
CA LYS B 49 14.81 1.83 -5.29
C LYS B 49 16.24 1.31 -5.34
N LYS B 50 16.77 0.88 -4.18
CA LYS B 50 18.09 0.21 -4.10
C LYS B 50 18.09 -1.08 -4.91
N ASN B 51 17.05 -1.89 -4.69
CA ASN B 51 16.93 -3.19 -5.33
C ASN B 51 16.38 -3.10 -6.77
N GLY B 52 15.95 -1.90 -7.17
CA GLY B 52 15.53 -1.67 -8.54
C GLY B 52 14.08 -2.05 -8.84
N TYR B 53 13.22 -1.95 -7.85
CA TYR B 53 11.78 -2.24 -8.04
C TYR B 53 11.05 -1.03 -8.55
N ILE B 54 11.58 0.12 -8.23
CA ILE B 54 11.07 1.36 -8.70
C ILE B 54 12.18 2.14 -9.36
N ASN B 55 11.95 2.52 -10.59
CA ASN B 55 12.92 3.29 -11.33
C ASN B 55 12.41 4.71 -11.35
N SER B 56 13.30 5.66 -11.31
CA SER B 56 12.95 7.07 -11.17
C SER B 56 12.20 7.67 -12.40
N ALA B 57 12.20 6.97 -13.54
CA ALA B 57 11.49 7.45 -14.70
C ALA B 57 10.01 7.05 -14.63
N ASP B 58 9.72 5.91 -14.04
CA ASP B 58 8.35 5.46 -13.84
C ASP B 58 8.26 4.61 -12.60
N ASN B 59 7.56 5.13 -11.64
CA ASN B 59 7.44 4.51 -10.35
C ASN B 59 6.11 4.87 -9.71
N ILE B 60 5.14 4.03 -9.88
CA ILE B 60 3.86 4.23 -9.22
C ILE B 60 3.80 3.33 -7.99
N VAL B 61 3.69 3.95 -6.85
CA VAL B 61 3.56 3.24 -5.62
C VAL B 61 2.09 3.31 -5.19
N LEU B 62 1.58 2.18 -4.81
CA LEU B 62 0.21 2.04 -4.43
C LEU B 62 0.12 2.14 -2.90
N PHE B 63 -0.81 2.89 -2.44
CA PHE B 63 -1.05 3.08 -1.04
C PHE B 63 -2.48 2.82 -0.74
N SER B 64 -2.74 2.05 0.26
CA SER B 64 -4.04 1.87 0.79
C SER B 64 -3.96 1.85 2.27
N ALA B 65 -4.82 2.55 2.92
CA ALA B 65 -4.77 2.66 4.35
C ALA B 65 -6.14 2.48 4.94
N SER B 66 -6.23 1.67 5.95
CA SER B 66 -7.46 1.39 6.62
C SER B 66 -7.29 1.62 8.10
N ILE B 67 -8.23 2.27 8.72
CA ILE B 67 -8.16 2.44 10.14
C ILE B 67 -9.04 1.41 10.81
N ASN B 68 -8.42 0.62 11.63
CA ASN B 68 -9.08 -0.37 12.42
C ASN B 68 -9.44 0.24 13.75
N SER B 69 -10.49 -0.26 14.32
CA SER B 69 -11.01 0.22 15.59
C SER B 69 -10.04 -0.11 16.74
N GLY B 70 -9.20 0.85 17.06
CA GLY B 70 -8.21 0.65 18.08
C GLY B 70 -8.08 1.81 19.01
N ARG B 71 -8.34 3.02 18.53
CA ARG B 71 -8.34 4.19 19.41
C ARG B 71 -9.75 4.36 20.01
N ASN B 72 -10.72 3.77 19.29
CA ASN B 72 -12.13 3.66 19.71
C ASN B 72 -12.80 4.98 20.06
N ASN B 73 -12.92 5.83 19.07
CA ASN B 73 -13.59 7.11 19.22
C ASN B 73 -14.01 7.59 17.85
N VAL B 74 -15.30 7.79 17.70
CA VAL B 74 -15.92 8.22 16.46
C VAL B 74 -15.42 9.63 16.05
N SER B 75 -15.26 9.81 14.73
CA SER B 75 -14.79 11.03 14.05
C SER B 75 -13.24 11.17 14.08
N GLU B 76 -12.59 10.53 15.08
CA GLU B 76 -11.13 10.59 15.21
C GLU B 76 -10.45 9.80 14.12
N SER B 77 -11.07 8.72 13.68
CA SER B 77 -10.52 7.91 12.62
C SER B 77 -10.83 8.52 11.23
N ASP B 78 -11.82 9.43 11.18
CA ASP B 78 -12.16 10.11 9.92
C ASP B 78 -11.14 11.19 9.64
N LYS B 79 -10.77 11.92 10.69
CA LYS B 79 -9.72 12.93 10.60
C LYS B 79 -8.36 12.26 10.50
N GLY B 80 -8.21 11.15 11.23
CA GLY B 80 -6.99 10.39 11.31
C GLY B 80 -6.57 9.81 9.99
N ILE B 81 -7.53 9.33 9.20
CA ILE B 81 -7.21 8.76 7.90
C ILE B 81 -6.68 9.85 6.95
N GLN B 82 -7.19 11.08 7.11
CA GLN B 82 -6.78 12.22 6.29
C GLN B 82 -5.34 12.63 6.62
N GLU B 83 -4.98 12.49 7.90
CA GLU B 83 -3.63 12.78 8.37
C GLU B 83 -2.65 11.75 7.83
N ILE B 84 -3.12 10.50 7.78
CA ILE B 84 -2.36 9.40 7.20
C ILE B 84 -2.18 9.60 5.68
N ILE B 85 -3.27 9.94 4.96
CA ILE B 85 -3.25 10.15 3.49
C ILE B 85 -2.25 11.28 3.13
N SER B 86 -2.26 12.34 3.93
CA SER B 86 -1.35 13.48 3.77
C SER B 86 0.12 13.08 4.00
N THR B 87 0.36 12.14 4.89
CA THR B 87 1.69 11.68 5.17
C THR B 87 2.18 10.72 4.06
N LEU B 88 1.26 9.90 3.52
CA LEU B 88 1.59 8.93 2.44
C LEU B 88 2.04 9.65 1.18
N LYS B 89 1.34 10.73 0.83
CA LYS B 89 1.69 11.52 -0.34
C LYS B 89 2.96 12.35 -0.07
N ASP B 90 3.18 12.73 1.18
CA ASP B 90 4.33 13.56 1.60
C ASP B 90 5.63 12.76 1.52
N VAL B 91 5.60 11.49 1.97
CA VAL B 91 6.77 10.62 1.89
C VAL B 91 7.04 10.25 0.44
N ALA B 92 5.96 10.01 -0.32
CA ALA B 92 6.05 9.67 -1.74
C ALA B 92 6.67 10.80 -2.57
N LYS B 93 6.33 12.04 -2.25
CA LYS B 93 6.91 13.19 -2.92
C LYS B 93 8.35 13.42 -2.52
N ASP B 94 8.69 13.09 -1.26
CA ASP B 94 10.06 13.23 -0.75
C ASP B 94 10.99 12.18 -1.40
N ALA B 95 10.39 11.04 -1.70
CA ALA B 95 11.04 9.92 -2.38
C ALA B 95 11.17 10.17 -3.88
N GLY B 96 10.33 11.06 -4.40
CA GLY B 96 10.32 11.39 -5.80
C GLY B 96 9.61 10.33 -6.64
N VAL B 97 8.54 9.78 -6.08
CA VAL B 97 7.77 8.74 -6.75
C VAL B 97 6.34 9.21 -6.99
N LYS B 98 5.63 8.50 -7.84
CA LYS B 98 4.23 8.76 -8.12
C LYS B 98 3.43 7.85 -7.24
N PHE B 99 2.23 8.22 -6.95
CA PHE B 99 1.44 7.49 -5.98
C PHE B 99 -0.02 7.37 -6.38
N GLU B 100 -0.62 6.30 -5.95
CA GLU B 100 -2.04 6.13 -6.05
C GLU B 100 -2.54 5.64 -4.73
N ILE B 101 -3.43 6.41 -4.16
CA ILE B 101 -3.86 6.17 -2.79
C ILE B 101 -5.35 5.86 -2.74
N ILE B 102 -5.67 4.68 -2.23
CA ILE B 102 -7.03 4.22 -2.08
C ILE B 102 -7.31 4.08 -0.57
N PRO B 103 -8.18 4.91 0.04
CA PRO B 103 -8.59 4.71 1.44
C PRO B 103 -9.45 3.43 1.57
N SER B 104 -9.05 2.55 2.45
CA SER B 104 -9.63 1.23 2.58
C SER B 104 -10.40 1.07 3.90
N THR B 105 -11.20 0.02 3.98
CA THR B 105 -11.95 -0.33 5.18
C THR B 105 -11.19 -1.40 5.96
N GLU B 106 -11.70 -1.74 7.16
CA GLU B 106 -11.17 -2.86 7.94
C GLU B 106 -11.50 -4.17 7.21
N GLU B 107 -12.55 -4.11 6.37
CA GLU B 107 -13.04 -5.23 5.61
C GLU B 107 -12.05 -5.55 4.49
N ASP B 108 -11.58 -4.48 3.81
CA ASP B 108 -10.56 -4.57 2.74
C ASP B 108 -9.29 -5.17 3.28
N ARG B 109 -8.95 -4.77 4.50
CA ARG B 109 -7.80 -5.27 5.27
C ARG B 109 -7.80 -6.80 5.38
N GLN B 110 -8.94 -7.37 5.78
CA GLN B 110 -9.01 -8.81 5.96
C GLN B 110 -9.22 -9.58 4.65
N LYS B 111 -9.76 -8.90 3.63
CA LYS B 111 -9.91 -9.48 2.30
C LYS B 111 -8.58 -9.55 1.56
N ALA B 112 -7.73 -8.57 1.83
CA ALA B 112 -6.40 -8.46 1.23
C ALA B 112 -5.50 -9.61 1.65
N LEU B 113 -5.44 -9.85 2.95
CA LEU B 113 -4.61 -10.89 3.53
C LEU B 113 -5.13 -12.29 3.19
N ASP B 114 -6.45 -12.38 2.94
CA ASP B 114 -7.11 -13.65 2.59
C ASP B 114 -6.76 -14.04 1.15
N GLN B 115 -6.50 -13.03 0.33
CA GLN B 115 -6.13 -13.19 -1.08
C GLN B 115 -4.62 -13.08 -1.29
N ASN B 116 -3.90 -12.89 -0.17
CA ASN B 116 -2.41 -12.83 -0.08
C ASN B 116 -1.84 -11.69 -0.94
N LEU B 117 -2.48 -10.58 -0.86
CA LEU B 117 -2.06 -9.37 -1.54
C LEU B 117 -2.01 -8.29 -0.51
N SER B 118 -1.44 -7.15 -0.86
CA SER B 118 -1.50 -6.01 0.02
C SER B 118 -2.89 -5.43 -0.12
N MET B 119 -3.28 -4.55 0.78
CA MET B 119 -4.59 -3.90 0.67
C MET B 119 -4.60 -3.00 -0.55
N GLY B 120 -3.42 -2.49 -0.92
CA GLY B 120 -3.28 -1.66 -2.09
C GLY B 120 -3.54 -2.42 -3.35
N ARG B 121 -2.82 -3.51 -3.53
CA ARG B 121 -2.90 -4.32 -4.72
C ARG B 121 -4.25 -5.06 -4.79
N TYR B 122 -4.85 -5.35 -3.62
CA TYR B 122 -6.17 -5.95 -3.56
C TYR B 122 -7.29 -4.94 -3.88
N ALA B 123 -7.16 -3.70 -3.36
CA ALA B 123 -8.16 -2.65 -3.58
C ALA B 123 -8.30 -2.32 -5.04
N ILE B 124 -7.19 -2.33 -5.74
CA ILE B 124 -7.20 -2.12 -7.14
C ILE B 124 -7.59 -3.42 -7.93
N TYR B 125 -7.28 -4.61 -7.36
CA TYR B 125 -7.72 -5.92 -7.94
C TYR B 125 -9.26 -6.02 -7.98
N VAL B 126 -9.91 -5.68 -6.85
CA VAL B 126 -11.37 -5.74 -6.75
C VAL B 126 -12.03 -4.61 -7.58
N LYS B 127 -11.30 -3.49 -7.73
CA LYS B 127 -11.72 -2.43 -8.61
C LYS B 127 -11.69 -2.93 -10.04
N ALA B 128 -10.54 -3.53 -10.43
CA ALA B 128 -10.24 -4.06 -11.76
C ALA B 128 -11.25 -5.07 -12.21
N VAL B 129 -11.61 -6.01 -11.33
CA VAL B 129 -12.59 -7.03 -11.66
C VAL B 129 -13.98 -6.40 -11.97
N GLU B 130 -14.32 -5.31 -11.26
CA GLU B 130 -15.57 -4.61 -11.50
C GLU B 130 -15.49 -3.61 -12.68
N GLU B 131 -14.27 -3.26 -13.09
CA GLU B 131 -14.03 -2.44 -14.27
C GLU B 131 -14.12 -3.29 -15.54
N GLY B 132 -14.09 -4.61 -15.37
CA GLY B 132 -14.14 -5.53 -16.49
C GLY B 132 -12.76 -6.02 -16.88
N VAL B 133 -11.79 -5.75 -16.04
CA VAL B 133 -10.42 -6.20 -16.23
C VAL B 133 -10.30 -7.58 -15.60
N ASN B 134 -9.78 -8.54 -16.34
CA ASN B 134 -9.64 -9.88 -15.83
C ASN B 134 -8.27 -10.07 -15.20
N LEU B 135 -8.27 -10.26 -13.91
CA LEU B 135 -7.06 -10.48 -13.15
C LEU B 135 -7.09 -11.78 -12.39
N ASN B 136 -5.93 -12.37 -12.26
CA ASN B 136 -5.70 -13.57 -11.44
C ASN B 136 -4.97 -13.07 -10.20
N LEU B 137 -4.95 -13.85 -9.13
CA LEU B 137 -4.20 -13.47 -7.91
C LEU B 137 -2.70 -13.49 -8.17
N GLU B 138 -2.27 -14.45 -9.00
CA GLU B 138 -0.89 -14.55 -9.43
C GLU B 138 -0.58 -13.47 -10.40
N ASP B 139 -1.50 -13.20 -11.36
CA ASP B 139 -1.28 -12.06 -12.30
C ASP B 139 -1.13 -10.76 -11.54
N ALA B 140 -2.02 -10.53 -10.58
CA ALA B 140 -2.00 -9.35 -9.71
C ALA B 140 -0.64 -9.14 -9.04
N ARG B 141 -0.09 -10.17 -8.38
CA ARG B 141 1.19 -10.02 -7.67
C ARG B 141 2.43 -10.06 -8.57
N ASN B 142 2.32 -10.73 -9.70
CA ASN B 142 3.46 -10.88 -10.63
C ASN B 142 3.56 -9.75 -11.65
N LEU B 143 2.49 -9.00 -11.82
CA LEU B 143 2.54 -7.79 -12.64
C LEU B 143 3.05 -6.65 -11.80
N SER B 144 3.28 -5.54 -12.41
CA SER B 144 3.73 -4.39 -11.70
C SER B 144 2.52 -3.48 -11.43
N VAL B 145 2.65 -2.59 -10.45
CA VAL B 145 1.62 -1.61 -10.07
C VAL B 145 1.31 -0.70 -11.26
N SER B 146 2.36 -0.26 -11.94
CA SER B 146 2.23 0.54 -13.16
C SER B 146 1.48 -0.24 -14.31
N GLU B 147 1.58 -1.58 -14.29
CA GLU B 147 0.92 -2.42 -15.28
C GLU B 147 -0.57 -2.55 -14.91
N ILE B 148 -0.85 -2.69 -13.60
CA ILE B 148 -2.23 -2.84 -13.08
C ILE B 148 -3.03 -1.53 -13.31
N LEU B 149 -2.40 -0.38 -12.99
CA LEU B 149 -2.99 0.95 -13.23
C LEU B 149 -3.21 1.19 -14.73
N GLY B 150 -2.22 0.76 -15.54
CA GLY B 150 -2.30 0.89 -17.00
C GLY B 150 -3.44 0.07 -17.60
N LYS B 151 -3.62 -1.15 -17.06
CA LYS B 151 -4.72 -2.07 -17.43
C LYS B 151 -6.07 -1.41 -17.28
N LEU B 152 -6.23 -0.68 -16.17
CA LEU B 152 -7.45 0.05 -15.88
C LEU B 152 -7.67 1.14 -16.91
N GLU B 153 -6.66 1.97 -17.12
CA GLU B 153 -6.75 3.15 -17.97
C GLU B 153 -7.09 2.82 -19.43
N HIS B 154 -6.46 1.80 -20.00
CA HIS B 154 -6.73 1.49 -21.41
C HIS B 154 -7.90 0.51 -21.60
N HIS B 155 -8.42 -0.04 -20.51
CA HIS B 155 -9.55 -0.96 -20.57
C HIS B 155 -10.36 -0.89 -19.28
N HIS B 156 -11.44 -0.14 -19.28
CA HIS B 156 -12.33 -0.11 -18.11
C HIS B 156 -13.70 0.39 -18.45
N HIS B 157 -14.67 -0.16 -17.79
CA HIS B 157 -16.04 0.25 -17.80
C HIS B 157 -16.69 -0.40 -16.58
N HIS B 158 -16.68 0.32 -15.47
CA HIS B 158 -17.23 -0.18 -14.21
C HIS B 158 -18.75 -0.31 -14.35
N HIS B 159 -19.39 0.81 -14.54
CA HIS B 159 -20.82 0.95 -14.82
C HIS B 159 -21.00 2.32 -15.39
N MET A 1 -4.30 -2.27 17.60
CA MET A 1 -3.67 -1.61 16.47
C MET A 1 -4.40 -0.33 16.20
N TYR A 2 -3.94 0.42 15.25
CA TYR A 2 -4.63 1.58 14.80
C TYR A 2 -4.89 1.44 13.31
N ALA A 3 -3.85 1.44 12.51
CA ALA A 3 -4.03 1.37 11.10
C ALA A 3 -3.04 0.45 10.44
N TYR A 4 -3.39 0.03 9.27
CA TYR A 4 -2.59 -0.81 8.44
C TYR A 4 -2.33 -0.05 7.18
N ILE A 5 -1.09 0.17 6.87
CA ILE A 5 -0.73 0.88 5.68
C ILE A 5 -0.12 -0.11 4.72
N ASP A 6 -0.78 -0.38 3.67
CA ASP A 6 -0.30 -1.33 2.70
C ASP A 6 0.24 -0.62 1.50
N VAL A 7 1.50 -0.87 1.27
CA VAL A 7 2.28 -0.17 0.30
C VAL A 7 2.75 -1.15 -0.76
N ASP A 8 2.41 -0.86 -1.98
CA ASP A 8 2.79 -1.70 -3.08
C ASP A 8 3.74 -1.04 -4.02
N ILE A 9 4.80 -1.75 -4.28
CA ILE A 9 5.83 -1.39 -5.23
C ILE A 9 6.02 -2.60 -6.07
N ASN A 10 6.05 -2.45 -7.41
CA ASN A 10 6.31 -3.55 -8.39
C ASN A 10 5.45 -4.79 -8.08
N PRO B 1 6.86 -6.22 -4.72
CA PRO B 1 6.61 -6.65 -3.36
C PRO B 1 5.34 -6.01 -2.78
N SER B 2 4.75 -6.68 -1.79
CA SER B 2 3.54 -6.19 -1.15
C SER B 2 3.78 -6.03 0.37
N ILE B 3 3.80 -4.80 0.84
CA ILE B 3 4.17 -4.44 2.21
C ILE B 3 2.93 -3.97 2.99
N GLY B 4 2.82 -4.37 4.26
CA GLY B 4 1.83 -3.78 5.13
C GLY B 4 2.44 -3.32 6.44
N LEU B 5 2.37 -2.06 6.71
CA LEU B 5 2.91 -1.46 7.93
C LEU B 5 1.81 -1.26 8.94
N VAL B 6 1.91 -1.94 10.04
CA VAL B 6 0.90 -1.85 11.08
C VAL B 6 1.33 -0.78 12.07
N ILE B 7 0.55 0.26 12.21
CA ILE B 7 0.88 1.34 13.12
C ILE B 7 -0.01 1.31 14.36
N ASP B 8 0.51 1.86 15.43
CA ASP B 8 -0.25 2.07 16.65
C ASP B 8 -0.85 3.47 16.62
N LYS B 9 -1.47 3.88 17.73
CA LYS B 9 -2.17 5.16 17.87
C LYS B 9 -1.33 6.39 17.50
N LYS B 10 -0.04 6.32 17.73
CA LYS B 10 0.81 7.48 17.56
C LYS B 10 1.56 7.42 16.21
N GLU B 11 1.03 6.60 15.29
CA GLU B 11 1.49 6.46 13.90
C GLU B 11 2.92 5.88 13.81
N LYS B 12 3.24 5.02 14.73
CA LYS B 12 4.49 4.35 14.73
C LYS B 12 4.26 2.90 14.32
N VAL B 13 5.07 2.42 13.40
CA VAL B 13 4.94 1.07 12.89
C VAL B 13 5.46 0.10 13.92
N ILE B 14 4.56 -0.69 14.45
CA ILE B 14 4.89 -1.69 15.43
C ILE B 14 5.48 -2.93 14.78
N ASP B 15 4.89 -3.34 13.66
CA ASP B 15 5.34 -4.49 12.90
C ASP B 15 5.08 -4.22 11.44
N ALA B 16 5.94 -4.69 10.61
CA ALA B 16 5.81 -4.59 9.20
C ALA B 16 5.62 -5.98 8.69
N LYS B 17 4.46 -6.23 8.17
CA LYS B 17 4.07 -7.53 7.74
C LYS B 17 4.10 -7.68 6.21
N PRO B 18 4.78 -8.71 5.69
CA PRO B 18 4.81 -8.96 4.27
C PRO B 18 3.59 -9.77 3.79
N LEU B 19 2.81 -9.20 2.88
CA LEU B 19 1.63 -9.88 2.33
C LEU B 19 2.02 -10.74 1.15
N ASN B 20 3.20 -10.48 0.70
CA ASN B 20 3.85 -11.25 -0.29
C ASN B 20 5.26 -11.45 0.22
N ASN B 21 5.79 -12.66 0.07
CA ASN B 21 7.13 -13.05 0.60
C ASN B 21 8.27 -12.25 -0.10
N ASP B 22 7.96 -11.70 -1.26
CA ASP B 22 8.88 -10.87 -2.03
C ASP B 22 9.17 -9.51 -1.31
N ALA B 23 8.33 -9.17 -0.34
CA ALA B 23 8.47 -7.95 0.44
C ALA B 23 9.40 -8.13 1.62
N LYS B 24 9.61 -9.39 2.05
CA LYS B 24 10.47 -9.69 3.19
C LYS B 24 11.91 -9.11 3.05
N PRO B 25 12.67 -9.30 1.89
CA PRO B 25 14.03 -8.73 1.75
C PRO B 25 14.05 -7.18 1.73
N ILE B 26 12.96 -6.57 1.25
CA ILE B 26 12.81 -5.10 1.26
C ILE B 26 12.67 -4.61 2.70
N LEU B 27 11.80 -5.27 3.46
CA LEU B 27 11.54 -4.93 4.87
C LEU B 27 12.74 -5.27 5.73
N ASP B 28 13.48 -6.25 5.29
CA ASP B 28 14.70 -6.74 5.93
C ASP B 28 15.78 -5.67 5.96
N GLU B 29 16.02 -5.01 4.83
CA GLU B 29 17.02 -3.95 4.76
C GLU B 29 16.48 -2.63 5.30
N ALA B 30 15.17 -2.45 5.19
CA ALA B 30 14.50 -1.22 5.63
C ALA B 30 14.45 -1.10 7.14
N ALA B 31 14.05 -2.20 7.79
CA ALA B 31 13.79 -2.29 9.23
C ALA B 31 12.74 -1.24 9.69
N PRO B 32 11.46 -1.38 9.24
CA PRO B 32 10.40 -0.41 9.55
C PRO B 32 9.67 -0.71 10.85
N LYS B 33 10.12 -1.69 11.58
CA LYS B 33 9.53 -2.00 12.85
C LYS B 33 10.20 -1.12 13.89
N ASP B 34 9.38 -0.44 14.71
CA ASP B 34 9.77 0.57 15.74
C ASP B 34 10.11 1.91 15.03
N MET B 35 9.64 2.05 13.82
CA MET B 35 9.95 3.19 12.97
C MET B 35 8.65 4.01 12.78
N PRO B 36 8.69 5.37 12.75
CA PRO B 36 7.49 6.20 12.48
C PRO B 36 6.98 6.01 11.04
N LEU B 37 5.67 6.16 10.82
CA LEU B 37 4.94 5.94 9.53
C LEU B 37 5.68 6.60 8.35
N TYR B 38 6.01 7.89 8.52
CA TYR B 38 6.67 8.70 7.51
C TYR B 38 8.05 8.14 7.11
N ASP B 39 8.89 7.87 8.09
CA ASP B 39 10.27 7.49 7.81
C ASP B 39 10.38 5.98 7.48
N ALA B 40 9.38 5.20 7.93
CA ALA B 40 9.25 3.80 7.57
C ALA B 40 8.97 3.69 6.09
N LEU B 41 7.98 4.47 5.60
CA LEU B 41 7.63 4.54 4.17
C LEU B 41 8.81 4.96 3.34
N SER B 42 9.58 5.90 3.87
CA SER B 42 10.78 6.40 3.23
C SER B 42 11.80 5.27 3.03
N LYS B 43 11.90 4.36 4.01
CA LYS B 43 12.80 3.23 3.94
C LYS B 43 12.30 2.12 3.04
N ILE B 44 10.98 1.95 2.94
CA ILE B 44 10.38 0.98 1.99
C ILE B 44 10.77 1.38 0.55
N LEU B 45 10.65 2.67 0.27
CA LEU B 45 10.95 3.23 -1.03
C LEU B 45 12.45 3.26 -1.31
N ASP B 46 13.20 3.50 -0.27
CA ASP B 46 14.66 3.57 -0.32
C ASP B 46 15.27 2.23 -0.68
N ILE B 47 14.78 1.20 -0.06
CA ILE B 47 15.28 -0.14 -0.27
C ILE B 47 14.77 -0.73 -1.62
N SER B 48 13.56 -0.35 -2.02
CA SER B 48 13.02 -0.85 -3.26
C SER B 48 13.70 -0.21 -4.49
N LYS B 49 14.28 1.00 -4.34
CA LYS B 49 15.02 1.61 -5.42
C LYS B 49 16.41 0.98 -5.54
N LYS B 50 16.96 0.51 -4.39
CA LYS B 50 18.25 -0.23 -4.36
C LYS B 50 18.12 -1.54 -5.10
N ASN B 51 17.05 -2.27 -4.79
CA ASN B 51 16.78 -3.60 -5.34
C ASN B 51 16.19 -3.55 -6.75
N GLY B 52 15.91 -2.36 -7.25
CA GLY B 52 15.47 -2.18 -8.63
C GLY B 52 14.02 -2.54 -8.88
N TYR B 53 13.18 -2.35 -7.91
CA TYR B 53 11.76 -2.62 -8.08
C TYR B 53 11.04 -1.37 -8.58
N ILE B 54 11.44 -0.22 -8.08
CA ILE B 54 10.97 1.04 -8.62
C ILE B 54 12.03 1.58 -9.55
N ASN B 55 11.61 1.96 -10.74
CA ASN B 55 12.54 2.43 -11.76
C ASN B 55 12.44 3.92 -11.81
N SER B 56 13.47 4.59 -12.25
CA SER B 56 13.41 6.04 -12.34
C SER B 56 12.63 6.46 -13.59
N ALA B 57 12.53 5.54 -14.57
CA ALA B 57 11.74 5.77 -15.76
C ALA B 57 10.24 5.67 -15.45
N ASP B 58 9.91 4.81 -14.49
CA ASP B 58 8.54 4.65 -14.03
C ASP B 58 8.52 4.03 -12.64
N ASN B 59 8.00 4.76 -11.71
CA ASN B 59 7.87 4.35 -10.35
C ASN B 59 6.54 4.74 -9.80
N ILE B 60 5.61 3.83 -9.90
CA ILE B 60 4.27 4.00 -9.36
C ILE B 60 4.16 3.18 -8.08
N VAL B 61 3.79 3.85 -7.02
CA VAL B 61 3.65 3.24 -5.72
C VAL B 61 2.19 3.36 -5.26
N LEU B 62 1.67 2.30 -4.76
CA LEU B 62 0.31 2.23 -4.32
C LEU B 62 0.30 2.30 -2.79
N PHE B 63 -0.63 3.05 -2.24
CA PHE B 63 -0.79 3.16 -0.81
C PHE B 63 -2.25 2.97 -0.48
N SER B 64 -2.55 2.03 0.36
CA SER B 64 -3.88 1.87 0.86
C SER B 64 -3.83 1.69 2.34
N ALA B 65 -4.56 2.51 3.04
CA ALA B 65 -4.51 2.51 4.47
C ALA B 65 -5.89 2.25 5.01
N SER B 66 -5.98 1.48 6.06
CA SER B 66 -7.24 1.19 6.69
C SER B 66 -7.09 1.28 8.19
N ILE B 67 -8.05 1.83 8.85
CA ILE B 67 -8.05 1.87 10.28
C ILE B 67 -8.88 0.72 10.80
N ASN B 68 -8.25 -0.15 11.56
CA ASN B 68 -8.89 -1.35 12.07
C ASN B 68 -9.38 -1.12 13.46
N SER B 69 -10.70 -1.26 13.62
CA SER B 69 -11.45 -1.06 14.84
C SER B 69 -11.63 0.43 15.16
N GLY B 70 -10.51 1.13 15.27
CA GLY B 70 -10.52 2.54 15.55
C GLY B 70 -9.48 2.90 16.55
N ARG B 71 -9.36 4.18 16.85
CA ARG B 71 -8.48 4.66 17.90
C ARG B 71 -9.32 4.90 19.18
N ASN B 72 -10.64 4.67 19.01
CA ASN B 72 -11.68 4.67 20.05
C ASN B 72 -12.25 6.00 20.42
N ASN B 73 -12.97 6.57 19.46
CA ASN B 73 -13.76 7.81 19.57
C ASN B 73 -14.42 8.07 18.22
N VAL B 74 -15.70 8.40 18.23
CA VAL B 74 -16.42 8.74 17.00
C VAL B 74 -16.05 10.18 16.63
N SER B 75 -15.78 10.39 15.34
CA SER B 75 -15.27 11.63 14.80
C SER B 75 -13.86 11.91 15.34
N GLU B 76 -12.94 11.04 14.94
CA GLU B 76 -11.57 11.07 15.41
C GLU B 76 -10.69 10.32 14.40
N SER B 77 -11.02 9.07 14.17
CA SER B 77 -10.27 8.22 13.27
C SER B 77 -10.70 8.42 11.79
N ASP B 78 -11.88 9.01 11.59
CA ASP B 78 -12.38 9.30 10.23
C ASP B 78 -11.59 10.48 9.62
N LYS B 79 -11.10 11.37 10.47
CA LYS B 79 -10.19 12.43 10.02
C LYS B 79 -8.76 11.88 10.07
N GLY B 80 -8.54 10.92 10.99
CA GLY B 80 -7.24 10.30 11.21
C GLY B 80 -6.71 9.59 9.99
N ILE B 81 -7.61 8.95 9.24
CA ILE B 81 -7.25 8.28 7.99
C ILE B 81 -6.77 9.31 6.96
N GLN B 82 -7.36 10.51 7.00
CA GLN B 82 -7.03 11.60 6.08
C GLN B 82 -5.68 12.22 6.44
N GLU B 83 -5.33 12.15 7.72
CA GLU B 83 -4.04 12.64 8.21
C GLU B 83 -2.94 11.67 7.74
N ILE B 84 -3.31 10.39 7.69
CA ILE B 84 -2.47 9.35 7.13
C ILE B 84 -2.31 9.56 5.61
N ILE B 85 -3.43 9.91 4.92
CA ILE B 85 -3.44 10.19 3.45
C ILE B 85 -2.44 11.34 3.13
N SER B 86 -2.44 12.36 3.99
CA SER B 86 -1.53 13.50 3.89
C SER B 86 -0.05 13.09 4.03
N THR B 87 0.20 12.08 4.84
CA THR B 87 1.53 11.59 5.09
C THR B 87 2.00 10.70 3.91
N LEU B 88 1.08 9.87 3.40
CA LEU B 88 1.34 8.94 2.29
C LEU B 88 1.74 9.69 1.02
N LYS B 89 1.03 10.79 0.73
CA LYS B 89 1.32 11.61 -0.44
C LYS B 89 2.61 12.41 -0.25
N ASP B 90 2.93 12.74 1.00
CA ASP B 90 4.09 13.56 1.33
C ASP B 90 5.37 12.76 1.11
N VAL B 91 5.38 11.49 1.55
CA VAL B 91 6.54 10.58 1.37
C VAL B 91 6.75 10.30 -0.13
N ALA B 92 5.66 10.18 -0.84
CA ALA B 92 5.65 9.88 -2.26
C ALA B 92 6.21 11.05 -3.09
N LYS B 93 5.85 12.27 -2.71
CA LYS B 93 6.37 13.46 -3.39
C LYS B 93 7.82 13.72 -3.00
N ASP B 94 8.18 13.33 -1.79
CA ASP B 94 9.56 13.40 -1.27
C ASP B 94 10.47 12.52 -2.10
N ALA B 95 10.04 11.27 -2.29
CA ALA B 95 10.75 10.27 -3.09
C ALA B 95 10.77 10.64 -4.58
N GLY B 96 9.72 11.29 -5.04
CA GLY B 96 9.61 11.67 -6.43
C GLY B 96 9.04 10.55 -7.27
N VAL B 97 8.02 9.90 -6.74
CA VAL B 97 7.38 8.79 -7.40
C VAL B 97 5.93 9.15 -7.73
N LYS B 98 5.32 8.40 -8.63
CA LYS B 98 3.90 8.55 -8.92
C LYS B 98 3.18 7.65 -7.96
N PHE B 99 2.03 8.03 -7.51
CA PHE B 99 1.37 7.30 -6.48
C PHE B 99 -0.13 7.22 -6.69
N GLU B 100 -0.74 6.29 -5.99
CA GLU B 100 -2.15 6.13 -5.96
C GLU B 100 -2.54 5.75 -4.54
N ILE B 101 -3.37 6.57 -3.92
CA ILE B 101 -3.79 6.30 -2.57
C ILE B 101 -5.26 5.91 -2.56
N ILE B 102 -5.55 4.77 -1.98
CA ILE B 102 -6.90 4.27 -1.85
C ILE B 102 -7.23 4.14 -0.35
N PRO B 103 -8.18 4.94 0.18
CA PRO B 103 -8.64 4.73 1.56
C PRO B 103 -9.45 3.44 1.64
N SER B 104 -9.03 2.56 2.51
CA SER B 104 -9.56 1.21 2.57
C SER B 104 -10.26 0.93 3.90
N THR B 105 -10.96 -0.18 3.97
CA THR B 105 -11.65 -0.59 5.19
C THR B 105 -10.86 -1.70 5.87
N GLU B 106 -11.27 -2.04 7.08
CA GLU B 106 -10.71 -3.19 7.78
C GLU B 106 -11.32 -4.49 7.19
N GLU B 107 -12.41 -4.33 6.43
CA GLU B 107 -13.06 -5.41 5.74
C GLU B 107 -12.12 -5.84 4.59
N ASP B 108 -11.53 -4.81 3.94
CA ASP B 108 -10.58 -5.00 2.82
C ASP B 108 -9.33 -5.64 3.31
N ARG B 109 -8.91 -5.23 4.52
CA ARG B 109 -7.71 -5.74 5.20
C ARG B 109 -7.71 -7.26 5.32
N GLN B 110 -8.82 -7.82 5.79
CA GLN B 110 -8.86 -9.24 5.99
C GLN B 110 -9.12 -10.05 4.72
N LYS B 111 -9.73 -9.41 3.72
CA LYS B 111 -9.89 -10.02 2.43
C LYS B 111 -8.57 -10.03 1.67
N ALA B 112 -7.78 -8.98 1.84
CA ALA B 112 -6.47 -8.84 1.22
C ALA B 112 -5.56 -9.99 1.62
N LEU B 113 -5.46 -10.22 2.93
CA LEU B 113 -4.60 -11.27 3.47
C LEU B 113 -5.08 -12.68 3.07
N ASP B 114 -6.40 -12.82 2.86
CA ASP B 114 -7.01 -14.10 2.46
C ASP B 114 -6.84 -14.33 0.95
N GLN B 115 -6.62 -13.25 0.21
CA GLN B 115 -6.38 -13.29 -1.23
C GLN B 115 -4.87 -13.26 -1.55
N ASN B 116 -4.05 -13.22 -0.48
CA ASN B 116 -2.53 -13.27 -0.51
C ASN B 116 -1.98 -11.97 -1.14
N LEU B 117 -2.71 -10.91 -0.94
CA LEU B 117 -2.37 -9.62 -1.48
C LEU B 117 -2.31 -8.61 -0.36
N SER B 118 -1.78 -7.49 -0.68
CA SER B 118 -1.78 -6.35 0.18
C SER B 118 -3.03 -5.57 -0.11
N MET B 119 -3.42 -4.70 0.78
CA MET B 119 -4.65 -3.92 0.62
C MET B 119 -4.60 -3.01 -0.57
N GLY B 120 -3.41 -2.50 -0.91
CA GLY B 120 -3.26 -1.65 -2.06
C GLY B 120 -3.55 -2.37 -3.33
N ARG B 121 -2.82 -3.44 -3.53
CA ARG B 121 -2.93 -4.27 -4.70
C ARG B 121 -4.31 -4.96 -4.78
N TYR B 122 -4.92 -5.24 -3.63
CA TYR B 122 -6.23 -5.86 -3.56
C TYR B 122 -7.36 -4.87 -3.88
N ALA B 123 -7.29 -3.66 -3.33
CA ALA B 123 -8.30 -2.63 -3.54
C ALA B 123 -8.34 -2.23 -5.00
N ILE B 124 -7.18 -2.21 -5.62
CA ILE B 124 -7.08 -1.93 -7.02
C ILE B 124 -7.37 -3.18 -7.89
N TYR B 125 -7.12 -4.38 -7.36
CA TYR B 125 -7.51 -5.66 -8.04
C TYR B 125 -9.03 -5.70 -8.22
N VAL B 126 -9.75 -5.42 -7.15
CA VAL B 126 -11.17 -5.43 -7.17
C VAL B 126 -11.72 -4.20 -7.95
N LYS B 127 -10.90 -3.15 -8.06
CA LYS B 127 -11.28 -2.00 -8.84
C LYS B 127 -11.12 -2.31 -10.33
N ALA B 128 -10.08 -3.06 -10.65
CA ALA B 128 -9.78 -3.51 -12.01
C ALA B 128 -10.89 -4.38 -12.52
N VAL B 129 -11.37 -5.30 -11.67
CA VAL B 129 -12.44 -6.20 -12.08
C VAL B 129 -13.78 -5.41 -12.28
N GLU B 130 -13.95 -4.28 -11.54
CA GLU B 130 -15.07 -3.36 -11.72
C GLU B 130 -14.98 -2.68 -13.09
N GLU B 131 -13.77 -2.18 -13.42
CA GLU B 131 -13.46 -1.46 -14.66
C GLU B 131 -13.43 -2.39 -15.91
N GLY B 132 -13.66 -3.69 -15.71
CA GLY B 132 -13.75 -4.63 -16.81
C GLY B 132 -12.40 -5.21 -17.19
N VAL B 133 -11.46 -5.09 -16.29
CA VAL B 133 -10.12 -5.56 -16.48
C VAL B 133 -10.02 -6.99 -15.93
N ASN B 134 -9.42 -7.85 -16.71
CA ASN B 134 -9.22 -9.24 -16.33
C ASN B 134 -7.95 -9.40 -15.53
N LEU B 135 -8.10 -9.67 -14.26
CA LEU B 135 -6.99 -9.97 -13.39
C LEU B 135 -7.26 -11.18 -12.56
N ASN B 136 -6.23 -11.92 -12.36
CA ASN B 136 -6.19 -13.04 -11.45
C ASN B 136 -5.39 -12.61 -10.22
N LEU B 137 -5.66 -13.22 -9.06
CA LEU B 137 -4.96 -12.89 -7.79
C LEU B 137 -3.46 -13.05 -7.92
N GLU B 138 -3.07 -14.13 -8.56
CA GLU B 138 -1.68 -14.47 -8.74
C GLU B 138 -1.09 -13.62 -9.83
N ASP B 139 -1.87 -13.30 -10.87
CA ASP B 139 -1.38 -12.37 -11.90
C ASP B 139 -1.13 -10.99 -11.36
N ALA B 140 -2.04 -10.49 -10.52
CA ALA B 140 -1.91 -9.19 -9.87
C ALA B 140 -0.63 -9.07 -9.01
N ARG B 141 -0.30 -10.11 -8.21
CA ARG B 141 0.91 -10.08 -7.37
C ARG B 141 2.20 -10.35 -8.15
N ASN B 142 2.06 -10.98 -9.30
CA ASN B 142 3.20 -11.28 -10.18
C ASN B 142 3.50 -10.15 -11.17
N LEU B 143 2.49 -9.34 -11.46
CA LEU B 143 2.64 -8.16 -12.31
C LEU B 143 3.06 -6.99 -11.46
N SER B 144 3.56 -5.96 -12.09
CA SER B 144 3.95 -4.77 -11.38
C SER B 144 2.72 -3.89 -11.13
N VAL B 145 2.81 -3.04 -10.10
CA VAL B 145 1.81 -2.02 -9.74
C VAL B 145 1.53 -1.11 -10.93
N SER B 146 2.59 -0.77 -11.66
CA SER B 146 2.54 0.03 -12.86
C SER B 146 1.67 -0.63 -13.96
N GLU B 147 1.66 -1.97 -13.99
CA GLU B 147 0.87 -2.73 -14.93
C GLU B 147 -0.59 -2.73 -14.53
N ILE B 148 -0.84 -2.86 -13.24
CA ILE B 148 -2.20 -2.90 -12.69
C ILE B 148 -2.89 -1.53 -12.87
N LEU B 149 -2.17 -0.46 -12.51
CA LEU B 149 -2.63 0.93 -12.67
C LEU B 149 -2.81 1.30 -14.12
N GLY B 150 -1.90 0.79 -14.97
CA GLY B 150 -1.96 1.04 -16.41
C GLY B 150 -3.20 0.46 -17.04
N LYS B 151 -3.64 -0.67 -16.51
CA LYS B 151 -4.85 -1.33 -16.97
C LYS B 151 -6.09 -0.51 -16.68
N LEU B 152 -6.10 0.18 -15.53
CA LEU B 152 -7.20 1.07 -15.17
C LEU B 152 -7.25 2.27 -16.10
N GLU B 153 -6.09 2.76 -16.51
CA GLU B 153 -5.99 3.94 -17.36
C GLU B 153 -6.45 3.67 -18.77
N HIS B 154 -5.96 2.58 -19.35
CA HIS B 154 -6.28 2.27 -20.74
C HIS B 154 -7.61 1.52 -20.90
N HIS B 155 -8.16 1.03 -19.81
CA HIS B 155 -9.44 0.36 -19.85
C HIS B 155 -10.25 0.81 -18.64
N HIS B 156 -10.90 1.94 -18.77
CA HIS B 156 -11.65 2.50 -17.68
C HIS B 156 -13.12 2.52 -18.04
N HIS B 157 -13.80 1.43 -17.76
CA HIS B 157 -15.20 1.30 -18.07
C HIS B 157 -15.83 0.41 -17.02
N HIS B 158 -16.14 1.01 -15.89
CA HIS B 158 -16.75 0.28 -14.79
C HIS B 158 -18.23 0.08 -14.97
N HIS B 159 -18.77 -0.76 -14.15
CA HIS B 159 -20.14 -1.13 -14.21
C HIS B 159 -20.89 -0.38 -13.16
N MET A 1 -4.44 -1.88 17.39
CA MET A 1 -3.69 -1.26 16.29
C MET A 1 -4.47 -0.03 15.88
N TYR A 2 -4.01 0.66 14.88
CA TYR A 2 -4.72 1.79 14.35
C TYR A 2 -4.88 1.64 12.87
N ALA A 3 -3.81 1.69 12.13
CA ALA A 3 -3.93 1.66 10.70
C ALA A 3 -2.93 0.72 10.11
N TYR A 4 -3.32 0.14 9.06
CA TYR A 4 -2.52 -0.76 8.31
C TYR A 4 -2.21 -0.08 7.01
N ILE A 5 -0.97 0.12 6.74
CA ILE A 5 -0.56 0.75 5.50
C ILE A 5 0.04 -0.28 4.60
N ASP A 6 -0.62 -0.57 3.55
CA ASP A 6 -0.13 -1.51 2.58
C ASP A 6 0.45 -0.78 1.41
N VAL A 7 1.70 -1.00 1.23
CA VAL A 7 2.50 -0.32 0.27
C VAL A 7 2.87 -1.29 -0.84
N ASP A 8 2.51 -0.95 -2.03
CA ASP A 8 2.85 -1.75 -3.17
C ASP A 8 3.84 -1.05 -4.03
N ILE A 9 4.98 -1.64 -4.14
CA ILE A 9 6.05 -1.16 -4.97
C ILE A 9 6.39 -2.29 -5.88
N ASN A 10 6.09 -2.11 -7.19
CA ASN A 10 6.27 -3.16 -8.22
C ASN A 10 5.40 -4.36 -7.87
N PRO B 1 6.70 -6.25 -4.62
CA PRO B 1 6.72 -6.21 -3.18
C PRO B 1 5.48 -5.59 -2.59
N SER B 2 4.77 -6.39 -1.81
CA SER B 2 3.61 -5.92 -1.07
C SER B 2 3.92 -5.90 0.45
N ILE B 3 4.02 -4.71 1.02
CA ILE B 3 4.43 -4.49 2.43
C ILE B 3 3.23 -4.02 3.27
N GLY B 4 3.09 -4.50 4.50
CA GLY B 4 2.11 -3.94 5.39
C GLY B 4 2.77 -3.34 6.63
N LEU B 5 2.61 -2.06 6.80
CA LEU B 5 3.13 -1.32 7.94
C LEU B 5 1.99 -1.12 8.92
N VAL B 6 2.03 -1.80 10.02
CA VAL B 6 0.99 -1.68 11.00
C VAL B 6 1.38 -0.59 11.97
N ILE B 7 0.65 0.49 11.99
CA ILE B 7 0.93 1.59 12.88
C ILE B 7 -0.06 1.64 14.02
N ASP B 8 0.37 2.24 15.11
CA ASP B 8 -0.49 2.51 16.22
C ASP B 8 -1.09 3.91 16.03
N LYS B 9 -1.80 4.41 17.04
CA LYS B 9 -2.49 5.71 16.96
C LYS B 9 -1.52 6.90 16.90
N LYS B 10 -0.26 6.67 17.24
CA LYS B 10 0.75 7.68 17.17
C LYS B 10 1.66 7.52 15.98
N GLU B 11 1.17 6.75 14.99
CA GLU B 11 1.79 6.55 13.68
C GLU B 11 3.17 5.86 13.79
N LYS B 12 3.35 5.07 14.80
CA LYS B 12 4.57 4.33 14.97
C LYS B 12 4.32 2.94 14.43
N VAL B 13 5.16 2.49 13.52
CA VAL B 13 5.00 1.17 12.94
C VAL B 13 5.41 0.15 13.97
N ILE B 14 4.45 -0.51 14.52
CA ILE B 14 4.67 -1.47 15.58
C ILE B 14 5.17 -2.81 15.02
N ASP B 15 4.69 -3.14 13.83
CA ASP B 15 5.11 -4.36 13.15
C ASP B 15 5.00 -4.15 11.65
N ALA B 16 6.04 -4.52 10.94
CA ALA B 16 6.06 -4.41 9.52
C ALA B 16 6.16 -5.81 8.96
N LYS B 17 5.17 -6.19 8.23
CA LYS B 17 5.08 -7.56 7.74
C LYS B 17 4.80 -7.64 6.25
N PRO B 18 5.25 -8.72 5.57
CA PRO B 18 4.98 -8.91 4.16
C PRO B 18 3.58 -9.48 3.93
N LEU B 19 2.82 -8.83 3.05
CA LEU B 19 1.50 -9.34 2.62
C LEU B 19 1.69 -10.32 1.47
N ASN B 20 2.86 -10.23 0.88
CA ASN B 20 3.30 -11.06 -0.20
C ASN B 20 4.78 -11.35 0.07
N ASN B 21 5.22 -12.56 -0.27
CA ASN B 21 6.57 -13.12 0.09
C ASN B 21 7.77 -12.36 -0.53
N ASP B 22 7.51 -11.53 -1.50
CA ASP B 22 8.56 -10.78 -2.22
C ASP B 22 9.04 -9.53 -1.46
N ALA B 23 8.27 -9.15 -0.47
CA ALA B 23 8.54 -7.99 0.36
C ALA B 23 9.46 -8.28 1.54
N LYS B 24 9.75 -9.57 1.80
CA LYS B 24 10.65 -9.98 2.86
C LYS B 24 12.05 -9.27 2.82
N PRO B 25 12.82 -9.25 1.65
CA PRO B 25 14.13 -8.57 1.59
C PRO B 25 14.02 -7.05 1.80
N ILE B 26 12.86 -6.48 1.46
CA ILE B 26 12.63 -5.04 1.59
C ILE B 26 12.56 -4.68 3.06
N LEU B 27 11.84 -5.47 3.81
CA LEU B 27 11.67 -5.28 5.23
C LEU B 27 12.90 -5.64 6.01
N ASP B 28 13.68 -6.56 5.48
CA ASP B 28 14.91 -7.01 6.09
C ASP B 28 15.96 -5.90 6.07
N GLU B 29 16.03 -5.18 4.95
CA GLU B 29 16.95 -4.10 4.84
C GLU B 29 16.42 -2.81 5.50
N ALA B 30 15.12 -2.57 5.38
CA ALA B 30 14.51 -1.35 5.93
C ALA B 30 14.46 -1.33 7.45
N ALA B 31 13.95 -2.45 8.02
CA ALA B 31 13.71 -2.62 9.46
C ALA B 31 12.77 -1.52 10.05
N PRO B 32 11.48 -1.44 9.58
CA PRO B 32 10.56 -0.39 9.99
C PRO B 32 9.80 -0.67 11.29
N LYS B 33 10.18 -1.69 12.03
CA LYS B 33 9.52 -1.97 13.29
C LYS B 33 10.08 -1.04 14.37
N ASP B 34 9.18 -0.28 14.98
CA ASP B 34 9.42 0.76 16.01
C ASP B 34 10.02 2.03 15.33
N MET B 35 9.69 2.17 14.06
CA MET B 35 10.14 3.27 13.24
C MET B 35 8.88 4.13 12.89
N PRO B 36 8.98 5.51 12.88
CA PRO B 36 7.82 6.39 12.53
C PRO B 36 7.31 6.12 11.11
N LEU B 37 5.99 6.31 10.86
CA LEU B 37 5.30 6.06 9.54
C LEU B 37 6.09 6.65 8.38
N TYR B 38 6.40 7.94 8.49
CA TYR B 38 7.11 8.69 7.45
C TYR B 38 8.52 8.12 7.22
N ASP B 39 9.24 7.89 8.31
CA ASP B 39 10.64 7.43 8.28
C ASP B 39 10.74 5.97 7.76
N ALA B 40 9.77 5.16 8.19
CA ALA B 40 9.62 3.76 7.81
C ALA B 40 9.28 3.62 6.35
N LEU B 41 8.27 4.38 5.91
CA LEU B 41 7.79 4.35 4.53
C LEU B 41 8.84 4.88 3.57
N SER B 42 9.62 5.85 4.03
CA SER B 42 10.70 6.41 3.26
C SER B 42 11.79 5.37 3.05
N LYS B 43 11.96 4.46 4.04
CA LYS B 43 12.96 3.44 3.94
C LYS B 43 12.45 2.29 3.07
N ILE B 44 11.13 2.04 3.07
CA ILE B 44 10.52 1.04 2.16
C ILE B 44 10.80 1.43 0.69
N LEU B 45 10.64 2.72 0.39
CA LEU B 45 10.90 3.29 -0.94
C LEU B 45 12.39 3.28 -1.28
N ASP B 46 13.21 3.66 -0.29
CA ASP B 46 14.69 3.72 -0.37
C ASP B 46 15.27 2.34 -0.69
N ILE B 47 14.81 1.35 0.02
CA ILE B 47 15.25 -0.02 -0.14
C ILE B 47 14.79 -0.62 -1.47
N SER B 48 13.60 -0.25 -1.93
CA SER B 48 13.09 -0.76 -3.18
C SER B 48 13.82 -0.18 -4.40
N LYS B 49 14.41 1.02 -4.28
CA LYS B 49 15.20 1.57 -5.36
C LYS B 49 16.62 0.97 -5.35
N LYS B 50 17.11 0.57 -4.15
CA LYS B 50 18.39 -0.15 -4.00
C LYS B 50 18.30 -1.53 -4.67
N ASN B 51 17.17 -2.18 -4.44
CA ASN B 51 16.87 -3.51 -5.01
C ASN B 51 16.55 -3.42 -6.49
N GLY B 52 16.11 -2.26 -6.94
CA GLY B 52 15.86 -2.04 -8.34
C GLY B 52 14.48 -2.45 -8.79
N TYR B 53 13.50 -2.39 -7.89
CA TYR B 53 12.12 -2.71 -8.25
C TYR B 53 11.48 -1.58 -9.02
N ILE B 54 11.86 -0.37 -8.66
CA ILE B 54 11.38 0.80 -9.35
C ILE B 54 12.47 1.44 -10.18
N ASN B 55 12.05 2.12 -11.19
CA ASN B 55 12.93 2.84 -12.10
C ASN B 55 12.72 4.30 -11.80
N SER B 56 13.51 5.18 -12.37
CA SER B 56 13.24 6.60 -12.20
C SER B 56 12.18 7.03 -13.21
N ALA B 57 12.20 6.37 -14.38
CA ALA B 57 11.26 6.61 -15.44
C ALA B 57 9.89 6.01 -15.10
N ASP B 58 9.92 4.91 -14.37
CA ASP B 58 8.70 4.24 -13.99
C ASP B 58 8.72 3.91 -12.53
N ASN B 59 8.02 4.71 -11.78
CA ASN B 59 7.86 4.52 -10.36
C ASN B 59 6.49 4.93 -9.90
N ILE B 60 5.58 4.03 -9.97
CA ILE B 60 4.24 4.24 -9.49
C ILE B 60 4.09 3.40 -8.25
N VAL B 61 3.87 4.04 -7.15
CA VAL B 61 3.76 3.36 -5.90
C VAL B 61 2.31 3.46 -5.39
N LEU B 62 1.80 2.36 -4.94
CA LEU B 62 0.45 2.27 -4.46
C LEU B 62 0.48 2.32 -2.94
N PHE B 63 -0.37 3.13 -2.35
CA PHE B 63 -0.47 3.21 -0.92
C PHE B 63 -1.91 3.02 -0.54
N SER B 64 -2.20 2.06 0.28
CA SER B 64 -3.53 1.88 0.77
C SER B 64 -3.52 1.75 2.26
N ALA B 65 -4.34 2.52 2.91
CA ALA B 65 -4.38 2.54 4.34
C ALA B 65 -5.77 2.25 4.83
N SER B 66 -5.88 1.46 5.84
CA SER B 66 -7.15 1.16 6.45
C SER B 66 -7.02 1.33 7.93
N ILE B 67 -8.01 1.90 8.53
CA ILE B 67 -8.03 2.03 9.95
C ILE B 67 -8.92 0.96 10.53
N ASN B 68 -8.36 0.18 11.41
CA ASN B 68 -9.10 -0.81 12.14
C ASN B 68 -9.61 -0.17 13.40
N SER B 69 -10.69 -0.69 13.93
CA SER B 69 -11.41 -0.11 15.08
C SER B 69 -10.69 -0.25 16.47
N GLY B 70 -9.35 -0.31 16.46
CA GLY B 70 -8.55 -0.33 17.67
C GLY B 70 -8.54 1.03 18.34
N ARG B 71 -8.73 2.09 17.54
CA ARG B 71 -8.80 3.47 18.05
C ARG B 71 -10.24 3.74 18.62
N ASN B 72 -11.15 2.78 18.35
CA ASN B 72 -12.57 2.77 18.80
C ASN B 72 -13.45 3.70 18.02
N ASN B 73 -13.19 5.00 18.10
CA ASN B 73 -14.01 5.99 17.41
C ASN B 73 -13.72 5.98 15.93
N VAL B 74 -14.70 5.55 15.15
CA VAL B 74 -14.57 5.50 13.69
C VAL B 74 -14.77 6.91 13.09
N SER B 75 -15.40 7.78 13.86
CA SER B 75 -15.62 9.18 13.52
C SER B 75 -14.30 9.96 13.62
N GLU B 76 -13.50 9.57 14.60
CA GLU B 76 -12.20 10.17 14.87
C GLU B 76 -11.20 9.66 13.82
N SER B 77 -11.49 8.48 13.31
CA SER B 77 -10.69 7.84 12.31
C SER B 77 -11.10 8.29 10.89
N ASP B 78 -12.19 9.06 10.79
CA ASP B 78 -12.65 9.55 9.49
C ASP B 78 -11.78 10.71 9.04
N LYS B 79 -11.42 11.54 10.00
CA LYS B 79 -10.45 12.58 9.73
C LYS B 79 -9.05 11.96 9.80
N GLY B 80 -8.87 11.04 10.76
CA GLY B 80 -7.62 10.33 10.97
C GLY B 80 -7.07 9.65 9.72
N ILE B 81 -7.94 9.03 8.89
CA ILE B 81 -7.51 8.37 7.65
C ILE B 81 -7.00 9.40 6.63
N GLN B 82 -7.58 10.59 6.63
CA GLN B 82 -7.19 11.65 5.71
C GLN B 82 -5.84 12.23 6.11
N GLU B 83 -5.55 12.19 7.41
CA GLU B 83 -4.25 12.59 7.93
C GLU B 83 -3.18 11.59 7.46
N ILE B 84 -3.57 10.30 7.38
CA ILE B 84 -2.72 9.24 6.87
C ILE B 84 -2.45 9.48 5.40
N ILE B 85 -3.52 9.79 4.63
CA ILE B 85 -3.45 10.06 3.16
C ILE B 85 -2.43 11.18 2.89
N SER B 86 -2.51 12.24 3.71
CA SER B 86 -1.63 13.39 3.64
C SER B 86 -0.15 13.03 3.92
N THR B 87 0.07 12.02 4.77
CA THR B 87 1.40 11.57 5.09
C THR B 87 1.95 10.68 3.97
N LEU B 88 1.08 9.83 3.41
CA LEU B 88 1.44 8.90 2.33
C LEU B 88 1.89 9.65 1.08
N LYS B 89 1.17 10.73 0.76
CA LYS B 89 1.53 11.57 -0.37
C LYS B 89 2.76 12.45 -0.05
N ASP B 90 3.01 12.69 1.23
CA ASP B 90 4.14 13.51 1.66
C ASP B 90 5.44 12.72 1.56
N VAL B 91 5.37 11.42 1.90
CA VAL B 91 6.52 10.52 1.75
C VAL B 91 6.78 10.26 0.25
N ALA B 92 5.71 10.25 -0.53
CA ALA B 92 5.79 10.08 -1.98
C ALA B 92 6.47 11.28 -2.64
N LYS B 93 6.23 12.49 -2.10
CA LYS B 93 6.89 13.72 -2.58
C LYS B 93 8.35 13.74 -2.16
N ASP B 94 8.64 13.14 -1.00
CA ASP B 94 10.00 13.01 -0.44
C ASP B 94 10.85 12.16 -1.38
N ALA B 95 10.27 11.06 -1.83
CA ALA B 95 10.91 10.14 -2.75
C ALA B 95 10.91 10.68 -4.18
N GLY B 96 9.88 11.42 -4.53
CA GLY B 96 9.71 11.95 -5.86
C GLY B 96 9.14 10.91 -6.79
N VAL B 97 8.18 10.15 -6.30
CA VAL B 97 7.57 9.07 -7.06
C VAL B 97 6.12 9.40 -7.37
N LYS B 98 5.55 8.69 -8.32
CA LYS B 98 4.14 8.86 -8.64
C LYS B 98 3.37 7.88 -7.81
N PHE B 99 2.15 8.20 -7.52
CA PHE B 99 1.42 7.45 -6.54
C PHE B 99 -0.07 7.41 -6.77
N GLU B 100 -0.69 6.42 -6.18
CA GLU B 100 -2.11 6.35 -6.08
C GLU B 100 -2.42 5.83 -4.71
N ILE B 101 -3.26 6.54 -4.03
CA ILE B 101 -3.59 6.24 -2.66
C ILE B 101 -5.04 5.82 -2.57
N ILE B 102 -5.26 4.63 -2.13
CA ILE B 102 -6.59 4.08 -1.98
C ILE B 102 -6.92 3.98 -0.49
N PRO B 103 -7.92 4.73 0.01
CA PRO B 103 -8.43 4.49 1.35
C PRO B 103 -9.19 3.16 1.38
N SER B 104 -8.74 2.29 2.20
CA SER B 104 -9.25 0.95 2.28
C SER B 104 -10.01 0.76 3.59
N THR B 105 -10.71 -0.34 3.72
CA THR B 105 -11.43 -0.63 4.94
C THR B 105 -10.74 -1.75 5.69
N GLU B 106 -11.19 -2.02 6.91
CA GLU B 106 -10.73 -3.18 7.67
C GLU B 106 -11.37 -4.47 7.11
N GLU B 107 -12.41 -4.28 6.28
CA GLU B 107 -13.14 -5.33 5.62
C GLU B 107 -12.26 -5.83 4.44
N ASP B 108 -11.54 -4.88 3.82
CA ASP B 108 -10.67 -5.15 2.66
C ASP B 108 -9.35 -5.66 3.12
N ARG B 109 -9.00 -5.30 4.34
CA ARG B 109 -7.75 -5.69 4.96
C ARG B 109 -7.72 -7.21 5.11
N GLN B 110 -8.72 -7.73 5.81
CA GLN B 110 -8.84 -9.17 6.05
C GLN B 110 -8.99 -9.96 4.74
N LYS B 111 -9.66 -9.38 3.75
CA LYS B 111 -9.78 -9.95 2.43
C LYS B 111 -8.45 -9.99 1.69
N ALA B 112 -7.66 -8.92 1.81
CA ALA B 112 -6.35 -8.81 1.18
C ALA B 112 -5.44 -9.96 1.60
N LEU B 113 -5.30 -10.14 2.91
CA LEU B 113 -4.43 -11.19 3.45
C LEU B 113 -4.97 -12.61 3.16
N ASP B 114 -6.28 -12.69 2.97
CA ASP B 114 -6.98 -13.95 2.69
C ASP B 114 -6.75 -14.37 1.21
N GLN B 115 -6.50 -13.38 0.35
CA GLN B 115 -6.22 -13.60 -1.08
C GLN B 115 -4.70 -13.57 -1.40
N ASN B 116 -3.88 -13.29 -0.36
CA ASN B 116 -2.37 -13.18 -0.40
C ASN B 116 -1.95 -11.94 -1.19
N LEU B 117 -2.65 -10.90 -0.96
CA LEU B 117 -2.39 -9.64 -1.56
C LEU B 117 -2.30 -8.60 -0.49
N SER B 118 -1.85 -7.47 -0.86
CA SER B 118 -1.88 -6.31 -0.03
C SER B 118 -3.17 -5.57 -0.33
N MET B 119 -3.51 -4.61 0.47
CA MET B 119 -4.71 -3.81 0.30
C MET B 119 -4.67 -2.97 -0.94
N GLY B 120 -3.49 -2.51 -1.33
CA GLY B 120 -3.38 -1.71 -2.53
C GLY B 120 -3.70 -2.51 -3.73
N ARG B 121 -3.06 -3.64 -3.82
CA ARG B 121 -3.20 -4.56 -4.89
C ARG B 121 -4.61 -5.22 -4.89
N TYR B 122 -5.18 -5.46 -3.70
CA TYR B 122 -6.51 -6.06 -3.57
C TYR B 122 -7.65 -5.05 -3.84
N ALA B 123 -7.55 -3.84 -3.30
CA ALA B 123 -8.60 -2.84 -3.47
C ALA B 123 -8.70 -2.41 -4.92
N ILE B 124 -7.57 -2.42 -5.61
CA ILE B 124 -7.58 -2.19 -7.02
C ILE B 124 -7.96 -3.46 -7.81
N TYR B 125 -7.64 -4.65 -7.28
CA TYR B 125 -8.06 -5.95 -7.89
C TYR B 125 -9.60 -6.00 -8.04
N VAL B 126 -10.29 -5.71 -6.95
CA VAL B 126 -11.74 -5.73 -6.94
C VAL B 126 -12.33 -4.50 -7.71
N LYS B 127 -11.54 -3.44 -7.81
CA LYS B 127 -11.92 -2.25 -8.57
C LYS B 127 -11.83 -2.61 -10.08
N ALA B 128 -10.74 -3.29 -10.45
CA ALA B 128 -10.44 -3.73 -11.81
C ALA B 128 -11.47 -4.71 -12.32
N VAL B 129 -11.89 -5.67 -11.48
CA VAL B 129 -12.89 -6.65 -11.89
C VAL B 129 -14.29 -5.96 -12.10
N GLU B 130 -14.51 -4.84 -11.41
CA GLU B 130 -15.71 -4.02 -11.58
C GLU B 130 -15.64 -3.16 -12.86
N GLU B 131 -14.42 -2.89 -13.33
CA GLU B 131 -14.20 -2.14 -14.57
C GLU B 131 -14.25 -3.07 -15.78
N GLY B 132 -14.14 -4.37 -15.52
CA GLY B 132 -14.15 -5.34 -16.58
C GLY B 132 -12.74 -5.74 -17.00
N VAL B 133 -11.78 -5.39 -16.17
CA VAL B 133 -10.39 -5.74 -16.37
C VAL B 133 -10.20 -7.15 -15.81
N ASN B 134 -9.60 -8.02 -16.58
CA ASN B 134 -9.40 -9.40 -16.18
C ASN B 134 -8.16 -9.55 -15.33
N LEU B 135 -8.37 -9.85 -14.09
CA LEU B 135 -7.33 -10.14 -13.16
C LEU B 135 -7.63 -11.38 -12.40
N ASN B 136 -6.59 -12.06 -12.08
CA ASN B 136 -6.65 -13.21 -11.24
C ASN B 136 -5.67 -12.94 -10.14
N LEU B 137 -5.74 -13.71 -9.07
CA LEU B 137 -4.91 -13.47 -7.91
C LEU B 137 -3.43 -13.60 -8.18
N GLU B 138 -3.01 -14.59 -9.02
CA GLU B 138 -1.57 -14.76 -9.23
C GLU B 138 -1.03 -13.72 -10.18
N ASP B 139 -1.84 -13.35 -11.17
CA ASP B 139 -1.50 -12.33 -12.15
C ASP B 139 -1.23 -11.03 -11.43
N ALA B 140 -2.18 -10.63 -10.56
CA ALA B 140 -2.10 -9.39 -9.77
C ALA B 140 -0.80 -9.30 -8.93
N ARG B 141 -0.44 -10.36 -8.21
CA ARG B 141 0.76 -10.38 -7.35
C ARG B 141 2.07 -10.59 -8.12
N ASN B 142 1.95 -10.98 -9.36
CA ASN B 142 3.13 -11.15 -10.24
C ASN B 142 3.35 -9.96 -11.14
N LEU B 143 2.37 -9.06 -11.18
CA LEU B 143 2.49 -7.85 -11.95
C LEU B 143 3.11 -6.75 -11.14
N SER B 144 3.39 -5.68 -11.80
CA SER B 144 3.90 -4.51 -11.18
C SER B 144 2.75 -3.51 -11.05
N VAL B 145 2.88 -2.58 -10.12
CA VAL B 145 1.91 -1.52 -9.86
C VAL B 145 1.63 -0.68 -11.13
N SER B 146 2.66 -0.46 -11.95
CA SER B 146 2.52 0.27 -13.21
C SER B 146 1.57 -0.47 -14.19
N GLU B 147 1.62 -1.81 -14.17
CA GLU B 147 0.77 -2.63 -15.01
C GLU B 147 -0.68 -2.49 -14.54
N ILE B 148 -0.85 -2.59 -13.22
CA ILE B 148 -2.14 -2.53 -12.53
C ILE B 148 -2.85 -1.17 -12.82
N LEU B 149 -2.14 -0.07 -12.57
CA LEU B 149 -2.65 1.29 -12.79
C LEU B 149 -2.88 1.60 -14.26
N GLY B 150 -2.01 1.07 -15.12
CA GLY B 150 -2.12 1.28 -16.57
C GLY B 150 -3.38 0.68 -17.16
N LYS B 151 -3.79 -0.46 -16.59
CA LYS B 151 -5.02 -1.17 -16.99
C LYS B 151 -6.23 -0.30 -16.70
N LEU B 152 -6.22 0.35 -15.53
CA LEU B 152 -7.32 1.23 -15.12
C LEU B 152 -7.45 2.47 -16.02
N GLU B 153 -6.31 2.98 -16.44
CA GLU B 153 -6.24 4.20 -17.26
C GLU B 153 -6.74 3.96 -18.68
N HIS B 154 -6.30 2.87 -19.31
CA HIS B 154 -6.74 2.59 -20.68
C HIS B 154 -8.09 1.87 -20.75
N HIS B 155 -8.49 1.27 -19.64
CA HIS B 155 -9.74 0.53 -19.58
C HIS B 155 -10.51 0.96 -18.32
N HIS B 156 -11.41 1.90 -18.50
CA HIS B 156 -12.25 2.37 -17.41
C HIS B 156 -13.69 2.36 -17.87
N HIS B 157 -14.46 1.48 -17.28
CA HIS B 157 -15.86 1.29 -17.58
C HIS B 157 -16.47 0.53 -16.42
N HIS B 158 -16.90 1.25 -15.45
CA HIS B 158 -17.44 0.67 -14.25
C HIS B 158 -18.89 0.24 -14.49
N HIS B 159 -19.66 1.12 -15.08
CA HIS B 159 -21.04 0.86 -15.35
C HIS B 159 -21.24 0.71 -16.85
N MET A 1 -3.41 -2.17 18.03
CA MET A 1 -3.02 -1.61 16.75
C MET A 1 -3.83 -0.37 16.55
N TYR A 2 -3.34 0.51 15.72
CA TYR A 2 -4.10 1.65 15.33
C TYR A 2 -4.51 1.44 13.89
N ALA A 3 -3.55 1.46 13.00
CA ALA A 3 -3.83 1.37 11.60
C ALA A 3 -2.86 0.45 10.91
N TYR A 4 -3.23 0.06 9.74
CA TYR A 4 -2.48 -0.78 8.87
C TYR A 4 -2.22 0.01 7.62
N ILE A 5 -0.98 0.22 7.33
CA ILE A 5 -0.58 0.96 6.18
C ILE A 5 -0.02 -0.02 5.18
N ASP A 6 -0.70 -0.20 4.12
CA ASP A 6 -0.29 -1.15 3.14
C ASP A 6 0.26 -0.47 1.93
N VAL A 7 1.53 -0.63 1.77
CA VAL A 7 2.30 0.00 0.74
C VAL A 7 2.71 -1.07 -0.23
N ASP A 8 2.37 -0.89 -1.45
CA ASP A 8 2.71 -1.86 -2.42
C ASP A 8 3.64 -1.23 -3.41
N ILE A 9 4.77 -1.81 -3.55
CA ILE A 9 5.84 -1.29 -4.33
C ILE A 9 6.05 -2.18 -5.55
N ASN A 10 6.41 -1.56 -6.67
CA ASN A 10 6.76 -2.20 -7.95
C ASN A 10 5.53 -2.71 -8.61
N PRO B 1 6.34 -6.03 -4.37
CA PRO B 1 6.43 -6.14 -2.93
C PRO B 1 5.22 -5.61 -2.24
N SER B 2 4.42 -6.51 -1.69
CA SER B 2 3.23 -6.09 -0.93
C SER B 2 3.57 -6.00 0.59
N ILE B 3 3.62 -4.77 1.11
CA ILE B 3 4.03 -4.49 2.50
C ILE B 3 2.84 -3.96 3.31
N GLY B 4 2.72 -4.39 4.55
CA GLY B 4 1.80 -3.79 5.45
C GLY B 4 2.48 -3.41 6.76
N LEU B 5 2.47 -2.16 7.06
CA LEU B 5 3.07 -1.63 8.26
C LEU B 5 1.98 -1.35 9.27
N VAL B 6 2.03 -2.02 10.36
CA VAL B 6 1.03 -1.85 11.38
C VAL B 6 1.53 -0.77 12.32
N ILE B 7 0.80 0.32 12.43
CA ILE B 7 1.20 1.42 13.25
C ILE B 7 0.32 1.57 14.49
N ASP B 8 0.85 2.31 15.40
CA ASP B 8 0.18 2.83 16.58
C ASP B 8 -0.29 4.27 16.26
N LYS B 9 -1.02 4.87 17.19
CA LYS B 9 -1.59 6.25 17.10
C LYS B 9 -0.51 7.33 16.91
N LYS B 10 0.74 6.99 17.23
CA LYS B 10 1.88 7.89 17.10
C LYS B 10 2.51 7.81 15.73
N GLU B 11 1.96 6.94 14.86
CA GLU B 11 2.47 6.61 13.51
C GLU B 11 3.68 5.70 13.59
N LYS B 12 3.96 5.26 14.78
CA LYS B 12 5.07 4.40 15.09
C LYS B 12 4.70 2.98 14.65
N VAL B 13 5.46 2.44 13.70
CA VAL B 13 5.23 1.08 13.23
C VAL B 13 5.58 0.13 14.36
N ILE B 14 4.62 -0.64 14.76
CA ILE B 14 4.80 -1.58 15.82
C ILE B 14 5.30 -2.91 15.27
N ASP B 15 4.87 -3.23 14.05
CA ASP B 15 5.30 -4.44 13.38
C ASP B 15 5.08 -4.30 11.89
N ALA B 16 5.92 -4.93 11.11
CA ALA B 16 5.83 -4.89 9.68
C ALA B 16 5.53 -6.29 9.17
N LYS B 17 4.39 -6.43 8.55
CA LYS B 17 3.93 -7.70 8.04
C LYS B 17 4.01 -7.76 6.50
N PRO B 18 4.72 -8.75 5.94
CA PRO B 18 4.75 -8.93 4.50
C PRO B 18 3.54 -9.74 4.05
N LEU B 19 2.79 -9.21 3.13
CA LEU B 19 1.61 -9.91 2.62
C LEU B 19 2.01 -10.86 1.54
N ASN B 20 3.09 -10.54 0.88
CA ASN B 20 3.58 -11.33 -0.19
C ASN B 20 5.07 -11.57 0.04
N ASN B 21 5.56 -12.71 -0.44
CA ASN B 21 6.96 -13.21 -0.28
C ASN B 21 8.04 -12.20 -0.70
N ASP B 22 7.72 -11.43 -1.71
CA ASP B 22 8.64 -10.45 -2.32
C ASP B 22 8.95 -9.24 -1.42
N ALA B 23 8.11 -9.02 -0.44
CA ALA B 23 8.23 -7.91 0.49
C ALA B 23 9.14 -8.21 1.65
N LYS B 24 9.30 -9.49 1.96
CA LYS B 24 10.14 -9.94 3.08
C LYS B 24 11.61 -9.39 3.02
N PRO B 25 12.36 -9.46 1.84
CA PRO B 25 13.74 -8.89 1.74
C PRO B 25 13.78 -7.36 1.94
N ILE B 26 12.73 -6.69 1.48
CA ILE B 26 12.64 -5.22 1.57
C ILE B 26 12.45 -4.80 3.03
N LEU B 27 11.58 -5.52 3.75
CA LEU B 27 11.34 -5.28 5.18
C LEU B 27 12.54 -5.64 6.02
N ASP B 28 13.29 -6.61 5.55
CA ASP B 28 14.51 -7.07 6.19
C ASP B 28 15.59 -5.98 6.21
N GLU B 29 15.77 -5.33 5.06
CA GLU B 29 16.79 -4.31 4.90
C GLU B 29 16.35 -2.93 5.41
N ALA B 30 15.10 -2.57 5.18
CA ALA B 30 14.54 -1.28 5.64
C ALA B 30 14.41 -1.26 7.15
N ALA B 31 14.01 -2.42 7.71
CA ALA B 31 13.82 -2.65 9.16
C ALA B 31 12.81 -1.64 9.79
N PRO B 32 11.56 -1.47 9.19
CA PRO B 32 10.60 -0.40 9.57
C PRO B 32 9.90 -0.62 10.92
N LYS B 33 10.20 -1.73 11.57
CA LYS B 33 9.66 -2.01 12.89
C LYS B 33 10.30 -1.07 13.91
N ASP B 34 9.46 -0.21 14.48
CA ASP B 34 9.76 0.77 15.56
C ASP B 34 10.23 2.09 14.96
N MET B 35 9.89 2.27 13.71
CA MET B 35 10.18 3.47 12.99
C MET B 35 8.87 4.23 12.74
N PRO B 36 8.88 5.59 12.74
CA PRO B 36 7.67 6.39 12.43
C PRO B 36 7.29 6.25 10.95
N LEU B 37 6.00 6.41 10.63
CA LEU B 37 5.40 6.20 9.29
C LEU B 37 6.18 6.92 8.19
N TYR B 38 6.51 8.18 8.42
CA TYR B 38 7.26 9.00 7.45
C TYR B 38 8.65 8.40 7.15
N ASP B 39 9.35 7.99 8.19
CA ASP B 39 10.74 7.51 8.06
C ASP B 39 10.77 6.05 7.59
N ALA B 40 9.77 5.28 8.03
CA ALA B 40 9.57 3.88 7.65
C ALA B 40 9.25 3.78 6.17
N LEU B 41 8.40 4.70 5.70
CA LEU B 41 8.07 4.76 4.29
C LEU B 41 9.22 5.24 3.46
N SER B 42 10.01 6.15 4.02
CA SER B 42 11.18 6.65 3.34
C SER B 42 12.22 5.50 3.16
N LYS B 43 12.30 4.58 4.15
CA LYS B 43 13.18 3.41 4.06
C LYS B 43 12.61 2.32 3.19
N ILE B 44 11.28 2.22 3.14
CA ILE B 44 10.65 1.18 2.33
C ILE B 44 10.86 1.49 0.82
N LEU B 45 10.88 2.78 0.50
CA LEU B 45 11.13 3.26 -0.83
C LEU B 45 12.63 3.25 -1.14
N ASP B 46 13.42 3.64 -0.14
CA ASP B 46 14.92 3.65 -0.16
C ASP B 46 15.48 2.33 -0.61
N ILE B 47 15.05 1.29 0.04
CA ILE B 47 15.52 -0.06 -0.24
C ILE B 47 15.02 -0.53 -1.60
N SER B 48 13.76 -0.28 -1.90
CA SER B 48 13.17 -0.70 -3.16
C SER B 48 13.79 -0.01 -4.40
N LYS B 49 14.27 1.22 -4.27
CA LYS B 49 14.87 1.92 -5.39
C LYS B 49 16.30 1.39 -5.67
N LYS B 50 16.95 0.93 -4.61
CA LYS B 50 18.30 0.39 -4.68
C LYS B 50 18.28 -1.03 -5.23
N ASN B 51 17.32 -1.80 -4.77
CA ASN B 51 17.17 -3.22 -5.13
C ASN B 51 16.62 -3.41 -6.53
N GLY B 52 15.93 -2.41 -7.02
CA GLY B 52 15.46 -2.46 -8.39
C GLY B 52 13.99 -2.77 -8.51
N TYR B 53 13.22 -2.34 -7.57
CA TYR B 53 11.79 -2.50 -7.59
C TYR B 53 11.14 -1.23 -8.10
N ILE B 54 11.66 -0.11 -7.67
CA ILE B 54 11.23 1.16 -8.21
C ILE B 54 12.38 1.86 -8.86
N ASN B 55 12.24 2.06 -10.13
CA ASN B 55 13.27 2.69 -10.92
C ASN B 55 12.83 4.09 -11.23
N SER B 56 13.77 5.00 -11.35
CA SER B 56 13.46 6.42 -11.57
C SER B 56 12.88 6.72 -12.98
N ALA B 57 12.93 5.73 -13.88
CA ALA B 57 12.37 5.88 -15.22
C ALA B 57 10.84 5.73 -15.19
N ASP B 58 10.34 4.92 -14.23
CA ASP B 58 8.91 4.75 -13.96
C ASP B 58 8.73 4.02 -12.64
N ASN B 59 8.01 4.66 -11.74
CA ASN B 59 7.82 4.15 -10.40
C ASN B 59 6.47 4.55 -9.84
N ILE B 60 5.48 3.70 -10.05
CA ILE B 60 4.17 3.92 -9.46
C ILE B 60 4.05 3.05 -8.21
N VAL B 61 3.90 3.70 -7.08
CA VAL B 61 3.79 3.02 -5.81
C VAL B 61 2.35 3.18 -5.30
N LEU B 62 1.81 2.12 -4.79
CA LEU B 62 0.46 2.08 -4.31
C LEU B 62 0.50 2.23 -2.79
N PHE B 63 -0.37 3.06 -2.28
CA PHE B 63 -0.48 3.25 -0.86
C PHE B 63 -1.90 3.09 -0.46
N SER B 64 -2.12 2.32 0.54
CA SER B 64 -3.40 2.18 1.14
C SER B 64 -3.25 2.21 2.63
N ALA B 65 -4.29 2.56 3.32
CA ALA B 65 -4.28 2.64 4.76
C ALA B 65 -5.67 2.37 5.27
N SER B 66 -5.74 1.71 6.39
CA SER B 66 -6.99 1.44 7.04
C SER B 66 -6.77 1.43 8.51
N ILE B 67 -7.65 2.03 9.24
CA ILE B 67 -7.57 2.04 10.66
C ILE B 67 -8.39 0.86 11.16
N ASN B 68 -7.71 -0.16 11.68
CA ASN B 68 -8.40 -1.39 12.12
C ASN B 68 -8.69 -1.34 13.58
N SER B 69 -9.88 -0.82 13.91
CA SER B 69 -10.43 -0.75 15.27
C SER B 69 -9.53 0.07 16.25
N GLY B 70 -8.71 0.94 15.68
CA GLY B 70 -7.76 1.71 16.45
C GLY B 70 -8.26 3.09 16.78
N ARG B 71 -9.19 3.55 15.99
CA ARG B 71 -9.77 4.84 16.17
C ARG B 71 -11.24 4.68 15.99
N ASN B 72 -11.91 4.43 17.05
CA ASN B 72 -13.34 4.26 17.00
C ASN B 72 -14.01 5.52 17.46
N ASN B 73 -14.00 5.74 18.79
CA ASN B 73 -14.63 6.89 19.50
C ASN B 73 -16.15 6.89 19.30
N VAL B 74 -16.52 7.35 18.14
CA VAL B 74 -17.86 7.41 17.67
C VAL B 74 -17.79 7.52 16.13
N SER B 75 -16.95 8.46 15.67
CA SER B 75 -16.65 8.66 14.26
C SER B 75 -15.53 9.71 14.17
N GLU B 76 -14.30 9.22 14.32
CA GLU B 76 -13.09 10.07 14.28
C GLU B 76 -12.14 9.52 13.17
N SER B 77 -12.43 8.30 12.77
CA SER B 77 -11.64 7.48 11.87
C SER B 77 -11.54 8.09 10.48
N ASP B 78 -12.65 8.69 10.02
CA ASP B 78 -12.76 9.30 8.69
C ASP B 78 -11.85 10.54 8.56
N LYS B 79 -11.54 11.16 9.69
CA LYS B 79 -10.61 12.28 9.71
C LYS B 79 -9.19 11.75 9.83
N GLY B 80 -9.01 10.81 10.77
CA GLY B 80 -7.71 10.20 11.07
C GLY B 80 -7.07 9.50 9.89
N ILE B 81 -7.90 8.90 9.04
CA ILE B 81 -7.44 8.22 7.86
C ILE B 81 -6.87 9.23 6.86
N GLN B 82 -7.47 10.44 6.81
CA GLN B 82 -7.08 11.50 5.88
C GLN B 82 -5.74 12.07 6.22
N GLU B 83 -5.42 12.06 7.52
CA GLU B 83 -4.14 12.55 8.02
C GLU B 83 -3.03 11.63 7.52
N ILE B 84 -3.33 10.35 7.55
CA ILE B 84 -2.45 9.31 7.08
C ILE B 84 -2.30 9.38 5.55
N ILE B 85 -3.42 9.56 4.83
CA ILE B 85 -3.44 9.69 3.34
C ILE B 85 -2.51 10.87 2.90
N SER B 86 -2.56 11.96 3.65
CA SER B 86 -1.75 13.14 3.40
C SER B 86 -0.25 12.89 3.64
N THR B 87 0.06 12.01 4.57
CA THR B 87 1.43 11.64 4.87
C THR B 87 1.97 10.68 3.79
N LEU B 88 1.11 9.75 3.33
CA LEU B 88 1.45 8.76 2.29
C LEU B 88 1.86 9.43 0.99
N LYS B 89 1.10 10.49 0.61
CA LYS B 89 1.41 11.22 -0.59
C LYS B 89 2.64 12.07 -0.42
N ASP B 90 2.85 12.58 0.79
CA ASP B 90 3.97 13.48 1.07
C ASP B 90 5.31 12.74 1.02
N VAL B 91 5.34 11.50 1.53
CA VAL B 91 6.57 10.67 1.46
C VAL B 91 6.84 10.27 0.01
N ALA B 92 5.78 10.07 -0.74
CA ALA B 92 5.87 9.71 -2.13
C ALA B 92 6.43 10.86 -2.98
N LYS B 93 5.99 12.09 -2.72
CA LYS B 93 6.52 13.26 -3.42
C LYS B 93 7.89 13.67 -2.92
N ASP B 94 8.18 13.31 -1.67
CA ASP B 94 9.50 13.51 -1.06
C ASP B 94 10.53 12.63 -1.76
N ALA B 95 10.15 11.39 -1.97
CA ALA B 95 10.94 10.40 -2.72
C ALA B 95 10.96 10.72 -4.23
N GLY B 96 9.89 11.30 -4.71
CA GLY B 96 9.78 11.65 -6.11
C GLY B 96 9.24 10.51 -6.95
N VAL B 97 8.29 9.77 -6.40
CA VAL B 97 7.67 8.67 -7.10
C VAL B 97 6.24 9.00 -7.45
N LYS B 98 5.67 8.24 -8.34
CA LYS B 98 4.27 8.37 -8.73
C LYS B 98 3.49 7.54 -7.76
N PHE B 99 2.30 7.92 -7.48
CA PHE B 99 1.56 7.26 -6.44
C PHE B 99 0.08 7.18 -6.75
N GLU B 100 -0.55 6.23 -6.10
CA GLU B 100 -1.97 6.13 -6.05
C GLU B 100 -2.34 5.65 -4.69
N ILE B 101 -3.26 6.34 -4.08
CA ILE B 101 -3.60 6.10 -2.71
C ILE B 101 -5.05 5.73 -2.61
N ILE B 102 -5.29 4.65 -1.95
CA ILE B 102 -6.61 4.13 -1.75
C ILE B 102 -6.88 4.00 -0.24
N PRO B 103 -7.94 4.64 0.30
CA PRO B 103 -8.35 4.36 1.66
C PRO B 103 -9.05 2.99 1.70
N SER B 104 -8.65 2.18 2.62
CA SER B 104 -9.17 0.83 2.71
C SER B 104 -10.02 0.66 3.98
N THR B 105 -10.77 -0.40 4.03
CA THR B 105 -11.63 -0.71 5.16
C THR B 105 -11.02 -1.93 5.88
N GLU B 106 -11.37 -2.18 7.15
CA GLU B 106 -10.87 -3.36 7.89
C GLU B 106 -11.39 -4.67 7.30
N GLU B 107 -12.55 -4.59 6.64
CA GLU B 107 -13.10 -5.68 5.84
C GLU B 107 -12.17 -5.98 4.68
N ASP B 108 -11.74 -4.92 3.97
CA ASP B 108 -10.88 -5.07 2.78
C ASP B 108 -9.48 -5.52 3.18
N ARG B 109 -9.10 -5.20 4.41
CA ARG B 109 -7.83 -5.62 4.99
C ARG B 109 -7.78 -7.14 5.14
N GLN B 110 -8.86 -7.73 5.66
CA GLN B 110 -8.88 -9.17 5.83
C GLN B 110 -9.11 -9.88 4.51
N LYS B 111 -9.70 -9.18 3.56
CA LYS B 111 -9.89 -9.67 2.19
C LYS B 111 -8.58 -9.62 1.42
N ALA B 112 -7.72 -8.69 1.78
CA ALA B 112 -6.42 -8.53 1.16
C ALA B 112 -5.53 -9.71 1.47
N LEU B 113 -5.50 -10.10 2.75
CA LEU B 113 -4.70 -11.23 3.18
C LEU B 113 -5.30 -12.55 2.66
N ASP B 114 -6.63 -12.58 2.55
CA ASP B 114 -7.40 -13.70 1.99
C ASP B 114 -7.03 -13.92 0.51
N GLN B 115 -6.76 -12.82 -0.19
CA GLN B 115 -6.39 -12.81 -1.61
C GLN B 115 -4.88 -12.73 -1.86
N ASN B 116 -4.06 -12.76 -0.77
CA ASN B 116 -2.55 -12.78 -0.83
C ASN B 116 -2.00 -11.54 -1.60
N LEU B 117 -2.54 -10.42 -1.24
CA LEU B 117 -2.15 -9.14 -1.79
C LEU B 117 -2.09 -8.16 -0.63
N SER B 118 -1.58 -6.97 -0.87
CA SER B 118 -1.66 -5.93 0.13
C SER B 118 -3.04 -5.32 0.03
N MET B 119 -3.39 -4.43 0.94
CA MET B 119 -4.68 -3.72 0.85
C MET B 119 -4.73 -2.88 -0.41
N GLY B 120 -3.57 -2.37 -0.81
CA GLY B 120 -3.46 -1.56 -1.98
C GLY B 120 -3.70 -2.33 -3.25
N ARG B 121 -2.94 -3.41 -3.41
CA ARG B 121 -3.00 -4.22 -4.61
C ARG B 121 -4.35 -4.95 -4.71
N TYR B 122 -4.97 -5.25 -3.57
CA TYR B 122 -6.29 -5.87 -3.52
C TYR B 122 -7.41 -4.88 -3.85
N ALA B 123 -7.35 -3.68 -3.27
CA ALA B 123 -8.39 -2.67 -3.47
C ALA B 123 -8.48 -2.24 -4.92
N ILE B 124 -7.34 -2.17 -5.57
CA ILE B 124 -7.33 -1.86 -6.97
C ILE B 124 -7.72 -3.09 -7.83
N TYR B 125 -7.37 -4.30 -7.37
CA TYR B 125 -7.79 -5.59 -8.02
C TYR B 125 -9.32 -5.71 -8.10
N VAL B 126 -10.00 -5.45 -6.98
CA VAL B 126 -11.45 -5.57 -6.93
C VAL B 126 -12.13 -4.42 -7.73
N LYS B 127 -11.47 -3.27 -7.80
CA LYS B 127 -11.95 -2.21 -8.65
C LYS B 127 -11.78 -2.61 -10.11
N ALA B 128 -10.62 -3.16 -10.44
CA ALA B 128 -10.24 -3.61 -11.80
C ALA B 128 -11.21 -4.61 -12.36
N VAL B 129 -11.61 -5.58 -11.54
CA VAL B 129 -12.54 -6.61 -11.97
C VAL B 129 -13.93 -5.99 -12.32
N GLU B 130 -14.31 -4.94 -11.58
CA GLU B 130 -15.55 -4.21 -11.85
C GLU B 130 -15.40 -3.22 -13.04
N GLU B 131 -14.19 -2.72 -13.26
CA GLU B 131 -13.88 -1.84 -14.38
C GLU B 131 -13.85 -2.59 -15.71
N GLY B 132 -13.79 -3.92 -15.67
CA GLY B 132 -13.75 -4.71 -16.88
C GLY B 132 -12.34 -5.12 -17.22
N VAL B 133 -11.48 -5.08 -16.25
CA VAL B 133 -10.12 -5.51 -16.39
C VAL B 133 -10.00 -6.89 -15.79
N ASN B 134 -9.68 -7.84 -16.63
CA ASN B 134 -9.50 -9.21 -16.21
C ASN B 134 -8.18 -9.36 -15.47
N LEU B 135 -8.28 -9.57 -14.20
CA LEU B 135 -7.16 -9.84 -13.40
C LEU B 135 -7.31 -11.15 -12.72
N ASN B 136 -6.20 -11.77 -12.56
CA ASN B 136 -6.08 -13.02 -11.87
C ASN B 136 -5.30 -12.69 -10.62
N LEU B 137 -5.43 -13.48 -9.57
CA LEU B 137 -4.65 -13.24 -8.36
C LEU B 137 -3.16 -13.39 -8.59
N GLU B 138 -2.79 -14.35 -9.44
CA GLU B 138 -1.40 -14.57 -9.80
C GLU B 138 -0.95 -13.48 -10.71
N ASP B 139 -1.80 -13.14 -11.73
CA ASP B 139 -1.45 -12.06 -12.70
C ASP B 139 -1.18 -10.77 -11.95
N ALA B 140 -2.16 -10.35 -11.13
CA ALA B 140 -2.08 -9.14 -10.31
C ALA B 140 -0.87 -9.09 -9.36
N ARG B 141 -0.44 -10.23 -8.78
CA ARG B 141 0.73 -10.16 -7.89
C ARG B 141 2.07 -10.27 -8.61
N ASN B 142 2.06 -10.85 -9.78
CA ASN B 142 3.28 -10.98 -10.59
C ASN B 142 3.52 -9.77 -11.47
N LEU B 143 2.47 -9.01 -11.75
CA LEU B 143 2.57 -7.74 -12.46
C LEU B 143 3.04 -6.66 -11.53
N SER B 144 3.25 -5.51 -12.05
CA SER B 144 3.61 -4.38 -11.26
C SER B 144 2.38 -3.48 -11.05
N VAL B 145 2.47 -2.58 -10.09
CA VAL B 145 1.46 -1.60 -9.75
C VAL B 145 1.24 -0.68 -10.96
N SER B 146 2.35 -0.31 -11.62
CA SER B 146 2.34 0.46 -12.87
C SER B 146 1.50 -0.24 -13.97
N GLU B 147 1.55 -1.58 -14.01
CA GLU B 147 0.83 -2.39 -14.96
C GLU B 147 -0.66 -2.43 -14.62
N ILE B 148 -0.97 -2.57 -13.32
CA ILE B 148 -2.35 -2.63 -12.81
C ILE B 148 -3.10 -1.31 -13.12
N LEU B 149 -2.45 -0.18 -12.78
CA LEU B 149 -2.98 1.17 -13.08
C LEU B 149 -3.11 1.37 -14.58
N GLY B 150 -2.09 0.95 -15.33
CA GLY B 150 -2.08 1.06 -16.79
C GLY B 150 -3.28 0.40 -17.44
N LYS B 151 -3.59 -0.85 -17.01
CA LYS B 151 -4.72 -1.62 -17.52
C LYS B 151 -6.05 -0.88 -17.37
N LEU B 152 -6.25 -0.27 -16.19
CA LEU B 152 -7.46 0.50 -15.88
C LEU B 152 -7.56 1.72 -16.78
N GLU B 153 -6.48 2.45 -16.86
CA GLU B 153 -6.41 3.72 -17.54
C GLU B 153 -6.69 3.63 -19.04
N HIS B 154 -6.24 2.57 -19.68
CA HIS B 154 -6.48 2.41 -21.11
C HIS B 154 -7.61 1.43 -21.44
N HIS B 155 -8.28 0.88 -20.42
CA HIS B 155 -9.40 -0.04 -20.62
C HIS B 155 -10.26 -0.09 -19.36
N HIS B 156 -11.33 0.68 -19.32
CA HIS B 156 -12.22 0.64 -18.16
C HIS B 156 -13.63 1.11 -18.52
N HIS B 157 -14.61 0.45 -17.94
CA HIS B 157 -16.00 0.83 -18.04
C HIS B 157 -16.26 1.97 -17.10
N HIS B 158 -16.96 2.97 -17.58
CA HIS B 158 -17.32 4.11 -16.76
C HIS B 158 -18.50 4.79 -17.39
N HIS B 159 -19.42 5.22 -16.58
CA HIS B 159 -20.56 5.95 -17.05
C HIS B 159 -20.59 7.31 -16.38
N MET A 1 -3.74 -1.34 18.07
CA MET A 1 -3.37 -0.92 16.73
C MET A 1 -4.11 0.37 16.42
N TYR A 2 -4.01 0.81 15.19
CA TYR A 2 -4.70 1.99 14.73
C TYR A 2 -5.04 1.82 13.28
N ALA A 3 -4.03 1.65 12.45
CA ALA A 3 -4.25 1.54 11.03
C ALA A 3 -3.21 0.68 10.36
N TYR A 4 -3.54 0.25 9.18
CA TYR A 4 -2.66 -0.50 8.32
C TYR A 4 -2.43 0.31 7.08
N ILE A 5 -1.20 0.53 6.76
CA ILE A 5 -0.81 1.24 5.58
C ILE A 5 -0.17 0.25 4.66
N ASP A 6 -0.80 0.02 3.60
CA ASP A 6 -0.34 -0.88 2.64
C ASP A 6 0.43 -0.10 1.62
N VAL A 7 1.57 -0.60 1.28
CA VAL A 7 2.44 0.01 0.34
C VAL A 7 2.80 -1.05 -0.65
N ASP A 8 2.49 -0.85 -1.87
CA ASP A 8 2.88 -1.79 -2.85
C ASP A 8 3.84 -1.15 -3.82
N ILE A 9 4.90 -1.86 -4.07
CA ILE A 9 5.99 -1.47 -4.92
C ILE A 9 6.07 -2.51 -6.02
N ASN A 10 6.14 -2.06 -7.29
CA ASN A 10 6.38 -2.90 -8.52
C ASN A 10 5.69 -4.27 -8.48
N PRO B 1 6.51 -6.23 -4.78
CA PRO B 1 6.62 -6.23 -3.34
C PRO B 1 5.42 -5.64 -2.64
N SER B 2 4.66 -6.51 -1.99
CA SER B 2 3.47 -6.11 -1.25
C SER B 2 3.78 -5.94 0.29
N ILE B 3 3.74 -4.70 0.78
CA ILE B 3 4.11 -4.34 2.18
C ILE B 3 2.87 -3.84 2.96
N GLY B 4 2.75 -4.22 4.24
CA GLY B 4 1.75 -3.67 5.10
C GLY B 4 2.38 -3.16 6.40
N LEU B 5 2.26 -1.88 6.63
CA LEU B 5 2.79 -1.21 7.80
C LEU B 5 1.68 -0.96 8.79
N VAL B 6 1.72 -1.64 9.90
CA VAL B 6 0.72 -1.50 10.93
C VAL B 6 1.21 -0.44 11.89
N ILE B 7 0.48 0.63 12.03
CA ILE B 7 0.88 1.73 12.89
C ILE B 7 0.03 1.81 14.15
N ASP B 8 0.55 2.56 15.13
CA ASP B 8 -0.17 2.88 16.35
C ASP B 8 -0.88 4.21 16.13
N LYS B 9 -1.51 4.69 17.17
CA LYS B 9 -2.31 5.91 17.19
C LYS B 9 -1.55 7.19 16.73
N LYS B 10 -0.21 7.21 16.85
CA LYS B 10 0.56 8.36 16.42
C LYS B 10 1.50 7.96 15.27
N GLU B 11 1.06 7.02 14.45
CA GLU B 11 1.73 6.67 13.17
C GLU B 11 3.11 5.98 13.33
N LYS B 12 3.36 5.36 14.45
CA LYS B 12 4.59 4.58 14.58
C LYS B 12 4.30 3.20 14.11
N VAL B 13 5.03 2.73 13.12
CA VAL B 13 4.86 1.40 12.58
C VAL B 13 5.32 0.41 13.62
N ILE B 14 4.40 -0.27 14.23
CA ILE B 14 4.68 -1.22 15.28
C ILE B 14 5.07 -2.57 14.69
N ASP B 15 4.53 -2.88 13.53
CA ASP B 15 4.85 -4.09 12.83
C ASP B 15 4.77 -3.87 11.36
N ALA B 16 5.74 -4.35 10.65
CA ALA B 16 5.77 -4.28 9.23
C ALA B 16 5.69 -5.69 8.74
N LYS B 17 4.64 -6.01 8.05
CA LYS B 17 4.40 -7.33 7.58
C LYS B 17 4.39 -7.39 6.07
N PRO B 18 4.99 -8.42 5.48
CA PRO B 18 4.90 -8.62 4.06
C PRO B 18 3.64 -9.41 3.70
N LEU B 19 2.90 -8.91 2.75
CA LEU B 19 1.69 -9.59 2.30
C LEU B 19 2.00 -10.50 1.13
N ASN B 20 3.23 -10.43 0.68
CA ASN B 20 3.72 -11.23 -0.39
C ASN B 20 5.23 -11.45 -0.14
N ASN B 21 5.72 -12.60 -0.57
CA ASN B 21 7.12 -13.09 -0.34
C ASN B 21 8.22 -12.13 -0.80
N ASP B 22 7.95 -11.44 -1.87
CA ASP B 22 8.91 -10.52 -2.51
C ASP B 22 9.27 -9.30 -1.66
N ALA B 23 8.40 -8.94 -0.76
CA ALA B 23 8.58 -7.78 0.10
C ALA B 23 9.36 -8.07 1.37
N LYS B 24 9.49 -9.36 1.72
CA LYS B 24 10.19 -9.77 2.93
C LYS B 24 11.65 -9.23 3.03
N PRO B 25 12.56 -9.44 1.98
CA PRO B 25 13.93 -8.92 2.02
C PRO B 25 14.00 -7.38 2.09
N ILE B 26 13.01 -6.71 1.49
CA ILE B 26 12.93 -5.25 1.51
C ILE B 26 12.66 -4.75 2.92
N LEU B 27 11.73 -5.38 3.60
CA LEU B 27 11.37 -5.02 4.97
C LEU B 27 12.44 -5.45 5.96
N ASP B 28 13.19 -6.45 5.59
CA ASP B 28 14.34 -6.94 6.34
C ASP B 28 15.45 -5.88 6.38
N GLU B 29 15.78 -5.34 5.20
CA GLU B 29 16.83 -4.33 5.05
C GLU B 29 16.34 -2.93 5.52
N ALA B 30 15.04 -2.70 5.42
CA ALA B 30 14.45 -1.44 5.86
C ALA B 30 14.31 -1.38 7.38
N ALA B 31 13.79 -2.45 7.97
CA ALA B 31 13.51 -2.58 9.41
C ALA B 31 12.59 -1.43 9.93
N PRO B 32 11.32 -1.33 9.44
CA PRO B 32 10.41 -0.24 9.79
C PRO B 32 9.63 -0.47 11.08
N LYS B 33 9.99 -1.49 11.87
CA LYS B 33 9.30 -1.73 13.12
C LYS B 33 9.86 -0.81 14.19
N ASP B 34 8.94 -0.09 14.84
CA ASP B 34 9.17 0.94 15.88
C ASP B 34 9.71 2.23 15.26
N MET B 35 9.46 2.37 13.97
CA MET B 35 9.94 3.47 13.18
C MET B 35 8.71 4.29 12.76
N PRO B 36 8.76 5.66 12.81
CA PRO B 36 7.61 6.50 12.44
C PRO B 36 7.31 6.39 10.94
N LEU B 37 5.99 6.36 10.59
CA LEU B 37 5.42 6.13 9.22
C LEU B 37 6.20 6.88 8.13
N TYR B 38 6.46 8.15 8.34
CA TYR B 38 7.14 9.00 7.35
C TYR B 38 8.56 8.48 7.04
N ASP B 39 9.29 8.18 8.09
CA ASP B 39 10.69 7.76 8.01
C ASP B 39 10.78 6.28 7.58
N ALA B 40 9.85 5.48 8.09
CA ALA B 40 9.70 4.07 7.79
C ALA B 40 9.40 3.86 6.32
N LEU B 41 8.39 4.56 5.82
CA LEU B 41 7.94 4.47 4.43
C LEU B 41 9.03 4.95 3.46
N SER B 42 9.78 5.96 3.88
CA SER B 42 10.87 6.49 3.10
C SER B 42 12.00 5.42 2.98
N LYS B 43 12.10 4.55 4.00
CA LYS B 43 13.05 3.47 4.05
C LYS B 43 12.56 2.28 3.21
N ILE B 44 11.20 2.05 3.13
CA ILE B 44 10.63 1.04 2.17
C ILE B 44 11.02 1.42 0.75
N LEU B 45 10.82 2.69 0.43
CA LEU B 45 11.10 3.24 -0.88
C LEU B 45 12.60 3.21 -1.17
N ASP B 46 13.39 3.54 -0.16
CA ASP B 46 14.86 3.54 -0.22
C ASP B 46 15.41 2.17 -0.54
N ILE B 47 14.93 1.19 0.18
CA ILE B 47 15.37 -0.17 0.02
C ILE B 47 14.83 -0.79 -1.30
N SER B 48 13.62 -0.42 -1.72
CA SER B 48 13.05 -0.87 -2.99
C SER B 48 13.86 -0.34 -4.18
N LYS B 49 14.35 0.88 -4.02
CA LYS B 49 15.22 1.54 -4.97
C LYS B 49 16.58 0.81 -5.05
N LYS B 50 17.16 0.53 -3.89
CA LYS B 50 18.43 -0.24 -3.76
C LYS B 50 18.30 -1.69 -4.30
N ASN B 51 17.12 -2.27 -4.15
CA ASN B 51 16.81 -3.61 -4.67
C ASN B 51 16.52 -3.60 -6.16
N GLY B 52 16.29 -2.41 -6.71
CA GLY B 52 16.12 -2.25 -8.15
C GLY B 52 14.68 -2.39 -8.64
N TYR B 53 13.71 -2.24 -7.76
CA TYR B 53 12.30 -2.39 -8.14
C TYR B 53 11.69 -1.11 -8.69
N ILE B 54 12.11 0.01 -8.19
CA ILE B 54 11.59 1.27 -8.66
C ILE B 54 12.65 2.06 -9.39
N ASN B 55 12.32 2.46 -10.59
CA ASN B 55 13.21 3.27 -11.42
C ASN B 55 12.61 4.65 -11.49
N SER B 56 13.42 5.64 -11.78
CA SER B 56 13.00 7.04 -11.75
C SER B 56 11.94 7.43 -12.83
N ALA B 57 11.91 6.68 -13.94
CA ALA B 57 10.97 6.98 -15.01
C ALA B 57 9.60 6.40 -14.71
N ASP B 58 9.56 5.28 -14.05
CA ASP B 58 8.32 4.67 -13.70
C ASP B 58 8.41 4.02 -12.35
N ASN B 59 7.79 4.66 -11.43
CA ASN B 59 7.73 4.25 -10.06
C ASN B 59 6.37 4.56 -9.48
N ILE B 60 5.44 3.65 -9.62
CA ILE B 60 4.12 3.86 -9.06
C ILE B 60 4.06 3.13 -7.74
N VAL B 61 3.87 3.89 -6.70
CA VAL B 61 3.75 3.35 -5.39
C VAL B 61 2.29 3.39 -5.00
N LEU B 62 1.79 2.28 -4.65
CA LEU B 62 0.42 2.13 -4.32
C LEU B 62 0.31 2.22 -2.80
N PHE B 63 -0.68 2.93 -2.34
CA PHE B 63 -0.93 3.08 -0.95
C PHE B 63 -2.36 2.75 -0.65
N SER B 64 -2.60 2.04 0.40
CA SER B 64 -3.94 1.79 0.88
C SER B 64 -3.96 1.84 2.38
N ALA B 65 -4.79 2.68 2.94
CA ALA B 65 -4.80 2.83 4.37
C ALA B 65 -6.18 2.54 4.92
N SER B 66 -6.21 1.74 5.95
CA SER B 66 -7.43 1.38 6.61
C SER B 66 -7.26 1.49 8.11
N ILE B 67 -8.24 2.02 8.78
CA ILE B 67 -8.21 2.09 10.21
C ILE B 67 -8.82 0.82 10.76
N ASN B 68 -8.00 0.03 11.41
CA ASN B 68 -8.41 -1.25 11.93
C ASN B 68 -8.64 -1.17 13.41
N SER B 69 -9.90 -0.87 13.77
CA SER B 69 -10.42 -0.89 15.17
C SER B 69 -9.85 0.18 16.15
N GLY B 70 -8.58 0.58 15.98
CA GLY B 70 -7.90 1.47 16.93
C GLY B 70 -8.26 2.95 16.86
N ARG B 71 -9.32 3.26 16.17
CA ARG B 71 -9.88 4.57 16.17
C ARG B 71 -11.32 4.42 15.77
N ASN B 72 -12.13 4.06 16.72
CA ASN B 72 -13.53 3.92 16.48
C ASN B 72 -14.26 5.08 17.14
N ASN B 73 -14.36 6.16 16.41
CA ASN B 73 -14.89 7.41 16.95
C ASN B 73 -15.66 8.15 15.83
N VAL B 74 -15.92 7.43 14.72
CA VAL B 74 -16.67 7.87 13.51
C VAL B 74 -16.12 9.18 12.87
N SER B 75 -16.48 10.31 13.44
CA SER B 75 -16.10 11.62 12.97
C SER B 75 -14.62 11.87 13.12
N GLU B 76 -14.04 11.41 14.23
CA GLU B 76 -12.60 11.61 14.45
C GLU B 76 -11.79 10.63 13.60
N SER B 77 -12.39 9.49 13.26
CA SER B 77 -11.77 8.48 12.41
C SER B 77 -11.63 9.02 10.97
N ASP B 78 -12.55 9.93 10.59
CA ASP B 78 -12.57 10.59 9.29
C ASP B 78 -11.33 11.49 9.11
N LYS B 79 -10.94 12.18 10.17
CA LYS B 79 -9.76 13.07 10.12
C LYS B 79 -8.51 12.26 10.36
N GLY B 80 -8.68 11.22 11.15
CA GLY B 80 -7.61 10.28 11.48
C GLY B 80 -7.03 9.60 10.24
N ILE B 81 -7.91 9.17 9.33
CA ILE B 81 -7.48 8.55 8.09
C ILE B 81 -6.79 9.60 7.20
N GLN B 82 -7.25 10.86 7.27
CA GLN B 82 -6.70 11.98 6.47
C GLN B 82 -5.29 12.34 6.90
N GLU B 83 -4.98 12.14 8.20
CA GLU B 83 -3.63 12.38 8.75
C GLU B 83 -2.66 11.47 8.05
N ILE B 84 -3.07 10.22 7.97
CA ILE B 84 -2.32 9.15 7.32
C ILE B 84 -2.16 9.44 5.82
N ILE B 85 -3.28 9.80 5.14
CA ILE B 85 -3.31 10.11 3.68
C ILE B 85 -2.28 11.23 3.34
N SER B 86 -2.19 12.21 4.22
CA SER B 86 -1.29 13.33 4.10
C SER B 86 0.19 12.89 4.13
N THR B 87 0.50 11.96 5.03
CA THR B 87 1.85 11.45 5.17
C THR B 87 2.23 10.62 3.95
N LEU B 88 1.30 9.80 3.45
CA LEU B 88 1.52 8.92 2.28
C LEU B 88 1.92 9.71 1.05
N LYS B 89 1.19 10.78 0.79
CA LYS B 89 1.48 11.62 -0.36
C LYS B 89 2.69 12.53 -0.14
N ASP B 90 3.06 12.78 1.13
CA ASP B 90 4.20 13.66 1.42
C ASP B 90 5.51 12.87 1.30
N VAL B 91 5.49 11.57 1.66
CA VAL B 91 6.66 10.68 1.48
C VAL B 91 6.85 10.41 -0.03
N ALA B 92 5.74 10.45 -0.76
CA ALA B 92 5.76 10.30 -2.18
C ALA B 92 6.41 11.52 -2.87
N LYS B 93 6.31 12.71 -2.23
CA LYS B 93 7.00 13.93 -2.71
C LYS B 93 8.48 13.81 -2.43
N ASP B 94 8.78 13.25 -1.24
CA ASP B 94 10.14 12.99 -0.73
C ASP B 94 10.92 12.09 -1.67
N ALA B 95 10.29 11.05 -2.07
CA ALA B 95 10.87 10.10 -3.01
C ALA B 95 10.81 10.61 -4.45
N GLY B 96 9.76 11.36 -4.76
CA GLY B 96 9.54 11.88 -6.10
C GLY B 96 8.96 10.83 -7.00
N VAL B 97 8.00 10.09 -6.47
CA VAL B 97 7.42 8.97 -7.17
C VAL B 97 5.97 9.26 -7.60
N LYS B 98 5.40 8.33 -8.34
CA LYS B 98 4.01 8.37 -8.76
C LYS B 98 3.28 7.61 -7.67
N PHE B 99 2.06 7.97 -7.37
CA PHE B 99 1.37 7.33 -6.28
C PHE B 99 -0.12 7.22 -6.54
N GLU B 100 -0.73 6.23 -5.93
CA GLU B 100 -2.16 6.07 -5.97
C GLU B 100 -2.61 5.56 -4.61
N ILE B 101 -3.40 6.35 -3.94
CA ILE B 101 -3.86 6.03 -2.60
C ILE B 101 -5.33 5.59 -2.63
N ILE B 102 -5.59 4.44 -2.05
CA ILE B 102 -6.93 3.89 -1.94
C ILE B 102 -7.25 3.74 -0.43
N PRO B 103 -8.16 4.53 0.13
CA PRO B 103 -8.63 4.27 1.50
C PRO B 103 -9.46 2.97 1.58
N SER B 104 -9.00 2.09 2.42
CA SER B 104 -9.54 0.76 2.56
C SER B 104 -10.31 0.60 3.89
N THR B 105 -10.86 -0.59 4.10
CA THR B 105 -11.62 -0.93 5.29
C THR B 105 -10.84 -2.07 6.01
N GLU B 106 -11.17 -2.35 7.28
CA GLU B 106 -10.51 -3.46 8.02
C GLU B 106 -10.95 -4.83 7.45
N GLU B 107 -12.16 -4.85 6.91
CA GLU B 107 -12.73 -5.99 6.22
C GLU B 107 -11.90 -6.26 4.95
N ASP B 108 -11.57 -5.17 4.24
CA ASP B 108 -10.76 -5.21 2.99
C ASP B 108 -9.37 -5.75 3.29
N ARG B 109 -8.85 -5.37 4.46
CA ARG B 109 -7.59 -5.85 5.01
C ARG B 109 -7.57 -7.39 5.12
N GLN B 110 -8.64 -7.99 5.64
CA GLN B 110 -8.67 -9.43 5.77
C GLN B 110 -8.95 -10.15 4.45
N LYS B 111 -9.57 -9.44 3.51
CA LYS B 111 -9.83 -9.97 2.17
C LYS B 111 -8.54 -9.99 1.34
N ALA B 112 -7.70 -8.98 1.57
CA ALA B 112 -6.42 -8.82 0.91
C ALA B 112 -5.48 -9.96 1.26
N LEU B 113 -5.27 -10.17 2.57
CA LEU B 113 -4.38 -11.21 3.07
C LEU B 113 -4.88 -12.63 2.76
N ASP B 114 -6.21 -12.75 2.60
CA ASP B 114 -6.85 -14.02 2.25
C ASP B 114 -6.53 -14.40 0.79
N GLN B 115 -6.31 -13.39 -0.04
CA GLN B 115 -6.00 -13.55 -1.46
C GLN B 115 -4.49 -13.48 -1.72
N ASN B 116 -3.74 -13.29 -0.63
CA ASN B 116 -2.24 -13.24 -0.58
C ASN B 116 -1.74 -12.00 -1.30
N LEU B 117 -2.51 -10.97 -1.21
CA LEU B 117 -2.19 -9.73 -1.80
C LEU B 117 -2.14 -8.71 -0.71
N SER B 118 -1.66 -7.59 -1.05
CA SER B 118 -1.68 -6.43 -0.21
C SER B 118 -3.05 -5.77 -0.35
N MET B 119 -3.35 -4.77 0.48
CA MET B 119 -4.61 -4.07 0.39
C MET B 119 -4.67 -3.25 -0.86
N GLY B 120 -3.53 -2.68 -1.25
CA GLY B 120 -3.46 -1.89 -2.44
C GLY B 120 -3.68 -2.70 -3.66
N ARG B 121 -2.99 -3.82 -3.74
CA ARG B 121 -3.05 -4.67 -4.90
C ARG B 121 -4.40 -5.44 -4.96
N TYR B 122 -5.04 -5.67 -3.80
CA TYR B 122 -6.36 -6.32 -3.74
C TYR B 122 -7.50 -5.33 -4.04
N ALA B 123 -7.44 -4.12 -3.47
CA ALA B 123 -8.48 -3.10 -3.68
C ALA B 123 -8.54 -2.69 -5.13
N ILE B 124 -7.39 -2.62 -5.74
CA ILE B 124 -7.28 -2.34 -7.12
C ILE B 124 -7.60 -3.59 -8.01
N TYR B 125 -7.35 -4.81 -7.48
CA TYR B 125 -7.76 -6.08 -8.13
C TYR B 125 -9.29 -6.14 -8.26
N VAL B 126 -9.99 -5.82 -7.18
CA VAL B 126 -11.43 -5.85 -7.19
C VAL B 126 -11.98 -4.71 -8.07
N LYS B 127 -11.30 -3.56 -8.08
CA LYS B 127 -11.68 -2.43 -8.94
C LYS B 127 -11.51 -2.84 -10.41
N ALA B 128 -10.44 -3.57 -10.69
CA ALA B 128 -10.12 -4.07 -12.02
C ALA B 128 -11.17 -5.05 -12.53
N VAL B 129 -11.57 -5.98 -11.67
CA VAL B 129 -12.57 -6.99 -12.05
C VAL B 129 -13.97 -6.32 -12.23
N GLU B 130 -14.21 -5.19 -11.54
CA GLU B 130 -15.43 -4.43 -11.71
C GLU B 130 -15.43 -3.72 -13.06
N GLU B 131 -14.29 -3.16 -13.45
CA GLU B 131 -14.15 -2.43 -14.71
C GLU B 131 -14.14 -3.31 -15.94
N GLY B 132 -13.82 -4.58 -15.74
CA GLY B 132 -13.74 -5.51 -16.84
C GLY B 132 -12.30 -5.71 -17.31
N VAL B 133 -11.37 -5.54 -16.40
CA VAL B 133 -9.96 -5.78 -16.64
C VAL B 133 -9.67 -7.20 -16.20
N ASN B 134 -8.95 -7.95 -17.01
CA ASN B 134 -8.69 -9.36 -16.75
C ASN B 134 -7.56 -9.54 -15.74
N LEU B 135 -7.94 -9.88 -14.53
CA LEU B 135 -6.99 -10.23 -13.50
C LEU B 135 -7.40 -11.49 -12.76
N ASN B 136 -6.40 -12.23 -12.43
CA ASN B 136 -6.47 -13.40 -11.58
C ASN B 136 -5.58 -13.07 -10.39
N LEU B 137 -5.63 -13.84 -9.30
CA LEU B 137 -4.79 -13.57 -8.11
C LEU B 137 -3.34 -13.73 -8.46
N GLU B 138 -3.07 -14.70 -9.31
CA GLU B 138 -1.73 -14.99 -9.79
C GLU B 138 -1.21 -13.84 -10.63
N ASP B 139 -2.03 -13.35 -11.56
CA ASP B 139 -1.66 -12.19 -12.41
C ASP B 139 -1.42 -10.97 -11.56
N ALA B 140 -2.29 -10.76 -10.56
CA ALA B 140 -2.22 -9.66 -9.63
C ALA B 140 -0.85 -9.56 -8.94
N ARG B 141 -0.40 -10.64 -8.26
CA ARG B 141 0.92 -10.63 -7.59
C ARG B 141 2.13 -10.70 -8.55
N ASN B 142 1.94 -11.21 -9.75
CA ASN B 142 3.07 -11.38 -10.69
C ASN B 142 3.26 -10.25 -11.69
N LEU B 143 2.27 -9.39 -11.84
CA LEU B 143 2.42 -8.21 -12.65
C LEU B 143 2.95 -7.08 -11.79
N SER B 144 3.20 -5.97 -12.38
CA SER B 144 3.66 -4.84 -11.65
C SER B 144 2.52 -3.86 -11.42
N VAL B 145 2.67 -3.02 -10.39
CA VAL B 145 1.76 -1.92 -10.04
C VAL B 145 1.58 -1.00 -11.26
N SER B 146 2.67 -0.83 -12.01
CA SER B 146 2.74 -0.12 -13.26
C SER B 146 1.67 -0.62 -14.25
N GLU B 147 1.62 -1.95 -14.44
CA GLU B 147 0.66 -2.58 -15.31
C GLU B 147 -0.75 -2.46 -14.78
N ILE B 148 -0.94 -2.83 -13.51
CA ILE B 148 -2.28 -2.86 -12.86
C ILE B 148 -2.98 -1.46 -12.94
N LEU B 149 -2.25 -0.41 -12.57
CA LEU B 149 -2.77 0.96 -12.57
C LEU B 149 -2.96 1.51 -13.97
N GLY B 150 -2.01 1.21 -14.85
CA GLY B 150 -2.06 1.69 -16.22
C GLY B 150 -3.24 1.11 -16.99
N LYS B 151 -3.65 -0.11 -16.62
CA LYS B 151 -4.78 -0.75 -17.24
C LYS B 151 -6.06 -0.05 -16.82
N LEU B 152 -6.14 0.37 -15.56
CA LEU B 152 -7.32 1.10 -15.06
C LEU B 152 -7.45 2.48 -15.68
N GLU B 153 -6.33 3.08 -16.07
CA GLU B 153 -6.32 4.41 -16.68
C GLU B 153 -6.99 4.40 -18.05
N HIS B 154 -6.71 3.38 -18.83
CA HIS B 154 -7.24 3.33 -20.20
C HIS B 154 -8.36 2.30 -20.43
N HIS B 155 -8.67 1.52 -19.43
CA HIS B 155 -9.70 0.48 -19.58
C HIS B 155 -10.76 0.68 -18.48
N HIS B 156 -10.91 1.93 -18.02
CA HIS B 156 -11.92 2.28 -17.03
C HIS B 156 -13.20 2.53 -17.77
N HIS B 157 -14.00 1.53 -17.84
CA HIS B 157 -15.24 1.59 -18.58
C HIS B 157 -16.38 1.23 -17.69
N HIS B 158 -16.28 0.01 -17.07
CA HIS B 158 -17.29 -0.59 -16.18
C HIS B 158 -18.54 -0.98 -17.00
N HIS B 159 -19.31 0.02 -17.37
CA HIS B 159 -20.46 -0.08 -18.23
C HIS B 159 -20.97 1.32 -18.45
N MET A 1 -2.66 -2.01 17.72
CA MET A 1 -3.14 -1.68 16.37
C MET A 1 -3.75 -0.32 16.37
N TYR A 2 -3.92 0.19 15.17
CA TYR A 2 -4.61 1.41 14.90
C TYR A 2 -4.94 1.40 13.45
N ALA A 3 -3.92 1.43 12.62
CA ALA A 3 -4.10 1.43 11.21
C ALA A 3 -3.09 0.55 10.53
N TYR A 4 -3.43 0.14 9.37
CA TYR A 4 -2.60 -0.67 8.53
C TYR A 4 -2.33 0.09 7.29
N ILE A 5 -1.10 0.25 6.95
CA ILE A 5 -0.72 0.92 5.74
C ILE A 5 -0.08 -0.11 4.86
N ASP A 6 -0.72 -0.43 3.82
CA ASP A 6 -0.21 -1.36 2.88
C ASP A 6 0.36 -0.64 1.73
N VAL A 7 1.63 -0.82 1.59
CA VAL A 7 2.42 -0.19 0.60
C VAL A 7 2.69 -1.23 -0.44
N ASP A 8 2.26 -0.98 -1.60
CA ASP A 8 2.38 -1.92 -2.63
C ASP A 8 3.27 -1.38 -3.69
N ILE A 9 4.37 -2.00 -3.78
CA ILE A 9 5.43 -1.65 -4.67
C ILE A 9 5.44 -2.73 -5.78
N ASN A 10 5.96 -2.39 -6.98
CA ASN A 10 6.03 -3.29 -8.17
C ASN A 10 6.40 -4.73 -7.83
N PRO B 1 6.91 -5.73 -4.61
CA PRO B 1 6.54 -6.51 -3.46
C PRO B 1 5.43 -5.82 -2.69
N SER B 2 4.63 -6.60 -2.01
CA SER B 2 3.50 -6.10 -1.27
C SER B 2 3.82 -6.08 0.26
N ILE B 3 3.86 -4.88 0.84
CA ILE B 3 4.25 -4.65 2.26
C ILE B 3 3.03 -4.11 3.05
N GLY B 4 2.90 -4.48 4.30
CA GLY B 4 1.93 -3.87 5.18
C GLY B 4 2.58 -3.40 6.47
N LEU B 5 2.53 -2.12 6.71
CA LEU B 5 3.08 -1.49 7.89
C LEU B 5 1.96 -1.28 8.88
N VAL B 6 2.02 -1.95 9.98
CA VAL B 6 0.99 -1.84 11.00
C VAL B 6 1.40 -0.75 11.95
N ILE B 7 0.63 0.29 12.05
CA ILE B 7 0.94 1.35 12.98
C ILE B 7 0.01 1.31 14.16
N ASP B 8 0.40 1.97 15.19
CA ASP B 8 -0.42 2.13 16.35
C ASP B 8 -0.83 3.61 16.41
N LYS B 9 -1.41 4.03 17.52
CA LYS B 9 -2.07 5.37 17.66
C LYS B 9 -1.14 6.57 17.54
N LYS B 10 0.15 6.35 17.57
CA LYS B 10 1.07 7.41 17.39
C LYS B 10 1.91 7.29 16.15
N GLU B 11 1.34 6.59 15.15
CA GLU B 11 1.90 6.41 13.80
C GLU B 11 3.22 5.66 13.82
N LYS B 12 3.46 4.98 14.91
CA LYS B 12 4.64 4.18 15.07
C LYS B 12 4.34 2.83 14.46
N VAL B 13 5.16 2.40 13.50
CA VAL B 13 4.99 1.09 12.90
C VAL B 13 5.46 0.08 13.91
N ILE B 14 4.54 -0.64 14.46
CA ILE B 14 4.81 -1.59 15.50
C ILE B 14 5.29 -2.91 14.91
N ASP B 15 4.81 -3.25 13.72
CA ASP B 15 5.23 -4.43 13.00
C ASP B 15 5.01 -4.22 11.53
N ALA B 16 5.90 -4.74 10.74
CA ALA B 16 5.81 -4.69 9.32
C ALA B 16 5.67 -6.10 8.81
N LYS B 17 4.56 -6.36 8.17
CA LYS B 17 4.23 -7.68 7.68
C LYS B 17 4.28 -7.76 6.15
N PRO B 18 4.94 -8.79 5.58
CA PRO B 18 5.00 -8.94 4.15
C PRO B 18 3.82 -9.78 3.61
N LEU B 19 3.14 -9.23 2.61
CA LEU B 19 2.00 -9.90 1.96
C LEU B 19 2.49 -10.62 0.71
N ASN B 20 3.76 -10.46 0.46
CA ASN B 20 4.47 -11.08 -0.60
C ASN B 20 5.80 -11.52 0.00
N ASN B 21 6.28 -12.69 -0.36
CA ASN B 21 7.55 -13.26 0.15
C ASN B 21 8.75 -12.45 -0.37
N ASP B 22 8.56 -11.78 -1.48
CA ASP B 22 9.56 -10.90 -2.07
C ASP B 22 9.72 -9.58 -1.30
N ALA B 23 8.78 -9.31 -0.39
CA ALA B 23 8.82 -8.10 0.43
C ALA B 23 9.73 -8.25 1.64
N LYS B 24 9.96 -9.50 2.07
CA LYS B 24 10.82 -9.83 3.21
C LYS B 24 12.25 -9.16 3.15
N PRO B 25 13.05 -9.23 1.99
CA PRO B 25 14.39 -8.58 1.91
C PRO B 25 14.32 -7.04 1.98
N ILE B 26 13.23 -6.48 1.49
CA ILE B 26 13.01 -5.03 1.47
C ILE B 26 12.75 -4.56 2.92
N LEU B 27 11.99 -5.37 3.66
CA LEU B 27 11.71 -5.12 5.08
C LEU B 27 12.95 -5.27 5.94
N ASP B 28 13.87 -6.09 5.49
CA ASP B 28 15.14 -6.33 6.18
C ASP B 28 16.02 -5.09 6.17
N GLU B 29 16.26 -4.56 4.97
CA GLU B 29 17.15 -3.43 4.78
C GLU B 29 16.53 -2.10 5.24
N ALA B 30 15.21 -2.02 5.18
CA ALA B 30 14.48 -0.85 5.65
C ALA B 30 14.38 -0.88 7.18
N ALA B 31 14.05 -2.06 7.70
CA ALA B 31 13.84 -2.36 9.14
C ALA B 31 12.79 -1.41 9.81
N PRO B 32 11.54 -1.29 9.23
CA PRO B 32 10.55 -0.25 9.62
C PRO B 32 9.82 -0.53 10.94
N LYS B 33 10.22 -1.56 11.64
CA LYS B 33 9.59 -1.90 12.89
C LYS B 33 10.19 -1.08 14.02
N ASP B 34 9.31 -0.29 14.63
CA ASP B 34 9.52 0.63 15.76
C ASP B 34 10.08 1.94 15.22
N MET B 35 9.70 2.21 14.00
CA MET B 35 10.03 3.42 13.32
C MET B 35 8.77 4.25 13.09
N PRO B 36 8.89 5.61 13.08
CA PRO B 36 7.76 6.50 12.73
C PRO B 36 7.34 6.29 11.27
N LEU B 37 6.03 6.41 11.00
CA LEU B 37 5.38 6.16 9.67
C LEU B 37 6.14 6.83 8.54
N TYR B 38 6.45 8.12 8.70
CA TYR B 38 7.13 8.92 7.69
C TYR B 38 8.52 8.35 7.32
N ASP B 39 9.29 8.00 8.34
CA ASP B 39 10.67 7.55 8.13
C ASP B 39 10.72 6.07 7.70
N ALA B 40 9.77 5.30 8.23
CA ALA B 40 9.57 3.88 7.89
C ALA B 40 9.15 3.72 6.42
N LEU B 41 8.29 4.64 5.98
CA LEU B 41 7.81 4.65 4.62
C LEU B 41 8.89 5.16 3.68
N SER B 42 9.72 6.10 4.17
CA SER B 42 10.85 6.64 3.42
C SER B 42 11.85 5.50 3.15
N LYS B 43 12.07 4.66 4.17
CA LYS B 43 12.94 3.52 4.07
C LYS B 43 12.39 2.48 3.10
N ILE B 44 11.12 2.15 3.22
CA ILE B 44 10.53 1.09 2.42
C ILE B 44 10.53 1.44 0.90
N LEU B 45 10.45 2.74 0.61
CA LEU B 45 10.45 3.22 -0.77
C LEU B 45 11.86 3.31 -1.31
N ASP B 46 12.78 3.77 -0.48
CA ASP B 46 14.17 3.92 -0.89
C ASP B 46 14.82 2.56 -1.10
N ILE B 47 14.54 1.63 -0.20
CA ILE B 47 15.10 0.28 -0.28
C ILE B 47 14.59 -0.47 -1.52
N SER B 48 13.32 -0.29 -1.86
CA SER B 48 12.79 -0.95 -3.02
C SER B 48 13.33 -0.37 -4.34
N LYS B 49 13.66 0.95 -4.35
CA LYS B 49 14.29 1.53 -5.53
C LYS B 49 15.78 1.16 -5.63
N LYS B 50 16.44 0.94 -4.46
CA LYS B 50 17.83 0.42 -4.43
C LYS B 50 17.87 -1.00 -5.02
N ASN B 51 16.81 -1.76 -4.75
CA ASN B 51 16.68 -3.12 -5.25
C ASN B 51 16.05 -3.21 -6.64
N GLY B 52 15.77 -2.05 -7.25
CA GLY B 52 15.30 -1.98 -8.63
C GLY B 52 13.85 -2.41 -8.88
N TYR B 53 13.04 -2.55 -7.83
CA TYR B 53 11.63 -2.93 -7.99
C TYR B 53 10.87 -1.75 -8.54
N ILE B 54 11.09 -0.62 -7.96
CA ILE B 54 10.59 0.61 -8.50
C ILE B 54 11.74 1.33 -9.17
N ASN B 55 11.51 1.78 -10.36
CA ASN B 55 12.58 2.36 -11.18
C ASN B 55 12.48 3.84 -11.07
N SER B 56 13.57 4.54 -11.25
CA SER B 56 13.51 5.99 -11.18
C SER B 56 13.00 6.60 -12.51
N ALA B 57 12.88 5.76 -13.54
CA ALA B 57 12.29 6.16 -14.79
C ALA B 57 10.76 6.06 -14.71
N ASP B 58 10.28 5.09 -13.93
CA ASP B 58 8.85 4.94 -13.62
C ASP B 58 8.66 4.15 -12.34
N ASN B 59 8.01 4.79 -11.39
CA ASN B 59 7.76 4.23 -10.11
C ASN B 59 6.43 4.64 -9.55
N ILE B 60 5.43 3.86 -9.80
CA ILE B 60 4.13 4.08 -9.22
C ILE B 60 4.03 3.18 -8.02
N VAL B 61 3.80 3.77 -6.89
CA VAL B 61 3.63 3.03 -5.68
C VAL B 61 2.19 3.21 -5.23
N LEU B 62 1.58 2.14 -4.88
CA LEU B 62 0.23 2.09 -4.47
C LEU B 62 0.23 2.13 -2.95
N PHE B 63 -0.57 2.97 -2.39
CA PHE B 63 -0.68 3.07 -0.97
C PHE B 63 -2.12 2.89 -0.61
N SER B 64 -2.38 2.10 0.37
CA SER B 64 -3.70 1.90 0.89
C SER B 64 -3.63 1.79 2.37
N ALA B 65 -4.46 2.51 3.06
CA ALA B 65 -4.42 2.51 4.50
C ALA B 65 -5.81 2.38 5.06
N SER B 66 -5.93 1.67 6.17
CA SER B 66 -7.19 1.46 6.83
C SER B 66 -7.03 1.53 8.34
N ILE B 67 -7.94 2.18 9.02
CA ILE B 67 -7.92 2.18 10.47
C ILE B 67 -8.76 0.99 10.90
N ASN B 68 -8.13 0.00 11.49
CA ASN B 68 -8.84 -1.23 11.82
C ASN B 68 -9.43 -1.18 13.18
N SER B 69 -10.68 -0.69 13.22
CA SER B 69 -11.53 -0.62 14.42
C SER B 69 -10.82 -0.02 15.68
N GLY B 70 -9.87 0.88 15.45
CA GLY B 70 -9.07 1.42 16.53
C GLY B 70 -9.46 2.80 16.93
N ARG B 71 -10.02 3.53 16.02
CA ARG B 71 -10.41 4.89 16.26
C ARG B 71 -11.91 4.96 16.08
N ASN B 72 -12.62 4.57 17.11
CA ASN B 72 -14.06 4.47 17.02
C ASN B 72 -14.78 5.60 17.71
N ASN B 73 -15.25 6.50 16.89
CA ASN B 73 -16.09 7.64 17.26
C ASN B 73 -16.56 8.22 15.95
N VAL B 74 -17.73 8.84 15.92
CA VAL B 74 -18.27 9.46 14.74
C VAL B 74 -17.32 10.52 14.14
N SER B 75 -17.00 10.30 12.86
CA SER B 75 -16.10 11.13 12.02
C SER B 75 -14.60 10.96 12.33
N GLU B 76 -14.25 10.19 13.37
CA GLU B 76 -12.86 10.02 13.79
C GLU B 76 -12.07 9.08 12.90
N SER B 77 -12.72 8.07 12.36
CA SER B 77 -12.03 7.16 11.46
C SER B 77 -11.82 7.86 10.11
N ASP B 78 -12.75 8.77 9.78
CA ASP B 78 -12.73 9.52 8.51
C ASP B 78 -11.65 10.59 8.52
N LYS B 79 -11.52 11.31 9.62
CA LYS B 79 -10.52 12.36 9.75
C LYS B 79 -9.13 11.79 9.97
N GLY B 80 -9.06 10.75 10.80
CA GLY B 80 -7.80 10.11 11.14
C GLY B 80 -7.12 9.45 9.96
N ILE B 81 -7.92 8.85 9.06
CA ILE B 81 -7.37 8.21 7.89
C ILE B 81 -6.77 9.25 6.93
N GLN B 82 -7.33 10.48 6.91
CA GLN B 82 -6.86 11.56 6.05
C GLN B 82 -5.49 12.09 6.50
N GLU B 83 -5.21 11.97 7.80
CA GLU B 83 -3.89 12.35 8.37
C GLU B 83 -2.84 11.37 7.87
N ILE B 84 -3.24 10.13 7.77
CA ILE B 84 -2.40 9.08 7.27
C ILE B 84 -2.19 9.22 5.75
N ILE B 85 -3.28 9.51 5.01
CA ILE B 85 -3.26 9.71 3.53
C ILE B 85 -2.27 10.82 3.13
N SER B 86 -2.30 11.94 3.87
CA SER B 86 -1.41 13.06 3.60
C SER B 86 0.05 12.71 3.83
N THR B 87 0.31 11.87 4.84
CA THR B 87 1.67 11.45 5.13
C THR B 87 2.18 10.48 4.03
N LEU B 88 1.29 9.61 3.53
CA LEU B 88 1.62 8.63 2.47
C LEU B 88 2.06 9.33 1.20
N LYS B 89 1.33 10.37 0.81
CA LYS B 89 1.66 11.11 -0.37
C LYS B 89 2.80 12.10 -0.16
N ASP B 90 3.05 12.48 1.09
CA ASP B 90 4.14 13.41 1.41
C ASP B 90 5.48 12.70 1.36
N VAL B 91 5.50 11.44 1.78
CA VAL B 91 6.70 10.62 1.66
C VAL B 91 6.91 10.27 0.19
N ALA B 92 5.81 10.09 -0.54
CA ALA B 92 5.86 9.77 -1.95
C ALA B 92 6.48 10.92 -2.77
N LYS B 93 6.11 12.16 -2.46
CA LYS B 93 6.70 13.34 -3.15
C LYS B 93 8.13 13.61 -2.72
N ASP B 94 8.46 13.21 -1.51
CA ASP B 94 9.82 13.36 -0.99
C ASP B 94 10.77 12.33 -1.53
N ALA B 95 10.29 11.10 -1.63
CA ALA B 95 11.08 9.99 -2.22
C ALA B 95 11.19 10.17 -3.74
N GLY B 96 10.16 10.79 -4.32
CA GLY B 96 10.13 11.05 -5.73
C GLY B 96 9.48 9.92 -6.48
N VAL B 97 8.38 9.43 -5.96
CA VAL B 97 7.67 8.34 -6.58
C VAL B 97 6.23 8.78 -6.90
N LYS B 98 5.67 8.22 -7.95
CA LYS B 98 4.29 8.44 -8.34
C LYS B 98 3.43 7.64 -7.39
N PHE B 99 2.22 8.06 -7.18
CA PHE B 99 1.42 7.44 -6.17
C PHE B 99 -0.03 7.32 -6.53
N GLU B 100 -0.64 6.26 -6.08
CA GLU B 100 -2.05 6.05 -6.15
C GLU B 100 -2.49 5.61 -4.77
N ILE B 101 -3.32 6.40 -4.13
CA ILE B 101 -3.71 6.09 -2.77
C ILE B 101 -5.17 5.78 -2.69
N ILE B 102 -5.47 4.59 -2.26
CA ILE B 102 -6.83 4.16 -2.08
C ILE B 102 -7.04 3.98 -0.58
N PRO B 103 -7.94 4.73 0.07
CA PRO B 103 -8.25 4.48 1.47
C PRO B 103 -9.04 3.17 1.61
N SER B 104 -8.62 2.34 2.51
CA SER B 104 -9.18 1.04 2.67
C SER B 104 -9.99 0.94 3.97
N THR B 105 -10.52 -0.23 4.21
CA THR B 105 -11.37 -0.56 5.33
C THR B 105 -10.74 -1.80 6.04
N GLU B 106 -11.18 -2.15 7.27
CA GLU B 106 -10.71 -3.38 7.95
C GLU B 106 -11.18 -4.63 7.20
N GLU B 107 -12.30 -4.48 6.51
CA GLU B 107 -12.84 -5.49 5.62
C GLU B 107 -11.88 -5.74 4.47
N ASP B 108 -11.27 -4.66 3.96
CA ASP B 108 -10.30 -4.76 2.86
C ASP B 108 -9.05 -5.43 3.32
N ARG B 109 -8.64 -5.11 4.56
CA ARG B 109 -7.45 -5.67 5.19
C ARG B 109 -7.48 -7.20 5.24
N GLN B 110 -8.59 -7.76 5.71
CA GLN B 110 -8.68 -9.20 5.83
C GLN B 110 -8.86 -9.88 4.47
N LYS B 111 -9.59 -9.24 3.55
CA LYS B 111 -9.81 -9.79 2.24
C LYS B 111 -8.57 -9.71 1.37
N ALA B 112 -7.73 -8.75 1.65
CA ALA B 112 -6.45 -8.61 0.99
C ALA B 112 -5.53 -9.76 1.39
N LEU B 113 -5.41 -10.02 2.70
CA LEU B 113 -4.54 -11.07 3.21
C LEU B 113 -5.03 -12.47 2.81
N ASP B 114 -6.36 -12.63 2.73
CA ASP B 114 -6.99 -13.90 2.30
C ASP B 114 -6.68 -14.16 0.80
N GLN B 115 -6.60 -13.08 0.04
CA GLN B 115 -6.32 -13.08 -1.41
C GLN B 115 -4.80 -13.10 -1.71
N ASN B 116 -3.98 -12.99 -0.64
CA ASN B 116 -2.46 -13.01 -0.66
C ASN B 116 -1.95 -11.74 -1.38
N LEU B 117 -2.68 -10.68 -1.21
CA LEU B 117 -2.38 -9.41 -1.80
C LEU B 117 -2.20 -8.40 -0.68
N SER B 118 -1.66 -7.25 -1.00
CA SER B 118 -1.67 -6.14 -0.07
C SER B 118 -3.01 -5.47 -0.20
N MET B 119 -3.33 -4.56 0.69
CA MET B 119 -4.59 -3.83 0.57
C MET B 119 -4.58 -2.96 -0.66
N GLY B 120 -3.38 -2.50 -1.05
CA GLY B 120 -3.22 -1.71 -2.25
C GLY B 120 -3.52 -2.51 -3.50
N ARG B 121 -2.84 -3.65 -3.62
CA ARG B 121 -2.96 -4.58 -4.75
C ARG B 121 -4.42 -5.10 -4.85
N TYR B 122 -5.06 -5.31 -3.70
CA TYR B 122 -6.44 -5.79 -3.61
C TYR B 122 -7.47 -4.69 -3.93
N ALA B 123 -7.26 -3.47 -3.43
CA ALA B 123 -8.21 -2.37 -3.59
C ALA B 123 -8.40 -2.00 -5.05
N ILE B 124 -7.31 -2.01 -5.79
CA ILE B 124 -7.42 -1.74 -7.20
C ILE B 124 -7.94 -2.97 -7.94
N TYR B 125 -7.56 -4.18 -7.47
CA TYR B 125 -8.07 -5.46 -8.03
C TYR B 125 -9.61 -5.51 -8.05
N VAL B 126 -10.24 -5.18 -6.92
CA VAL B 126 -11.69 -5.24 -6.80
C VAL B 126 -12.36 -4.13 -7.64
N LYS B 127 -11.65 -3.00 -7.83
CA LYS B 127 -12.14 -1.98 -8.72
C LYS B 127 -12.05 -2.45 -10.15
N ALA B 128 -10.90 -3.02 -10.50
CA ALA B 128 -10.59 -3.50 -11.85
C ALA B 128 -11.55 -4.58 -12.32
N VAL B 129 -11.94 -5.50 -11.42
CA VAL B 129 -12.90 -6.55 -11.75
C VAL B 129 -14.30 -5.91 -12.06
N GLU B 130 -14.61 -4.80 -11.40
CA GLU B 130 -15.82 -4.04 -11.65
C GLU B 130 -15.73 -3.13 -12.90
N GLU B 131 -14.51 -2.72 -13.25
CA GLU B 131 -14.28 -1.89 -14.43
C GLU B 131 -14.38 -2.71 -15.72
N GLY B 132 -14.19 -4.02 -15.59
CA GLY B 132 -14.18 -4.89 -16.75
C GLY B 132 -12.76 -5.21 -17.19
N VAL B 133 -11.81 -4.91 -16.32
CA VAL B 133 -10.40 -5.16 -16.52
C VAL B 133 -10.11 -6.62 -16.20
N ASN B 134 -9.28 -7.24 -17.00
CA ASN B 134 -8.93 -8.63 -16.83
C ASN B 134 -7.86 -8.79 -15.74
N LEU B 135 -8.31 -9.07 -14.54
CA LEU B 135 -7.45 -9.39 -13.44
C LEU B 135 -7.89 -10.64 -12.71
N ASN B 136 -6.91 -11.34 -12.22
CA ASN B 136 -7.05 -12.53 -11.40
C ASN B 136 -6.14 -12.26 -10.23
N LEU B 137 -6.27 -13.00 -9.13
CA LEU B 137 -5.42 -12.82 -7.95
C LEU B 137 -3.98 -13.11 -8.31
N GLU B 138 -3.78 -14.17 -9.10
CA GLU B 138 -2.45 -14.60 -9.52
C GLU B 138 -1.84 -13.58 -10.47
N ASP B 139 -2.66 -13.04 -11.38
CA ASP B 139 -2.21 -12.05 -12.34
C ASP B 139 -1.78 -10.80 -11.60
N ALA B 140 -2.68 -10.30 -10.74
CA ALA B 140 -2.48 -9.08 -9.95
C ALA B 140 -1.20 -9.11 -9.13
N ARG B 141 -0.98 -10.16 -8.32
CA ARG B 141 0.20 -10.23 -7.45
C ARG B 141 1.51 -10.41 -8.19
N ASN B 142 1.46 -10.99 -9.35
CA ASN B 142 2.65 -11.29 -10.10
C ASN B 142 3.00 -10.20 -11.12
N LEU B 143 2.11 -9.23 -11.30
CA LEU B 143 2.37 -8.06 -12.14
C LEU B 143 3.08 -6.98 -11.32
N SER B 144 3.36 -5.88 -11.93
CA SER B 144 3.87 -4.71 -11.24
C SER B 144 2.71 -3.71 -11.06
N VAL B 145 2.87 -2.75 -10.16
CA VAL B 145 1.88 -1.69 -9.89
C VAL B 145 1.67 -0.82 -11.14
N SER B 146 2.76 -0.58 -11.86
CA SER B 146 2.73 0.13 -13.13
C SER B 146 1.84 -0.61 -14.20
N GLU B 147 1.77 -1.94 -14.09
CA GLU B 147 0.92 -2.75 -14.96
C GLU B 147 -0.52 -2.68 -14.50
N ILE B 148 -0.72 -2.69 -13.18
CA ILE B 148 -2.05 -2.60 -12.54
C ILE B 148 -2.74 -1.27 -12.95
N LEU B 149 -2.01 -0.16 -12.78
CA LEU B 149 -2.49 1.16 -13.17
C LEU B 149 -2.58 1.32 -14.68
N GLY B 150 -1.68 0.65 -15.40
CA GLY B 150 -1.67 0.68 -16.87
C GLY B 150 -2.92 0.02 -17.46
N LYS B 151 -3.46 -0.97 -16.74
CA LYS B 151 -4.68 -1.63 -17.12
C LYS B 151 -5.88 -0.71 -16.94
N LEU B 152 -5.82 0.13 -15.91
CA LEU B 152 -6.86 1.13 -15.66
C LEU B 152 -6.76 2.29 -16.65
N GLU B 153 -5.60 2.47 -17.26
CA GLU B 153 -5.44 3.55 -18.23
C GLU B 153 -6.07 3.18 -19.55
N HIS B 154 -5.81 1.98 -20.02
CA HIS B 154 -6.36 1.54 -21.31
C HIS B 154 -7.80 1.04 -21.20
N HIS B 155 -8.30 0.83 -20.00
CA HIS B 155 -9.66 0.37 -19.79
C HIS B 155 -10.16 0.92 -18.45
N HIS B 156 -11.11 1.81 -18.49
CA HIS B 156 -11.65 2.41 -17.27
C HIS B 156 -13.07 2.89 -17.51
N HIS B 157 -14.01 2.37 -16.76
CA HIS B 157 -15.38 2.76 -16.93
C HIS B 157 -15.73 3.91 -16.01
N HIS B 158 -15.24 5.07 -16.39
CA HIS B 158 -15.54 6.31 -15.67
C HIS B 158 -16.67 7.01 -16.44
N HIS B 159 -16.87 6.51 -17.64
CA HIS B 159 -17.87 6.90 -18.59
C HIS B 159 -17.75 5.86 -19.68
N MET A 1 -3.55 -0.59 18.53
CA MET A 1 -3.37 -0.58 17.08
C MET A 1 -4.04 0.66 16.53
N TYR A 2 -3.91 0.92 15.25
CA TYR A 2 -4.57 2.05 14.65
C TYR A 2 -4.90 1.76 13.21
N ALA A 3 -3.90 1.74 12.35
CA ALA A 3 -4.15 1.62 10.94
C ALA A 3 -3.11 0.81 10.25
N TYR A 4 -3.49 0.24 9.15
CA TYR A 4 -2.61 -0.47 8.28
C TYR A 4 -2.36 0.38 7.08
N ILE A 5 -1.14 0.64 6.81
CA ILE A 5 -0.75 1.36 5.64
C ILE A 5 -0.10 0.37 4.74
N ASP A 6 -0.72 0.13 3.68
CA ASP A 6 -0.24 -0.77 2.75
C ASP A 6 0.55 -0.03 1.73
N VAL A 7 1.72 -0.50 1.50
CA VAL A 7 2.59 0.05 0.54
C VAL A 7 2.84 -1.05 -0.46
N ASP A 8 2.46 -0.82 -1.65
CA ASP A 8 2.60 -1.78 -2.66
C ASP A 8 3.52 -1.26 -3.73
N ILE A 9 4.62 -1.94 -3.85
CA ILE A 9 5.74 -1.59 -4.67
C ILE A 9 5.87 -2.67 -5.76
N ASN A 10 6.55 -2.32 -6.87
CA ASN A 10 6.73 -3.16 -8.08
C ASN A 10 5.54 -3.03 -8.91
N PRO B 1 6.87 -6.04 -4.39
CA PRO B 1 6.79 -6.21 -2.96
C PRO B 1 5.56 -5.53 -2.40
N SER B 2 4.78 -6.30 -1.72
CA SER B 2 3.56 -5.87 -1.12
C SER B 2 3.78 -5.86 0.43
N ILE B 3 3.72 -4.69 1.07
CA ILE B 3 4.05 -4.53 2.51
C ILE B 3 2.90 -3.84 3.25
N GLY B 4 2.56 -4.32 4.45
CA GLY B 4 1.61 -3.63 5.27
C GLY B 4 2.28 -3.12 6.53
N LEU B 5 2.30 -1.83 6.69
CA LEU B 5 2.87 -1.15 7.84
C LEU B 5 1.76 -0.89 8.82
N VAL B 6 1.75 -1.59 9.89
CA VAL B 6 0.73 -1.44 10.89
C VAL B 6 1.22 -0.43 11.88
N ILE B 7 0.55 0.68 11.96
CA ILE B 7 0.95 1.72 12.90
C ILE B 7 -0.03 1.80 14.04
N ASP B 8 0.37 2.51 15.05
CA ASP B 8 -0.53 2.87 16.10
C ASP B 8 -0.81 4.37 15.93
N LYS B 9 -1.48 4.97 16.87
CA LYS B 9 -2.07 6.30 16.72
C LYS B 9 -1.07 7.50 16.70
N LYS B 10 0.20 7.23 16.90
CA LYS B 10 1.22 8.27 16.89
C LYS B 10 2.14 8.10 15.64
N GLU B 11 1.64 7.30 14.64
CA GLU B 11 2.34 7.01 13.34
C GLU B 11 3.54 6.08 13.51
N LYS B 12 3.69 5.46 14.63
CA LYS B 12 4.83 4.59 14.84
C LYS B 12 4.43 3.19 14.45
N VAL B 13 5.17 2.62 13.49
CA VAL B 13 4.87 1.30 12.97
C VAL B 13 5.17 0.27 14.05
N ILE B 14 4.18 -0.46 14.44
CA ILE B 14 4.31 -1.45 15.48
C ILE B 14 4.78 -2.79 14.88
N ASP B 15 4.42 -3.02 13.61
CA ASP B 15 4.76 -4.24 12.88
C ASP B 15 4.61 -3.99 11.39
N ALA B 16 5.52 -4.49 10.61
CA ALA B 16 5.49 -4.36 9.17
C ALA B 16 5.54 -5.73 8.57
N LYS B 17 4.50 -6.13 7.90
CA LYS B 17 4.47 -7.47 7.39
C LYS B 17 4.40 -7.56 5.87
N PRO B 18 5.01 -8.61 5.26
CA PRO B 18 4.99 -8.80 3.85
C PRO B 18 3.75 -9.57 3.39
N LEU B 19 3.03 -9.01 2.46
CA LEU B 19 1.82 -9.61 1.93
C LEU B 19 2.12 -10.50 0.74
N ASN B 20 3.33 -10.40 0.23
CA ASN B 20 3.81 -11.28 -0.81
C ASN B 20 5.21 -11.76 -0.38
N ASN B 21 5.77 -12.72 -1.09
CA ASN B 21 7.02 -13.36 -0.68
C ASN B 21 8.27 -12.50 -0.95
N ASP B 22 8.24 -11.69 -2.00
CA ASP B 22 9.41 -10.84 -2.34
C ASP B 22 9.57 -9.61 -1.47
N ALA B 23 8.57 -9.30 -0.71
CA ALA B 23 8.64 -8.20 0.25
C ALA B 23 9.46 -8.55 1.48
N LYS B 24 9.60 -9.86 1.75
CA LYS B 24 10.32 -10.35 2.92
C LYS B 24 11.82 -9.86 2.97
N PRO B 25 12.67 -10.02 1.88
CA PRO B 25 14.04 -9.47 1.84
C PRO B 25 14.10 -7.93 1.96
N ILE B 26 13.16 -7.23 1.29
CA ILE B 26 13.08 -5.77 1.31
C ILE B 26 12.81 -5.23 2.74
N LEU B 27 11.94 -5.91 3.47
CA LEU B 27 11.65 -5.58 4.88
C LEU B 27 12.84 -5.84 5.78
N ASP B 28 13.64 -6.83 5.43
CA ASP B 28 14.81 -7.22 6.22
C ASP B 28 15.92 -6.15 6.16
N GLU B 29 16.04 -5.52 5.00
CA GLU B 29 17.01 -4.45 4.77
C GLU B 29 16.49 -3.11 5.31
N ALA B 30 15.18 -2.89 5.18
CA ALA B 30 14.54 -1.65 5.62
C ALA B 30 14.43 -1.54 7.12
N ALA B 31 13.89 -2.60 7.74
CA ALA B 31 13.62 -2.68 9.19
C ALA B 31 12.66 -1.54 9.69
N PRO B 32 11.39 -1.46 9.17
CA PRO B 32 10.46 -0.38 9.52
C PRO B 32 9.64 -0.65 10.79
N LYS B 33 9.97 -1.69 11.52
CA LYS B 33 9.24 -1.98 12.75
C LYS B 33 9.82 -1.15 13.87
N ASP B 34 8.93 -0.44 14.54
CA ASP B 34 9.20 0.49 15.66
C ASP B 34 9.84 1.77 15.18
N MET B 35 9.62 2.05 13.93
CA MET B 35 10.14 3.19 13.21
C MET B 35 8.93 4.09 12.87
N PRO B 36 9.08 5.45 12.88
CA PRO B 36 7.98 6.38 12.51
C PRO B 36 7.60 6.19 11.04
N LEU B 37 6.29 6.26 10.74
CA LEU B 37 5.68 6.05 9.40
C LEU B 37 6.42 6.77 8.30
N TYR B 38 6.78 8.03 8.55
CA TYR B 38 7.49 8.84 7.59
C TYR B 38 8.85 8.23 7.23
N ASP B 39 9.68 7.95 8.23
CA ASP B 39 11.05 7.46 7.99
C ASP B 39 11.03 5.96 7.58
N ALA B 40 10.04 5.22 8.10
CA ALA B 40 9.80 3.81 7.76
C ALA B 40 9.41 3.67 6.30
N LEU B 41 8.53 4.54 5.84
CA LEU B 41 8.08 4.55 4.45
C LEU B 41 9.21 5.03 3.53
N SER B 42 10.01 5.97 4.01
CA SER B 42 11.17 6.46 3.26
C SER B 42 12.20 5.34 3.05
N LYS B 43 12.31 4.47 4.05
CA LYS B 43 13.25 3.39 4.05
C LYS B 43 12.75 2.23 3.18
N ILE B 44 11.45 1.91 3.25
CA ILE B 44 10.90 0.81 2.46
C ILE B 44 10.93 1.15 0.94
N LEU B 45 10.81 2.44 0.63
CA LEU B 45 10.88 2.93 -0.73
C LEU B 45 12.31 2.97 -1.21
N ASP B 46 13.21 3.41 -0.32
CA ASP B 46 14.65 3.47 -0.61
C ASP B 46 15.20 2.10 -0.90
N ILE B 47 14.87 1.15 -0.05
CA ILE B 47 15.32 -0.23 -0.19
C ILE B 47 14.81 -0.88 -1.51
N SER B 48 13.57 -0.64 -1.86
CA SER B 48 13.02 -1.21 -3.05
C SER B 48 13.56 -0.56 -4.34
N LYS B 49 13.91 0.74 -4.30
CA LYS B 49 14.52 1.38 -5.46
C LYS B 49 16.00 0.99 -5.59
N LYS B 50 16.64 0.67 -4.46
CA LYS B 50 18.00 0.11 -4.43
C LYS B 50 17.99 -1.28 -5.05
N ASN B 51 16.99 -2.08 -4.68
CA ASN B 51 16.78 -3.44 -5.21
C ASN B 51 16.36 -3.44 -6.68
N GLY B 52 15.75 -2.35 -7.13
CA GLY B 52 15.37 -2.24 -8.53
C GLY B 52 13.94 -2.67 -8.81
N TYR B 53 13.05 -2.48 -7.86
CA TYR B 53 11.63 -2.82 -8.06
C TYR B 53 10.81 -1.64 -8.54
N ILE B 54 11.39 -0.47 -8.46
CA ILE B 54 10.79 0.78 -8.95
C ILE B 54 11.89 1.59 -9.60
N ASN B 55 11.64 2.11 -10.78
CA ASN B 55 12.67 2.84 -11.55
C ASN B 55 12.35 4.32 -11.55
N SER B 56 13.33 5.15 -11.83
CA SER B 56 13.16 6.61 -11.76
C SER B 56 12.33 7.19 -12.93
N ALA B 57 12.21 6.45 -14.01
CA ALA B 57 11.43 6.90 -15.13
C ALA B 57 9.94 6.66 -14.89
N ASP B 58 9.64 5.60 -14.14
CA ASP B 58 8.28 5.26 -13.77
C ASP B 58 8.28 4.47 -12.48
N ASN B 59 7.79 5.10 -11.45
CA ASN B 59 7.70 4.53 -10.12
C ASN B 59 6.40 4.90 -9.50
N ILE B 60 5.43 4.07 -9.68
CA ILE B 60 4.16 4.26 -9.04
C ILE B 60 4.11 3.40 -7.81
N VAL B 61 3.92 4.00 -6.68
CA VAL B 61 3.76 3.30 -5.47
C VAL B 61 2.30 3.38 -5.09
N LEU B 62 1.73 2.28 -4.82
CA LEU B 62 0.35 2.20 -4.49
C LEU B 62 0.29 2.21 -2.96
N PHE B 63 -0.62 2.97 -2.44
CA PHE B 63 -0.81 3.08 -1.02
C PHE B 63 -2.23 2.81 -0.69
N SER B 64 -2.45 2.25 0.45
CA SER B 64 -3.77 2.04 0.99
C SER B 64 -3.73 2.16 2.48
N ALA B 65 -4.82 2.55 3.09
CA ALA B 65 -4.86 2.71 4.53
C ALA B 65 -6.23 2.38 5.08
N SER B 66 -6.26 1.61 6.13
CA SER B 66 -7.48 1.23 6.80
C SER B 66 -7.31 1.38 8.31
N ILE B 67 -8.22 2.09 8.94
CA ILE B 67 -8.19 2.27 10.38
C ILE B 67 -8.99 1.13 11.02
N ASN B 68 -8.27 0.17 11.54
CA ASN B 68 -8.89 -1.03 12.08
C ASN B 68 -8.95 -0.96 13.59
N SER B 69 -10.13 -0.58 14.09
CA SER B 69 -10.54 -0.51 15.53
C SER B 69 -9.84 0.57 16.41
N GLY B 70 -8.57 0.84 16.15
CA GLY B 70 -7.82 1.80 16.91
C GLY B 70 -8.23 3.21 16.59
N ARG B 71 -8.75 3.88 17.60
CA ARG B 71 -9.29 5.23 17.56
C ARG B 71 -10.49 5.29 16.60
N ASN B 72 -11.41 4.38 16.85
CA ASN B 72 -12.66 4.32 16.11
C ASN B 72 -13.60 5.32 16.76
N ASN B 73 -13.76 6.42 16.11
CA ASN B 73 -14.47 7.54 16.66
C ASN B 73 -15.53 7.99 15.64
N VAL B 74 -16.36 8.94 16.04
CA VAL B 74 -17.41 9.50 15.21
C VAL B 74 -16.86 10.59 14.24
N SER B 75 -15.74 11.22 14.60
CA SER B 75 -15.14 12.24 13.75
C SER B 75 -13.59 12.11 13.62
N GLU B 76 -12.97 11.24 14.41
CA GLU B 76 -11.50 11.08 14.34
C GLU B 76 -11.04 9.96 13.42
N SER B 77 -11.94 9.17 12.89
CA SER B 77 -11.55 8.12 11.98
C SER B 77 -11.64 8.61 10.53
N ASP B 78 -12.59 9.49 10.28
CA ASP B 78 -12.80 10.05 8.95
C ASP B 78 -11.82 11.19 8.69
N LYS B 79 -11.53 11.95 9.72
CA LYS B 79 -10.51 12.98 9.66
C LYS B 79 -9.14 12.31 9.85
N GLY B 80 -9.14 11.21 10.61
CA GLY B 80 -7.93 10.48 10.93
C GLY B 80 -7.36 9.73 9.77
N ILE B 81 -8.22 9.29 8.85
CA ILE B 81 -7.76 8.61 7.65
C ILE B 81 -7.06 9.63 6.75
N GLN B 82 -7.57 10.87 6.74
CA GLN B 82 -7.02 11.96 5.94
C GLN B 82 -5.66 12.41 6.47
N GLU B 83 -5.48 12.27 7.81
CA GLU B 83 -4.19 12.56 8.46
C GLU B 83 -3.12 11.60 7.94
N ILE B 84 -3.51 10.34 7.77
CA ILE B 84 -2.64 9.29 7.26
C ILE B 84 -2.31 9.55 5.79
N ILE B 85 -3.37 9.87 5.01
CA ILE B 85 -3.25 10.14 3.56
C ILE B 85 -2.24 11.29 3.30
N SER B 86 -2.29 12.31 4.17
CA SER B 86 -1.44 13.47 4.07
C SER B 86 0.06 13.11 4.30
N THR B 87 0.33 12.20 5.23
CA THR B 87 1.69 11.76 5.50
C THR B 87 2.22 10.87 4.35
N LEU B 88 1.32 10.07 3.75
CA LEU B 88 1.67 9.21 2.62
C LEU B 88 2.06 10.06 1.41
N LYS B 89 1.34 11.18 1.22
CA LYS B 89 1.64 12.17 0.18
C LYS B 89 2.98 12.84 0.45
N ASP B 90 3.28 13.08 1.72
CA ASP B 90 4.47 13.82 2.16
C ASP B 90 5.75 13.01 1.90
N VAL B 91 5.68 11.70 2.14
CA VAL B 91 6.83 10.80 1.87
C VAL B 91 6.97 10.58 0.37
N ALA B 92 5.83 10.50 -0.33
CA ALA B 92 5.81 10.30 -1.77
C ALA B 92 6.42 11.49 -2.52
N LYS B 93 6.25 12.70 -1.98
CA LYS B 93 6.83 13.90 -2.57
C LYS B 93 8.32 14.03 -2.22
N ASP B 94 8.71 13.48 -1.07
CA ASP B 94 10.11 13.45 -0.67
C ASP B 94 10.88 12.49 -1.54
N ALA B 95 10.32 11.30 -1.66
CA ALA B 95 10.90 10.24 -2.47
C ALA B 95 10.91 10.59 -3.96
N GLY B 96 9.91 11.36 -4.37
CA GLY B 96 9.78 11.80 -5.74
C GLY B 96 9.21 10.70 -6.59
N VAL B 97 8.20 10.04 -6.07
CA VAL B 97 7.59 8.92 -6.74
C VAL B 97 6.13 9.24 -7.05
N LYS B 98 5.57 8.54 -7.99
CA LYS B 98 4.18 8.68 -8.36
C LYS B 98 3.40 7.80 -7.44
N PHE B 99 2.16 8.12 -7.20
CA PHE B 99 1.43 7.44 -6.18
C PHE B 99 -0.05 7.39 -6.44
N GLU B 100 -0.66 6.38 -5.88
CA GLU B 100 -2.09 6.20 -5.89
C GLU B 100 -2.47 5.77 -4.50
N ILE B 101 -3.25 6.57 -3.81
CA ILE B 101 -3.64 6.23 -2.45
C ILE B 101 -5.11 5.87 -2.42
N ILE B 102 -5.39 4.63 -2.13
CA ILE B 102 -6.72 4.10 -2.07
C ILE B 102 -7.10 3.88 -0.59
N PRO B 103 -8.18 4.47 -0.09
CA PRO B 103 -8.67 4.15 1.26
C PRO B 103 -9.27 2.72 1.30
N SER B 104 -8.87 1.97 2.28
CA SER B 104 -9.30 0.59 2.42
C SER B 104 -10.19 0.46 3.66
N THR B 105 -10.93 -0.61 3.71
CA THR B 105 -11.80 -0.89 4.81
C THR B 105 -11.15 -2.02 5.66
N GLU B 106 -11.63 -2.22 6.89
CA GLU B 106 -11.14 -3.27 7.78
C GLU B 106 -11.46 -4.67 7.23
N GLU B 107 -12.61 -4.78 6.56
CA GLU B 107 -13.00 -5.99 5.88
C GLU B 107 -12.04 -6.25 4.72
N ASP B 108 -11.72 -5.18 3.98
CA ASP B 108 -10.79 -5.23 2.82
C ASP B 108 -9.43 -5.71 3.23
N ARG B 109 -9.00 -5.27 4.41
CA ARG B 109 -7.76 -5.67 5.05
C ARG B 109 -7.66 -7.21 5.21
N GLN B 110 -8.72 -7.84 5.74
CA GLN B 110 -8.67 -9.28 5.94
C GLN B 110 -8.93 -10.09 4.65
N LYS B 111 -9.59 -9.46 3.67
CA LYS B 111 -9.80 -10.07 2.36
C LYS B 111 -8.50 -10.04 1.56
N ALA B 112 -7.74 -8.95 1.71
CA ALA B 112 -6.45 -8.75 1.04
C ALA B 112 -5.43 -9.81 1.42
N LEU B 113 -5.28 -10.03 2.73
CA LEU B 113 -4.35 -11.01 3.24
C LEU B 113 -4.80 -12.46 2.96
N ASP B 114 -6.11 -12.63 2.74
CA ASP B 114 -6.67 -13.93 2.39
C ASP B 114 -6.40 -14.23 0.91
N GLN B 115 -6.26 -13.16 0.10
CA GLN B 115 -5.97 -13.30 -1.33
C GLN B 115 -4.47 -13.35 -1.60
N ASN B 116 -3.68 -13.09 -0.54
CA ASN B 116 -2.20 -13.05 -0.58
C ASN B 116 -1.77 -11.87 -1.46
N LEU B 117 -2.41 -10.77 -1.22
CA LEU B 117 -2.16 -9.52 -1.88
C LEU B 117 -2.07 -8.46 -0.83
N SER B 118 -1.55 -7.34 -1.21
CA SER B 118 -1.55 -6.15 -0.40
C SER B 118 -2.92 -5.52 -0.45
N MET B 119 -3.21 -4.59 0.45
CA MET B 119 -4.50 -3.92 0.45
C MET B 119 -4.63 -3.04 -0.76
N GLY B 120 -3.52 -2.44 -1.20
CA GLY B 120 -3.51 -1.60 -2.37
C GLY B 120 -3.77 -2.37 -3.62
N ARG B 121 -3.06 -3.46 -3.77
CA ARG B 121 -3.17 -4.29 -4.95
C ARG B 121 -4.52 -5.05 -4.95
N TYR B 122 -5.05 -5.36 -3.76
CA TYR B 122 -6.37 -5.99 -3.63
C TYR B 122 -7.51 -5.02 -3.92
N ALA B 123 -7.41 -3.79 -3.39
CA ALA B 123 -8.46 -2.77 -3.57
C ALA B 123 -8.61 -2.41 -5.02
N ILE B 124 -7.50 -2.38 -5.73
CA ILE B 124 -7.54 -2.15 -7.13
C ILE B 124 -7.91 -3.45 -7.92
N TYR B 125 -7.53 -4.62 -7.40
CA TYR B 125 -7.93 -5.94 -7.96
C TYR B 125 -9.46 -6.07 -8.04
N VAL B 126 -10.15 -5.76 -6.93
CA VAL B 126 -11.60 -5.85 -6.88
C VAL B 126 -12.26 -4.73 -7.73
N LYS B 127 -11.56 -3.60 -7.85
CA LYS B 127 -11.99 -2.51 -8.70
C LYS B 127 -11.92 -2.95 -10.18
N ALA B 128 -10.78 -3.53 -10.55
CA ALA B 128 -10.49 -4.02 -11.89
C ALA B 128 -11.46 -5.11 -12.31
N VAL B 129 -11.75 -6.06 -11.41
CA VAL B 129 -12.64 -7.18 -11.72
C VAL B 129 -14.11 -6.68 -11.94
N GLU B 130 -14.43 -5.52 -11.37
CA GLU B 130 -15.72 -4.86 -11.58
C GLU B 130 -15.74 -4.03 -12.85
N GLU B 131 -14.60 -3.41 -13.18
CA GLU B 131 -14.46 -2.60 -14.39
C GLU B 131 -14.44 -3.46 -15.68
N GLY B 132 -14.26 -4.76 -15.52
CA GLY B 132 -14.23 -5.66 -16.64
C GLY B 132 -12.82 -6.02 -17.05
N VAL B 133 -11.91 -5.88 -16.13
CA VAL B 133 -10.52 -6.21 -16.31
C VAL B 133 -10.30 -7.58 -15.67
N ASN B 134 -9.85 -8.55 -16.45
CA ASN B 134 -9.63 -9.90 -15.94
C ASN B 134 -8.31 -9.98 -15.20
N LEU B 135 -8.39 -10.20 -13.92
CA LEU B 135 -7.21 -10.40 -13.13
C LEU B 135 -7.27 -11.70 -12.40
N ASN B 136 -6.13 -12.31 -12.33
CA ASN B 136 -5.88 -13.48 -11.54
C ASN B 136 -5.08 -13.00 -10.34
N LEU B 137 -5.23 -13.66 -9.20
CA LEU B 137 -4.50 -13.30 -7.96
C LEU B 137 -2.99 -13.39 -8.11
N GLU B 138 -2.56 -14.39 -8.86
CA GLU B 138 -1.14 -14.64 -9.08
C GLU B 138 -0.66 -13.70 -10.16
N ASP B 139 -1.52 -13.42 -11.17
CA ASP B 139 -1.19 -12.43 -12.21
C ASP B 139 -0.97 -11.06 -11.57
N ALA B 140 -1.99 -10.58 -10.83
CA ALA B 140 -1.98 -9.29 -10.12
C ALA B 140 -0.73 -9.07 -9.27
N ARG B 141 -0.36 -10.05 -8.43
CA ARG B 141 0.83 -9.92 -7.53
C ARG B 141 2.16 -9.91 -8.30
N ASN B 142 2.18 -10.58 -9.41
CA ASN B 142 3.38 -10.73 -10.22
C ASN B 142 3.48 -9.70 -11.34
N LEU B 143 2.48 -8.85 -11.43
CA LEU B 143 2.54 -7.71 -12.31
C LEU B 143 3.21 -6.55 -11.60
N SER B 144 3.42 -5.50 -12.29
CA SER B 144 3.90 -4.31 -11.67
C SER B 144 2.72 -3.34 -11.48
N VAL B 145 2.87 -2.36 -10.59
CA VAL B 145 1.88 -1.33 -10.27
C VAL B 145 1.64 -0.46 -11.51
N SER B 146 2.70 -0.29 -12.31
CA SER B 146 2.68 0.35 -13.61
C SER B 146 1.65 -0.33 -14.54
N GLU B 147 1.61 -1.65 -14.46
CA GLU B 147 0.68 -2.44 -15.22
C GLU B 147 -0.70 -2.39 -14.63
N ILE B 148 -0.81 -2.52 -13.30
CA ILE B 148 -2.08 -2.50 -12.55
C ILE B 148 -2.89 -1.21 -12.86
N LEU B 149 -2.25 -0.06 -12.63
CA LEU B 149 -2.88 1.25 -12.88
C LEU B 149 -3.06 1.50 -14.37
N GLY B 150 -2.07 1.05 -15.16
CA GLY B 150 -2.12 1.22 -16.59
C GLY B 150 -3.27 0.47 -17.24
N LYS B 151 -3.64 -0.71 -16.66
CA LYS B 151 -4.77 -1.49 -17.14
C LYS B 151 -6.02 -0.68 -17.01
N LEU B 152 -6.22 -0.08 -15.84
CA LEU B 152 -7.42 0.74 -15.54
C LEU B 152 -7.58 1.93 -16.49
N GLU B 153 -6.48 2.54 -16.87
CA GLU B 153 -6.51 3.77 -17.67
C GLU B 153 -7.08 3.52 -19.06
N HIS B 154 -6.62 2.48 -19.72
CA HIS B 154 -7.09 2.17 -21.07
C HIS B 154 -8.18 1.10 -21.10
N HIS B 155 -8.41 0.47 -19.97
CA HIS B 155 -9.37 -0.58 -19.85
C HIS B 155 -10.09 -0.47 -18.51
N HIS B 156 -11.20 0.19 -18.51
CA HIS B 156 -12.10 0.24 -17.34
C HIS B 156 -13.51 0.30 -17.92
N HIS B 157 -14.54 0.62 -17.11
CA HIS B 157 -15.91 0.82 -17.65
C HIS B 157 -15.93 1.89 -18.71
N HIS B 158 -16.08 1.48 -19.95
CA HIS B 158 -16.06 2.40 -21.07
C HIS B 158 -17.43 2.98 -21.32
N HIS B 159 -18.44 2.33 -20.76
CA HIS B 159 -19.81 2.79 -20.82
C HIS B 159 -20.13 3.40 -19.46
N MET A 1 -2.99 -1.08 17.83
CA MET A 1 -3.29 -0.95 16.41
C MET A 1 -3.93 0.36 16.16
N TYR A 2 -3.77 0.85 14.97
CA TYR A 2 -4.38 2.08 14.53
C TYR A 2 -4.69 1.94 13.06
N ALA A 3 -3.66 1.90 12.25
CA ALA A 3 -3.86 1.86 10.83
C ALA A 3 -2.84 0.95 10.20
N TYR A 4 -3.26 0.33 9.16
CA TYR A 4 -2.40 -0.48 8.35
C TYR A 4 -2.12 0.30 7.10
N ILE A 5 -0.87 0.51 6.84
CA ILE A 5 -0.43 1.21 5.67
C ILE A 5 0.14 0.20 4.73
N ASP A 6 -0.50 0.01 3.66
CA ASP A 6 -0.06 -0.88 2.68
C ASP A 6 0.77 -0.13 1.69
N VAL A 7 1.92 -0.64 1.45
CA VAL A 7 2.81 -0.10 0.50
C VAL A 7 3.01 -1.18 -0.51
N ASP A 8 2.65 -0.90 -1.69
CA ASP A 8 2.72 -1.86 -2.71
C ASP A 8 3.72 -1.44 -3.76
N ILE A 9 4.76 -2.22 -3.83
CA ILE A 9 5.88 -2.02 -4.73
C ILE A 9 5.89 -3.20 -5.72
N ASN A 10 6.21 -2.90 -7.00
CA ASN A 10 6.41 -3.88 -8.13
C ASN A 10 5.38 -4.98 -8.12
N PRO B 1 7.05 -6.54 -4.24
CA PRO B 1 7.11 -6.43 -2.80
C PRO B 1 5.89 -5.75 -2.24
N SER B 2 4.99 -6.53 -1.70
CA SER B 2 3.80 -6.00 -1.06
C SER B 2 4.00 -5.98 0.48
N ILE B 3 4.04 -4.78 1.07
CA ILE B 3 4.33 -4.57 2.51
C ILE B 3 3.13 -3.94 3.22
N GLY B 4 2.87 -4.37 4.43
CA GLY B 4 1.89 -3.73 5.27
C GLY B 4 2.54 -3.27 6.55
N LEU B 5 2.51 -2.01 6.76
CA LEU B 5 3.09 -1.37 7.93
C LEU B 5 1.98 -1.10 8.91
N VAL B 6 1.99 -1.81 9.99
CA VAL B 6 0.99 -1.65 10.99
C VAL B 6 1.46 -0.61 11.98
N ILE B 7 0.79 0.51 12.05
CA ILE B 7 1.17 1.55 12.99
C ILE B 7 0.19 1.60 14.13
N ASP B 8 0.59 2.26 15.18
CA ASP B 8 -0.29 2.54 16.27
C ASP B 8 -0.58 4.04 16.24
N LYS B 9 -1.22 4.57 17.24
CA LYS B 9 -1.67 5.97 17.27
C LYS B 9 -0.52 6.96 17.46
N LYS B 10 0.64 6.44 17.78
CA LYS B 10 1.83 7.23 17.90
C LYS B 10 2.55 7.29 16.56
N GLU B 11 1.92 6.66 15.53
CA GLU B 11 2.40 6.60 14.15
C GLU B 11 3.59 5.71 13.97
N LYS B 12 3.96 4.97 15.00
CA LYS B 12 5.09 4.11 14.84
C LYS B 12 4.64 2.74 14.42
N VAL B 13 5.42 2.14 13.55
CA VAL B 13 5.15 0.84 13.04
C VAL B 13 5.46 -0.20 14.11
N ILE B 14 4.44 -0.84 14.58
CA ILE B 14 4.54 -1.83 15.62
C ILE B 14 4.88 -3.20 15.06
N ASP B 15 4.55 -3.39 13.79
CA ASP B 15 4.83 -4.63 13.09
C ASP B 15 4.81 -4.36 11.60
N ALA B 16 5.77 -4.89 10.88
CA ALA B 16 5.81 -4.74 9.46
C ALA B 16 5.67 -6.12 8.89
N LYS B 17 4.59 -6.35 8.21
CA LYS B 17 4.28 -7.66 7.74
C LYS B 17 4.18 -7.71 6.22
N PRO B 18 4.70 -8.76 5.58
CA PRO B 18 4.55 -8.94 4.13
C PRO B 18 3.13 -9.41 3.76
N LEU B 19 2.61 -8.85 2.69
CA LEU B 19 1.33 -9.31 2.12
C LEU B 19 1.62 -10.27 0.98
N ASN B 20 2.85 -10.18 0.51
CA ASN B 20 3.40 -11.03 -0.50
C ASN B 20 4.80 -11.38 0.01
N ASN B 21 5.19 -12.63 -0.14
CA ASN B 21 6.41 -13.22 0.48
C ASN B 21 7.73 -12.66 -0.09
N ASP B 22 7.64 -11.96 -1.19
CA ASP B 22 8.82 -11.39 -1.87
C ASP B 22 9.30 -10.08 -1.19
N ALA B 23 8.46 -9.56 -0.33
CA ALA B 23 8.71 -8.32 0.38
C ALA B 23 9.56 -8.49 1.62
N LYS B 24 9.75 -9.74 2.05
CA LYS B 24 10.56 -10.06 3.21
C LYS B 24 12.01 -9.43 3.18
N PRO B 25 12.85 -9.62 2.07
CA PRO B 25 14.21 -9.01 1.99
C PRO B 25 14.19 -7.46 2.00
N ILE B 26 13.07 -6.88 1.58
CA ILE B 26 12.89 -5.43 1.58
C ILE B 26 12.75 -4.93 3.04
N LEU B 27 12.06 -5.72 3.87
CA LEU B 27 11.89 -5.42 5.30
C LEU B 27 13.20 -5.53 6.06
N ASP B 28 14.07 -6.43 5.58
CA ASP B 28 15.41 -6.64 6.16
C ASP B 28 16.23 -5.37 6.12
N GLU B 29 16.33 -4.77 4.95
CA GLU B 29 17.11 -3.56 4.74
C GLU B 29 16.45 -2.32 5.32
N ALA B 30 15.13 -2.26 5.21
CA ALA B 30 14.39 -1.11 5.67
C ALA B 30 14.36 -0.98 7.18
N ALA B 31 13.96 -2.07 7.84
CA ALA B 31 13.75 -2.15 9.29
C ALA B 31 12.74 -1.08 9.77
N PRO B 32 11.45 -1.13 9.32
CA PRO B 32 10.45 -0.12 9.70
C PRO B 32 9.82 -0.36 11.09
N LYS B 33 10.28 -1.39 11.80
CA LYS B 33 9.77 -1.66 13.13
C LYS B 33 10.28 -0.62 14.13
N ASP B 34 9.31 0.02 14.82
CA ASP B 34 9.49 1.11 15.84
C ASP B 34 9.76 2.46 15.16
N MET B 35 9.66 2.46 13.87
CA MET B 35 9.99 3.59 13.05
C MET B 35 8.67 4.33 12.73
N PRO B 36 8.61 5.69 12.87
CA PRO B 36 7.38 6.47 12.59
C PRO B 36 7.01 6.43 11.11
N LEU B 37 5.70 6.57 10.81
CA LEU B 37 5.09 6.42 9.46
C LEU B 37 5.90 7.15 8.39
N TYR B 38 6.16 8.43 8.62
CA TYR B 38 6.91 9.28 7.68
C TYR B 38 8.33 8.73 7.40
N ASP B 39 9.00 8.31 8.43
CA ASP B 39 10.39 7.86 8.40
C ASP B 39 10.49 6.41 7.86
N ALA B 40 9.52 5.59 8.24
CA ALA B 40 9.42 4.18 7.85
C ALA B 40 9.07 4.04 6.38
N LEU B 41 8.15 4.88 5.94
CA LEU B 41 7.69 4.89 4.57
C LEU B 41 8.79 5.41 3.65
N SER B 42 9.60 6.33 4.18
CA SER B 42 10.73 6.91 3.45
C SER B 42 11.79 5.81 3.16
N LYS B 43 11.94 4.89 4.10
CA LYS B 43 12.94 3.85 4.01
C LYS B 43 12.43 2.70 3.17
N ILE B 44 11.14 2.40 3.25
CA ILE B 44 10.57 1.28 2.48
C ILE B 44 10.57 1.60 0.95
N LEU B 45 10.50 2.91 0.62
CA LEU B 45 10.53 3.37 -0.76
C LEU B 45 11.97 3.45 -1.27
N ASP B 46 12.86 3.86 -0.39
CA ASP B 46 14.29 3.92 -0.66
C ASP B 46 14.84 2.53 -0.99
N ILE B 47 14.55 1.59 -0.11
CA ILE B 47 15.03 0.21 -0.22
C ILE B 47 14.52 -0.51 -1.49
N SER B 48 13.26 -0.30 -1.85
CA SER B 48 12.70 -0.92 -3.02
C SER B 48 13.32 -0.41 -4.33
N LYS B 49 13.73 0.86 -4.36
CA LYS B 49 14.36 1.41 -5.54
C LYS B 49 15.88 1.09 -5.57
N LYS B 50 16.47 0.80 -4.38
CA LYS B 50 17.86 0.28 -4.29
C LYS B 50 17.95 -1.08 -4.94
N ASN B 51 16.92 -1.88 -4.67
CA ASN B 51 16.83 -3.23 -5.18
C ASN B 51 16.33 -3.31 -6.62
N GLY B 52 15.87 -2.17 -7.13
CA GLY B 52 15.46 -2.08 -8.53
C GLY B 52 14.09 -2.65 -8.80
N TYR B 53 13.21 -2.58 -7.83
CA TYR B 53 11.83 -3.04 -8.01
C TYR B 53 10.98 -1.96 -8.63
N ILE B 54 11.38 -0.74 -8.43
CA ILE B 54 10.77 0.41 -9.04
C ILE B 54 11.87 1.23 -9.67
N ASN B 55 11.57 1.89 -10.75
CA ASN B 55 12.57 2.61 -11.55
C ASN B 55 12.49 4.05 -11.17
N SER B 56 13.56 4.80 -11.30
CA SER B 56 13.52 6.22 -10.98
C SER B 56 12.71 6.99 -12.06
N ALA B 57 12.69 6.45 -13.28
CA ALA B 57 11.95 7.02 -14.40
C ALA B 57 10.45 6.76 -14.25
N ASP B 58 10.12 5.62 -13.65
CA ASP B 58 8.75 5.22 -13.45
C ASP B 58 8.65 4.35 -12.23
N ASN B 59 8.12 4.93 -11.22
CA ASN B 59 7.96 4.33 -9.93
C ASN B 59 6.60 4.61 -9.42
N ILE B 60 5.68 3.77 -9.73
CA ILE B 60 4.34 3.90 -9.25
C ILE B 60 4.20 3.02 -8.04
N VAL B 61 3.83 3.61 -6.94
CA VAL B 61 3.65 2.92 -5.71
C VAL B 61 2.21 3.04 -5.31
N LEU B 62 1.64 1.95 -4.93
CA LEU B 62 0.29 1.91 -4.49
C LEU B 62 0.28 1.97 -2.98
N PHE B 63 -0.64 2.70 -2.44
CA PHE B 63 -0.78 2.83 -1.03
C PHE B 63 -2.21 2.55 -0.66
N SER B 64 -2.40 2.09 0.52
CA SER B 64 -3.70 1.89 1.08
C SER B 64 -3.60 2.11 2.55
N ALA B 65 -4.68 2.53 3.15
CA ALA B 65 -4.71 2.76 4.55
C ALA B 65 -6.06 2.38 5.07
N SER B 66 -6.07 1.63 6.13
CA SER B 66 -7.28 1.22 6.76
C SER B 66 -7.10 1.29 8.26
N ILE B 67 -8.11 1.78 8.95
CA ILE B 67 -8.06 1.85 10.38
C ILE B 67 -8.57 0.56 10.97
N ASN B 68 -7.66 -0.20 11.53
CA ASN B 68 -7.99 -1.50 12.12
C ASN B 68 -8.02 -1.32 13.60
N SER B 69 -9.03 -1.95 14.23
CA SER B 69 -9.34 -1.88 15.67
C SER B 69 -10.04 -0.56 16.01
N GLY B 70 -9.44 0.52 15.58
CA GLY B 70 -10.01 1.78 15.73
C GLY B 70 -9.21 2.68 16.60
N ARG B 71 -9.37 3.94 16.38
CA ARG B 71 -8.82 4.96 17.22
C ARG B 71 -9.93 5.32 18.16
N ASN B 72 -9.74 5.09 19.43
CA ASN B 72 -10.79 5.31 20.43
C ASN B 72 -10.96 6.80 20.73
N ASN B 73 -11.67 7.45 19.85
CA ASN B 73 -12.01 8.87 19.88
C ASN B 73 -13.35 9.01 19.18
N VAL B 74 -13.83 10.24 18.99
CA VAL B 74 -15.11 10.42 18.37
C VAL B 74 -15.05 10.59 16.84
N SER B 75 -14.65 11.74 16.37
CA SER B 75 -14.61 12.03 14.93
C SER B 75 -13.15 12.03 14.45
N GLU B 76 -12.28 11.54 15.31
CA GLU B 76 -10.85 11.57 15.09
C GLU B 76 -10.40 10.33 14.31
N SER B 77 -11.34 9.51 13.93
CA SER B 77 -11.11 8.39 13.07
C SER B 77 -11.16 8.93 11.62
N ASP B 78 -12.12 9.82 11.39
CA ASP B 78 -12.33 10.49 10.11
C ASP B 78 -11.18 11.44 9.84
N LYS B 79 -10.73 12.12 10.88
CA LYS B 79 -9.61 13.03 10.80
C LYS B 79 -8.28 12.25 10.78
N GLY B 80 -8.25 11.16 11.53
CA GLY B 80 -7.08 10.36 11.70
C GLY B 80 -6.63 9.64 10.45
N ILE B 81 -7.60 9.17 9.65
CA ILE B 81 -7.27 8.51 8.39
C ILE B 81 -6.71 9.54 7.38
N GLN B 82 -7.13 10.82 7.52
CA GLN B 82 -6.64 11.90 6.65
C GLN B 82 -5.21 12.26 6.96
N GLU B 83 -4.81 12.09 8.23
CA GLU B 83 -3.43 12.26 8.66
C GLU B 83 -2.56 11.26 7.89
N ILE B 84 -3.06 10.02 7.83
CA ILE B 84 -2.39 8.91 7.16
C ILE B 84 -2.24 9.24 5.68
N ILE B 85 -3.37 9.57 5.02
CA ILE B 85 -3.45 9.86 3.57
C ILE B 85 -2.47 10.99 3.16
N SER B 86 -2.42 12.04 3.97
CA SER B 86 -1.56 13.18 3.71
C SER B 86 -0.07 12.85 3.92
N THR B 87 0.22 11.92 4.83
CA THR B 87 1.59 11.49 5.05
C THR B 87 2.06 10.55 3.91
N LEU B 88 1.14 9.70 3.42
CA LEU B 88 1.44 8.75 2.33
C LEU B 88 1.83 9.49 1.06
N LYS B 89 1.10 10.55 0.74
CA LYS B 89 1.40 11.34 -0.45
C LYS B 89 2.59 12.28 -0.25
N ASP B 90 2.89 12.61 1.00
CA ASP B 90 4.00 13.52 1.32
C ASP B 90 5.32 12.79 1.14
N VAL B 91 5.39 11.57 1.67
CA VAL B 91 6.58 10.74 1.52
C VAL B 91 6.75 10.32 0.05
N ALA B 92 5.62 10.13 -0.63
CA ALA B 92 5.61 9.78 -2.02
C ALA B 92 6.22 10.88 -2.89
N LYS B 93 5.86 12.15 -2.61
CA LYS B 93 6.44 13.25 -3.37
C LYS B 93 7.88 13.53 -2.98
N ASP B 94 8.20 13.27 -1.72
CA ASP B 94 9.55 13.38 -1.16
C ASP B 94 10.50 12.39 -1.86
N ALA B 95 10.05 11.16 -1.98
CA ALA B 95 10.77 10.09 -2.68
C ALA B 95 10.81 10.33 -4.19
N GLY B 96 9.80 11.00 -4.70
CA GLY B 96 9.72 11.30 -6.13
C GLY B 96 9.01 10.22 -6.88
N VAL B 97 8.12 9.52 -6.20
CA VAL B 97 7.41 8.43 -6.80
C VAL B 97 6.02 8.87 -7.23
N LYS B 98 5.46 8.12 -8.13
CA LYS B 98 4.12 8.30 -8.62
C LYS B 98 3.28 7.45 -7.70
N PHE B 99 2.09 7.85 -7.41
CA PHE B 99 1.35 7.16 -6.40
C PHE B 99 -0.12 7.02 -6.70
N GLU B 100 -0.76 6.17 -5.93
CA GLU B 100 -2.17 5.98 -5.93
C GLU B 100 -2.55 5.46 -4.54
N ILE B 101 -3.33 6.22 -3.83
CA ILE B 101 -3.71 5.88 -2.47
C ILE B 101 -5.19 5.52 -2.43
N ILE B 102 -5.49 4.32 -2.01
CA ILE B 102 -6.88 3.90 -1.88
C ILE B 102 -7.18 3.67 -0.39
N PRO B 103 -8.03 4.52 0.24
CA PRO B 103 -8.50 4.25 1.62
C PRO B 103 -9.38 3.00 1.66
N SER B 104 -9.07 2.13 2.58
CA SER B 104 -9.74 0.86 2.69
C SER B 104 -10.38 0.64 4.06
N THR B 105 -11.11 -0.44 4.18
CA THR B 105 -11.78 -0.86 5.38
C THR B 105 -10.93 -1.99 6.01
N GLU B 106 -11.16 -2.40 7.27
CA GLU B 106 -10.41 -3.53 7.81
C GLU B 106 -10.94 -4.87 7.28
N GLU B 107 -12.18 -4.84 6.78
CA GLU B 107 -12.77 -5.94 6.05
C GLU B 107 -11.98 -6.12 4.75
N ASP B 108 -11.68 -4.99 4.13
CA ASP B 108 -10.95 -4.94 2.86
C ASP B 108 -9.51 -5.43 3.08
N ARG B 109 -8.97 -5.11 4.27
CA ARG B 109 -7.68 -5.59 4.75
C ARG B 109 -7.63 -7.13 4.83
N GLN B 110 -8.68 -7.75 5.41
CA GLN B 110 -8.71 -9.20 5.51
C GLN B 110 -8.95 -9.85 4.16
N LYS B 111 -9.69 -9.17 3.30
CA LYS B 111 -9.93 -9.63 1.94
C LYS B 111 -8.66 -9.56 1.09
N ALA B 112 -7.82 -8.58 1.37
CA ALA B 112 -6.53 -8.42 0.70
C ALA B 112 -5.62 -9.61 0.98
N LEU B 113 -5.44 -9.92 2.27
CA LEU B 113 -4.58 -11.02 2.70
C LEU B 113 -5.14 -12.40 2.32
N ASP B 114 -6.48 -12.50 2.28
CA ASP B 114 -7.21 -13.72 1.87
C ASP B 114 -7.00 -14.00 0.37
N GLN B 115 -6.75 -12.92 -0.37
CA GLN B 115 -6.51 -12.96 -1.82
C GLN B 115 -5.01 -12.97 -2.12
N ASN B 116 -4.19 -12.89 -1.05
CA ASN B 116 -2.70 -12.93 -1.06
C ASN B 116 -2.16 -11.80 -1.93
N LEU B 117 -2.68 -10.64 -1.65
CA LEU B 117 -2.34 -9.41 -2.29
C LEU B 117 -2.20 -8.39 -1.20
N SER B 118 -1.71 -7.24 -1.56
CA SER B 118 -1.65 -6.12 -0.68
C SER B 118 -2.99 -5.42 -0.67
N MET B 119 -3.20 -4.50 0.25
CA MET B 119 -4.47 -3.81 0.34
C MET B 119 -4.65 -2.88 -0.84
N GLY B 120 -3.56 -2.23 -1.28
CA GLY B 120 -3.63 -1.34 -2.42
C GLY B 120 -3.85 -2.11 -3.70
N ARG B 121 -3.14 -3.23 -3.83
CA ARG B 121 -3.21 -4.09 -5.01
C ARG B 121 -4.56 -4.79 -5.10
N TYR B 122 -5.10 -5.23 -3.96
CA TYR B 122 -6.41 -5.84 -3.90
C TYR B 122 -7.51 -4.81 -4.18
N ALA B 123 -7.35 -3.61 -3.64
CA ALA B 123 -8.33 -2.55 -3.84
C ALA B 123 -8.44 -2.17 -5.30
N ILE B 124 -7.32 -2.19 -5.99
CA ILE B 124 -7.34 -1.93 -7.40
C ILE B 124 -7.74 -3.20 -8.21
N TYR B 125 -7.46 -4.40 -7.68
CA TYR B 125 -7.91 -5.68 -8.29
C TYR B 125 -9.45 -5.73 -8.34
N VAL B 126 -10.09 -5.40 -7.24
CA VAL B 126 -11.55 -5.43 -7.15
C VAL B 126 -12.17 -4.26 -7.95
N LYS B 127 -11.41 -3.19 -8.10
CA LYS B 127 -11.81 -2.03 -8.88
C LYS B 127 -11.74 -2.43 -10.38
N ALA B 128 -10.64 -3.11 -10.75
CA ALA B 128 -10.35 -3.60 -12.10
C ALA B 128 -11.37 -4.61 -12.56
N VAL B 129 -11.73 -5.55 -11.69
CA VAL B 129 -12.71 -6.56 -12.04
C VAL B 129 -14.11 -5.92 -12.31
N GLU B 130 -14.37 -4.79 -11.63
CA GLU B 130 -15.57 -3.99 -11.83
C GLU B 130 -15.47 -3.09 -13.09
N GLU B 131 -14.25 -2.82 -13.55
CA GLU B 131 -14.02 -2.02 -14.76
C GLU B 131 -14.27 -2.86 -16.02
N GLY B 132 -14.25 -4.17 -15.83
CA GLY B 132 -14.33 -5.08 -16.94
C GLY B 132 -12.96 -5.59 -17.32
N VAL B 133 -12.04 -5.49 -16.37
CA VAL B 133 -10.71 -5.99 -16.51
C VAL B 133 -10.66 -7.40 -15.92
N ASN B 134 -10.17 -8.32 -16.69
CA ASN B 134 -10.02 -9.68 -16.27
C ASN B 134 -8.68 -9.83 -15.57
N LEU B 135 -8.72 -9.92 -14.27
CA LEU B 135 -7.53 -10.16 -13.51
C LEU B 135 -7.60 -11.45 -12.76
N ASN B 136 -6.50 -12.12 -12.78
CA ASN B 136 -6.27 -13.31 -12.00
C ASN B 136 -5.48 -12.83 -10.78
N LEU B 137 -5.60 -13.51 -9.66
CA LEU B 137 -4.82 -13.19 -8.46
C LEU B 137 -3.32 -13.31 -8.72
N GLU B 138 -2.95 -14.27 -9.57
CA GLU B 138 -1.57 -14.44 -9.99
C GLU B 138 -1.09 -13.30 -10.85
N ASP B 139 -1.93 -12.85 -11.80
CA ASP B 139 -1.57 -11.68 -12.63
C ASP B 139 -1.36 -10.48 -11.75
N ALA B 140 -2.34 -10.23 -10.89
CA ALA B 140 -2.34 -9.14 -9.95
C ALA B 140 -1.07 -9.09 -9.09
N ARG B 141 -0.65 -10.23 -8.52
CA ARG B 141 0.53 -10.22 -7.64
C ARG B 141 1.87 -10.27 -8.36
N ASN B 142 1.90 -10.82 -9.55
CA ASN B 142 3.18 -10.97 -10.26
C ASN B 142 3.52 -9.83 -11.20
N LEU B 143 2.51 -9.09 -11.64
CA LEU B 143 2.74 -7.93 -12.49
C LEU B 143 3.14 -6.74 -11.66
N SER B 144 3.75 -5.75 -12.29
CA SER B 144 4.14 -4.55 -11.61
C SER B 144 2.94 -3.65 -11.32
N VAL B 145 3.09 -2.76 -10.35
CA VAL B 145 2.08 -1.74 -9.98
C VAL B 145 1.72 -0.87 -11.20
N SER B 146 2.74 -0.57 -12.02
CA SER B 146 2.59 0.15 -13.27
C SER B 146 1.69 -0.63 -14.28
N GLU B 147 1.67 -1.96 -14.17
CA GLU B 147 0.82 -2.81 -15.01
C GLU B 147 -0.59 -2.85 -14.46
N ILE B 148 -0.72 -2.84 -13.13
CA ILE B 148 -2.01 -2.90 -12.42
C ILE B 148 -2.79 -1.57 -12.66
N LEU B 149 -2.11 -0.46 -12.47
CA LEU B 149 -2.64 0.86 -12.78
C LEU B 149 -2.85 1.01 -14.28
N GLY B 150 -1.98 0.33 -15.04
CA GLY B 150 -2.07 0.31 -16.48
C GLY B 150 -3.34 -0.34 -16.98
N LYS B 151 -3.83 -1.37 -16.23
CA LYS B 151 -5.09 -2.07 -16.54
C LYS B 151 -6.22 -1.08 -16.53
N LEU B 152 -6.24 -0.25 -15.49
CA LEU B 152 -7.27 0.80 -15.33
C LEU B 152 -7.14 1.89 -16.41
N GLU B 153 -5.92 2.27 -16.72
CA GLU B 153 -5.64 3.36 -17.64
C GLU B 153 -5.92 3.03 -19.09
N HIS B 154 -5.70 1.79 -19.51
CA HIS B 154 -6.00 1.45 -20.91
C HIS B 154 -7.43 0.92 -21.05
N HIS B 155 -8.01 0.50 -19.93
CA HIS B 155 -9.33 -0.07 -19.94
C HIS B 155 -10.07 0.33 -18.66
N HIS B 156 -10.77 1.46 -18.72
CA HIS B 156 -11.58 1.89 -17.56
C HIS B 156 -12.96 1.21 -17.63
N HIS B 157 -13.84 1.53 -16.65
CA HIS B 157 -15.23 1.00 -16.54
C HIS B 157 -15.95 1.00 -17.88
N HIS B 158 -16.08 -0.20 -18.41
CA HIS B 158 -16.63 -0.45 -19.70
C HIS B 158 -17.81 -1.38 -19.51
N HIS B 159 -18.83 -1.18 -20.28
CA HIS B 159 -19.97 -2.04 -20.27
C HIS B 159 -20.35 -2.27 -21.71
N MET A 1 -4.00 -1.38 17.96
CA MET A 1 -3.54 -1.03 16.60
C MET A 1 -4.16 0.29 16.24
N TYR A 2 -3.97 0.70 15.00
CA TYR A 2 -4.63 1.85 14.45
C TYR A 2 -4.88 1.63 12.98
N ALA A 3 -3.85 1.70 12.18
CA ALA A 3 -4.03 1.63 10.76
C ALA A 3 -3.03 0.74 10.11
N TYR A 4 -3.43 0.14 9.05
CA TYR A 4 -2.59 -0.67 8.22
C TYR A 4 -2.30 0.14 6.99
N ILE A 5 -1.06 0.31 6.68
CA ILE A 5 -0.67 0.98 5.47
C ILE A 5 -0.01 -0.04 4.58
N ASP A 6 -0.65 -0.35 3.52
CA ASP A 6 -0.13 -1.29 2.59
C ASP A 6 0.43 -0.58 1.43
N VAL A 7 1.67 -0.81 1.25
CA VAL A 7 2.45 -0.17 0.28
C VAL A 7 2.68 -1.16 -0.82
N ASP A 8 2.25 -0.81 -1.97
CA ASP A 8 2.42 -1.61 -3.10
C ASP A 8 3.34 -0.97 -4.07
N ILE A 9 4.44 -1.58 -4.17
CA ILE A 9 5.48 -1.22 -5.06
C ILE A 9 5.57 -2.37 -6.03
N ASN A 10 6.09 -2.12 -7.24
CA ASN A 10 6.25 -3.12 -8.32
C ASN A 10 6.73 -4.47 -7.84
N PRO B 1 7.09 -5.09 -4.47
CA PRO B 1 6.84 -5.77 -3.22
C PRO B 1 5.59 -5.22 -2.54
N SER B 2 4.95 -6.04 -1.75
CA SER B 2 3.74 -5.68 -1.03
C SER B 2 4.01 -5.69 0.49
N ILE B 3 4.01 -4.52 1.09
CA ILE B 3 4.39 -4.33 2.50
C ILE B 3 3.21 -3.77 3.30
N GLY B 4 2.89 -4.38 4.42
CA GLY B 4 1.88 -3.85 5.30
C GLY B 4 2.51 -3.30 6.57
N LEU B 5 2.35 -2.03 6.78
CA LEU B 5 2.88 -1.34 7.94
C LEU B 5 1.76 -1.08 8.91
N VAL B 6 1.75 -1.79 9.99
CA VAL B 6 0.71 -1.63 10.99
C VAL B 6 1.20 -0.60 11.98
N ILE B 7 0.50 0.50 12.06
CA ILE B 7 0.88 1.57 12.97
C ILE B 7 -0.06 1.63 14.16
N ASP B 8 0.34 2.35 15.17
CA ASP B 8 -0.47 2.60 16.34
C ASP B 8 -0.96 4.06 16.30
N LYS B 9 -1.54 4.49 17.41
CA LYS B 9 -2.05 5.86 17.67
C LYS B 9 -1.01 6.99 17.38
N LYS B 10 0.28 6.68 17.48
CA LYS B 10 1.34 7.66 17.31
C LYS B 10 2.12 7.41 16.04
N GLU B 11 1.53 6.62 15.12
CA GLU B 11 2.09 6.29 13.80
C GLU B 11 3.35 5.44 13.89
N LYS B 12 3.53 4.77 15.01
CA LYS B 12 4.68 3.95 15.19
C LYS B 12 4.36 2.60 14.63
N VAL B 13 5.15 2.15 13.66
CA VAL B 13 4.94 0.87 13.04
C VAL B 13 5.29 -0.22 14.03
N ILE B 14 4.28 -0.85 14.53
CA ILE B 14 4.40 -1.88 15.54
C ILE B 14 4.68 -3.24 14.91
N ASP B 15 4.34 -3.37 13.63
CA ASP B 15 4.54 -4.59 12.88
C ASP B 15 4.63 -4.28 11.40
N ALA B 16 5.64 -4.80 10.76
CA ALA B 16 5.78 -4.68 9.33
C ALA B 16 5.72 -6.07 8.76
N LYS B 17 4.69 -6.34 8.01
CA LYS B 17 4.45 -7.66 7.50
C LYS B 17 4.58 -7.70 5.97
N PRO B 18 5.25 -8.71 5.42
CA PRO B 18 5.27 -8.89 3.99
C PRO B 18 4.06 -9.71 3.53
N LEU B 19 3.32 -9.19 2.59
CA LEU B 19 2.14 -9.90 2.08
C LEU B 19 2.53 -10.84 0.96
N ASN B 20 3.68 -10.58 0.37
CA ASN B 20 4.25 -11.44 -0.64
C ASN B 20 5.72 -11.70 -0.28
N ASN B 21 6.40 -12.53 -1.04
CA ASN B 21 7.76 -12.97 -0.68
C ASN B 21 8.85 -11.94 -1.06
N ASP B 22 8.64 -11.16 -2.13
CA ASP B 22 9.63 -10.11 -2.52
C ASP B 22 9.66 -8.90 -1.61
N ALA B 23 8.69 -8.80 -0.76
CA ALA B 23 8.64 -7.76 0.26
C ALA B 23 9.62 -8.03 1.42
N LYS B 24 9.88 -9.31 1.69
CA LYS B 24 10.78 -9.76 2.76
C LYS B 24 12.22 -9.12 2.68
N PRO B 25 12.97 -9.16 1.50
CA PRO B 25 14.30 -8.49 1.37
C PRO B 25 14.24 -6.96 1.57
N ILE B 26 13.10 -6.36 1.22
CA ILE B 26 12.89 -4.92 1.41
C ILE B 26 12.80 -4.58 2.89
N LEU B 27 12.03 -5.37 3.63
CA LEU B 27 11.84 -5.18 5.08
C LEU B 27 13.11 -5.46 5.86
N ASP B 28 13.93 -6.32 5.30
CA ASP B 28 15.23 -6.71 5.87
C ASP B 28 16.17 -5.51 5.93
N GLU B 29 16.28 -4.79 4.81
CA GLU B 29 17.13 -3.63 4.73
C GLU B 29 16.52 -2.41 5.41
N ALA B 30 15.21 -2.22 5.22
CA ALA B 30 14.49 -1.04 5.72
C ALA B 30 14.40 -1.01 7.23
N ALA B 31 14.04 -2.16 7.83
CA ALA B 31 13.81 -2.32 9.29
C ALA B 31 12.78 -1.29 9.82
N PRO B 32 11.50 -1.34 9.34
CA PRO B 32 10.50 -0.32 9.66
C PRO B 32 9.71 -0.58 10.94
N LYS B 33 10.12 -1.58 11.70
CA LYS B 33 9.43 -1.91 12.92
C LYS B 33 10.03 -1.09 14.04
N ASP B 34 9.15 -0.43 14.81
CA ASP B 34 9.48 0.50 15.93
C ASP B 34 9.96 1.86 15.34
N MET B 35 9.65 2.05 14.08
CA MET B 35 10.00 3.21 13.31
C MET B 35 8.67 3.97 12.97
N PRO B 36 8.62 5.33 13.02
CA PRO B 36 7.39 6.10 12.69
C PRO B 36 7.05 6.05 11.18
N LEU B 37 5.75 6.22 10.84
CA LEU B 37 5.16 6.06 9.46
C LEU B 37 6.00 6.77 8.39
N TYR B 38 6.26 8.06 8.58
CA TYR B 38 7.01 8.88 7.60
C TYR B 38 8.43 8.32 7.37
N ASP B 39 9.07 7.93 8.44
CA ASP B 39 10.46 7.49 8.43
C ASP B 39 10.56 6.05 7.88
N ALA B 40 9.63 5.21 8.33
CA ALA B 40 9.53 3.80 7.95
C ALA B 40 9.21 3.63 6.48
N LEU B 41 8.21 4.38 6.01
CA LEU B 41 7.76 4.34 4.63
C LEU B 41 8.83 4.90 3.69
N SER B 42 9.64 5.84 4.20
CA SER B 42 10.72 6.43 3.44
C SER B 42 11.77 5.35 3.12
N LYS B 43 11.98 4.40 4.05
CA LYS B 43 12.92 3.32 3.80
C LYS B 43 12.32 2.23 2.94
N ILE B 44 11.01 2.02 3.00
CA ILE B 44 10.30 1.07 2.11
C ILE B 44 10.53 1.46 0.64
N LEU B 45 10.41 2.75 0.39
CA LEU B 45 10.58 3.32 -0.95
C LEU B 45 12.05 3.33 -1.35
N ASP B 46 12.90 3.72 -0.41
CA ASP B 46 14.38 3.78 -0.59
C ASP B 46 14.97 2.42 -0.92
N ILE B 47 14.54 1.41 -0.22
CA ILE B 47 15.06 0.07 -0.42
C ILE B 47 14.53 -0.54 -1.72
N SER B 48 13.31 -0.20 -2.10
CA SER B 48 12.75 -0.71 -3.33
C SER B 48 13.38 -0.04 -4.57
N LYS B 49 13.87 1.19 -4.42
CA LYS B 49 14.55 1.86 -5.52
C LYS B 49 15.99 1.32 -5.65
N LYS B 50 16.57 0.91 -4.50
CA LYS B 50 17.90 0.28 -4.46
C LYS B 50 17.86 -1.11 -5.10
N ASN B 51 16.77 -1.83 -4.85
CA ASN B 51 16.60 -3.18 -5.36
C ASN B 51 15.99 -3.22 -6.78
N GLY B 52 15.79 -2.05 -7.37
CA GLY B 52 15.39 -1.97 -8.76
C GLY B 52 13.94 -2.31 -9.04
N TYR B 53 13.06 -2.03 -8.12
CA TYR B 53 11.65 -2.24 -8.35
C TYR B 53 11.02 -0.95 -8.86
N ILE B 54 11.44 0.15 -8.28
CA ILE B 54 11.01 1.45 -8.73
C ILE B 54 12.19 2.25 -9.18
N ASN B 55 12.17 2.62 -10.41
CA ASN B 55 13.27 3.36 -11.01
C ASN B 55 12.81 4.79 -11.28
N SER B 56 13.63 5.61 -11.92
CA SER B 56 13.29 7.03 -12.12
C SER B 56 12.04 7.28 -13.00
N ALA B 57 11.81 6.47 -14.02
CA ALA B 57 10.66 6.68 -14.85
C ALA B 57 9.51 5.81 -14.42
N ASP B 58 9.83 4.65 -13.92
CA ASP B 58 8.81 3.71 -13.54
C ASP B 58 8.79 3.50 -12.06
N ASN B 59 8.21 4.45 -11.43
CA ASN B 59 8.04 4.46 -10.02
C ASN B 59 6.64 4.88 -9.65
N ILE B 60 5.78 3.94 -9.65
CA ILE B 60 4.42 4.16 -9.27
C ILE B 60 4.17 3.34 -8.04
N VAL B 61 3.88 4.01 -6.96
CA VAL B 61 3.67 3.36 -5.72
C VAL B 61 2.23 3.55 -5.29
N LEU B 62 1.60 2.46 -4.99
CA LEU B 62 0.23 2.41 -4.59
C LEU B 62 0.22 2.37 -3.05
N PHE B 63 -0.59 3.16 -2.44
CA PHE B 63 -0.72 3.16 -1.00
C PHE B 63 -2.17 2.98 -0.65
N SER B 64 -2.46 2.07 0.22
CA SER B 64 -3.79 1.92 0.76
C SER B 64 -3.73 1.86 2.26
N ALA B 65 -4.61 2.57 2.91
CA ALA B 65 -4.61 2.63 4.35
C ALA B 65 -5.98 2.34 4.90
N SER B 66 -6.02 1.53 5.93
CA SER B 66 -7.27 1.17 6.55
C SER B 66 -7.20 1.38 8.05
N ILE B 67 -8.20 2.01 8.60
CA ILE B 67 -8.25 2.19 10.03
C ILE B 67 -9.02 1.03 10.63
N ASN B 68 -8.32 0.22 11.40
CA ASN B 68 -8.89 -0.96 12.01
C ASN B 68 -9.40 -0.63 13.40
N SER B 69 -10.67 -1.00 13.63
CA SER B 69 -11.40 -0.85 14.90
C SER B 69 -11.71 0.63 15.25
N GLY B 70 -11.48 1.52 14.28
CA GLY B 70 -11.80 2.94 14.42
C GLY B 70 -10.85 3.71 15.32
N ARG B 71 -9.58 3.23 15.44
CA ARG B 71 -8.55 3.78 16.34
C ARG B 71 -8.88 3.38 17.78
N ASN B 72 -9.94 3.97 18.33
CA ASN B 72 -10.49 3.65 19.67
C ASN B 72 -11.81 4.45 19.84
N ASN B 73 -12.46 4.72 18.72
CA ASN B 73 -13.67 5.55 18.61
C ASN B 73 -14.24 5.24 17.21
N VAL B 74 -15.13 6.01 16.69
CA VAL B 74 -15.52 5.87 15.30
C VAL B 74 -15.45 7.25 14.62
N SER B 75 -15.53 8.32 15.42
CA SER B 75 -15.49 9.69 14.94
C SER B 75 -14.04 10.18 14.69
N GLU B 76 -13.08 9.30 14.96
CA GLU B 76 -11.67 9.57 14.73
C GLU B 76 -11.32 9.24 13.29
N SER B 77 -11.89 8.13 12.82
CA SER B 77 -11.58 7.50 11.53
C SER B 77 -11.57 8.43 10.32
N ASP B 78 -12.52 9.34 10.23
CA ASP B 78 -12.68 10.22 9.05
C ASP B 78 -11.55 11.25 8.93
N LYS B 79 -11.09 11.79 10.04
CA LYS B 79 -10.03 12.78 10.03
C LYS B 79 -8.68 12.13 10.10
N GLY B 80 -8.63 11.02 10.85
CA GLY B 80 -7.42 10.27 11.02
C GLY B 80 -6.94 9.63 9.73
N ILE B 81 -7.89 9.17 8.89
CA ILE B 81 -7.53 8.59 7.60
C ILE B 81 -6.94 9.68 6.70
N GLN B 82 -7.49 10.90 6.79
CA GLN B 82 -7.05 12.02 5.97
C GLN B 82 -5.65 12.49 6.33
N GLU B 83 -5.27 12.33 7.59
CA GLU B 83 -3.91 12.66 8.04
C GLU B 83 -2.94 11.69 7.44
N ILE B 84 -3.29 10.41 7.53
CA ILE B 84 -2.49 9.31 7.00
C ILE B 84 -2.38 9.37 5.47
N ILE B 85 -3.48 9.70 4.78
CA ILE B 85 -3.50 9.87 3.31
C ILE B 85 -2.53 11.00 2.88
N SER B 86 -2.51 12.08 3.66
CA SER B 86 -1.62 13.20 3.43
C SER B 86 -0.15 12.80 3.70
N THR B 87 0.06 11.92 4.68
CA THR B 87 1.39 11.42 5.03
C THR B 87 1.92 10.47 3.94
N LEU B 88 1.01 9.74 3.30
CA LEU B 88 1.37 8.84 2.20
C LEU B 88 1.87 9.64 1.00
N LYS B 89 1.27 10.82 0.81
CA LYS B 89 1.70 11.76 -0.23
C LYS B 89 3.00 12.43 0.17
N ASP B 90 3.13 12.71 1.45
CA ASP B 90 4.28 13.41 2.06
C ASP B 90 5.56 12.58 1.91
N VAL B 91 5.46 11.28 2.16
CA VAL B 91 6.61 10.38 2.01
C VAL B 91 6.88 10.12 0.50
N ALA B 92 5.84 10.17 -0.30
CA ALA B 92 5.97 10.02 -1.73
C ALA B 92 6.66 11.24 -2.35
N LYS B 93 6.50 12.41 -1.74
CA LYS B 93 7.21 13.63 -2.12
C LYS B 93 8.66 13.56 -1.68
N ASP B 94 8.85 12.99 -0.49
CA ASP B 94 10.17 12.77 0.14
C ASP B 94 11.07 11.91 -0.76
N ALA B 95 10.49 10.84 -1.25
CA ALA B 95 11.17 9.92 -2.16
C ALA B 95 11.17 10.45 -3.62
N GLY B 96 10.12 11.16 -3.97
CA GLY B 96 9.97 11.67 -5.33
C GLY B 96 9.42 10.61 -6.26
N VAL B 97 8.34 9.97 -5.84
CA VAL B 97 7.73 8.88 -6.60
C VAL B 97 6.32 9.28 -7.03
N LYS B 98 5.81 8.62 -8.06
CA LYS B 98 4.43 8.82 -8.49
C LYS B 98 3.59 7.89 -7.69
N PHE B 99 2.38 8.27 -7.40
CA PHE B 99 1.59 7.49 -6.49
C PHE B 99 0.13 7.35 -6.88
N GLU B 100 -0.50 6.38 -6.27
CA GLU B 100 -1.91 6.13 -6.36
C GLU B 100 -2.35 5.73 -4.96
N ILE B 101 -3.35 6.38 -4.43
CA ILE B 101 -3.79 6.10 -3.10
C ILE B 101 -5.24 5.66 -3.14
N ILE B 102 -5.53 4.59 -2.46
CA ILE B 102 -6.86 4.06 -2.36
C ILE B 102 -7.18 3.93 -0.85
N PRO B 103 -8.25 4.57 -0.36
CA PRO B 103 -8.68 4.36 1.03
C PRO B 103 -9.29 2.95 1.19
N SER B 104 -8.98 2.29 2.27
CA SER B 104 -9.42 0.94 2.52
C SER B 104 -10.10 0.83 3.89
N THR B 105 -10.75 -0.30 4.12
CA THR B 105 -11.43 -0.59 5.37
C THR B 105 -10.74 -1.76 6.03
N GLU B 106 -11.18 -2.14 7.22
CA GLU B 106 -10.68 -3.36 7.83
C GLU B 106 -11.30 -4.60 7.14
N GLU B 107 -12.38 -4.35 6.37
CA GLU B 107 -13.00 -5.37 5.54
C GLU B 107 -12.05 -5.69 4.41
N ASP B 108 -11.46 -4.64 3.82
CA ASP B 108 -10.48 -4.78 2.74
C ASP B 108 -9.24 -5.44 3.24
N ARG B 109 -8.88 -5.09 4.48
CA ARG B 109 -7.73 -5.63 5.18
C ARG B 109 -7.78 -7.16 5.29
N GLN B 110 -8.92 -7.71 5.74
CA GLN B 110 -9.04 -9.15 5.90
C GLN B 110 -9.11 -9.88 4.56
N LYS B 111 -9.72 -9.24 3.57
CA LYS B 111 -9.87 -9.84 2.26
C LYS B 111 -8.55 -9.82 1.50
N ALA B 112 -7.74 -8.81 1.74
CA ALA B 112 -6.41 -8.69 1.16
C ALA B 112 -5.55 -9.87 1.56
N LEU B 113 -5.46 -10.11 2.87
CA LEU B 113 -4.67 -11.20 3.40
C LEU B 113 -5.28 -12.59 3.09
N ASP B 114 -6.60 -12.61 2.84
CA ASP B 114 -7.32 -13.82 2.49
C ASP B 114 -6.98 -14.19 1.04
N GLN B 115 -6.84 -13.17 0.19
CA GLN B 115 -6.50 -13.29 -1.23
C GLN B 115 -4.98 -13.33 -1.47
N ASN B 116 -4.20 -13.26 -0.36
CA ASN B 116 -2.71 -13.35 -0.35
C ASN B 116 -2.12 -12.21 -1.17
N LEU B 117 -2.62 -11.06 -0.91
CA LEU B 117 -2.21 -9.83 -1.51
C LEU B 117 -2.14 -8.80 -0.41
N SER B 118 -1.65 -7.66 -0.73
CA SER B 118 -1.68 -6.52 0.13
C SER B 118 -2.97 -5.78 -0.10
N MET B 119 -3.28 -4.86 0.80
CA MET B 119 -4.51 -4.11 0.69
C MET B 119 -4.53 -3.24 -0.52
N GLY B 120 -3.37 -2.69 -0.90
CA GLY B 120 -3.30 -1.83 -2.07
C GLY B 120 -3.59 -2.58 -3.34
N ARG B 121 -2.88 -3.67 -3.50
CA ARG B 121 -2.99 -4.54 -4.64
C ARG B 121 -4.37 -5.23 -4.71
N TYR B 122 -4.95 -5.58 -3.55
CA TYR B 122 -6.30 -6.14 -3.49
C TYR B 122 -7.36 -5.06 -3.75
N ALA B 123 -7.15 -3.86 -3.23
CA ALA B 123 -8.10 -2.74 -3.39
C ALA B 123 -8.26 -2.37 -4.85
N ILE B 124 -7.15 -2.37 -5.57
CA ILE B 124 -7.23 -2.15 -6.99
C ILE B 124 -7.70 -3.39 -7.74
N TYR B 125 -7.39 -4.59 -7.23
CA TYR B 125 -7.91 -5.86 -7.80
C TYR B 125 -9.45 -5.88 -7.82
N VAL B 126 -10.05 -5.59 -6.67
CA VAL B 126 -11.48 -5.60 -6.51
C VAL B 126 -12.11 -4.38 -7.24
N LYS B 127 -11.34 -3.30 -7.38
CA LYS B 127 -11.77 -2.16 -8.16
C LYS B 127 -11.82 -2.56 -9.62
N ALA B 128 -10.75 -3.20 -10.09
CA ALA B 128 -10.58 -3.65 -11.46
C ALA B 128 -11.66 -4.61 -11.90
N VAL B 129 -12.07 -5.52 -11.02
CA VAL B 129 -13.14 -6.46 -11.34
C VAL B 129 -14.52 -5.72 -11.44
N GLU B 130 -14.65 -4.58 -10.75
CA GLU B 130 -15.82 -3.71 -10.87
C GLU B 130 -15.74 -2.84 -12.13
N GLU B 131 -14.50 -2.51 -12.55
CA GLU B 131 -14.25 -1.67 -13.73
C GLU B 131 -14.43 -2.47 -15.03
N GLY B 132 -14.34 -3.79 -14.93
CA GLY B 132 -14.42 -4.65 -16.10
C GLY B 132 -13.05 -5.00 -16.63
N VAL B 133 -12.06 -4.83 -15.79
CA VAL B 133 -10.68 -5.10 -16.10
C VAL B 133 -10.35 -6.55 -15.70
N ASN B 134 -9.66 -7.25 -16.59
CA ASN B 134 -9.33 -8.66 -16.39
C ASN B 134 -8.14 -8.84 -15.44
N LEU B 135 -8.46 -9.18 -14.22
CA LEU B 135 -7.48 -9.53 -13.23
C LEU B 135 -7.78 -10.87 -12.61
N ASN B 136 -6.73 -11.54 -12.28
CA ASN B 136 -6.74 -12.83 -11.61
C ASN B 136 -5.85 -12.61 -10.39
N LEU B 137 -5.97 -13.46 -9.37
CA LEU B 137 -5.13 -13.37 -8.16
C LEU B 137 -3.65 -13.56 -8.50
N GLU B 138 -3.38 -14.43 -9.49
CA GLU B 138 -2.03 -14.64 -9.96
C GLU B 138 -1.53 -13.41 -10.73
N ASP B 139 -2.37 -12.86 -11.63
CA ASP B 139 -2.04 -11.61 -12.38
C ASP B 139 -1.68 -10.48 -11.45
N ALA B 140 -2.51 -10.27 -10.42
CA ALA B 140 -2.32 -9.22 -9.44
C ALA B 140 -0.95 -9.28 -8.74
N ARG B 141 -0.54 -10.46 -8.30
CA ARG B 141 0.73 -10.61 -7.58
C ARG B 141 1.96 -10.66 -8.51
N ASN B 142 1.78 -11.20 -9.69
CA ASN B 142 2.90 -11.36 -10.66
C ASN B 142 3.21 -10.09 -11.40
N LEU B 143 2.18 -9.34 -11.75
CA LEU B 143 2.37 -8.10 -12.44
C LEU B 143 2.74 -7.04 -11.47
N SER B 144 3.50 -6.10 -11.93
CA SER B 144 3.92 -5.00 -11.13
C SER B 144 2.78 -3.98 -11.02
N VAL B 145 2.89 -3.09 -10.06
CA VAL B 145 1.90 -2.04 -9.78
C VAL B 145 1.65 -1.14 -10.99
N SER B 146 2.71 -0.80 -11.72
CA SER B 146 2.61 -0.02 -12.96
C SER B 146 1.78 -0.76 -14.05
N GLU B 147 1.76 -2.09 -14.00
CA GLU B 147 1.02 -2.92 -14.94
C GLU B 147 -0.45 -2.99 -14.54
N ILE B 148 -0.68 -3.09 -13.23
CA ILE B 148 -2.03 -3.10 -12.63
C ILE B 148 -2.73 -1.76 -12.94
N LEU B 149 -2.01 -0.66 -12.68
CA LEU B 149 -2.47 0.69 -12.98
C LEU B 149 -2.60 0.94 -14.48
N GLY B 150 -1.74 0.28 -15.26
CA GLY B 150 -1.78 0.37 -16.71
C GLY B 150 -3.07 -0.18 -17.29
N LYS B 151 -3.60 -1.22 -16.65
CA LYS B 151 -4.86 -1.82 -17.03
C LYS B 151 -6.03 -0.87 -16.76
N LEU B 152 -5.92 -0.09 -15.69
CA LEU B 152 -6.93 0.93 -15.38
C LEU B 152 -6.87 2.09 -16.39
N GLU B 153 -5.66 2.45 -16.82
CA GLU B 153 -5.46 3.55 -17.77
C GLU B 153 -6.05 3.23 -19.14
N HIS B 154 -5.76 2.02 -19.63
CA HIS B 154 -6.27 1.64 -20.94
C HIS B 154 -7.68 1.08 -20.93
N HIS B 155 -8.27 0.92 -19.74
CA HIS B 155 -9.64 0.49 -19.68
C HIS B 155 -10.43 1.27 -18.64
N HIS B 156 -10.46 0.81 -17.34
CA HIS B 156 -11.32 1.41 -16.24
C HIS B 156 -12.82 1.21 -16.68
N HIS B 157 -13.78 1.75 -15.96
CA HIS B 157 -15.13 1.77 -16.53
C HIS B 157 -15.35 3.14 -17.22
N HIS B 158 -14.52 3.39 -18.22
CA HIS B 158 -14.47 4.70 -18.86
C HIS B 158 -13.99 4.57 -20.29
N HIS B 159 -12.91 3.83 -20.49
CA HIS B 159 -12.35 3.58 -21.82
C HIS B 159 -12.73 2.18 -22.26
N MET A 1 -4.64 -1.91 17.50
CA MET A 1 -3.91 -1.25 16.42
C MET A 1 -4.78 -0.16 15.86
N TYR A 2 -4.19 0.77 15.16
CA TYR A 2 -4.92 1.88 14.61
C TYR A 2 -5.19 1.66 13.14
N ALA A 3 -4.16 1.44 12.35
CA ALA A 3 -4.36 1.33 10.93
C ALA A 3 -3.38 0.39 10.29
N TYR A 4 -3.64 0.12 9.05
CA TYR A 4 -2.84 -0.69 8.20
C TYR A 4 -2.57 0.14 6.98
N ILE A 5 -1.33 0.32 6.66
CA ILE A 5 -0.95 1.00 5.46
C ILE A 5 -0.20 0.02 4.62
N ASP A 6 -0.77 -0.34 3.55
CA ASP A 6 -0.16 -1.26 2.68
C ASP A 6 0.44 -0.55 1.52
N VAL A 7 1.72 -0.66 1.43
CA VAL A 7 2.53 0.00 0.44
C VAL A 7 2.95 -1.05 -0.55
N ASP A 8 2.60 -0.88 -1.77
CA ASP A 8 2.97 -1.83 -2.75
C ASP A 8 3.92 -1.19 -3.73
N ILE A 9 5.02 -1.82 -3.88
CA ILE A 9 6.11 -1.40 -4.71
C ILE A 9 6.19 -2.39 -5.86
N ASN A 10 6.26 -1.91 -7.11
CA ASN A 10 6.55 -2.76 -8.34
C ASN A 10 5.71 -4.06 -8.41
N PRO B 1 6.65 -6.05 -4.76
CA PRO B 1 6.68 -6.30 -3.34
C PRO B 1 5.51 -5.65 -2.66
N SER B 2 4.72 -6.46 -2.03
CA SER B 2 3.55 -6.04 -1.34
C SER B 2 3.86 -5.96 0.18
N ILE B 3 3.91 -4.74 0.71
CA ILE B 3 4.30 -4.49 2.11
C ILE B 3 3.07 -3.99 2.90
N GLY B 4 2.94 -4.43 4.13
CA GLY B 4 1.94 -3.89 5.01
C GLY B 4 2.54 -3.35 6.28
N LEU B 5 2.28 -2.12 6.57
CA LEU B 5 2.76 -1.46 7.77
C LEU B 5 1.59 -1.25 8.71
N VAL B 6 1.58 -1.98 9.79
CA VAL B 6 0.52 -1.89 10.77
C VAL B 6 0.96 -0.87 11.80
N ILE B 7 0.22 0.20 11.93
CA ILE B 7 0.59 1.29 12.84
C ILE B 7 -0.30 1.37 14.09
N ASP B 8 0.22 2.05 15.10
CA ASP B 8 -0.50 2.39 16.31
C ASP B 8 -1.14 3.76 16.16
N LYS B 9 -1.78 4.22 17.24
CA LYS B 9 -2.54 5.48 17.33
C LYS B 9 -1.79 6.74 16.83
N LYS B 10 -0.48 6.75 16.92
CA LYS B 10 0.25 7.93 16.54
C LYS B 10 1.16 7.64 15.33
N GLU B 11 0.68 6.74 14.48
CA GLU B 11 1.28 6.43 13.18
C GLU B 11 2.62 5.69 13.27
N LYS B 12 2.94 5.15 14.40
CA LYS B 12 4.18 4.42 14.52
C LYS B 12 3.94 2.96 14.18
N VAL B 13 4.74 2.43 13.26
CA VAL B 13 4.57 1.07 12.78
C VAL B 13 4.95 0.10 13.89
N ILE B 14 4.00 -0.70 14.29
CA ILE B 14 4.22 -1.67 15.33
C ILE B 14 4.65 -3.02 14.71
N ASP B 15 4.12 -3.33 13.53
CA ASP B 15 4.44 -4.58 12.85
C ASP B 15 4.46 -4.36 11.35
N ALA B 16 5.44 -4.93 10.70
CA ALA B 16 5.56 -4.87 9.27
C ALA B 16 5.41 -6.28 8.69
N LYS B 17 4.39 -6.46 7.88
CA LYS B 17 4.03 -7.74 7.32
C LYS B 17 4.38 -7.81 5.82
N PRO B 18 5.15 -8.82 5.37
CA PRO B 18 5.38 -9.05 3.97
C PRO B 18 4.24 -9.90 3.37
N LEU B 19 3.47 -9.31 2.46
CA LEU B 19 2.34 -10.02 1.86
C LEU B 19 2.80 -10.89 0.70
N ASN B 20 4.03 -10.67 0.26
CA ASN B 20 4.66 -11.50 -0.72
C ASN B 20 6.13 -11.70 -0.34
N ASN B 21 6.80 -12.62 -1.01
CA ASN B 21 8.19 -12.97 -0.69
C ASN B 21 9.18 -11.87 -1.10
N ASP B 22 8.79 -11.02 -2.06
CA ASP B 22 9.65 -9.90 -2.53
C ASP B 22 9.66 -8.75 -1.54
N ALA B 23 8.74 -8.76 -0.61
CA ALA B 23 8.65 -7.72 0.40
C ALA B 23 9.58 -7.98 1.56
N LYS B 24 9.86 -9.27 1.80
CA LYS B 24 10.75 -9.72 2.86
C LYS B 24 12.15 -9.03 2.85
N PRO B 25 12.97 -9.02 1.70
CA PRO B 25 14.29 -8.34 1.68
C PRO B 25 14.18 -6.83 1.95
N ILE B 26 13.06 -6.23 1.54
CA ILE B 26 12.80 -4.82 1.74
C ILE B 26 12.61 -4.52 3.21
N LEU B 27 11.75 -5.31 3.85
CA LEU B 27 11.44 -5.14 5.26
C LEU B 27 12.57 -5.54 6.18
N ASP B 28 13.41 -6.41 5.69
CA ASP B 28 14.60 -6.84 6.41
C ASP B 28 15.61 -5.71 6.50
N GLU B 29 15.91 -5.06 5.36
CA GLU B 29 16.88 -3.98 5.33
C GLU B 29 16.31 -2.69 5.91
N ALA B 30 14.99 -2.52 5.78
CA ALA B 30 14.32 -1.34 6.29
C ALA B 30 14.18 -1.34 7.80
N ALA B 31 13.71 -2.50 8.33
CA ALA B 31 13.43 -2.72 9.77
C ALA B 31 12.44 -1.65 10.34
N PRO B 32 11.18 -1.58 9.82
CA PRO B 32 10.21 -0.53 10.17
C PRO B 32 9.41 -0.75 11.46
N LYS B 33 9.79 -1.72 12.27
CA LYS B 33 9.05 -1.95 13.50
C LYS B 33 9.55 -1.05 14.61
N ASP B 34 8.61 -0.27 15.14
CA ASP B 34 8.74 0.77 16.18
C ASP B 34 9.38 2.03 15.55
N MET B 35 9.14 2.16 14.26
CA MET B 35 9.64 3.24 13.46
C MET B 35 8.42 4.09 13.02
N PRO B 36 8.48 5.45 13.08
CA PRO B 36 7.38 6.36 12.61
C PRO B 36 7.00 6.09 11.15
N LEU B 37 5.70 6.27 10.81
CA LEU B 37 5.14 6.00 9.44
C LEU B 37 5.96 6.70 8.38
N TYR B 38 6.23 7.99 8.59
CA TYR B 38 7.01 8.82 7.68
C TYR B 38 8.41 8.22 7.45
N ASP B 39 9.11 7.92 8.53
CA ASP B 39 10.50 7.46 8.48
C ASP B 39 10.59 6.01 7.93
N ALA B 40 9.61 5.19 8.30
CA ALA B 40 9.48 3.79 7.85
C ALA B 40 9.23 3.73 6.36
N LEU B 41 8.28 4.54 5.91
CA LEU B 41 7.87 4.65 4.50
C LEU B 41 9.09 5.06 3.65
N SER B 42 9.84 6.03 4.15
CA SER B 42 11.09 6.49 3.54
C SER B 42 12.12 5.37 3.39
N LYS B 43 12.11 4.41 4.32
CA LYS B 43 13.06 3.35 4.27
C LYS B 43 12.58 2.22 3.36
N ILE B 44 11.25 2.02 3.26
CA ILE B 44 10.67 1.07 2.27
C ILE B 44 11.07 1.51 0.84
N LEU B 45 10.94 2.80 0.58
CA LEU B 45 11.29 3.40 -0.71
C LEU B 45 12.80 3.36 -0.97
N ASP B 46 13.57 3.66 0.08
CA ASP B 46 15.06 3.65 0.05
C ASP B 46 15.60 2.28 -0.30
N ILE B 47 15.06 1.28 0.34
CA ILE B 47 15.47 -0.08 0.13
C ILE B 47 14.96 -0.63 -1.23
N SER B 48 13.81 -0.16 -1.68
CA SER B 48 13.26 -0.55 -2.96
C SER B 48 14.03 0.05 -4.14
N LYS B 49 14.64 1.24 -3.95
CA LYS B 49 15.45 1.82 -5.00
C LYS B 49 16.83 1.17 -5.06
N LYS B 50 17.30 0.63 -3.90
CA LYS B 50 18.56 -0.14 -3.84
C LYS B 50 18.40 -1.46 -4.60
N ASN B 51 17.32 -2.18 -4.27
CA ASN B 51 17.04 -3.51 -4.80
C ASN B 51 16.50 -3.50 -6.23
N GLY B 52 16.20 -2.32 -6.74
CA GLY B 52 15.83 -2.18 -8.13
C GLY B 52 14.39 -2.50 -8.44
N TYR B 53 13.53 -2.25 -7.49
CA TYR B 53 12.11 -2.45 -7.69
C TYR B 53 11.47 -1.18 -8.19
N ILE B 54 11.94 -0.06 -7.69
CA ILE B 54 11.51 1.21 -8.22
C ILE B 54 12.65 1.84 -8.97
N ASN B 55 12.39 2.11 -10.22
CA ASN B 55 13.37 2.72 -11.09
C ASN B 55 12.97 4.14 -11.33
N SER B 56 13.88 4.95 -11.78
CA SER B 56 13.61 6.37 -11.91
C SER B 56 12.82 6.70 -13.20
N ALA B 57 12.78 5.77 -14.15
CA ALA B 57 12.03 5.97 -15.39
C ALA B 57 10.53 5.85 -15.13
N ASP B 58 10.16 4.98 -14.21
CA ASP B 58 8.80 4.83 -13.75
C ASP B 58 8.77 4.17 -12.40
N ASN B 59 8.16 4.83 -11.47
CA ASN B 59 8.02 4.34 -10.13
C ASN B 59 6.68 4.71 -9.54
N ILE B 60 5.71 3.86 -9.74
CA ILE B 60 4.39 4.06 -9.16
C ILE B 60 4.28 3.23 -7.91
N VAL B 61 4.09 3.90 -6.82
CA VAL B 61 3.92 3.28 -5.55
C VAL B 61 2.45 3.35 -5.19
N LEU B 62 1.92 2.24 -4.82
CA LEU B 62 0.53 2.10 -4.51
C LEU B 62 0.41 2.16 -2.99
N PHE B 63 -0.46 2.98 -2.52
CA PHE B 63 -0.69 3.13 -1.12
C PHE B 63 -2.11 2.80 -0.83
N SER B 64 -2.32 2.12 0.22
CA SER B 64 -3.62 1.88 0.71
C SER B 64 -3.60 2.07 2.18
N ALA B 65 -4.64 2.59 2.73
CA ALA B 65 -4.71 2.76 4.14
C ALA B 65 -6.10 2.44 4.61
N SER B 66 -6.17 1.65 5.63
CA SER B 66 -7.40 1.29 6.24
C SER B 66 -7.23 1.46 7.71
N ILE B 67 -8.14 2.11 8.29
CA ILE B 67 -8.11 2.33 9.68
C ILE B 67 -9.02 1.34 10.35
N ASN B 68 -8.42 0.43 11.04
CA ASN B 68 -9.12 -0.55 11.80
C ASN B 68 -9.31 0.01 13.16
N SER B 69 -10.50 0.57 13.32
CA SER B 69 -11.00 1.36 14.45
C SER B 69 -10.33 1.07 15.81
N GLY B 70 -9.23 1.78 16.08
CA GLY B 70 -8.51 1.58 17.30
C GLY B 70 -7.71 2.78 17.74
N ARG B 71 -8.18 3.99 17.41
CA ARG B 71 -7.52 5.20 17.92
C ARG B 71 -8.19 5.59 19.25
N ASN B 72 -9.40 5.03 19.43
CA ASN B 72 -10.24 5.07 20.65
C ASN B 72 -10.95 6.39 20.91
N ASN B 73 -12.09 6.57 20.21
CA ASN B 73 -13.04 7.71 20.38
C ASN B 73 -14.05 7.69 19.24
N VAL B 74 -13.55 7.42 18.00
CA VAL B 74 -14.32 7.45 16.73
C VAL B 74 -14.46 8.93 16.26
N SER B 75 -14.51 9.13 14.92
CA SER B 75 -14.55 10.45 14.23
C SER B 75 -13.15 11.04 14.06
N GLU B 76 -12.29 10.74 15.00
CA GLU B 76 -10.89 11.10 14.96
C GLU B 76 -10.13 10.13 14.07
N SER B 77 -10.74 8.99 13.80
CA SER B 77 -10.25 8.03 12.87
C SER B 77 -10.71 8.44 11.44
N ASP B 78 -11.83 9.19 11.36
CA ASP B 78 -12.33 9.74 10.08
C ASP B 78 -11.41 10.85 9.61
N LYS B 79 -11.01 11.68 10.55
CA LYS B 79 -10.04 12.75 10.28
C LYS B 79 -8.65 12.13 10.15
N GLY B 80 -8.43 11.05 10.90
CA GLY B 80 -7.17 10.36 10.96
C GLY B 80 -6.75 9.74 9.66
N ILE B 81 -7.70 9.40 8.77
CA ILE B 81 -7.34 8.86 7.47
C ILE B 81 -6.64 9.96 6.65
N GLN B 82 -7.09 11.21 6.83
CA GLN B 82 -6.52 12.37 6.13
C GLN B 82 -5.13 12.68 6.66
N GLU B 83 -4.91 12.42 7.95
CA GLU B 83 -3.61 12.58 8.59
C GLU B 83 -2.59 11.61 7.96
N ILE B 84 -3.06 10.38 7.72
CA ILE B 84 -2.26 9.34 7.09
C ILE B 84 -2.02 9.67 5.59
N ILE B 85 -3.08 10.15 4.88
CA ILE B 85 -3.00 10.55 3.44
C ILE B 85 -1.90 11.62 3.25
N SER B 86 -1.85 12.56 4.19
CA SER B 86 -0.88 13.64 4.19
C SER B 86 0.57 13.11 4.38
N THR B 87 0.71 12.04 5.16
CA THR B 87 2.02 11.43 5.39
C THR B 87 2.47 10.66 4.13
N LEU B 88 1.55 9.89 3.55
CA LEU B 88 1.82 9.04 2.38
C LEU B 88 2.25 9.88 1.18
N LYS B 89 1.55 10.99 0.96
CA LYS B 89 1.90 11.86 -0.15
C LYS B 89 3.19 12.62 0.14
N ASP B 90 3.48 12.92 1.42
CA ASP B 90 4.67 13.69 1.79
C ASP B 90 5.92 12.90 1.49
N VAL B 91 5.91 11.62 1.88
CA VAL B 91 7.06 10.72 1.66
C VAL B 91 7.24 10.46 0.15
N ALA B 92 6.12 10.32 -0.56
CA ALA B 92 6.13 10.03 -1.99
C ALA B 92 6.64 11.22 -2.81
N LYS B 93 6.39 12.43 -2.33
CA LYS B 93 6.89 13.64 -2.98
C LYS B 93 8.35 13.89 -2.62
N ASP B 94 8.76 13.40 -1.46
CA ASP B 94 10.16 13.50 -1.00
C ASP B 94 11.05 12.59 -1.84
N ALA B 95 10.60 11.37 -2.04
CA ALA B 95 11.28 10.39 -2.89
C ALA B 95 11.16 10.75 -4.37
N GLY B 96 10.07 11.42 -4.74
CA GLY B 96 9.83 11.80 -6.12
C GLY B 96 9.32 10.64 -6.92
N VAL B 97 8.37 9.94 -6.36
CA VAL B 97 7.78 8.78 -7.00
C VAL B 97 6.32 9.05 -7.30
N LYS B 98 5.78 8.38 -8.29
CA LYS B 98 4.37 8.47 -8.61
C LYS B 98 3.64 7.68 -7.56
N PHE B 99 2.47 8.10 -7.22
CA PHE B 99 1.74 7.46 -6.17
C PHE B 99 0.26 7.44 -6.46
N GLU B 100 -0.38 6.40 -5.98
CA GLU B 100 -1.80 6.27 -6.04
C GLU B 100 -2.27 5.75 -4.70
N ILE B 101 -3.06 6.54 -4.03
CA ILE B 101 -3.54 6.19 -2.70
C ILE B 101 -5.00 5.75 -2.79
N ILE B 102 -5.25 4.52 -2.43
CA ILE B 102 -6.56 3.94 -2.43
C ILE B 102 -6.97 3.70 -0.97
N PRO B 103 -7.99 4.41 -0.44
CA PRO B 103 -8.50 4.12 0.90
C PRO B 103 -9.15 2.73 0.93
N SER B 104 -8.81 1.97 1.91
CA SER B 104 -9.27 0.62 2.01
C SER B 104 -10.25 0.49 3.18
N THR B 105 -10.97 -0.58 3.21
CA THR B 105 -12.01 -0.83 4.20
C THR B 105 -11.47 -1.88 5.18
N GLU B 106 -12.02 -1.97 6.41
CA GLU B 106 -11.55 -2.95 7.41
C GLU B 106 -11.81 -4.38 6.89
N GLU B 107 -12.95 -4.55 6.23
CA GLU B 107 -13.31 -5.78 5.57
C GLU B 107 -12.40 -6.08 4.37
N ASP B 108 -11.89 -5.05 3.71
CA ASP B 108 -11.02 -5.24 2.53
C ASP B 108 -9.62 -5.57 2.95
N ARG B 109 -9.23 -5.05 4.11
CA ARG B 109 -8.00 -5.36 4.81
C ARG B 109 -7.89 -6.88 5.05
N GLN B 110 -8.99 -7.48 5.52
CA GLN B 110 -8.99 -8.90 5.80
C GLN B 110 -9.15 -9.75 4.55
N LYS B 111 -9.73 -9.17 3.49
CA LYS B 111 -9.80 -9.84 2.21
C LYS B 111 -8.44 -9.88 1.56
N ALA B 112 -7.72 -8.77 1.63
CA ALA B 112 -6.40 -8.60 1.02
C ALA B 112 -5.39 -9.62 1.54
N LEU B 113 -5.38 -9.79 2.85
CA LEU B 113 -4.47 -10.72 3.50
C LEU B 113 -4.85 -12.19 3.23
N ASP B 114 -6.15 -12.43 2.97
CA ASP B 114 -6.64 -13.78 2.66
C ASP B 114 -6.39 -14.10 1.17
N GLN B 115 -6.34 -13.06 0.36
CA GLN B 115 -6.07 -13.17 -1.06
C GLN B 115 -4.58 -13.13 -1.37
N ASN B 116 -3.75 -12.97 -0.31
CA ASN B 116 -2.26 -13.07 -0.36
C ASN B 116 -1.66 -11.89 -1.15
N LEU B 117 -2.27 -10.75 -1.03
CA LEU B 117 -1.83 -9.54 -1.69
C LEU B 117 -1.79 -8.43 -0.66
N SER B 118 -1.28 -7.25 -1.04
CA SER B 118 -1.37 -6.09 -0.16
C SER B 118 -2.75 -5.52 -0.31
N MET B 119 -3.12 -4.61 0.56
CA MET B 119 -4.42 -3.97 0.45
C MET B 119 -4.51 -3.13 -0.79
N GLY B 120 -3.39 -2.56 -1.23
CA GLY B 120 -3.37 -1.73 -2.42
C GLY B 120 -3.52 -2.55 -3.66
N ARG B 121 -2.77 -3.65 -3.72
CA ARG B 121 -2.78 -4.59 -4.83
C ARG B 121 -4.18 -5.21 -4.96
N TYR B 122 -4.79 -5.52 -3.82
CA TYR B 122 -6.09 -6.13 -3.78
C TYR B 122 -7.25 -5.12 -4.01
N ALA B 123 -7.16 -3.92 -3.46
CA ALA B 123 -8.24 -2.92 -3.60
C ALA B 123 -8.42 -2.52 -5.05
N ILE B 124 -7.33 -2.47 -5.79
CA ILE B 124 -7.41 -2.20 -7.20
C ILE B 124 -7.83 -3.47 -7.98
N TYR B 125 -7.40 -4.64 -7.51
CA TYR B 125 -7.81 -5.95 -8.07
C TYR B 125 -9.35 -6.11 -8.03
N VAL B 126 -9.95 -5.84 -6.87
CA VAL B 126 -11.38 -5.99 -6.70
C VAL B 126 -12.13 -4.85 -7.42
N LYS B 127 -11.47 -3.71 -7.59
CA LYS B 127 -12.02 -2.66 -8.40
C LYS B 127 -12.03 -3.10 -9.86
N ALA B 128 -10.88 -3.63 -10.32
CA ALA B 128 -10.65 -4.11 -11.69
C ALA B 128 -11.63 -5.18 -12.11
N VAL B 129 -11.93 -6.14 -11.21
CA VAL B 129 -12.90 -7.19 -11.52
C VAL B 129 -14.31 -6.57 -11.75
N GLU B 130 -14.62 -5.50 -11.01
CA GLU B 130 -15.87 -4.79 -11.17
C GLU B 130 -15.86 -3.86 -12.40
N GLU B 131 -14.68 -3.35 -12.79
CA GLU B 131 -14.55 -2.49 -13.97
C GLU B 131 -14.75 -3.32 -15.24
N GLY B 132 -14.56 -4.64 -15.12
CA GLY B 132 -14.65 -5.55 -16.23
C GLY B 132 -13.28 -5.87 -16.79
N VAL B 133 -12.29 -5.85 -15.91
CA VAL B 133 -10.92 -6.18 -16.22
C VAL B 133 -10.64 -7.59 -15.72
N ASN B 134 -10.13 -8.43 -16.59
CA ASN B 134 -9.80 -9.81 -16.26
C ASN B 134 -8.51 -9.92 -15.46
N LEU B 135 -8.65 -10.12 -14.16
CA LEU B 135 -7.52 -10.34 -13.30
C LEU B 135 -7.69 -11.58 -12.46
N ASN B 136 -6.60 -12.25 -12.29
CA ASN B 136 -6.46 -13.39 -11.40
C ASN B 136 -5.51 -12.90 -10.30
N LEU B 137 -5.53 -13.52 -9.11
CA LEU B 137 -4.59 -13.20 -8.01
C LEU B 137 -3.16 -13.42 -8.48
N GLU B 138 -3.01 -14.41 -9.35
CA GLU B 138 -1.75 -14.75 -9.98
C GLU B 138 -1.28 -13.59 -10.86
N ASP B 139 -2.16 -13.08 -11.74
CA ASP B 139 -1.86 -11.91 -12.60
C ASP B 139 -1.50 -10.71 -11.76
N ALA B 140 -2.33 -10.43 -10.75
CA ALA B 140 -2.14 -9.33 -9.81
C ALA B 140 -0.73 -9.28 -9.19
N ARG B 141 -0.23 -10.41 -8.66
CA ARG B 141 1.11 -10.41 -8.06
C ARG B 141 2.27 -10.60 -9.05
N ASN B 142 1.95 -11.07 -10.23
CA ASN B 142 2.98 -11.23 -11.30
C ASN B 142 3.26 -9.95 -12.02
N LEU B 143 2.21 -9.19 -12.29
CA LEU B 143 2.31 -7.92 -12.98
C LEU B 143 2.82 -6.85 -12.05
N SER B 144 3.13 -5.73 -12.60
CA SER B 144 3.62 -4.65 -11.80
C SER B 144 2.46 -3.69 -11.46
N VAL B 145 2.66 -2.86 -10.44
CA VAL B 145 1.72 -1.80 -10.01
C VAL B 145 1.26 -0.94 -11.20
N SER B 146 2.21 -0.51 -12.02
CA SER B 146 1.96 0.31 -13.21
C SER B 146 1.03 -0.40 -14.23
N GLU B 147 1.10 -1.75 -14.27
CA GLU B 147 0.29 -2.56 -15.15
C GLU B 147 -1.14 -2.60 -14.63
N ILE B 148 -1.27 -2.75 -13.32
CA ILE B 148 -2.56 -2.84 -12.61
C ILE B 148 -3.32 -1.49 -12.76
N LEU B 149 -2.59 -0.39 -12.59
CA LEU B 149 -3.14 0.96 -12.79
C LEU B 149 -3.47 1.21 -14.25
N GLY B 150 -2.65 0.64 -15.15
CA GLY B 150 -2.84 0.75 -16.58
C GLY B 150 -4.09 0.04 -17.07
N LYS B 151 -4.50 -1.01 -16.32
CA LYS B 151 -5.73 -1.74 -16.59
C LYS B 151 -6.91 -0.82 -16.42
N LEU B 152 -6.89 -0.06 -15.32
CA LEU B 152 -7.94 0.94 -15.03
C LEU B 152 -7.91 2.06 -16.07
N GLU B 153 -6.72 2.49 -16.44
CA GLU B 153 -6.52 3.62 -17.35
C GLU B 153 -7.08 3.41 -18.75
N HIS B 154 -7.09 2.17 -19.23
CA HIS B 154 -7.65 1.96 -20.56
C HIS B 154 -9.07 1.37 -20.51
N HIS B 155 -9.49 0.95 -19.32
CA HIS B 155 -10.79 0.28 -19.17
C HIS B 155 -11.26 0.45 -17.71
N HIS B 156 -12.19 1.37 -17.48
CA HIS B 156 -12.69 1.60 -16.12
C HIS B 156 -14.18 1.94 -16.14
N HIS B 157 -14.79 2.00 -14.95
CA HIS B 157 -16.19 2.39 -14.77
C HIS B 157 -16.42 3.80 -15.24
N HIS B 158 -17.37 3.92 -16.14
CA HIS B 158 -17.70 5.20 -16.73
C HIS B 158 -19.21 5.33 -16.85
N HIS B 159 -19.72 6.46 -16.46
CA HIS B 159 -21.15 6.72 -16.54
C HIS B 159 -21.43 7.80 -17.57
N MET A 1 -3.96 -1.02 18.05
CA MET A 1 -3.91 -1.10 16.59
C MET A 1 -4.68 0.07 16.02
N TYR A 2 -4.05 0.84 15.19
CA TYR A 2 -4.71 1.97 14.58
C TYR A 2 -4.97 1.68 13.12
N ALA A 3 -3.93 1.70 12.31
CA ALA A 3 -4.12 1.58 10.90
C ALA A 3 -3.08 0.70 10.28
N TYR A 4 -3.43 0.15 9.17
CA TYR A 4 -2.55 -0.62 8.34
C TYR A 4 -2.29 0.20 7.11
N ILE A 5 -1.06 0.45 6.83
CA ILE A 5 -0.68 1.14 5.64
C ILE A 5 -0.03 0.12 4.73
N ASP A 6 -0.66 -0.16 3.67
CA ASP A 6 -0.17 -1.07 2.73
C ASP A 6 0.54 -0.29 1.67
N VAL A 7 1.71 -0.71 1.40
CA VAL A 7 2.53 -0.10 0.44
C VAL A 7 2.89 -1.17 -0.54
N ASP A 8 2.52 -0.99 -1.76
CA ASP A 8 2.84 -1.95 -2.73
C ASP A 8 3.72 -1.30 -3.76
N ILE A 9 4.90 -1.78 -3.80
CA ILE A 9 5.94 -1.23 -4.62
C ILE A 9 6.30 -2.27 -5.65
N ASN A 10 5.97 -2.00 -6.91
CA ASN A 10 6.27 -2.88 -8.06
C ASN A 10 5.55 -4.23 -7.96
N PRO B 1 6.80 -6.03 -4.56
CA PRO B 1 6.87 -6.19 -3.14
C PRO B 1 5.72 -5.52 -2.43
N SER B 2 4.99 -6.30 -1.67
CA SER B 2 3.80 -5.85 -0.99
C SER B 2 4.03 -5.82 0.54
N ILE B 3 3.97 -4.64 1.12
CA ILE B 3 4.32 -4.39 2.52
C ILE B 3 3.13 -3.82 3.30
N GLY B 4 2.95 -4.23 4.54
CA GLY B 4 1.96 -3.65 5.40
C GLY B 4 2.60 -3.10 6.66
N LEU B 5 2.49 -1.82 6.85
CA LEU B 5 3.02 -1.11 8.01
C LEU B 5 1.88 -0.91 8.98
N VAL B 6 1.91 -1.63 10.08
CA VAL B 6 0.87 -1.52 11.07
C VAL B 6 1.28 -0.46 12.07
N ILE B 7 0.50 0.58 12.19
CA ILE B 7 0.81 1.65 13.11
C ILE B 7 -0.14 1.67 14.29
N ASP B 8 0.32 2.30 15.35
CA ASP B 8 -0.49 2.58 16.51
C ASP B 8 -1.01 4.01 16.38
N LYS B 9 -1.69 4.46 17.42
CA LYS B 9 -2.29 5.80 17.57
C LYS B 9 -1.29 6.99 17.30
N LYS B 10 0.02 6.77 17.53
CA LYS B 10 1.06 7.79 17.39
C LYS B 10 1.85 7.60 16.11
N GLU B 11 1.35 6.75 15.20
CA GLU B 11 1.96 6.44 13.88
C GLU B 11 3.26 5.63 14.01
N LYS B 12 3.45 4.98 15.13
CA LYS B 12 4.59 4.11 15.35
C LYS B 12 4.31 2.82 14.63
N VAL B 13 5.17 2.43 13.68
CA VAL B 13 4.99 1.18 13.02
C VAL B 13 5.41 0.09 13.99
N ILE B 14 4.43 -0.52 14.58
CA ILE B 14 4.59 -1.49 15.61
C ILE B 14 4.97 -2.85 15.05
N ASP B 15 4.62 -3.07 13.80
CA ASP B 15 4.97 -4.26 13.07
C ASP B 15 4.92 -3.96 11.59
N ALA B 16 5.92 -4.36 10.88
CA ALA B 16 5.94 -4.23 9.47
C ALA B 16 5.96 -5.62 8.93
N LYS B 17 4.91 -5.99 8.28
CA LYS B 17 4.75 -7.34 7.82
C LYS B 17 4.68 -7.41 6.31
N PRO B 18 5.18 -8.49 5.70
CA PRO B 18 5.07 -8.66 4.27
C PRO B 18 3.72 -9.30 3.90
N LEU B 19 3.08 -8.75 2.90
CA LEU B 19 1.84 -9.30 2.36
C LEU B 19 2.15 -10.13 1.11
N ASN B 20 3.43 -10.21 0.82
CA ASN B 20 3.97 -10.96 -0.29
C ASN B 20 5.42 -11.32 0.06
N ASN B 21 5.88 -12.49 -0.43
CA ASN B 21 7.25 -13.01 -0.26
C ASN B 21 8.27 -12.03 -0.84
N ASP B 22 7.87 -11.35 -1.95
CA ASP B 22 8.67 -10.30 -2.65
C ASP B 22 9.16 -9.19 -1.71
N ALA B 23 8.44 -8.97 -0.62
CA ALA B 23 8.73 -7.88 0.29
C ALA B 23 9.67 -8.26 1.43
N LYS B 24 9.85 -9.56 1.68
CA LYS B 24 10.69 -10.03 2.77
C LYS B 24 12.17 -9.51 2.73
N PRO B 25 12.94 -9.54 1.57
CA PRO B 25 14.33 -9.01 1.53
C PRO B 25 14.37 -7.47 1.70
N ILE B 26 13.30 -6.81 1.28
CA ILE B 26 13.19 -5.36 1.36
C ILE B 26 12.96 -4.93 2.81
N LEU B 27 12.05 -5.61 3.50
CA LEU B 27 11.75 -5.34 4.91
C LEU B 27 12.90 -5.66 5.84
N ASP B 28 13.73 -6.60 5.42
CA ASP B 28 14.93 -6.96 6.14
C ASP B 28 15.91 -5.78 6.21
N GLU B 29 16.14 -5.13 5.06
CA GLU B 29 17.05 -4.00 4.99
C GLU B 29 16.39 -2.71 5.49
N ALA B 30 15.08 -2.59 5.28
CA ALA B 30 14.34 -1.41 5.71
C ALA B 30 14.23 -1.34 7.21
N ALA B 31 13.86 -2.46 7.82
CA ALA B 31 13.70 -2.62 9.28
C ALA B 31 12.75 -1.54 9.91
N PRO B 32 11.49 -1.33 9.35
CA PRO B 32 10.58 -0.23 9.78
C PRO B 32 9.82 -0.52 11.07
N LYS B 33 10.23 -1.54 11.74
CA LYS B 33 9.66 -1.96 12.96
C LYS B 33 10.24 -1.10 14.09
N ASP B 34 9.37 -0.23 14.60
CA ASP B 34 9.55 0.76 15.69
C ASP B 34 9.98 2.12 15.12
N MET B 35 9.82 2.24 13.84
CA MET B 35 10.05 3.46 13.13
C MET B 35 8.70 4.13 12.89
N PRO B 36 8.60 5.48 12.90
CA PRO B 36 7.32 6.18 12.62
C PRO B 36 6.95 6.07 11.13
N LEU B 37 5.64 6.16 10.82
CA LEU B 37 5.02 5.99 9.46
C LEU B 37 5.85 6.69 8.38
N TYR B 38 6.13 7.98 8.59
CA TYR B 38 6.89 8.81 7.64
C TYR B 38 8.31 8.23 7.37
N ASP B 39 9.04 7.96 8.44
CA ASP B 39 10.44 7.53 8.37
C ASP B 39 10.56 6.09 7.86
N ALA B 40 9.60 5.27 8.28
CA ALA B 40 9.47 3.87 7.89
C ALA B 40 9.17 3.75 6.41
N LEU B 41 8.26 4.60 5.93
CA LEU B 41 7.85 4.59 4.56
C LEU B 41 8.96 5.09 3.64
N SER B 42 9.71 6.09 4.08
CA SER B 42 10.79 6.65 3.29
C SER B 42 11.94 5.61 3.13
N LYS B 43 12.14 4.79 4.17
CA LYS B 43 13.14 3.73 4.17
C LYS B 43 12.66 2.54 3.34
N ILE B 44 11.36 2.31 3.36
CA ILE B 44 10.77 1.22 2.64
C ILE B 44 10.83 1.47 1.11
N LEU B 45 10.70 2.74 0.72
CA LEU B 45 10.79 3.16 -0.67
C LEU B 45 12.25 3.18 -1.12
N ASP B 46 13.13 3.62 -0.21
CA ASP B 46 14.59 3.68 -0.41
C ASP B 46 15.16 2.32 -0.73
N ILE B 47 14.83 1.34 0.10
CA ILE B 47 15.30 -0.03 -0.06
C ILE B 47 14.70 -0.70 -1.34
N SER B 48 13.48 -0.36 -1.69
CA SER B 48 12.87 -0.89 -2.87
C SER B 48 13.48 -0.35 -4.17
N LYS B 49 13.88 0.93 -4.18
CA LYS B 49 14.55 1.47 -5.36
C LYS B 49 16.00 0.97 -5.42
N LYS B 50 16.57 0.71 -4.22
CA LYS B 50 17.92 0.16 -4.01
C LYS B 50 18.02 -1.25 -4.62
N ASN B 51 16.96 -2.03 -4.46
CA ASN B 51 16.88 -3.38 -5.00
C ASN B 51 16.31 -3.41 -6.42
N GLY B 52 16.16 -2.22 -7.01
CA GLY B 52 15.75 -2.07 -8.39
C GLY B 52 14.32 -2.43 -8.71
N TYR B 53 13.41 -2.24 -7.78
CA TYR B 53 12.00 -2.52 -8.05
C TYR B 53 11.32 -1.31 -8.64
N ILE B 54 11.74 -0.15 -8.20
CA ILE B 54 11.23 1.09 -8.73
C ILE B 54 12.35 1.93 -9.26
N ASN B 55 12.17 2.44 -10.45
CA ASN B 55 13.17 3.28 -11.09
C ASN B 55 12.65 4.69 -11.06
N SER B 56 13.53 5.64 -10.92
CA SER B 56 13.16 7.05 -10.75
C SER B 56 12.49 7.69 -11.99
N ALA B 57 12.66 7.09 -13.17
CA ALA B 57 12.06 7.60 -14.41
C ALA B 57 10.55 7.26 -14.44
N ASP B 58 10.18 6.14 -13.83
CA ASP B 58 8.80 5.72 -13.73
C ASP B 58 8.62 4.82 -12.52
N ASN B 59 8.07 5.38 -11.47
CA ASN B 59 7.90 4.69 -10.21
C ASN B 59 6.56 4.98 -9.61
N ILE B 60 5.63 4.13 -9.92
CA ILE B 60 4.29 4.23 -9.37
C ILE B 60 4.18 3.29 -8.17
N VAL B 61 3.92 3.86 -7.02
CA VAL B 61 3.76 3.11 -5.80
C VAL B 61 2.30 3.19 -5.37
N LEU B 62 1.78 2.09 -4.94
CA LEU B 62 0.42 1.95 -4.54
C LEU B 62 0.38 2.04 -3.01
N PHE B 63 -0.56 2.79 -2.48
CA PHE B 63 -0.75 2.90 -1.06
C PHE B 63 -2.20 2.63 -0.76
N SER B 64 -2.46 1.97 0.33
CA SER B 64 -3.80 1.76 0.82
C SER B 64 -3.79 1.78 2.32
N ALA B 65 -4.65 2.55 2.92
CA ALA B 65 -4.66 2.67 4.35
C ALA B 65 -6.02 2.37 4.91
N SER B 66 -6.07 1.59 5.97
CA SER B 66 -7.30 1.22 6.61
C SER B 66 -7.17 1.36 8.11
N ILE B 67 -8.15 1.96 8.74
CA ILE B 67 -8.17 2.05 10.18
C ILE B 67 -8.90 0.81 10.68
N ASN B 68 -8.20 -0.03 11.41
CA ASN B 68 -8.77 -1.30 11.82
C ASN B 68 -9.23 -1.25 13.26
N SER B 69 -10.49 -0.83 13.42
CA SER B 69 -11.32 -0.82 14.67
C SER B 69 -10.76 -0.08 15.95
N GLY B 70 -9.45 0.10 16.08
CA GLY B 70 -8.84 0.64 17.29
C GLY B 70 -9.17 2.07 17.57
N ARG B 71 -8.83 2.95 16.67
CA ARG B 71 -9.18 4.33 16.83
C ARG B 71 -10.41 4.58 16.00
N ASN B 72 -11.55 4.41 16.61
CA ASN B 72 -12.78 4.51 15.90
C ASN B 72 -13.76 5.38 16.63
N ASN B 73 -13.98 6.54 16.10
CA ASN B 73 -14.95 7.47 16.63
C ASN B 73 -15.44 8.31 15.42
N VAL B 74 -16.03 9.46 15.63
CA VAL B 74 -16.55 10.27 14.53
C VAL B 74 -15.41 10.96 13.76
N SER B 75 -14.82 11.97 14.39
CA SER B 75 -13.77 12.77 13.79
C SER B 75 -12.43 12.03 13.73
N GLU B 76 -12.20 11.20 14.74
CA GLU B 76 -10.96 10.42 14.89
C GLU B 76 -10.69 9.47 13.72
N SER B 77 -11.75 8.98 13.11
CA SER B 77 -11.59 8.11 11.98
C SER B 77 -11.55 8.90 10.67
N ASP B 78 -12.44 9.90 10.52
CA ASP B 78 -12.57 10.60 9.22
C ASP B 78 -11.40 11.53 8.93
N LYS B 79 -10.94 12.26 9.93
CA LYS B 79 -9.80 13.13 9.72
C LYS B 79 -8.53 12.35 9.96
N GLY B 80 -8.64 11.33 10.80
CA GLY B 80 -7.54 10.44 11.15
C GLY B 80 -6.98 9.71 9.95
N ILE B 81 -7.87 9.19 9.09
CA ILE B 81 -7.46 8.52 7.87
C ILE B 81 -6.83 9.54 6.90
N GLN B 82 -7.34 10.78 6.93
CA GLN B 82 -6.85 11.86 6.05
C GLN B 82 -5.46 12.34 6.40
N GLU B 83 -5.08 12.18 7.68
CA GLU B 83 -3.74 12.54 8.13
C GLU B 83 -2.77 11.59 7.48
N ILE B 84 -3.15 10.32 7.52
CA ILE B 84 -2.40 9.22 6.95
C ILE B 84 -2.32 9.34 5.42
N ILE B 85 -3.45 9.67 4.78
CA ILE B 85 -3.52 9.88 3.31
C ILE B 85 -2.54 11.00 2.88
N SER B 86 -2.50 12.07 3.68
CA SER B 86 -1.61 13.18 3.42
C SER B 86 -0.13 12.81 3.66
N THR B 87 0.13 11.93 4.63
CA THR B 87 1.48 11.44 4.90
C THR B 87 1.98 10.55 3.74
N LEU B 88 1.07 9.75 3.17
CA LEU B 88 1.38 8.88 2.03
C LEU B 88 1.76 9.71 0.82
N LYS B 89 1.04 10.81 0.61
CA LYS B 89 1.34 11.78 -0.43
C LYS B 89 2.69 12.45 -0.17
N ASP B 90 2.93 12.81 1.09
CA ASP B 90 4.11 13.60 1.51
C ASP B 90 5.41 12.81 1.34
N VAL B 91 5.40 11.54 1.74
CA VAL B 91 6.59 10.68 1.61
C VAL B 91 6.83 10.36 0.11
N ALA B 92 5.75 10.29 -0.66
CA ALA B 92 5.83 10.06 -2.09
C ALA B 92 6.49 11.25 -2.81
N LYS B 93 6.29 12.46 -2.29
CA LYS B 93 6.93 13.68 -2.82
C LYS B 93 8.41 13.67 -2.47
N ASP B 94 8.70 13.24 -1.24
CA ASP B 94 10.06 13.14 -0.69
C ASP B 94 10.90 12.16 -1.51
N ALA B 95 10.33 11.02 -1.78
CA ALA B 95 10.99 9.96 -2.55
C ALA B 95 11.00 10.27 -4.05
N GLY B 96 10.04 11.04 -4.50
CA GLY B 96 9.93 11.38 -5.90
C GLY B 96 9.25 10.30 -6.68
N VAL B 97 8.22 9.73 -6.11
CA VAL B 97 7.51 8.66 -6.74
C VAL B 97 6.08 9.09 -7.10
N LYS B 98 5.53 8.41 -8.07
CA LYS B 98 4.17 8.57 -8.52
C LYS B 98 3.35 7.69 -7.60
N PHE B 99 2.10 8.00 -7.40
CA PHE B 99 1.35 7.28 -6.39
C PHE B 99 -0.12 7.16 -6.69
N GLU B 100 -0.73 6.17 -6.09
CA GLU B 100 -2.15 5.98 -6.06
C GLU B 100 -2.53 5.47 -4.73
N ILE B 101 -3.46 6.13 -4.14
CA ILE B 101 -3.87 5.83 -2.76
C ILE B 101 -5.33 5.39 -2.71
N ILE B 102 -5.59 4.25 -2.13
CA ILE B 102 -6.94 3.78 -1.99
C ILE B 102 -7.27 3.64 -0.49
N PRO B 103 -8.25 4.38 0.05
CA PRO B 103 -8.69 4.18 1.42
C PRO B 103 -9.43 2.86 1.55
N SER B 104 -8.98 2.06 2.45
CA SER B 104 -9.50 0.73 2.64
C SER B 104 -10.22 0.60 3.98
N THR B 105 -10.83 -0.54 4.22
CA THR B 105 -11.54 -0.86 5.44
C THR B 105 -10.86 -2.11 6.07
N GLU B 106 -11.15 -2.44 7.35
CA GLU B 106 -10.60 -3.68 7.98
C GLU B 106 -11.10 -4.94 7.29
N GLU B 107 -12.31 -4.84 6.70
CA GLU B 107 -12.91 -5.86 5.84
C GLU B 107 -11.92 -6.18 4.73
N ASP B 108 -11.45 -5.10 4.07
CA ASP B 108 -10.56 -5.19 2.91
C ASP B 108 -9.25 -5.80 3.29
N ARG B 109 -8.75 -5.41 4.46
CA ARG B 109 -7.50 -5.91 5.03
C ARG B 109 -7.50 -7.43 5.15
N GLN B 110 -8.54 -7.99 5.75
CA GLN B 110 -8.56 -9.40 5.96
C GLN B 110 -8.97 -10.21 4.71
N LYS B 111 -9.65 -9.55 3.76
CA LYS B 111 -9.99 -10.16 2.46
C LYS B 111 -8.77 -10.15 1.55
N ALA B 112 -7.89 -9.19 1.74
CA ALA B 112 -6.66 -9.07 0.98
C ALA B 112 -5.73 -10.23 1.26
N LEU B 113 -5.44 -10.45 2.55
CA LEU B 113 -4.54 -11.51 2.97
C LEU B 113 -5.12 -12.91 2.69
N ASP B 114 -6.45 -12.98 2.65
CA ASP B 114 -7.19 -14.21 2.31
C ASP B 114 -7.03 -14.55 0.82
N GLN B 115 -6.80 -13.52 0.02
CA GLN B 115 -6.64 -13.64 -1.43
C GLN B 115 -5.17 -13.62 -1.86
N ASN B 116 -4.24 -13.53 -0.87
CA ASN B 116 -2.74 -13.57 -1.06
C ASN B 116 -2.25 -12.26 -1.70
N LEU B 117 -2.97 -11.22 -1.44
CA LEU B 117 -2.65 -9.93 -1.94
C LEU B 117 -2.48 -8.98 -0.78
N SER B 118 -1.90 -7.87 -1.06
CA SER B 118 -1.79 -6.76 -0.15
C SER B 118 -3.06 -5.95 -0.24
N MET B 119 -3.24 -4.95 0.61
CA MET B 119 -4.45 -4.15 0.56
C MET B 119 -4.47 -3.29 -0.65
N GLY B 120 -3.31 -2.77 -1.06
CA GLY B 120 -3.22 -1.94 -2.23
C GLY B 120 -3.48 -2.72 -3.48
N ARG B 121 -2.83 -3.87 -3.56
CA ARG B 121 -2.93 -4.79 -4.68
C ARG B 121 -4.38 -5.29 -4.82
N TYR B 122 -5.01 -5.60 -3.70
CA TYR B 122 -6.38 -6.10 -3.64
C TYR B 122 -7.42 -4.99 -3.88
N ALA B 123 -7.18 -3.79 -3.35
CA ALA B 123 -8.11 -2.66 -3.49
C ALA B 123 -8.26 -2.25 -4.94
N ILE B 124 -7.15 -2.29 -5.65
CA ILE B 124 -7.18 -2.03 -7.04
C ILE B 124 -7.66 -3.25 -7.84
N TYR B 125 -7.39 -4.45 -7.33
CA TYR B 125 -7.90 -5.71 -7.92
C TYR B 125 -9.43 -5.74 -7.96
N VAL B 126 -10.06 -5.39 -6.84
CA VAL B 126 -11.50 -5.38 -6.74
C VAL B 126 -12.11 -4.25 -7.60
N LYS B 127 -11.37 -3.13 -7.71
CA LYS B 127 -11.77 -2.05 -8.59
C LYS B 127 -11.69 -2.54 -10.05
N ALA B 128 -10.57 -3.16 -10.41
CA ALA B 128 -10.29 -3.68 -11.76
C ALA B 128 -11.29 -4.72 -12.23
N VAL B 129 -11.75 -5.57 -11.32
CA VAL B 129 -12.73 -6.59 -11.67
C VAL B 129 -14.12 -5.94 -11.97
N GLU B 130 -14.37 -4.77 -11.36
CA GLU B 130 -15.58 -3.98 -11.63
C GLU B 130 -15.40 -3.06 -12.88
N GLU B 131 -14.13 -2.78 -13.22
CA GLU B 131 -13.76 -1.98 -14.40
C GLU B 131 -13.91 -2.80 -15.68
N GLY B 132 -13.90 -4.11 -15.53
CA GLY B 132 -13.94 -5.02 -16.66
C GLY B 132 -12.54 -5.41 -17.09
N VAL B 133 -11.60 -5.21 -16.19
CA VAL B 133 -10.22 -5.58 -16.39
C VAL B 133 -10.07 -7.02 -15.88
N ASN B 134 -9.53 -7.89 -16.72
CA ASN B 134 -9.38 -9.29 -16.38
C ASN B 134 -8.15 -9.52 -15.52
N LEU B 135 -8.36 -9.45 -14.24
CA LEU B 135 -7.36 -9.77 -13.29
C LEU B 135 -7.72 -11.01 -12.55
N ASN B 136 -6.72 -11.72 -12.21
CA ASN B 136 -6.80 -12.91 -11.43
C ASN B 136 -5.87 -12.68 -10.27
N LEU B 137 -5.98 -13.46 -9.24
CA LEU B 137 -5.18 -13.31 -8.01
C LEU B 137 -3.68 -13.44 -8.29
N GLU B 138 -3.33 -14.31 -9.25
CA GLU B 138 -1.94 -14.49 -9.60
C GLU B 138 -1.46 -13.36 -10.49
N ASP B 139 -2.30 -12.94 -11.45
CA ASP B 139 -1.99 -11.82 -12.37
C ASP B 139 -1.71 -10.56 -11.61
N ALA B 140 -2.56 -10.31 -10.60
CA ALA B 140 -2.44 -9.15 -9.74
C ALA B 140 -1.07 -9.07 -9.07
N ARG B 141 -0.63 -10.13 -8.39
CA ARG B 141 0.67 -10.11 -7.70
C ARG B 141 1.89 -10.21 -8.64
N ASN B 142 1.73 -10.95 -9.72
CA ASN B 142 2.84 -11.26 -10.62
C ASN B 142 3.17 -10.14 -11.57
N LEU B 143 2.16 -9.37 -11.97
CA LEU B 143 2.39 -8.15 -12.74
C LEU B 143 2.85 -7.08 -11.76
N SER B 144 3.37 -6.03 -12.25
CA SER B 144 3.75 -4.96 -11.38
C SER B 144 2.63 -3.94 -11.28
N VAL B 145 2.73 -3.08 -10.27
CA VAL B 145 1.82 -1.94 -10.02
C VAL B 145 1.67 -1.07 -11.29
N SER B 146 2.79 -0.97 -12.02
CA SER B 146 2.88 -0.28 -13.30
C SER B 146 1.79 -0.79 -14.29
N GLU B 147 1.71 -2.14 -14.46
CA GLU B 147 0.76 -2.77 -15.36
C GLU B 147 -0.67 -2.59 -14.90
N ILE B 148 -0.88 -2.72 -13.60
CA ILE B 148 -2.22 -2.68 -13.01
C ILE B 148 -2.87 -1.29 -13.15
N LEU B 149 -2.11 -0.26 -12.80
CA LEU B 149 -2.59 1.12 -12.89
C LEU B 149 -2.77 1.56 -14.34
N GLY B 150 -1.88 1.07 -15.20
CA GLY B 150 -1.98 1.35 -16.64
C GLY B 150 -3.24 0.74 -17.24
N LYS B 151 -3.65 -0.43 -16.72
CA LYS B 151 -4.86 -1.11 -17.18
C LYS B 151 -6.12 -0.36 -16.83
N LEU B 152 -6.15 0.27 -15.65
CA LEU B 152 -7.33 1.05 -15.21
C LEU B 152 -7.55 2.27 -16.10
N GLU B 153 -6.45 2.84 -16.55
CA GLU B 153 -6.45 4.05 -17.31
C GLU B 153 -6.70 3.85 -18.80
N HIS B 154 -6.31 2.71 -19.35
CA HIS B 154 -6.56 2.48 -20.79
C HIS B 154 -7.75 1.55 -21.04
N HIS B 155 -8.28 0.98 -20.00
CA HIS B 155 -9.39 0.06 -20.10
C HIS B 155 -10.36 0.35 -18.95
N HIS B 156 -11.34 1.16 -19.22
CA HIS B 156 -12.26 1.62 -18.19
C HIS B 156 -13.71 1.47 -18.60
N HIS B 157 -14.43 0.70 -17.82
CA HIS B 157 -15.87 0.53 -17.94
C HIS B 157 -16.42 0.32 -16.55
N HIS B 158 -17.69 0.04 -16.45
CA HIS B 158 -18.36 -0.24 -15.19
C HIS B 158 -19.44 -1.28 -15.47
N HIS B 159 -20.22 -1.62 -14.47
CA HIS B 159 -21.29 -2.58 -14.65
C HIS B 159 -22.55 -1.87 -15.07
N MET A 1 -3.45 -0.99 18.32
CA MET A 1 -3.28 -0.79 16.87
C MET A 1 -4.09 0.41 16.49
N TYR A 2 -3.68 1.10 15.46
CA TYR A 2 -4.45 2.19 14.95
C TYR A 2 -4.80 1.95 13.50
N ALA A 3 -3.80 1.91 12.63
CA ALA A 3 -4.07 1.78 11.21
C ALA A 3 -3.09 0.84 10.53
N TYR A 4 -3.52 0.30 9.43
CA TYR A 4 -2.71 -0.53 8.56
C TYR A 4 -2.48 0.25 7.30
N ILE A 5 -1.24 0.41 6.94
CA ILE A 5 -0.87 1.09 5.73
C ILE A 5 -0.18 0.11 4.82
N ASP A 6 -0.80 -0.18 3.77
CA ASP A 6 -0.27 -1.10 2.82
C ASP A 6 0.40 -0.37 1.72
N VAL A 7 1.63 -0.67 1.55
CA VAL A 7 2.45 -0.07 0.55
C VAL A 7 2.82 -1.15 -0.41
N ASP A 8 2.45 -1.00 -1.63
CA ASP A 8 2.80 -1.97 -2.61
C ASP A 8 3.77 -1.38 -3.60
N ILE A 9 4.83 -2.08 -3.77
CA ILE A 9 5.94 -1.71 -4.60
C ILE A 9 5.92 -2.61 -5.84
N ASN A 10 6.57 -2.15 -6.93
CA ASN A 10 6.67 -2.84 -8.22
C ASN A 10 5.38 -2.75 -8.92
N PRO B 1 6.50 -6.05 -4.40
CA PRO B 1 6.59 -6.24 -2.98
C PRO B 1 5.40 -5.65 -2.27
N SER B 2 4.54 -6.50 -1.77
CA SER B 2 3.37 -6.05 -1.04
C SER B 2 3.69 -5.98 0.49
N ILE B 3 3.75 -4.76 1.04
CA ILE B 3 4.12 -4.51 2.46
C ILE B 3 2.90 -3.97 3.23
N GLY B 4 2.74 -4.37 4.48
CA GLY B 4 1.74 -3.81 5.36
C GLY B 4 2.38 -3.25 6.62
N LEU B 5 2.23 -1.97 6.81
CA LEU B 5 2.79 -1.25 7.94
C LEU B 5 1.70 -0.98 8.95
N VAL B 6 1.74 -1.65 10.04
CA VAL B 6 0.75 -1.49 11.09
C VAL B 6 1.25 -0.44 12.04
N ILE B 7 0.54 0.65 12.16
CA ILE B 7 0.95 1.72 13.02
C ILE B 7 0.10 1.79 14.28
N ASP B 8 0.61 2.48 15.27
CA ASP B 8 -0.11 2.78 16.48
C ASP B 8 -0.67 4.21 16.36
N LYS B 9 -1.21 4.70 17.45
CA LYS B 9 -1.81 6.03 17.58
C LYS B 9 -0.81 7.20 17.29
N LYS B 10 0.50 6.94 17.36
CA LYS B 10 1.51 7.96 17.16
C LYS B 10 2.22 7.75 15.80
N GLU B 11 1.59 6.94 14.92
CA GLU B 11 2.09 6.60 13.55
C GLU B 11 3.35 5.75 13.57
N LYS B 12 3.66 5.11 14.66
CA LYS B 12 4.80 4.25 14.71
C LYS B 12 4.41 2.89 14.21
N VAL B 13 5.13 2.43 13.20
CA VAL B 13 4.93 1.12 12.66
C VAL B 13 5.40 0.11 13.67
N ILE B 14 4.48 -0.53 14.30
CA ILE B 14 4.74 -1.49 15.33
C ILE B 14 5.06 -2.85 14.73
N ASP B 15 4.48 -3.10 13.57
CA ASP B 15 4.69 -4.35 12.88
C ASP B 15 4.66 -4.11 11.40
N ALA B 16 5.64 -4.62 10.72
CA ALA B 16 5.69 -4.56 9.31
C ALA B 16 5.59 -5.98 8.81
N LYS B 17 4.52 -6.28 8.14
CA LYS B 17 4.25 -7.61 7.71
C LYS B 17 4.30 -7.71 6.19
N PRO B 18 4.82 -8.83 5.63
CA PRO B 18 4.81 -9.04 4.20
C PRO B 18 3.47 -9.65 3.76
N LEU B 19 2.75 -8.94 2.91
CA LEU B 19 1.46 -9.39 2.37
C LEU B 19 1.70 -10.37 1.21
N ASN B 20 2.89 -10.28 0.66
CA ASN B 20 3.35 -11.14 -0.39
C ASN B 20 4.81 -11.49 -0.03
N ASN B 21 5.27 -12.69 -0.42
CA ASN B 21 6.60 -13.27 -0.03
C ASN B 21 7.79 -12.43 -0.52
N ASP B 22 7.59 -11.69 -1.58
CA ASP B 22 8.65 -10.88 -2.22
C ASP B 22 9.03 -9.64 -1.40
N ALA B 23 8.17 -9.29 -0.48
CA ALA B 23 8.36 -8.15 0.39
C ALA B 23 9.26 -8.44 1.58
N LYS B 24 9.43 -9.73 1.93
CA LYS B 24 10.27 -10.12 3.05
C LYS B 24 11.73 -9.58 2.96
N PRO B 25 12.51 -9.75 1.79
CA PRO B 25 13.88 -9.21 1.67
C PRO B 25 13.93 -7.66 1.77
N ILE B 26 12.89 -6.98 1.28
CA ILE B 26 12.78 -5.52 1.36
C ILE B 26 12.63 -5.10 2.83
N LEU B 27 11.77 -5.79 3.56
CA LEU B 27 11.52 -5.51 4.97
C LEU B 27 12.70 -5.90 5.86
N ASP B 28 13.46 -6.85 5.41
CA ASP B 28 14.69 -7.29 6.06
C ASP B 28 15.72 -6.15 6.08
N GLU B 29 15.93 -5.53 4.92
CA GLU B 29 16.89 -4.44 4.78
C GLU B 29 16.34 -3.12 5.33
N ALA B 30 15.02 -2.94 5.22
CA ALA B 30 14.36 -1.74 5.71
C ALA B 30 14.28 -1.67 7.23
N ALA B 31 13.74 -2.73 7.84
CA ALA B 31 13.47 -2.84 9.29
C ALA B 31 12.59 -1.67 9.82
N PRO B 32 11.29 -1.60 9.41
CA PRO B 32 10.36 -0.53 9.80
C PRO B 32 9.60 -0.81 11.10
N LYS B 33 10.00 -1.84 11.83
CA LYS B 33 9.37 -2.13 13.10
C LYS B 33 9.96 -1.21 14.15
N ASP B 34 9.08 -0.45 14.81
CA ASP B 34 9.35 0.57 15.85
C ASP B 34 9.85 1.89 15.18
N MET B 35 9.53 2.02 13.91
CA MET B 35 9.96 3.13 13.10
C MET B 35 8.72 3.97 12.75
N PRO B 36 8.77 5.33 12.80
CA PRO B 36 7.59 6.19 12.47
C PRO B 36 7.26 6.11 10.97
N LEU B 37 5.95 6.17 10.63
CA LEU B 37 5.38 6.00 9.25
C LEU B 37 6.18 6.79 8.19
N TYR B 38 6.48 8.05 8.49
CA TYR B 38 7.24 8.92 7.60
C TYR B 38 8.64 8.34 7.29
N ASP B 39 9.35 7.97 8.33
CA ASP B 39 10.74 7.50 8.25
C ASP B 39 10.79 6.05 7.73
N ALA B 40 9.81 5.25 8.15
CA ALA B 40 9.63 3.86 7.75
C ALA B 40 9.38 3.77 6.28
N LEU B 41 8.42 4.56 5.79
CA LEU B 41 8.07 4.58 4.38
C LEU B 41 9.22 5.10 3.51
N SER B 42 10.02 6.01 4.08
CA SER B 42 11.23 6.50 3.41
C SER B 42 12.22 5.34 3.18
N LYS B 43 12.22 4.37 4.10
CA LYS B 43 13.10 3.25 4.04
C LYS B 43 12.55 2.17 3.12
N ILE B 44 11.20 1.98 3.10
CA ILE B 44 10.57 1.04 2.13
C ILE B 44 10.90 1.49 0.70
N LEU B 45 10.74 2.79 0.45
CA LEU B 45 11.01 3.38 -0.84
C LEU B 45 12.47 3.28 -1.19
N ASP B 46 13.33 3.62 -0.22
CA ASP B 46 14.82 3.56 -0.36
C ASP B 46 15.28 2.20 -0.78
N ILE B 47 14.89 1.20 -0.02
CA ILE B 47 15.29 -0.19 -0.24
C ILE B 47 14.72 -0.73 -1.57
N SER B 48 13.51 -0.35 -1.91
CA SER B 48 12.88 -0.81 -3.13
C SER B 48 13.51 -0.21 -4.39
N LYS B 49 13.90 1.06 -4.36
CA LYS B 49 14.53 1.69 -5.53
C LYS B 49 16.01 1.32 -5.63
N LYS B 50 16.56 0.89 -4.51
CA LYS B 50 17.92 0.41 -4.40
C LYS B 50 18.00 -1.07 -4.84
N ASN B 51 16.86 -1.77 -4.80
CA ASN B 51 16.75 -3.16 -5.28
C ASN B 51 16.20 -3.22 -6.71
N GLY B 52 15.84 -2.07 -7.24
CA GLY B 52 15.36 -1.99 -8.62
C GLY B 52 13.92 -2.44 -8.84
N TYR B 53 13.08 -2.34 -7.82
CA TYR B 53 11.66 -2.70 -7.97
C TYR B 53 10.84 -1.50 -8.42
N ILE B 54 11.36 -0.35 -8.14
CA ILE B 54 10.81 0.90 -8.58
C ILE B 54 11.96 1.71 -9.15
N ASN B 55 11.75 2.30 -10.29
CA ASN B 55 12.79 3.05 -11.00
C ASN B 55 12.46 4.50 -10.84
N SER B 56 13.43 5.38 -10.84
CA SER B 56 13.17 6.84 -10.73
C SER B 56 12.32 7.36 -11.94
N ALA B 57 12.44 6.66 -13.08
CA ALA B 57 11.70 6.98 -14.29
C ALA B 57 10.26 6.43 -14.25
N ASP B 58 10.07 5.32 -13.54
CA ASP B 58 8.77 4.65 -13.45
C ASP B 58 8.60 4.04 -12.08
N ASN B 59 7.93 4.77 -11.22
CA ASN B 59 7.70 4.37 -9.86
C ASN B 59 6.33 4.77 -9.35
N ILE B 60 5.36 3.95 -9.58
CA ILE B 60 4.07 4.20 -9.01
C ILE B 60 3.92 3.31 -7.79
N VAL B 61 3.84 3.93 -6.66
CA VAL B 61 3.72 3.22 -5.42
C VAL B 61 2.26 3.25 -4.98
N LEU B 62 1.77 2.12 -4.61
CA LEU B 62 0.40 1.96 -4.22
C LEU B 62 0.32 2.06 -2.70
N PHE B 63 -0.62 2.81 -2.23
CA PHE B 63 -0.85 3.01 -0.84
C PHE B 63 -2.29 2.75 -0.52
N SER B 64 -2.52 2.13 0.59
CA SER B 64 -3.83 1.96 1.14
C SER B 64 -3.76 2.08 2.62
N ALA B 65 -4.78 2.60 3.23
CA ALA B 65 -4.78 2.78 4.66
C ALA B 65 -6.14 2.52 5.25
N SER B 66 -6.18 1.76 6.30
CA SER B 66 -7.40 1.44 6.99
C SER B 66 -7.19 1.53 8.49
N ILE B 67 -8.12 2.14 9.19
CA ILE B 67 -8.04 2.22 10.64
C ILE B 67 -8.73 0.99 11.24
N ASN B 68 -7.92 0.11 11.82
CA ASN B 68 -8.41 -1.18 12.30
C ASN B 68 -8.59 -1.20 13.79
N SER B 69 -9.84 -1.39 14.20
CA SER B 69 -10.28 -1.60 15.60
C SER B 69 -10.05 -0.41 16.58
N GLY B 70 -8.77 -0.04 16.80
CA GLY B 70 -8.30 0.92 17.82
C GLY B 70 -9.16 2.14 18.08
N ARG B 71 -9.03 3.14 17.27
CA ARG B 71 -9.78 4.35 17.46
C ARG B 71 -10.85 4.46 16.39
N ASN B 72 -12.04 3.98 16.70
CA ASN B 72 -13.16 4.04 15.76
C ASN B 72 -14.24 4.98 16.28
N ASN B 73 -14.52 6.01 15.50
CA ASN B 73 -15.50 7.07 15.79
C ASN B 73 -15.50 7.99 14.59
N VAL B 74 -16.67 8.42 14.14
CA VAL B 74 -16.80 9.27 12.95
C VAL B 74 -16.03 10.62 13.09
N SER B 75 -15.93 11.12 14.32
CA SER B 75 -15.27 12.40 14.56
C SER B 75 -13.73 12.19 14.78
N GLU B 76 -13.27 10.95 14.75
CA GLU B 76 -11.87 10.65 14.98
C GLU B 76 -11.22 9.97 13.79
N SER B 77 -11.79 8.86 13.38
CA SER B 77 -11.25 8.01 12.32
C SER B 77 -11.31 8.67 10.94
N ASP B 78 -12.35 9.47 10.71
CA ASP B 78 -12.54 10.13 9.42
C ASP B 78 -11.52 11.26 9.22
N LYS B 79 -11.12 11.84 10.32
CA LYS B 79 -10.11 12.90 10.33
C LYS B 79 -8.70 12.30 10.40
N GLY B 80 -8.58 11.22 11.16
CA GLY B 80 -7.31 10.55 11.36
C GLY B 80 -6.79 9.89 10.11
N ILE B 81 -7.71 9.36 9.28
CA ILE B 81 -7.33 8.73 8.01
C ILE B 81 -6.75 9.80 7.06
N GLN B 82 -7.25 11.04 7.17
CA GLN B 82 -6.79 12.17 6.35
C GLN B 82 -5.36 12.51 6.67
N GLU B 83 -5.01 12.38 7.94
CA GLU B 83 -3.66 12.62 8.41
C GLU B 83 -2.71 11.55 7.87
N ILE B 84 -3.22 10.31 7.71
CA ILE B 84 -2.45 9.21 7.14
C ILE B 84 -2.16 9.51 5.67
N ILE B 85 -3.23 9.92 4.94
CA ILE B 85 -3.18 10.24 3.50
C ILE B 85 -2.14 11.35 3.24
N SER B 86 -2.10 12.33 4.17
CA SER B 86 -1.16 13.43 4.15
C SER B 86 0.29 12.95 4.22
N THR B 87 0.56 11.99 5.12
CA THR B 87 1.90 11.43 5.30
C THR B 87 2.32 10.64 4.05
N LEU B 88 1.40 9.85 3.50
CA LEU B 88 1.65 8.98 2.33
C LEU B 88 2.07 9.79 1.11
N LYS B 89 1.35 10.89 0.86
CA LYS B 89 1.67 11.75 -0.26
C LYS B 89 2.91 12.60 0.02
N ASP B 90 3.19 12.88 1.30
CA ASP B 90 4.32 13.75 1.66
C ASP B 90 5.65 13.02 1.56
N VAL B 91 5.67 11.73 1.97
CA VAL B 91 6.86 10.90 1.83
C VAL B 91 7.14 10.67 0.34
N ALA B 92 6.07 10.61 -0.44
CA ALA B 92 6.15 10.45 -1.87
C ALA B 92 6.71 11.71 -2.56
N LYS B 93 6.51 12.89 -1.96
CA LYS B 93 7.09 14.16 -2.46
C LYS B 93 8.58 14.12 -2.22
N ASP B 94 8.91 13.71 -0.99
CA ASP B 94 10.27 13.68 -0.46
C ASP B 94 11.15 12.71 -1.26
N ALA B 95 10.59 11.58 -1.60
CA ALA B 95 11.29 10.57 -2.37
C ALA B 95 11.27 10.90 -3.86
N GLY B 96 10.20 11.55 -4.30
CA GLY B 96 10.04 11.88 -5.69
C GLY B 96 9.49 10.72 -6.48
N VAL B 97 8.45 10.11 -5.95
CA VAL B 97 7.81 8.98 -6.61
C VAL B 97 6.38 9.34 -6.98
N LYS B 98 5.75 8.50 -7.77
CA LYS B 98 4.34 8.67 -8.09
C LYS B 98 3.57 7.81 -7.11
N PHE B 99 2.38 8.19 -6.82
CA PHE B 99 1.63 7.51 -5.83
C PHE B 99 0.17 7.32 -6.23
N GLU B 100 -0.39 6.25 -5.74
CA GLU B 100 -1.78 5.97 -5.86
C GLU B 100 -2.28 5.60 -4.49
N ILE B 101 -3.18 6.37 -3.94
CA ILE B 101 -3.64 6.16 -2.57
C ILE B 101 -5.11 5.76 -2.58
N ILE B 102 -5.38 4.62 -2.01
CA ILE B 102 -6.71 4.09 -1.89
C ILE B 102 -7.06 4.01 -0.39
N PRO B 103 -8.11 4.69 0.09
CA PRO B 103 -8.57 4.48 1.46
C PRO B 103 -9.29 3.13 1.58
N SER B 104 -8.91 2.36 2.56
CA SER B 104 -9.39 1.02 2.75
C SER B 104 -10.13 0.88 4.07
N THR B 105 -10.71 -0.28 4.28
CA THR B 105 -11.46 -0.62 5.47
C THR B 105 -10.79 -1.88 6.11
N GLU B 106 -11.06 -2.18 7.38
CA GLU B 106 -10.51 -3.40 8.02
C GLU B 106 -11.06 -4.70 7.39
N GLU B 107 -12.30 -4.60 6.84
CA GLU B 107 -12.93 -5.64 6.02
C GLU B 107 -12.01 -5.96 4.83
N ASP B 108 -11.59 -4.87 4.17
CA ASP B 108 -10.72 -4.89 2.99
C ASP B 108 -9.38 -5.51 3.33
N ARG B 109 -8.83 -5.11 4.49
CA ARG B 109 -7.59 -5.64 5.04
C ARG B 109 -7.55 -7.16 5.14
N GLN B 110 -8.59 -7.78 5.71
CA GLN B 110 -8.58 -9.21 5.84
C GLN B 110 -8.91 -9.96 4.54
N LYS B 111 -9.60 -9.28 3.62
CA LYS B 111 -9.87 -9.80 2.30
C LYS B 111 -8.64 -9.75 1.38
N ALA B 112 -7.79 -8.76 1.63
CA ALA B 112 -6.54 -8.57 0.91
C ALA B 112 -5.57 -9.70 1.19
N LEU B 113 -5.34 -9.97 2.47
CA LEU B 113 -4.42 -11.03 2.91
C LEU B 113 -4.98 -12.43 2.62
N ASP B 114 -6.31 -12.49 2.49
CA ASP B 114 -7.03 -13.71 2.13
C ASP B 114 -6.71 -14.09 0.66
N GLN B 115 -6.46 -13.05 -0.15
CA GLN B 115 -6.11 -13.18 -1.56
C GLN B 115 -4.59 -13.09 -1.82
N ASN B 116 -3.82 -12.89 -0.72
CA ASN B 116 -2.33 -12.79 -0.72
C ASN B 116 -1.87 -11.61 -1.58
N LEU B 117 -2.50 -10.53 -1.30
CA LEU B 117 -2.26 -9.27 -1.95
C LEU B 117 -2.18 -8.24 -0.85
N SER B 118 -1.74 -7.04 -1.16
CA SER B 118 -1.82 -5.97 -0.19
C SER B 118 -3.21 -5.37 -0.29
N MET B 119 -3.55 -4.48 0.61
CA MET B 119 -4.82 -3.77 0.53
C MET B 119 -4.92 -2.98 -0.76
N GLY B 120 -3.78 -2.41 -1.20
CA GLY B 120 -3.75 -1.65 -2.43
C GLY B 120 -3.89 -2.51 -3.65
N ARG B 121 -3.17 -3.63 -3.64
CA ARG B 121 -3.15 -4.57 -4.73
C ARG B 121 -4.55 -5.25 -4.89
N TYR B 122 -5.21 -5.50 -3.75
CA TYR B 122 -6.53 -6.11 -3.72
C TYR B 122 -7.64 -5.12 -4.07
N ALA B 123 -7.53 -3.89 -3.57
CA ALA B 123 -8.52 -2.84 -3.83
C ALA B 123 -8.62 -2.54 -5.30
N ILE B 124 -7.48 -2.48 -5.95
CA ILE B 124 -7.47 -2.23 -7.35
C ILE B 124 -7.81 -3.52 -8.16
N TYR B 125 -7.49 -4.69 -7.60
CA TYR B 125 -7.85 -6.03 -8.20
C TYR B 125 -9.38 -6.15 -8.35
N VAL B 126 -10.12 -5.81 -7.30
CA VAL B 126 -11.57 -5.91 -7.33
C VAL B 126 -12.18 -4.78 -8.21
N LYS B 127 -11.45 -3.68 -8.34
CA LYS B 127 -11.85 -2.59 -9.19
C LYS B 127 -11.68 -3.04 -10.66
N ALA B 128 -10.55 -3.70 -10.93
CA ALA B 128 -10.18 -4.25 -12.23
C ALA B 128 -11.18 -5.28 -12.71
N VAL B 129 -11.59 -6.19 -11.83
CA VAL B 129 -12.55 -7.23 -12.20
C VAL B 129 -13.95 -6.63 -12.54
N GLU B 130 -14.28 -5.47 -11.94
CA GLU B 130 -15.52 -4.76 -12.24
C GLU B 130 -15.41 -3.95 -13.54
N GLU B 131 -14.19 -3.57 -13.90
CA GLU B 131 -13.92 -2.93 -15.20
C GLU B 131 -13.98 -3.97 -16.32
N GLY B 132 -13.81 -5.23 -15.94
CA GLY B 132 -13.80 -6.31 -16.88
C GLY B 132 -12.40 -6.71 -17.24
N VAL B 133 -11.47 -6.30 -16.42
CA VAL B 133 -10.07 -6.62 -16.56
C VAL B 133 -9.84 -8.01 -15.96
N ASN B 134 -9.40 -8.93 -16.79
CA ASN B 134 -9.14 -10.29 -16.38
C ASN B 134 -7.81 -10.38 -15.64
N LEU B 135 -7.90 -10.38 -14.35
CA LEU B 135 -6.74 -10.55 -13.51
C LEU B 135 -6.85 -11.79 -12.69
N ASN B 136 -5.73 -12.36 -12.45
CA ASN B 136 -5.56 -13.48 -11.57
C ASN B 136 -4.80 -12.95 -10.38
N LEU B 137 -4.89 -13.63 -9.24
CA LEU B 137 -4.20 -13.21 -8.01
C LEU B 137 -2.70 -13.18 -8.19
N GLU B 138 -2.19 -14.16 -8.92
CA GLU B 138 -0.77 -14.32 -9.17
C GLU B 138 -0.31 -13.27 -10.15
N ASP B 139 -1.10 -13.03 -11.17
CA ASP B 139 -0.80 -12.05 -12.19
C ASP B 139 -0.82 -10.65 -11.65
N ALA B 140 -1.83 -10.34 -10.84
CA ALA B 140 -1.95 -9.04 -10.20
C ALA B 140 -0.76 -8.70 -9.30
N ARG B 141 -0.29 -9.68 -8.51
CA ARG B 141 0.84 -9.43 -7.60
C ARG B 141 2.19 -9.40 -8.33
N ASN B 142 2.30 -10.18 -9.40
CA ASN B 142 3.55 -10.28 -10.18
C ASN B 142 3.71 -9.17 -11.22
N LEU B 143 2.63 -8.54 -11.63
CA LEU B 143 2.71 -7.39 -12.50
C LEU B 143 3.11 -6.18 -11.71
N SER B 144 3.40 -5.11 -12.37
CA SER B 144 3.76 -3.92 -11.69
C SER B 144 2.49 -3.12 -11.40
N VAL B 145 2.53 -2.29 -10.37
CA VAL B 145 1.47 -1.36 -9.97
C VAL B 145 1.18 -0.41 -11.14
N SER B 146 2.27 -0.02 -11.80
CA SER B 146 2.24 0.81 -12.97
C SER B 146 1.49 0.10 -14.16
N GLU B 147 1.55 -1.24 -14.19
CA GLU B 147 0.88 -2.06 -15.21
C GLU B 147 -0.60 -2.18 -14.84
N ILE B 148 -0.86 -2.38 -13.53
CA ILE B 148 -2.22 -2.55 -12.97
C ILE B 148 -3.07 -1.27 -13.21
N LEU B 149 -2.48 -0.09 -12.92
CA LEU B 149 -3.14 1.20 -13.17
C LEU B 149 -3.42 1.41 -14.66
N GLY B 150 -2.47 1.00 -15.51
CA GLY B 150 -2.61 1.13 -16.96
C GLY B 150 -3.74 0.27 -17.50
N LYS B 151 -3.86 -0.96 -16.96
CA LYS B 151 -4.91 -1.92 -17.30
C LYS B 151 -6.31 -1.35 -17.06
N LEU B 152 -6.47 -0.58 -15.99
CA LEU B 152 -7.76 0.04 -15.65
C LEU B 152 -8.14 1.07 -16.69
N GLU B 153 -7.15 1.84 -17.14
CA GLU B 153 -7.38 2.96 -18.02
C GLU B 153 -7.69 2.54 -19.46
N HIS B 154 -6.97 1.57 -19.99
CA HIS B 154 -7.21 1.20 -21.41
C HIS B 154 -8.28 0.10 -21.57
N HIS B 155 -8.68 -0.52 -20.47
CA HIS B 155 -9.70 -1.55 -20.52
C HIS B 155 -10.85 -1.11 -19.60
N HIS B 156 -11.07 0.21 -19.57
CA HIS B 156 -12.09 0.85 -18.77
C HIS B 156 -13.49 0.47 -19.25
N HIS B 157 -14.21 -0.24 -18.37
CA HIS B 157 -15.56 -0.75 -18.58
C HIS B 157 -15.81 -1.49 -19.89
N HIS B 158 -15.31 -2.71 -19.93
CA HIS B 158 -15.49 -3.60 -21.04
C HIS B 158 -15.53 -5.03 -20.52
N HIS B 159 -16.66 -5.65 -20.67
CA HIS B 159 -16.86 -7.03 -20.27
C HIS B 159 -17.15 -7.85 -21.50
N MET A 1 -2.55 -0.47 18.58
CA MET A 1 -2.71 -0.59 17.13
C MET A 1 -3.76 0.38 16.68
N TYR A 2 -3.50 1.07 15.60
CA TYR A 2 -4.39 2.06 15.10
C TYR A 2 -4.84 1.72 13.69
N ALA A 3 -3.90 1.67 12.75
CA ALA A 3 -4.23 1.47 11.38
C ALA A 3 -3.23 0.59 10.66
N TYR A 4 -3.64 0.13 9.51
CA TYR A 4 -2.82 -0.65 8.61
C TYR A 4 -2.59 0.15 7.37
N ILE A 5 -1.36 0.26 6.96
CA ILE A 5 -1.02 0.90 5.72
C ILE A 5 -0.33 -0.14 4.86
N ASP A 6 -0.96 -0.49 3.82
CA ASP A 6 -0.43 -1.45 2.92
C ASP A 6 0.14 -0.79 1.73
N VAL A 7 1.41 -0.95 1.62
CA VAL A 7 2.21 -0.34 0.62
C VAL A 7 2.56 -1.41 -0.36
N ASP A 8 2.29 -1.18 -1.60
CA ASP A 8 2.64 -2.15 -2.56
C ASP A 8 3.49 -1.51 -3.61
N ILE A 9 4.61 -2.11 -3.82
CA ILE A 9 5.63 -1.64 -4.69
C ILE A 9 5.84 -2.72 -5.73
N ASN A 10 6.10 -2.32 -6.99
CA ASN A 10 6.40 -3.24 -8.13
C ASN A 10 5.27 -4.23 -8.31
N PRO B 1 7.02 -5.85 -3.96
CA PRO B 1 6.77 -6.28 -2.62
C PRO B 1 5.46 -5.76 -2.10
N SER B 2 4.67 -6.66 -1.55
CA SER B 2 3.43 -6.31 -0.88
C SER B 2 3.72 -6.21 0.64
N ILE B 3 3.62 -5.02 1.22
CA ILE B 3 3.98 -4.78 2.62
C ILE B 3 2.79 -4.15 3.36
N GLY B 4 2.62 -4.50 4.61
CA GLY B 4 1.68 -3.82 5.47
C GLY B 4 2.36 -3.26 6.69
N LEU B 5 2.33 -1.98 6.82
CA LEU B 5 2.90 -1.28 7.94
C LEU B 5 1.79 -0.99 8.92
N VAL B 6 1.86 -1.62 10.04
CA VAL B 6 0.87 -1.46 11.07
C VAL B 6 1.32 -0.33 11.96
N ILE B 7 0.59 0.74 11.98
CA ILE B 7 0.95 1.88 12.80
C ILE B 7 0.03 2.03 13.98
N ASP B 8 0.51 2.69 15.00
CA ASP B 8 -0.30 3.06 16.14
C ASP B 8 -0.68 4.54 15.99
N LYS B 9 -1.40 5.07 16.94
CA LYS B 9 -2.02 6.41 16.92
C LYS B 9 -1.06 7.59 16.74
N LYS B 10 0.23 7.39 16.93
CA LYS B 10 1.20 8.46 16.73
C LYS B 10 1.92 8.25 15.37
N GLU B 11 1.41 7.31 14.56
CA GLU B 11 1.94 6.95 13.25
C GLU B 11 3.35 6.36 13.35
N LYS B 12 3.50 5.44 14.28
CA LYS B 12 4.71 4.67 14.46
C LYS B 12 4.44 3.24 14.04
N VAL B 13 5.30 2.68 13.20
CA VAL B 13 5.13 1.31 12.73
C VAL B 13 5.52 0.36 13.85
N ILE B 14 4.55 -0.36 14.33
CA ILE B 14 4.75 -1.29 15.41
C ILE B 14 4.97 -2.71 14.87
N ASP B 15 4.59 -2.92 13.60
CA ASP B 15 4.72 -4.23 12.94
C ASP B 15 4.72 -4.03 11.44
N ALA B 16 5.59 -4.71 10.74
CA ALA B 16 5.58 -4.73 9.30
C ALA B 16 5.33 -6.17 8.83
N LYS B 17 4.19 -6.38 8.22
CA LYS B 17 3.80 -7.68 7.74
C LYS B 17 4.06 -7.84 6.23
N PRO B 18 4.84 -8.84 5.80
CA PRO B 18 5.03 -9.13 4.39
C PRO B 18 3.85 -9.94 3.83
N LEU B 19 3.18 -9.37 2.85
CA LEU B 19 2.04 -10.05 2.20
C LEU B 19 2.55 -10.82 0.99
N ASN B 20 3.78 -10.53 0.64
CA ASN B 20 4.48 -11.22 -0.40
C ASN B 20 5.90 -11.42 0.11
N ASN B 21 6.50 -12.55 -0.26
CA ASN B 21 7.80 -13.05 0.27
C ASN B 21 9.00 -12.16 -0.08
N ASP B 22 8.84 -11.38 -1.12
CA ASP B 22 9.89 -10.48 -1.64
C ASP B 22 10.06 -9.24 -0.76
N ALA B 23 9.06 -8.98 0.05
CA ALA B 23 9.07 -7.87 1.00
C ALA B 23 9.99 -8.15 2.18
N LYS B 24 10.14 -9.43 2.57
CA LYS B 24 10.94 -9.84 3.74
C LYS B 24 12.41 -9.29 3.69
N PRO B 25 13.24 -9.52 2.57
CA PRO B 25 14.62 -8.98 2.49
C PRO B 25 14.68 -7.44 2.53
N ILE B 26 13.64 -6.79 2.02
CA ILE B 26 13.56 -5.35 2.00
C ILE B 26 13.29 -4.81 3.40
N LEU B 27 12.38 -5.48 4.13
CA LEU B 27 12.04 -5.12 5.53
C LEU B 27 13.23 -5.33 6.43
N ASP B 28 14.06 -6.32 6.10
CA ASP B 28 15.29 -6.62 6.81
C ASP B 28 16.24 -5.42 6.81
N GLU B 29 16.49 -4.86 5.64
CA GLU B 29 17.38 -3.71 5.51
C GLU B 29 16.76 -2.42 6.02
N ALA B 30 15.53 -2.16 5.60
CA ALA B 30 14.77 -0.96 5.94
C ALA B 30 14.56 -0.82 7.46
N ALA B 31 14.15 -1.92 8.07
CA ALA B 31 13.79 -2.03 9.49
C ALA B 31 12.67 -1.04 9.85
N PRO B 32 11.44 -1.19 9.22
CA PRO B 32 10.32 -0.26 9.43
C PRO B 32 9.67 -0.41 10.79
N LYS B 33 9.89 -1.57 11.38
CA LYS B 33 9.35 -1.92 12.67
C LYS B 33 10.08 -1.12 13.74
N ASP B 34 9.30 -0.40 14.56
CA ASP B 34 9.76 0.50 15.67
C ASP B 34 10.21 1.88 15.12
N MET B 35 9.97 2.11 13.84
CA MET B 35 10.37 3.34 13.20
C MET B 35 9.10 4.12 12.80
N PRO B 36 9.13 5.50 12.81
CA PRO B 36 7.96 6.33 12.43
C PRO B 36 7.57 6.12 10.98
N LEU B 37 6.26 6.30 10.69
CA LEU B 37 5.64 6.05 9.37
C LEU B 37 6.41 6.73 8.25
N TYR B 38 6.79 8.00 8.45
CA TYR B 38 7.55 8.77 7.45
C TYR B 38 8.87 8.09 7.07
N ASP B 39 9.69 7.77 8.06
CA ASP B 39 11.03 7.22 7.81
C ASP B 39 10.94 5.78 7.33
N ALA B 40 10.01 5.02 7.92
CA ALA B 40 9.72 3.64 7.54
C ALA B 40 9.24 3.52 6.09
N LEU B 41 8.43 4.49 5.67
CA LEU B 41 7.89 4.52 4.34
C LEU B 41 8.95 4.99 3.34
N SER B 42 9.86 5.88 3.79
CA SER B 42 10.96 6.33 2.94
C SER B 42 11.94 5.17 2.72
N LYS B 43 12.10 4.33 3.74
CA LYS B 43 12.99 3.20 3.75
C LYS B 43 12.50 2.12 2.83
N ILE B 44 11.19 1.85 2.86
CA ILE B 44 10.63 0.79 2.05
C ILE B 44 10.72 1.15 0.54
N LEU B 45 10.67 2.44 0.24
CA LEU B 45 10.80 2.95 -1.11
C LEU B 45 12.24 2.90 -1.56
N ASP B 46 13.13 3.32 -0.68
CA ASP B 46 14.56 3.41 -0.93
C ASP B 46 15.19 2.05 -1.16
N ILE B 47 14.89 1.11 -0.29
CA ILE B 47 15.42 -0.23 -0.41
C ILE B 47 14.78 -0.98 -1.63
N SER B 48 13.55 -0.62 -2.03
CA SER B 48 12.95 -1.24 -3.20
C SER B 48 13.55 -0.73 -4.51
N LYS B 49 13.91 0.56 -4.59
CA LYS B 49 14.55 1.10 -5.79
C LYS B 49 16.01 0.66 -5.85
N LYS B 50 16.58 0.36 -4.68
CA LYS B 50 17.94 -0.11 -4.54
C LYS B 50 18.08 -1.50 -5.15
N ASN B 51 17.11 -2.38 -4.86
CA ASN B 51 17.11 -3.75 -5.33
C ASN B 51 16.55 -3.90 -6.75
N GLY B 52 15.99 -2.83 -7.29
CA GLY B 52 15.52 -2.86 -8.64
C GLY B 52 14.11 -3.38 -8.80
N TYR B 53 13.26 -3.13 -7.81
CA TYR B 53 11.86 -3.51 -7.93
C TYR B 53 11.13 -2.41 -8.69
N ILE B 54 11.47 -1.18 -8.42
CA ILE B 54 10.90 -0.07 -9.13
C ILE B 54 11.93 0.63 -9.96
N ASN B 55 11.49 1.25 -11.01
CA ASN B 55 12.36 1.89 -11.95
C ASN B 55 12.25 3.35 -11.72
N SER B 56 13.31 4.09 -11.89
CA SER B 56 13.24 5.52 -11.72
C SER B 56 12.56 6.19 -12.94
N ALA B 57 12.46 5.43 -14.04
CA ALA B 57 11.77 5.88 -15.25
C ALA B 57 10.25 5.85 -15.03
N ASP B 58 9.80 4.88 -14.24
CA ASP B 58 8.39 4.73 -13.89
C ASP B 58 8.27 3.90 -12.63
N ASN B 59 7.73 4.53 -11.63
CA ASN B 59 7.59 3.96 -10.32
C ASN B 59 6.30 4.36 -9.69
N ILE B 60 5.27 3.60 -9.93
CA ILE B 60 3.99 3.85 -9.30
C ILE B 60 3.87 2.96 -8.09
N VAL B 61 3.80 3.59 -6.95
CA VAL B 61 3.68 2.89 -5.70
C VAL B 61 2.25 3.05 -5.18
N LEU B 62 1.72 1.98 -4.71
CA LEU B 62 0.38 1.91 -4.22
C LEU B 62 0.41 2.03 -2.70
N PHE B 63 -0.47 2.83 -2.17
CA PHE B 63 -0.61 2.97 -0.75
C PHE B 63 -2.08 2.83 -0.43
N SER B 64 -2.41 2.01 0.52
CA SER B 64 -3.75 1.91 1.00
C SER B 64 -3.76 1.90 2.49
N ALA B 65 -4.73 2.51 3.10
CA ALA B 65 -4.75 2.62 4.54
C ALA B 65 -6.14 2.41 5.08
N SER B 66 -6.23 1.72 6.19
CA SER B 66 -7.48 1.49 6.88
C SER B 66 -7.27 1.55 8.39
N ILE B 67 -8.14 2.24 9.09
CA ILE B 67 -8.02 2.32 10.55
C ILE B 67 -8.81 1.17 11.17
N ASN B 68 -8.09 0.17 11.63
CA ASN B 68 -8.72 -1.04 12.15
C ASN B 68 -8.72 -1.07 13.64
N SER B 69 -9.92 -0.99 14.21
CA SER B 69 -10.25 -1.21 15.66
C SER B 69 -9.73 -0.16 16.67
N GLY B 70 -8.59 0.47 16.38
CA GLY B 70 -7.99 1.44 17.29
C GLY B 70 -8.84 2.67 17.50
N ARG B 71 -9.53 3.09 16.46
CA ARG B 71 -10.40 4.22 16.50
C ARG B 71 -11.46 4.04 15.43
N ASN B 72 -12.63 3.65 15.84
CA ASN B 72 -13.73 3.48 14.90
C ASN B 72 -14.89 4.33 15.35
N ASN B 73 -14.95 5.55 14.85
CA ASN B 73 -16.02 6.48 15.17
C ASN B 73 -16.22 7.50 14.09
N VAL B 74 -17.48 7.95 13.96
CA VAL B 74 -17.90 8.82 12.87
C VAL B 74 -17.20 10.18 12.95
N SER B 75 -16.60 10.57 11.82
CA SER B 75 -15.88 11.82 11.60
C SER B 75 -14.44 11.76 12.14
N GLU B 76 -14.21 11.05 13.24
CA GLU B 76 -12.88 10.96 13.80
C GLU B 76 -12.00 10.04 13.00
N SER B 77 -12.54 8.92 12.56
CA SER B 77 -11.83 7.99 11.73
C SER B 77 -11.77 8.50 10.28
N ASP B 78 -12.75 9.32 9.91
CA ASP B 78 -12.86 9.88 8.56
C ASP B 78 -11.82 10.96 8.35
N LYS B 79 -11.64 11.80 9.35
CA LYS B 79 -10.61 12.84 9.29
C LYS B 79 -9.24 12.20 9.57
N GLY B 80 -9.23 11.21 10.46
CA GLY B 80 -8.02 10.52 10.85
C GLY B 80 -7.38 9.76 9.72
N ILE B 81 -8.21 9.18 8.83
CA ILE B 81 -7.70 8.46 7.68
C ILE B 81 -7.05 9.45 6.69
N GLN B 82 -7.65 10.66 6.59
CA GLN B 82 -7.16 11.75 5.73
C GLN B 82 -5.79 12.22 6.14
N GLU B 83 -5.53 12.20 7.46
CA GLU B 83 -4.26 12.61 8.02
C GLU B 83 -3.18 11.61 7.65
N ILE B 84 -3.53 10.34 7.65
CA ILE B 84 -2.63 9.26 7.26
C ILE B 84 -2.33 9.36 5.76
N ILE B 85 -3.38 9.66 4.96
CA ILE B 85 -3.25 9.83 3.48
C ILE B 85 -2.26 10.97 3.16
N SER B 86 -2.27 12.02 4.00
CA SER B 86 -1.37 13.15 3.88
C SER B 86 0.08 12.74 4.09
N THR B 87 0.34 11.82 5.01
CA THR B 87 1.69 11.35 5.27
C THR B 87 2.17 10.44 4.11
N LEU B 88 1.26 9.61 3.60
CA LEU B 88 1.54 8.66 2.51
C LEU B 88 1.96 9.40 1.24
N LYS B 89 1.26 10.47 0.93
CA LYS B 89 1.60 11.26 -0.24
C LYS B 89 2.81 12.13 0.01
N ASP B 90 3.04 12.54 1.26
CA ASP B 90 4.15 13.45 1.61
C ASP B 90 5.47 12.74 1.39
N VAL B 91 5.54 11.49 1.83
CA VAL B 91 6.71 10.62 1.65
C VAL B 91 6.90 10.30 0.18
N ALA B 92 5.80 10.06 -0.52
CA ALA B 92 5.83 9.71 -1.93
C ALA B 92 6.36 10.89 -2.79
N LYS B 93 5.95 12.10 -2.42
CA LYS B 93 6.40 13.33 -3.09
C LYS B 93 7.85 13.68 -2.71
N ASP B 94 8.24 13.30 -1.49
CA ASP B 94 9.60 13.48 -0.97
C ASP B 94 10.56 12.55 -1.70
N ALA B 95 10.14 11.31 -1.85
CA ALA B 95 10.86 10.26 -2.59
C ALA B 95 10.89 10.58 -4.09
N GLY B 96 9.85 11.23 -4.59
CA GLY B 96 9.77 11.61 -5.97
C GLY B 96 9.17 10.52 -6.84
N VAL B 97 8.37 9.67 -6.24
CA VAL B 97 7.77 8.57 -6.96
C VAL B 97 6.33 8.93 -7.38
N LYS B 98 5.75 8.10 -8.21
CA LYS B 98 4.40 8.25 -8.69
C LYS B 98 3.54 7.41 -7.77
N PHE B 99 2.32 7.77 -7.52
CA PHE B 99 1.56 7.08 -6.51
C PHE B 99 0.06 7.05 -6.75
N GLU B 100 -0.57 6.12 -6.05
CA GLU B 100 -1.99 5.93 -6.02
C GLU B 100 -2.35 5.53 -4.59
N ILE B 101 -3.21 6.29 -3.95
CA ILE B 101 -3.59 6.01 -2.58
C ILE B 101 -5.09 5.69 -2.50
N ILE B 102 -5.40 4.53 -1.97
CA ILE B 102 -6.76 4.07 -1.84
C ILE B 102 -7.08 3.96 -0.33
N PRO B 103 -8.13 4.60 0.17
CA PRO B 103 -8.59 4.33 1.53
C PRO B 103 -9.35 2.98 1.57
N SER B 104 -8.97 2.15 2.49
CA SER B 104 -9.52 0.81 2.60
C SER B 104 -10.43 0.66 3.83
N THR B 105 -11.07 -0.48 3.94
CA THR B 105 -11.96 -0.81 5.03
C THR B 105 -11.29 -1.93 5.88
N GLU B 106 -11.78 -2.20 7.08
CA GLU B 106 -11.25 -3.28 7.93
C GLU B 106 -11.51 -4.69 7.32
N GLU B 107 -12.62 -4.83 6.59
CA GLU B 107 -12.96 -6.03 5.86
C GLU B 107 -12.01 -6.19 4.69
N ASP B 108 -11.73 -5.07 4.02
CA ASP B 108 -10.81 -5.00 2.84
C ASP B 108 -9.44 -5.52 3.23
N ARG B 109 -8.98 -5.09 4.41
CA ARG B 109 -7.73 -5.53 5.04
C ARG B 109 -7.62 -7.06 5.13
N GLN B 110 -8.66 -7.71 5.64
CA GLN B 110 -8.61 -9.15 5.85
C GLN B 110 -8.83 -9.93 4.56
N LYS B 111 -9.50 -9.33 3.59
CA LYS B 111 -9.75 -9.99 2.30
C LYS B 111 -8.50 -9.89 1.42
N ALA B 112 -7.71 -8.87 1.66
CA ALA B 112 -6.47 -8.65 0.96
C ALA B 112 -5.46 -9.75 1.29
N LEU B 113 -5.27 -9.97 2.59
CA LEU B 113 -4.34 -10.97 3.09
C LEU B 113 -4.83 -12.39 2.80
N ASP B 114 -6.14 -12.53 2.62
CA ASP B 114 -6.77 -13.80 2.28
C ASP B 114 -6.55 -14.14 0.79
N GLN B 115 -6.34 -13.11 -0.01
CA GLN B 115 -6.09 -13.25 -1.46
C GLN B 115 -4.59 -13.19 -1.82
N ASN B 116 -3.73 -13.03 -0.77
CA ASN B 116 -2.22 -13.06 -0.87
C ASN B 116 -1.69 -11.78 -1.52
N LEU B 117 -2.39 -10.70 -1.28
CA LEU B 117 -2.06 -9.42 -1.82
C LEU B 117 -2.00 -8.44 -0.66
N SER B 118 -1.53 -7.23 -0.92
CA SER B 118 -1.60 -6.18 0.06
C SER B 118 -3.00 -5.59 -0.06
N MET B 119 -3.39 -4.71 0.86
CA MET B 119 -4.69 -4.02 0.76
C MET B 119 -4.71 -3.16 -0.46
N GLY B 120 -3.55 -2.60 -0.80
CA GLY B 120 -3.40 -1.77 -1.95
C GLY B 120 -3.66 -2.50 -3.23
N ARG B 121 -2.97 -3.62 -3.38
CA ARG B 121 -3.06 -4.39 -4.60
C ARG B 121 -4.41 -5.12 -4.69
N TYR B 122 -5.02 -5.43 -3.55
CA TYR B 122 -6.33 -6.07 -3.53
C TYR B 122 -7.44 -5.08 -3.84
N ALA B 123 -7.36 -3.87 -3.30
CA ALA B 123 -8.33 -2.81 -3.53
C ALA B 123 -8.35 -2.43 -4.99
N ILE B 124 -7.17 -2.41 -5.60
CA ILE B 124 -7.05 -2.14 -6.99
C ILE B 124 -7.42 -3.37 -7.87
N TYR B 125 -7.20 -4.58 -7.36
CA TYR B 125 -7.62 -5.84 -8.03
C TYR B 125 -9.13 -5.90 -8.17
N VAL B 126 -9.84 -5.62 -7.07
CA VAL B 126 -11.28 -5.66 -7.07
C VAL B 126 -11.87 -4.45 -7.85
N LYS B 127 -11.09 -3.35 -7.91
CA LYS B 127 -11.48 -2.19 -8.71
C LYS B 127 -11.38 -2.55 -10.19
N ALA B 128 -10.24 -3.11 -10.56
CA ALA B 128 -9.91 -3.51 -11.93
C ALA B 128 -10.86 -4.54 -12.48
N VAL B 129 -11.19 -5.54 -11.68
CA VAL B 129 -12.07 -6.62 -12.11
C VAL B 129 -13.50 -6.09 -12.42
N GLU B 130 -13.94 -5.06 -11.67
CA GLU B 130 -15.26 -4.46 -11.90
C GLU B 130 -15.27 -3.57 -13.15
N GLU B 131 -14.13 -2.92 -13.44
CA GLU B 131 -14.00 -2.02 -14.59
C GLU B 131 -13.91 -2.77 -15.91
N GLY B 132 -13.59 -4.04 -15.84
CA GLY B 132 -13.44 -4.84 -17.03
C GLY B 132 -11.99 -4.97 -17.43
N VAL B 133 -11.14 -4.93 -16.44
CA VAL B 133 -9.74 -5.19 -16.59
C VAL B 133 -9.54 -6.64 -16.22
N ASN B 134 -8.85 -7.38 -17.06
CA ASN B 134 -8.62 -8.79 -16.86
C ASN B 134 -7.52 -9.04 -15.84
N LEU B 135 -7.93 -9.35 -14.64
CA LEU B 135 -7.01 -9.76 -13.63
C LEU B 135 -7.37 -11.08 -13.02
N ASN B 136 -6.35 -11.78 -12.67
CA ASN B 136 -6.38 -13.04 -11.96
C ASN B 136 -5.55 -12.75 -10.74
N LEU B 137 -5.67 -13.54 -9.69
CA LEU B 137 -4.89 -13.35 -8.46
C LEU B 137 -3.40 -13.43 -8.71
N GLU B 138 -3.01 -14.32 -9.63
CA GLU B 138 -1.62 -14.49 -10.01
C GLU B 138 -1.14 -13.29 -10.83
N ASP B 139 -1.93 -12.86 -11.81
CA ASP B 139 -1.59 -11.68 -12.64
C ASP B 139 -1.48 -10.42 -11.83
N ALA B 140 -2.37 -10.27 -10.85
CA ALA B 140 -2.38 -9.13 -9.95
C ALA B 140 -1.06 -8.99 -9.22
N ARG B 141 -0.61 -10.07 -8.58
CA ARG B 141 0.63 -10.07 -7.80
C ARG B 141 1.90 -10.10 -8.66
N ASN B 142 1.82 -10.64 -9.84
CA ASN B 142 2.99 -10.80 -10.70
C ASN B 142 3.22 -9.65 -11.65
N LEU B 143 2.21 -8.86 -11.93
CA LEU B 143 2.37 -7.65 -12.71
C LEU B 143 2.81 -6.52 -11.81
N SER B 144 3.12 -5.40 -12.37
CA SER B 144 3.48 -4.28 -11.58
C SER B 144 2.24 -3.44 -11.27
N VAL B 145 2.33 -2.62 -10.25
CA VAL B 145 1.31 -1.65 -9.86
C VAL B 145 1.02 -0.71 -11.05
N SER B 146 2.10 -0.26 -11.70
CA SER B 146 2.04 0.54 -12.93
C SER B 146 1.22 -0.15 -14.05
N GLU B 147 1.34 -1.49 -14.13
CA GLU B 147 0.61 -2.30 -15.10
C GLU B 147 -0.87 -2.27 -14.85
N ILE B 148 -1.25 -2.36 -13.59
CA ILE B 148 -2.66 -2.41 -13.23
C ILE B 148 -3.27 -1.00 -13.38
N LEU B 149 -2.51 0.01 -12.97
CA LEU B 149 -2.92 1.42 -13.08
C LEU B 149 -3.14 1.84 -14.52
N GLY B 150 -2.24 1.41 -15.41
CA GLY B 150 -2.35 1.73 -16.84
C GLY B 150 -3.58 1.11 -17.47
N LYS B 151 -3.99 -0.02 -16.94
CA LYS B 151 -5.17 -0.71 -17.40
C LYS B 151 -6.44 -0.02 -16.92
N LEU B 152 -6.40 0.53 -15.70
CA LEU B 152 -7.51 1.32 -15.15
C LEU B 152 -7.69 2.65 -15.87
N GLU B 153 -6.60 3.18 -16.41
CA GLU B 153 -6.62 4.41 -17.17
C GLU B 153 -7.34 4.22 -18.51
N HIS B 154 -7.08 3.10 -19.17
CA HIS B 154 -7.71 2.86 -20.47
C HIS B 154 -9.04 2.07 -20.40
N HIS B 155 -9.27 1.40 -19.30
CA HIS B 155 -10.53 0.68 -19.05
C HIS B 155 -11.12 1.19 -17.75
N HIS B 156 -12.06 2.10 -17.85
CA HIS B 156 -12.69 2.68 -16.69
C HIS B 156 -14.18 2.86 -17.00
N HIS B 157 -15.05 2.66 -16.01
CA HIS B 157 -16.51 2.75 -16.18
C HIS B 157 -17.03 4.20 -16.45
N HIS B 158 -16.95 4.58 -17.70
CA HIS B 158 -17.46 5.84 -18.22
C HIS B 158 -17.31 5.74 -19.71
N HIS B 159 -18.37 5.97 -20.41
CA HIS B 159 -18.37 5.86 -21.86
C HIS B 159 -18.94 7.09 -22.45
N MET A 1 -3.79 -1.34 17.49
CA MET A 1 -3.76 -1.02 16.06
C MET A 1 -4.45 0.30 15.79
N TYR A 2 -3.96 1.00 14.79
CA TYR A 2 -4.57 2.20 14.33
C TYR A 2 -4.84 2.01 12.85
N ALA A 3 -3.80 2.01 12.05
CA ALA A 3 -3.96 1.91 10.64
C ALA A 3 -2.97 0.96 10.03
N TYR A 4 -3.39 0.31 9.02
CA TYR A 4 -2.57 -0.55 8.23
C TYR A 4 -2.30 0.19 6.96
N ILE A 5 -1.06 0.43 6.69
CA ILE A 5 -0.67 1.08 5.47
C ILE A 5 -0.02 0.03 4.61
N ASP A 6 -0.63 -0.30 3.55
CA ASP A 6 -0.10 -1.25 2.65
C ASP A 6 0.52 -0.52 1.49
N VAL A 7 1.74 -0.77 1.32
CA VAL A 7 2.56 -0.15 0.35
C VAL A 7 2.83 -1.16 -0.69
N ASP A 8 2.43 -0.91 -1.85
CA ASP A 8 2.63 -1.84 -2.86
C ASP A 8 3.53 -1.26 -3.90
N ILE A 9 4.62 -1.89 -4.04
CA ILE A 9 5.64 -1.55 -4.97
C ILE A 9 5.70 -2.72 -5.94
N ASN A 10 6.04 -2.42 -7.20
CA ASN A 10 6.14 -3.36 -8.36
C ASN A 10 6.40 -4.82 -8.01
N PRO B 1 7.45 -5.47 -4.41
CA PRO B 1 7.28 -5.94 -3.05
C PRO B 1 6.07 -5.26 -2.39
N SER B 2 5.28 -6.00 -1.66
CA SER B 2 4.09 -5.47 -1.03
C SER B 2 4.23 -5.52 0.51
N ILE B 3 4.34 -4.37 1.13
CA ILE B 3 4.66 -4.21 2.55
C ILE B 3 3.45 -3.65 3.31
N GLY B 4 3.08 -4.28 4.40
CA GLY B 4 2.06 -3.72 5.24
C GLY B 4 2.67 -3.16 6.51
N LEU B 5 2.53 -1.89 6.69
CA LEU B 5 3.04 -1.19 7.85
C LEU B 5 1.90 -0.98 8.80
N VAL B 6 1.90 -1.68 9.88
CA VAL B 6 0.85 -1.58 10.87
C VAL B 6 1.27 -0.54 11.86
N ILE B 7 0.59 0.57 11.90
CA ILE B 7 0.91 1.61 12.84
C ILE B 7 -0.10 1.65 13.96
N ASP B 8 0.30 2.23 15.07
CA ASP B 8 -0.63 2.51 16.14
C ASP B 8 -0.77 4.04 16.22
N LYS B 9 -1.29 4.56 17.31
CA LYS B 9 -1.69 5.97 17.45
C LYS B 9 -0.55 6.98 17.32
N LYS B 10 0.68 6.55 17.55
CA LYS B 10 1.80 7.44 17.48
C LYS B 10 2.46 7.38 16.10
N GLU B 11 1.81 6.63 15.16
CA GLU B 11 2.28 6.36 13.79
C GLU B 11 3.51 5.47 13.79
N LYS B 12 3.69 4.77 14.88
CA LYS B 12 4.76 3.85 15.04
C LYS B 12 4.38 2.56 14.40
N VAL B 13 5.20 2.10 13.50
CA VAL B 13 4.98 0.84 12.86
C VAL B 13 5.33 -0.25 13.86
N ILE B 14 4.32 -0.88 14.38
CA ILE B 14 4.46 -1.90 15.40
C ILE B 14 4.89 -3.23 14.77
N ASP B 15 4.47 -3.44 13.54
CA ASP B 15 4.85 -4.61 12.78
C ASP B 15 4.81 -4.28 11.31
N ALA B 16 5.80 -4.73 10.60
CA ALA B 16 5.85 -4.60 9.20
C ALA B 16 5.76 -5.99 8.62
N LYS B 17 4.70 -6.26 7.94
CA LYS B 17 4.44 -7.58 7.45
C LYS B 17 4.50 -7.64 5.94
N PRO B 18 5.06 -8.71 5.35
CA PRO B 18 5.06 -8.87 3.92
C PRO B 18 3.77 -9.55 3.44
N LEU B 19 2.97 -8.83 2.65
CA LEU B 19 1.72 -9.39 2.09
C LEU B 19 2.04 -10.22 0.85
N ASN B 20 3.25 -10.06 0.40
CA ASN B 20 3.81 -10.76 -0.68
C ASN B 20 5.25 -11.09 -0.30
N ASN B 21 5.71 -12.29 -0.66
CA ASN B 21 7.05 -12.86 -0.29
C ASN B 21 8.21 -12.02 -0.80
N ASP B 22 7.96 -11.22 -1.82
CA ASP B 22 8.97 -10.37 -2.44
C ASP B 22 9.34 -9.20 -1.50
N ALA B 23 8.51 -8.94 -0.49
CA ALA B 23 8.71 -7.85 0.43
C ALA B 23 9.63 -8.19 1.60
N LYS B 24 9.82 -9.50 1.86
CA LYS B 24 10.66 -9.96 2.96
C LYS B 24 12.11 -9.37 2.95
N PRO B 25 12.91 -9.46 1.80
CA PRO B 25 14.28 -8.88 1.75
C PRO B 25 14.30 -7.34 1.92
N ILE B 26 13.22 -6.67 1.51
CA ILE B 26 13.08 -5.22 1.64
C ILE B 26 12.92 -4.85 3.12
N LEU B 27 12.13 -5.63 3.85
CA LEU B 27 11.90 -5.42 5.28
C LEU B 27 13.12 -5.73 6.11
N ASP B 28 13.91 -6.66 5.61
CA ASP B 28 15.18 -7.05 6.20
C ASP B 28 16.18 -5.88 6.18
N GLU B 29 16.28 -5.19 5.04
CA GLU B 29 17.19 -4.10 4.90
C GLU B 29 16.65 -2.79 5.48
N ALA B 30 15.34 -2.56 5.32
CA ALA B 30 14.70 -1.32 5.78
C ALA B 30 14.57 -1.23 7.29
N ALA B 31 14.09 -2.33 7.90
CA ALA B 31 13.80 -2.42 9.36
C ALA B 31 12.85 -1.29 9.84
N PRO B 32 11.57 -1.26 9.37
CA PRO B 32 10.64 -0.18 9.66
C PRO B 32 9.81 -0.36 10.94
N LYS B 33 10.15 -1.33 11.77
CA LYS B 33 9.40 -1.50 13.01
C LYS B 33 9.97 -0.60 14.07
N ASP B 34 9.06 0.00 14.87
CA ASP B 34 9.36 0.98 15.94
C ASP B 34 9.78 2.34 15.33
N MET B 35 9.51 2.46 14.06
CA MET B 35 9.92 3.58 13.26
C MET B 35 8.62 4.31 12.87
N PRO B 36 8.61 5.68 12.87
CA PRO B 36 7.39 6.44 12.51
C PRO B 36 7.10 6.33 11.02
N LEU B 37 5.79 6.40 10.65
CA LEU B 37 5.24 6.21 9.28
C LEU B 37 6.08 6.92 8.22
N TYR B 38 6.35 8.19 8.43
CA TYR B 38 7.09 9.02 7.48
C TYR B 38 8.52 8.48 7.21
N ASP B 39 9.24 8.17 8.27
CA ASP B 39 10.63 7.70 8.19
C ASP B 39 10.72 6.23 7.73
N ALA B 40 9.77 5.43 8.21
CA ALA B 40 9.66 4.01 7.90
C ALA B 40 9.35 3.77 6.43
N LEU B 41 8.36 4.50 5.94
CA LEU B 41 7.92 4.41 4.55
C LEU B 41 8.99 4.94 3.61
N SER B 42 9.73 5.92 4.07
CA SER B 42 10.82 6.50 3.32
C SER B 42 11.94 5.44 3.12
N LYS B 43 12.11 4.55 4.11
CA LYS B 43 13.13 3.53 4.03
C LYS B 43 12.64 2.36 3.15
N ILE B 44 11.33 2.12 3.14
CA ILE B 44 10.70 1.14 2.21
C ILE B 44 11.01 1.52 0.75
N LEU B 45 10.81 2.80 0.45
CA LEU B 45 11.01 3.35 -0.88
C LEU B 45 12.51 3.40 -1.22
N ASP B 46 13.32 3.77 -0.23
CA ASP B 46 14.80 3.84 -0.31
C ASP B 46 15.40 2.50 -0.72
N ILE B 47 15.00 1.47 -0.02
CA ILE B 47 15.48 0.12 -0.25
C ILE B 47 14.97 -0.44 -1.61
N SER B 48 13.75 -0.07 -1.98
CA SER B 48 13.18 -0.54 -3.23
C SER B 48 13.80 0.11 -4.47
N LYS B 49 14.17 1.40 -4.39
CA LYS B 49 14.83 2.05 -5.52
C LYS B 49 16.29 1.57 -5.62
N LYS B 50 16.86 1.26 -4.43
CA LYS B 50 18.22 0.74 -4.28
C LYS B 50 18.36 -0.59 -5.03
N ASN B 51 17.39 -1.46 -4.80
CA ASN B 51 17.37 -2.78 -5.39
C ASN B 51 16.83 -2.79 -6.81
N GLY B 52 16.29 -1.67 -7.27
CA GLY B 52 15.87 -1.54 -8.66
C GLY B 52 14.46 -2.02 -8.95
N TYR B 53 13.56 -1.89 -8.00
CA TYR B 53 12.16 -2.27 -8.22
C TYR B 53 11.37 -1.10 -8.77
N ILE B 54 11.86 0.09 -8.49
CA ILE B 54 11.27 1.32 -8.99
C ILE B 54 12.35 2.20 -9.60
N ASN B 55 12.07 2.71 -10.77
CA ASN B 55 12.98 3.57 -11.55
C ASN B 55 12.45 4.97 -11.50
N SER B 56 13.16 5.94 -12.08
CA SER B 56 12.68 7.33 -12.14
C SER B 56 11.49 7.43 -13.10
N ALA B 57 11.54 6.62 -14.17
CA ALA B 57 10.47 6.56 -15.15
C ALA B 57 9.34 5.68 -14.66
N ASP B 58 9.67 4.66 -13.89
CA ASP B 58 8.69 3.68 -13.48
C ASP B 58 8.68 3.54 -11.97
N ASN B 59 8.05 4.49 -11.33
CA ASN B 59 7.92 4.46 -9.89
C ASN B 59 6.52 4.75 -9.43
N ILE B 60 5.61 3.89 -9.74
CA ILE B 60 4.26 4.08 -9.27
C ILE B 60 4.13 3.22 -8.05
N VAL B 61 3.95 3.86 -6.93
CA VAL B 61 3.81 3.18 -5.69
C VAL B 61 2.39 3.34 -5.20
N LEU B 62 1.79 2.25 -4.84
CA LEU B 62 0.43 2.21 -4.40
C LEU B 62 0.45 2.26 -2.88
N PHE B 63 -0.42 3.04 -2.32
CA PHE B 63 -0.54 3.12 -0.89
C PHE B 63 -1.99 2.95 -0.55
N SER B 64 -2.27 2.15 0.40
CA SER B 64 -3.58 1.98 0.90
C SER B 64 -3.53 2.11 2.39
N ALA B 65 -4.55 2.65 2.98
CA ALA B 65 -4.57 2.79 4.41
C ALA B 65 -5.93 2.46 4.92
N SER B 66 -5.98 1.67 5.93
CA SER B 66 -7.22 1.26 6.53
C SER B 66 -7.12 1.39 8.03
N ILE B 67 -8.08 2.01 8.65
CA ILE B 67 -8.09 2.10 10.08
C ILE B 67 -8.83 0.92 10.68
N ASN B 68 -8.07 0.09 11.37
CA ASN B 68 -8.57 -1.11 11.96
C ASN B 68 -8.83 -0.88 13.41
N SER B 69 -10.00 -1.36 13.86
CA SER B 69 -10.50 -1.27 15.24
C SER B 69 -10.96 0.17 15.58
N GLY B 70 -10.77 1.09 14.62
CA GLY B 70 -11.10 2.49 14.79
C GLY B 70 -10.18 3.17 15.76
N ARG B 71 -9.00 2.53 16.03
CA ARG B 71 -8.03 2.90 17.08
C ARG B 71 -8.63 2.56 18.46
N ASN B 72 -9.75 3.23 18.75
CA ASN B 72 -10.64 3.09 19.90
C ASN B 72 -11.74 4.14 19.76
N ASN B 73 -11.34 5.36 19.41
CA ASN B 73 -12.27 6.44 19.10
C ASN B 73 -12.28 6.61 17.59
N VAL B 74 -13.27 6.00 16.95
CA VAL B 74 -13.35 5.96 15.50
C VAL B 74 -13.90 7.28 14.93
N SER B 75 -14.60 8.03 15.77
CA SER B 75 -15.16 9.31 15.41
C SER B 75 -14.03 10.34 15.10
N GLU B 76 -12.93 10.26 15.84
CA GLU B 76 -11.78 11.14 15.60
C GLU B 76 -10.95 10.58 14.45
N SER B 77 -10.83 9.25 14.41
CA SER B 77 -10.05 8.53 13.40
C SER B 77 -10.62 8.68 11.97
N ASP B 78 -11.85 9.19 11.86
CA ASP B 78 -12.47 9.52 10.59
C ASP B 78 -11.68 10.65 9.89
N LYS B 79 -11.17 11.57 10.71
CA LYS B 79 -10.33 12.65 10.21
C LYS B 79 -8.88 12.20 10.22
N GLY B 80 -8.57 11.31 11.15
CA GLY B 80 -7.24 10.71 11.29
C GLY B 80 -6.76 9.98 10.05
N ILE B 81 -7.67 9.24 9.38
CA ILE B 81 -7.33 8.53 8.14
C ILE B 81 -6.89 9.52 7.06
N GLN B 82 -7.52 10.70 7.02
CA GLN B 82 -7.23 11.72 6.04
C GLN B 82 -5.86 12.35 6.27
N GLU B 83 -5.43 12.37 7.53
CA GLU B 83 -4.11 12.88 7.89
C GLU B 83 -3.06 11.87 7.45
N ILE B 84 -3.35 10.60 7.66
CA ILE B 84 -2.53 9.47 7.24
C ILE B 84 -2.39 9.43 5.71
N ILE B 85 -3.50 9.69 4.99
CA ILE B 85 -3.52 9.78 3.52
C ILE B 85 -2.53 10.88 3.05
N SER B 86 -2.58 12.02 3.76
CA SER B 86 -1.73 13.17 3.48
C SER B 86 -0.24 12.88 3.80
N THR B 87 0.02 11.96 4.72
CA THR B 87 1.37 11.58 5.07
C THR B 87 1.95 10.62 4.00
N LEU B 88 1.08 9.79 3.41
CA LEU B 88 1.48 8.83 2.35
C LEU B 88 1.97 9.56 1.11
N LYS B 89 1.26 10.61 0.76
CA LYS B 89 1.63 11.47 -0.37
C LYS B 89 2.79 12.42 -0.01
N ASP B 90 3.00 12.64 1.29
CA ASP B 90 4.09 13.48 1.78
C ASP B 90 5.40 12.71 1.70
N VAL B 91 5.34 11.41 1.98
CA VAL B 91 6.51 10.51 1.83
C VAL B 91 6.79 10.28 0.34
N ALA B 92 5.74 10.33 -0.46
CA ALA B 92 5.87 10.21 -1.89
C ALA B 92 6.56 11.46 -2.49
N LYS B 93 6.39 12.61 -1.85
CA LYS B 93 7.11 13.84 -2.24
C LYS B 93 8.54 13.80 -1.70
N ASP B 94 8.69 13.21 -0.51
CA ASP B 94 9.99 13.02 0.18
C ASP B 94 10.91 12.16 -0.66
N ALA B 95 10.36 11.07 -1.15
CA ALA B 95 11.06 10.15 -2.03
C ALA B 95 11.12 10.65 -3.47
N GLY B 96 10.09 11.37 -3.89
CA GLY B 96 10.03 11.89 -5.24
C GLY B 96 9.47 10.87 -6.23
N VAL B 97 8.50 10.09 -5.80
CA VAL B 97 7.93 9.03 -6.63
C VAL B 97 6.49 9.36 -7.04
N LYS B 98 5.89 8.51 -7.85
CA LYS B 98 4.51 8.64 -8.27
C LYS B 98 3.68 7.75 -7.37
N PHE B 99 2.44 8.09 -7.16
CA PHE B 99 1.64 7.36 -6.21
C PHE B 99 0.22 7.14 -6.66
N GLU B 100 -0.44 6.27 -5.95
CA GLU B 100 -1.85 6.02 -6.05
C GLU B 100 -2.30 5.67 -4.64
N ILE B 101 -3.17 6.47 -4.05
CA ILE B 101 -3.60 6.20 -2.69
C ILE B 101 -5.07 5.82 -2.66
N ILE B 102 -5.34 4.65 -2.17
CA ILE B 102 -6.68 4.16 -2.05
C ILE B 102 -6.99 3.97 -0.54
N PRO B 103 -7.95 4.72 0.04
CA PRO B 103 -8.37 4.49 1.41
C PRO B 103 -9.21 3.19 1.47
N SER B 104 -8.98 2.40 2.47
CA SER B 104 -9.61 1.10 2.59
C SER B 104 -10.22 0.91 3.99
N THR B 105 -10.81 -0.25 4.23
CA THR B 105 -11.44 -0.60 5.48
C THR B 105 -10.72 -1.77 6.10
N GLU B 106 -11.14 -2.18 7.29
CA GLU B 106 -10.65 -3.40 7.88
C GLU B 106 -11.29 -4.62 7.18
N GLU B 107 -12.39 -4.36 6.45
CA GLU B 107 -13.03 -5.36 5.64
C GLU B 107 -12.19 -5.67 4.41
N ASP B 108 -11.62 -4.62 3.83
CA ASP B 108 -10.75 -4.76 2.67
C ASP B 108 -9.46 -5.41 3.08
N ARG B 109 -9.01 -5.07 4.29
CA ARG B 109 -7.83 -5.62 4.91
C ARG B 109 -7.90 -7.15 5.03
N GLN B 110 -9.00 -7.67 5.60
CA GLN B 110 -9.13 -9.11 5.79
C GLN B 110 -9.34 -9.87 4.50
N LYS B 111 -10.00 -9.24 3.52
CA LYS B 111 -10.21 -9.89 2.23
C LYS B 111 -8.93 -9.92 1.42
N ALA B 112 -8.11 -8.84 1.54
CA ALA B 112 -6.82 -8.71 0.83
C ALA B 112 -5.88 -9.84 1.17
N LEU B 113 -5.68 -10.07 2.47
CA LEU B 113 -4.80 -11.12 2.95
C LEU B 113 -5.35 -12.51 2.63
N ASP B 114 -6.68 -12.60 2.51
CA ASP B 114 -7.37 -13.82 2.18
C ASP B 114 -7.22 -14.13 0.67
N GLN B 115 -6.91 -13.07 -0.11
CA GLN B 115 -6.69 -13.20 -1.55
C GLN B 115 -5.22 -13.44 -1.86
N ASN B 116 -4.36 -13.27 -0.81
CA ASN B 116 -2.86 -13.39 -0.89
C ASN B 116 -2.30 -12.14 -1.58
N LEU B 117 -3.04 -11.09 -1.47
CA LEU B 117 -2.68 -9.83 -2.03
C LEU B 117 -2.43 -8.84 -0.93
N SER B 118 -1.88 -7.76 -1.32
CA SER B 118 -1.72 -6.61 -0.51
C SER B 118 -3.02 -5.83 -0.56
N MET B 119 -3.23 -4.92 0.37
CA MET B 119 -4.49 -4.17 0.43
C MET B 119 -4.64 -3.25 -0.75
N GLY B 120 -3.53 -2.64 -1.18
CA GLY B 120 -3.54 -1.74 -2.30
C GLY B 120 -3.84 -2.46 -3.60
N ARG B 121 -3.18 -3.60 -3.78
CA ARG B 121 -3.34 -4.39 -4.99
C ARG B 121 -4.73 -5.02 -5.03
N TYR B 122 -5.26 -5.38 -3.85
CA TYR B 122 -6.61 -5.93 -3.74
C TYR B 122 -7.68 -4.86 -3.96
N ALA B 123 -7.49 -3.68 -3.40
CA ALA B 123 -8.45 -2.58 -3.53
C ALA B 123 -8.62 -2.18 -4.98
N ILE B 124 -7.53 -2.20 -5.72
CA ILE B 124 -7.59 -1.94 -7.12
C ILE B 124 -8.10 -3.18 -7.90
N TYR B 125 -7.74 -4.38 -7.44
CA TYR B 125 -8.22 -5.68 -8.02
C TYR B 125 -9.75 -5.76 -8.02
N VAL B 126 -10.37 -5.46 -6.88
CA VAL B 126 -11.82 -5.55 -6.75
C VAL B 126 -12.51 -4.46 -7.61
N LYS B 127 -11.84 -3.30 -7.72
CA LYS B 127 -12.31 -2.24 -8.57
C LYS B 127 -12.23 -2.70 -10.05
N ALA B 128 -11.08 -3.24 -10.43
CA ALA B 128 -10.74 -3.72 -11.77
C ALA B 128 -11.67 -4.84 -12.24
N VAL B 129 -11.98 -5.80 -11.36
CA VAL B 129 -12.88 -6.91 -11.71
C VAL B 129 -14.32 -6.37 -12.02
N GLU B 130 -14.68 -5.26 -11.36
CA GLU B 130 -15.95 -4.58 -11.61
C GLU B 130 -15.90 -3.77 -12.91
N GLU B 131 -14.72 -3.20 -13.21
CA GLU B 131 -14.51 -2.38 -14.40
C GLU B 131 -14.56 -3.21 -15.69
N GLY B 132 -14.32 -4.50 -15.55
CA GLY B 132 -14.26 -5.39 -16.68
C GLY B 132 -12.82 -5.64 -17.09
N VAL B 133 -11.92 -5.41 -16.17
CA VAL B 133 -10.50 -5.61 -16.36
C VAL B 133 -10.19 -7.06 -16.00
N ASN B 134 -9.44 -7.73 -16.85
CA ASN B 134 -9.08 -9.09 -16.62
C ASN B 134 -7.96 -9.20 -15.62
N LEU B 135 -8.33 -9.48 -14.41
CA LEU B 135 -7.41 -9.77 -13.37
C LEU B 135 -7.76 -11.06 -12.72
N ASN B 136 -6.75 -11.73 -12.30
CA ASN B 136 -6.80 -12.95 -11.54
C ASN B 136 -5.98 -12.60 -10.31
N LEU B 137 -6.15 -13.33 -9.23
CA LEU B 137 -5.35 -13.13 -8.03
C LEU B 137 -3.88 -13.38 -8.34
N GLU B 138 -3.63 -14.43 -9.13
CA GLU B 138 -2.28 -14.78 -9.54
C GLU B 138 -1.72 -13.78 -10.54
N ASP B 139 -2.59 -13.25 -11.41
CA ASP B 139 -2.19 -12.25 -12.43
C ASP B 139 -1.73 -11.00 -11.72
N ALA B 140 -2.56 -10.53 -10.78
CA ALA B 140 -2.31 -9.35 -9.97
C ALA B 140 -0.95 -9.38 -9.27
N ARG B 141 -0.61 -10.47 -8.54
CA ARG B 141 0.70 -10.56 -7.88
C ARG B 141 1.88 -10.75 -8.83
N ASN B 142 1.63 -11.35 -9.98
CA ASN B 142 2.68 -11.56 -10.98
C ASN B 142 3.00 -10.30 -11.77
N LEU B 143 2.04 -9.42 -11.88
CA LEU B 143 2.22 -8.13 -12.53
C LEU B 143 2.95 -7.15 -11.59
N SER B 144 3.25 -6.01 -12.11
CA SER B 144 3.80 -4.94 -11.32
C SER B 144 2.66 -3.94 -11.03
N VAL B 145 2.86 -3.01 -10.11
CA VAL B 145 1.89 -1.97 -9.77
C VAL B 145 1.69 -1.03 -10.98
N SER B 146 2.77 -0.81 -11.72
CA SER B 146 2.78 -0.05 -12.96
C SER B 146 1.85 -0.72 -14.03
N GLU B 147 1.71 -2.05 -13.93
CA GLU B 147 0.88 -2.84 -14.82
C GLU B 147 -0.57 -2.83 -14.36
N ILE B 148 -0.75 -2.90 -13.04
CA ILE B 148 -2.07 -2.84 -12.38
C ILE B 148 -2.78 -1.50 -12.73
N LEU B 149 -2.05 -0.39 -12.56
CA LEU B 149 -2.55 0.94 -12.91
C LEU B 149 -2.68 1.09 -14.42
N GLY B 150 -1.76 0.48 -15.17
CA GLY B 150 -1.77 0.52 -16.62
C GLY B 150 -2.99 -0.15 -17.22
N LYS B 151 -3.45 -1.24 -16.56
CA LYS B 151 -4.64 -1.94 -16.96
C LYS B 151 -5.88 -1.08 -16.82
N LEU B 152 -5.98 -0.33 -15.71
CA LEU B 152 -7.12 0.58 -15.44
C LEU B 152 -7.23 1.69 -16.49
N GLU B 153 -6.10 2.20 -16.92
CA GLU B 153 -6.07 3.31 -17.84
C GLU B 153 -6.49 2.90 -19.23
N HIS B 154 -5.95 1.80 -19.73
CA HIS B 154 -6.29 1.36 -21.07
C HIS B 154 -7.66 0.68 -21.15
N HIS B 155 -8.14 0.12 -20.04
CA HIS B 155 -9.45 -0.49 -20.00
C HIS B 155 -10.06 -0.29 -18.63
N HIS B 156 -11.24 0.21 -18.60
CA HIS B 156 -12.02 0.38 -17.38
C HIS B 156 -13.47 0.32 -17.78
N HIS B 157 -14.42 0.78 -16.93
CA HIS B 157 -15.86 0.84 -17.33
C HIS B 157 -16.04 1.67 -18.58
N HIS B 158 -16.27 0.99 -19.68
CA HIS B 158 -16.55 1.62 -20.95
C HIS B 158 -18.07 1.57 -21.18
N HIS B 159 -18.72 0.96 -20.24
CA HIS B 159 -20.15 0.83 -20.15
C HIS B 159 -20.50 0.90 -18.69
N MET A 1 -3.09 -0.70 18.25
CA MET A 1 -3.25 -0.65 16.79
C MET A 1 -4.10 0.54 16.42
N TYR A 2 -4.00 0.96 15.19
CA TYR A 2 -4.80 2.03 14.68
C TYR A 2 -5.15 1.73 13.23
N ALA A 3 -4.14 1.74 12.38
CA ALA A 3 -4.38 1.53 10.98
C ALA A 3 -3.31 0.67 10.37
N TYR A 4 -3.65 0.07 9.27
CA TYR A 4 -2.77 -0.73 8.49
C TYR A 4 -2.54 -0.01 7.20
N ILE A 5 -1.32 0.28 6.91
CA ILE A 5 -0.92 0.95 5.70
C ILE A 5 -0.24 -0.02 4.81
N ASP A 6 -0.84 -0.28 3.75
CA ASP A 6 -0.34 -1.16 2.79
C ASP A 6 0.43 -0.38 1.78
N VAL A 7 1.62 -0.80 1.55
CA VAL A 7 2.47 -0.18 0.61
C VAL A 7 2.79 -1.23 -0.41
N ASP A 8 2.43 -0.98 -1.59
CA ASP A 8 2.63 -1.92 -2.62
C ASP A 8 3.58 -1.31 -3.63
N ILE A 9 4.76 -1.87 -3.67
CA ILE A 9 5.87 -1.36 -4.46
C ILE A 9 6.25 -2.41 -5.46
N ASN A 10 6.05 -2.14 -6.74
CA ASN A 10 6.39 -3.06 -7.86
C ASN A 10 5.57 -4.35 -7.77
N PRO B 1 6.91 -6.19 -4.39
CA PRO B 1 6.87 -6.21 -2.96
C PRO B 1 5.57 -5.65 -2.40
N SER B 2 4.82 -6.51 -1.76
CA SER B 2 3.59 -6.11 -1.10
C SER B 2 3.82 -6.04 0.46
N ILE B 3 3.77 -4.83 1.02
CA ILE B 3 4.12 -4.56 2.44
C ILE B 3 2.89 -4.03 3.22
N GLY B 4 2.78 -4.39 4.51
CA GLY B 4 1.78 -3.82 5.37
C GLY B 4 2.41 -3.26 6.63
N LEU B 5 2.28 -1.98 6.83
CA LEU B 5 2.81 -1.27 7.97
C LEU B 5 1.68 -1.06 8.96
N VAL B 6 1.77 -1.67 10.09
CA VAL B 6 0.74 -1.55 11.09
C VAL B 6 1.12 -0.39 12.00
N ILE B 7 0.39 0.69 11.94
CA ILE B 7 0.68 1.86 12.74
C ILE B 7 -0.30 2.02 13.86
N ASP B 8 0.10 2.77 14.85
CA ASP B 8 -0.75 3.11 15.96
C ASP B 8 -1.15 4.59 15.84
N LYS B 9 -1.75 5.17 16.87
CA LYS B 9 -2.34 6.55 16.84
C LYS B 9 -1.31 7.66 16.54
N LYS B 10 -0.05 7.36 16.78
CA LYS B 10 1.03 8.30 16.57
C LYS B 10 1.69 8.14 15.23
N GLU B 11 1.12 7.25 14.38
CA GLU B 11 1.67 6.88 13.08
C GLU B 11 2.95 6.06 13.24
N LYS B 12 3.20 5.57 14.43
CA LYS B 12 4.33 4.72 14.69
C LYS B 12 4.04 3.31 14.18
N VAL B 13 4.89 2.82 13.29
CA VAL B 13 4.76 1.47 12.77
C VAL B 13 5.23 0.53 13.86
N ILE B 14 4.33 -0.23 14.38
CA ILE B 14 4.63 -1.15 15.45
C ILE B 14 5.10 -2.50 14.90
N ASP B 15 4.65 -2.81 13.69
CA ASP B 15 5.03 -4.04 13.01
C ASP B 15 4.87 -3.85 11.53
N ALA B 16 5.82 -4.32 10.77
CA ALA B 16 5.76 -4.28 9.34
C ALA B 16 5.73 -5.71 8.85
N LYS B 17 4.65 -6.10 8.24
CA LYS B 17 4.46 -7.46 7.81
C LYS B 17 4.48 -7.56 6.27
N PRO B 18 4.92 -8.69 5.71
CA PRO B 18 4.86 -8.90 4.28
C PRO B 18 3.51 -9.53 3.87
N LEU B 19 2.86 -8.90 2.92
CA LEU B 19 1.60 -9.41 2.36
C LEU B 19 1.88 -10.40 1.23
N ASN B 20 3.13 -10.42 0.81
CA ASN B 20 3.64 -11.28 -0.22
C ASN B 20 5.12 -11.52 0.08
N ASN B 21 5.62 -12.71 -0.28
CA ASN B 21 7.03 -13.19 -0.02
C ASN B 21 8.14 -12.26 -0.54
N ASP B 22 7.86 -11.52 -1.58
CA ASP B 22 8.84 -10.62 -2.22
C ASP B 22 9.20 -9.40 -1.37
N ALA B 23 8.39 -9.12 -0.39
CA ALA B 23 8.57 -8.01 0.50
C ALA B 23 9.46 -8.33 1.68
N LYS B 24 9.63 -9.63 1.99
CA LYS B 24 10.42 -10.08 3.11
C LYS B 24 11.89 -9.52 3.14
N PRO B 25 12.72 -9.62 2.02
CA PRO B 25 14.09 -9.07 2.01
C PRO B 25 14.13 -7.53 2.11
N ILE B 26 13.11 -6.87 1.52
CA ILE B 26 12.99 -5.41 1.56
C ILE B 26 12.75 -4.92 3.01
N LEU B 27 11.90 -5.66 3.75
CA LEU B 27 11.62 -5.38 5.16
C LEU B 27 12.83 -5.55 6.05
N ASP B 28 13.68 -6.51 5.69
CA ASP B 28 14.91 -6.81 6.42
C ASP B 28 15.89 -5.63 6.39
N GLU B 29 16.06 -5.06 5.21
CA GLU B 29 16.96 -3.95 5.01
C GLU B 29 16.37 -2.60 5.45
N ALA B 30 15.04 -2.45 5.34
CA ALA B 30 14.35 -1.21 5.71
C ALA B 30 14.22 -1.03 7.21
N ALA B 31 13.88 -2.13 7.91
CA ALA B 31 13.69 -2.17 9.38
C ALA B 31 12.67 -1.11 9.89
N PRO B 32 11.38 -1.15 9.43
CA PRO B 32 10.38 -0.13 9.77
C PRO B 32 9.61 -0.40 11.07
N LYS B 33 10.02 -1.37 11.87
CA LYS B 33 9.32 -1.63 13.13
C LYS B 33 9.89 -0.73 14.22
N ASP B 34 8.99 -0.01 14.90
CA ASP B 34 9.27 1.02 15.95
C ASP B 34 9.75 2.31 15.33
N MET B 35 9.45 2.46 14.06
CA MET B 35 9.86 3.59 13.26
C MET B 35 8.58 4.38 12.89
N PRO B 36 8.61 5.74 12.89
CA PRO B 36 7.44 6.56 12.50
C PRO B 36 7.14 6.40 11.00
N LEU B 37 5.83 6.39 10.64
CA LEU B 37 5.28 6.12 9.29
C LEU B 37 6.01 6.88 8.21
N TYR B 38 6.23 8.18 8.41
CA TYR B 38 6.90 9.03 7.44
C TYR B 38 8.33 8.53 7.12
N ASP B 39 9.12 8.29 8.15
CA ASP B 39 10.52 7.87 7.98
C ASP B 39 10.60 6.38 7.54
N ALA B 40 9.67 5.57 8.05
CA ALA B 40 9.54 4.14 7.72
C ALA B 40 9.16 3.93 6.26
N LEU B 41 8.24 4.76 5.78
CA LEU B 41 7.76 4.70 4.41
C LEU B 41 8.86 5.18 3.47
N SER B 42 9.67 6.12 3.94
CA SER B 42 10.81 6.61 3.19
C SER B 42 11.85 5.49 3.01
N LYS B 43 12.00 4.63 4.02
CA LYS B 43 12.96 3.54 4.00
C LYS B 43 12.46 2.36 3.21
N ILE B 44 11.16 2.12 3.22
CA ILE B 44 10.61 0.99 2.48
C ILE B 44 10.71 1.28 0.95
N LEU B 45 10.59 2.57 0.57
CA LEU B 45 10.74 3.02 -0.82
C LEU B 45 12.21 3.01 -1.20
N ASP B 46 13.05 3.47 -0.27
CA ASP B 46 14.51 3.55 -0.41
C ASP B 46 15.14 2.22 -0.72
N ILE B 47 14.76 1.23 0.04
CA ILE B 47 15.28 -0.11 -0.14
C ILE B 47 14.77 -0.74 -1.44
N SER B 48 13.57 -0.40 -1.83
CA SER B 48 13.01 -0.89 -3.07
C SER B 48 13.68 -0.27 -4.31
N LYS B 49 14.12 0.99 -4.23
CA LYS B 49 14.85 1.59 -5.35
C LYS B 49 16.29 1.07 -5.41
N LYS B 50 16.86 0.73 -4.24
CA LYS B 50 18.19 0.12 -4.14
C LYS B 50 18.22 -1.29 -4.71
N ASN B 51 17.15 -2.05 -4.46
CA ASN B 51 17.03 -3.40 -4.96
C ASN B 51 16.50 -3.46 -6.39
N GLY B 52 16.13 -2.31 -6.96
CA GLY B 52 15.73 -2.27 -8.36
C GLY B 52 14.28 -2.63 -8.63
N TYR B 53 13.40 -2.32 -7.70
CA TYR B 53 11.97 -2.56 -7.90
C TYR B 53 11.31 -1.35 -8.46
N ILE B 54 11.53 -0.23 -7.85
CA ILE B 54 11.06 1.01 -8.39
C ILE B 54 12.16 1.70 -9.11
N ASN B 55 11.94 1.90 -10.37
CA ASN B 55 12.90 2.49 -11.26
C ASN B 55 12.48 3.90 -11.52
N SER B 56 13.44 4.78 -11.73
CA SER B 56 13.15 6.20 -11.87
C SER B 56 12.44 6.50 -13.21
N ALA B 57 12.55 5.56 -14.17
CA ALA B 57 11.93 5.68 -15.47
C ALA B 57 10.39 5.62 -15.36
N ASP B 58 9.91 4.85 -14.39
CA ASP B 58 8.49 4.76 -14.05
C ASP B 58 8.34 4.07 -12.70
N ASN B 59 7.91 4.82 -11.73
CA ASN B 59 7.77 4.33 -10.39
C ASN B 59 6.46 4.74 -9.79
N ILE B 60 5.48 3.92 -9.98
CA ILE B 60 4.18 4.10 -9.38
C ILE B 60 4.12 3.22 -8.14
N VAL B 61 3.85 3.84 -7.02
CA VAL B 61 3.75 3.14 -5.77
C VAL B 61 2.32 3.28 -5.26
N LEU B 62 1.79 2.22 -4.77
CA LEU B 62 0.46 2.16 -4.27
C LEU B 62 0.51 2.26 -2.75
N PHE B 63 -0.36 3.05 -2.20
CA PHE B 63 -0.48 3.19 -0.77
C PHE B 63 -1.93 3.03 -0.43
N SER B 64 -2.22 2.27 0.54
CA SER B 64 -3.57 2.10 1.01
C SER B 64 -3.60 2.15 2.50
N ALA B 65 -4.65 2.67 3.06
CA ALA B 65 -4.74 2.78 4.48
C ALA B 65 -6.11 2.37 4.93
N SER B 66 -6.15 1.52 5.93
CA SER B 66 -7.36 0.99 6.46
C SER B 66 -7.30 1.08 7.97
N ILE B 67 -8.30 1.66 8.59
CA ILE B 67 -8.30 1.72 10.04
C ILE B 67 -8.96 0.50 10.59
N ASN B 68 -8.22 -0.19 11.42
CA ASN B 68 -8.70 -1.38 12.04
C ASN B 68 -9.12 -1.07 13.45
N SER B 69 -9.81 -1.99 14.04
CA SER B 69 -10.31 -1.90 15.39
C SER B 69 -9.18 -1.81 16.45
N GLY B 70 -8.86 -0.58 16.80
CA GLY B 70 -7.87 -0.30 17.80
C GLY B 70 -8.28 0.95 18.53
N ARG B 71 -8.34 2.04 17.80
CA ARG B 71 -8.86 3.26 18.34
C ARG B 71 -10.18 3.53 17.66
N ASN B 72 -11.23 3.11 18.29
CA ASN B 72 -12.54 3.27 17.73
C ASN B 72 -13.17 4.54 18.29
N ASN B 73 -12.91 5.61 17.60
CA ASN B 73 -13.50 6.90 17.86
C ASN B 73 -13.94 7.45 16.55
N VAL B 74 -15.22 7.38 16.30
CA VAL B 74 -15.81 7.73 14.98
C VAL B 74 -15.49 9.18 14.58
N SER B 75 -15.66 10.08 15.51
CA SER B 75 -15.44 11.51 15.32
C SER B 75 -13.94 11.90 15.24
N GLU B 76 -13.03 10.99 15.60
CA GLU B 76 -11.61 11.31 15.63
C GLU B 76 -10.80 10.55 14.61
N SER B 77 -11.10 9.29 14.41
CA SER B 77 -10.39 8.43 13.47
C SER B 77 -10.73 8.78 12.00
N ASP B 78 -11.87 9.47 11.79
CA ASP B 78 -12.26 9.94 10.45
C ASP B 78 -11.29 11.06 9.99
N LYS B 79 -10.76 11.78 10.96
CA LYS B 79 -9.75 12.81 10.72
C LYS B 79 -8.35 12.19 10.79
N GLY B 80 -8.21 11.14 11.60
CA GLY B 80 -6.93 10.46 11.79
C GLY B 80 -6.45 9.76 10.55
N ILE B 81 -7.39 9.20 9.77
CA ILE B 81 -7.07 8.57 8.49
C ILE B 81 -6.52 9.62 7.50
N GLN B 82 -6.98 10.85 7.64
CA GLN B 82 -6.63 11.95 6.76
C GLN B 82 -5.21 12.46 7.04
N GLU B 83 -4.74 12.25 8.27
CA GLU B 83 -3.38 12.59 8.65
C GLU B 83 -2.44 11.61 7.97
N ILE B 84 -2.84 10.34 8.01
CA ILE B 84 -2.14 9.23 7.38
C ILE B 84 -2.04 9.44 5.86
N ILE B 85 -3.17 9.84 5.22
CA ILE B 85 -3.23 10.12 3.76
C ILE B 85 -2.17 11.18 3.38
N SER B 86 -2.05 12.21 4.23
CA SER B 86 -1.12 13.31 4.04
C SER B 86 0.36 12.84 4.11
N THR B 87 0.62 11.84 4.95
CA THR B 87 1.94 11.28 5.10
C THR B 87 2.31 10.46 3.85
N LEU B 88 1.36 9.63 3.40
CA LEU B 88 1.55 8.74 2.24
C LEU B 88 1.90 9.51 0.98
N LYS B 89 1.18 10.62 0.76
CA LYS B 89 1.39 11.46 -0.40
C LYS B 89 2.66 12.31 -0.28
N ASP B 90 3.05 12.67 0.95
CA ASP B 90 4.24 13.56 1.13
C ASP B 90 5.54 12.77 0.97
N VAL B 91 5.55 11.50 1.41
CA VAL B 91 6.71 10.60 1.24
C VAL B 91 6.89 10.28 -0.24
N ALA B 92 5.78 10.16 -0.93
CA ALA B 92 5.75 9.89 -2.34
C ALA B 92 6.35 11.06 -3.14
N LYS B 93 6.06 12.29 -2.69
CA LYS B 93 6.61 13.50 -3.30
C LYS B 93 8.10 13.61 -3.04
N ASP B 94 8.48 13.28 -1.80
CA ASP B 94 9.87 13.31 -1.34
C ASP B 94 10.72 12.31 -2.13
N ALA B 95 10.17 11.13 -2.32
CA ALA B 95 10.81 10.07 -3.10
C ALA B 95 10.79 10.37 -4.62
N GLY B 96 9.83 11.16 -5.04
CA GLY B 96 9.68 11.54 -6.43
C GLY B 96 8.99 10.47 -7.24
N VAL B 97 8.11 9.74 -6.59
CA VAL B 97 7.42 8.64 -7.22
C VAL B 97 5.97 9.04 -7.51
N LYS B 98 5.38 8.31 -8.42
CA LYS B 98 3.99 8.47 -8.78
C LYS B 98 3.23 7.63 -7.79
N PHE B 99 2.05 8.00 -7.45
CA PHE B 99 1.37 7.33 -6.37
C PHE B 99 -0.12 7.23 -6.56
N GLU B 100 -0.69 6.25 -5.92
CA GLU B 100 -2.11 6.08 -5.86
C GLU B 100 -2.45 5.66 -4.44
N ILE B 101 -3.27 6.45 -3.79
CA ILE B 101 -3.69 6.17 -2.43
C ILE B 101 -5.14 5.71 -2.45
N ILE B 102 -5.39 4.56 -1.85
CA ILE B 102 -6.74 4.02 -1.74
C ILE B 102 -7.07 3.79 -0.26
N PRO B 103 -7.93 4.62 0.35
CA PRO B 103 -8.44 4.31 1.69
C PRO B 103 -9.35 3.09 1.63
N SER B 104 -8.99 2.09 2.35
CA SER B 104 -9.67 0.83 2.28
C SER B 104 -10.33 0.49 3.62
N THR B 105 -11.08 -0.58 3.66
CA THR B 105 -11.82 -0.97 4.84
C THR B 105 -10.98 -2.02 5.63
N GLU B 106 -11.29 -2.23 6.92
CA GLU B 106 -10.65 -3.33 7.69
C GLU B 106 -11.13 -4.71 7.22
N GLU B 107 -12.30 -4.69 6.57
CA GLU B 107 -12.83 -5.81 5.85
C GLU B 107 -11.85 -6.17 4.71
N ASP B 108 -11.46 -5.14 3.96
CA ASP B 108 -10.55 -5.27 2.79
C ASP B 108 -9.20 -5.75 3.21
N ARG B 109 -8.79 -5.38 4.42
CA ARG B 109 -7.57 -5.84 5.06
C ARG B 109 -7.52 -7.37 5.12
N GLN B 110 -8.58 -7.97 5.60
CA GLN B 110 -8.61 -9.39 5.74
C GLN B 110 -8.98 -10.14 4.43
N LYS B 111 -9.63 -9.43 3.50
CA LYS B 111 -9.91 -9.95 2.17
C LYS B 111 -8.63 -10.01 1.36
N ALA B 112 -7.80 -8.97 1.49
CA ALA B 112 -6.53 -8.84 0.78
C ALA B 112 -5.55 -9.95 1.12
N LEU B 113 -5.42 -10.25 2.42
CA LEU B 113 -4.53 -11.32 2.88
C LEU B 113 -5.03 -12.71 2.45
N ASP B 114 -6.36 -12.83 2.29
CA ASP B 114 -6.97 -14.06 1.81
C ASP B 114 -6.70 -14.23 0.31
N GLN B 115 -6.57 -13.10 -0.39
CA GLN B 115 -6.29 -13.08 -1.83
C GLN B 115 -4.80 -13.27 -2.10
N ASN B 116 -4.00 -13.15 -1.02
CA ASN B 116 -2.52 -13.23 -1.04
C ASN B 116 -2.00 -12.04 -1.87
N LEU B 117 -2.63 -10.92 -1.64
CA LEU B 117 -2.28 -9.66 -2.23
C LEU B 117 -2.14 -8.65 -1.13
N SER B 118 -1.67 -7.52 -1.48
CA SER B 118 -1.64 -6.37 -0.62
C SER B 118 -3.03 -5.72 -0.65
N MET B 119 -3.31 -4.83 0.30
CA MET B 119 -4.61 -4.15 0.34
C MET B 119 -4.77 -3.23 -0.84
N GLY B 120 -3.66 -2.58 -1.22
CA GLY B 120 -3.67 -1.68 -2.33
C GLY B 120 -3.88 -2.40 -3.62
N ARG B 121 -3.14 -3.48 -3.80
CA ARG B 121 -3.21 -4.27 -5.01
C ARG B 121 -4.57 -4.96 -5.12
N TYR B 122 -5.15 -5.35 -3.97
CA TYR B 122 -6.48 -5.94 -3.94
C TYR B 122 -7.59 -4.92 -4.23
N ALA B 123 -7.50 -3.73 -3.65
CA ALA B 123 -8.52 -2.69 -3.85
C ALA B 123 -8.57 -2.23 -5.32
N ILE B 124 -7.43 -2.24 -5.95
CA ILE B 124 -7.33 -1.90 -7.34
C ILE B 124 -7.69 -3.13 -8.25
N TYR B 125 -7.40 -4.33 -7.76
CA TYR B 125 -7.81 -5.62 -8.40
C TYR B 125 -9.34 -5.74 -8.44
N VAL B 126 -10.00 -5.34 -7.35
CA VAL B 126 -11.44 -5.42 -7.29
C VAL B 126 -12.09 -4.35 -8.19
N LYS B 127 -11.37 -3.24 -8.45
CA LYS B 127 -11.83 -2.30 -9.45
C LYS B 127 -11.65 -2.89 -10.81
N ALA B 128 -10.49 -3.50 -11.05
CA ALA B 128 -10.13 -4.14 -12.32
C ALA B 128 -11.15 -5.18 -12.74
N VAL B 129 -11.54 -6.05 -11.79
CA VAL B 129 -12.52 -7.10 -12.07
C VAL B 129 -13.92 -6.50 -12.40
N GLU B 130 -14.24 -5.33 -11.83
CA GLU B 130 -15.49 -4.64 -12.14
C GLU B 130 -15.41 -3.88 -13.47
N GLU B 131 -14.23 -3.26 -13.72
CA GLU B 131 -13.98 -2.48 -14.94
C GLU B 131 -13.93 -3.34 -16.22
N GLY B 132 -13.70 -4.64 -16.04
CA GLY B 132 -13.63 -5.55 -17.16
C GLY B 132 -12.20 -5.85 -17.56
N VAL B 133 -11.30 -5.57 -16.66
CA VAL B 133 -9.91 -5.85 -16.82
C VAL B 133 -9.68 -7.25 -16.28
N ASN B 134 -9.07 -8.11 -17.05
CA ASN B 134 -8.86 -9.45 -16.60
C ASN B 134 -7.64 -9.54 -15.70
N LEU B 135 -7.90 -9.90 -14.50
CA LEU B 135 -6.90 -10.18 -13.53
C LEU B 135 -7.30 -11.35 -12.71
N ASN B 136 -6.33 -12.09 -12.36
CA ASN B 136 -6.44 -13.20 -11.46
C ASN B 136 -5.57 -12.80 -10.29
N LEU B 137 -5.66 -13.49 -9.17
CA LEU B 137 -4.84 -13.18 -8.01
C LEU B 137 -3.36 -13.38 -8.29
N GLU B 138 -3.07 -14.39 -9.10
CA GLU B 138 -1.71 -14.69 -9.53
C GLU B 138 -1.20 -13.63 -10.51
N ASP B 139 -2.05 -13.21 -11.48
CA ASP B 139 -1.67 -12.15 -12.44
C ASP B 139 -1.42 -10.84 -11.75
N ALA B 140 -2.30 -10.50 -10.80
CA ALA B 140 -2.21 -9.28 -10.03
C ALA B 140 -0.88 -9.17 -9.28
N ARG B 141 -0.46 -10.27 -8.63
CA ARG B 141 0.79 -10.24 -7.85
C ARG B 141 2.05 -10.39 -8.73
N ASN B 142 1.93 -11.07 -9.85
CA ASN B 142 3.06 -11.30 -10.79
C ASN B 142 3.39 -10.08 -11.64
N LEU B 143 2.39 -9.26 -11.90
CA LEU B 143 2.60 -8.01 -12.61
C LEU B 143 2.99 -6.94 -11.61
N SER B 144 3.35 -5.79 -12.08
CA SER B 144 3.69 -4.72 -11.18
C SER B 144 2.57 -3.71 -11.06
N VAL B 145 2.67 -2.86 -10.03
CA VAL B 145 1.76 -1.76 -9.71
C VAL B 145 1.47 -0.89 -10.96
N SER B 146 2.52 -0.54 -11.69
CA SER B 146 2.43 0.24 -12.92
C SER B 146 1.53 -0.44 -13.99
N GLU B 147 1.60 -1.78 -14.09
CA GLU B 147 0.73 -2.56 -14.97
C GLU B 147 -0.71 -2.53 -14.51
N ILE B 148 -0.94 -2.80 -13.22
CA ILE B 148 -2.28 -2.88 -12.61
C ILE B 148 -3.03 -1.52 -12.76
N LEU B 149 -2.33 -0.45 -12.39
CA LEU B 149 -2.85 0.91 -12.49
C LEU B 149 -3.07 1.33 -13.92
N GLY B 150 -2.14 0.93 -14.79
CA GLY B 150 -2.21 1.25 -16.20
C GLY B 150 -3.38 0.61 -16.89
N LYS B 151 -3.80 -0.56 -16.40
CA LYS B 151 -4.94 -1.26 -16.93
C LYS B 151 -6.21 -0.51 -16.65
N LEU B 152 -6.29 0.13 -15.49
CA LEU B 152 -7.45 0.95 -15.18
C LEU B 152 -7.45 2.26 -15.97
N GLU B 153 -6.25 2.75 -16.30
CA GLU B 153 -6.09 3.99 -17.04
C GLU B 153 -6.50 3.84 -18.51
N HIS B 154 -6.13 2.71 -19.13
CA HIS B 154 -6.43 2.51 -20.55
C HIS B 154 -7.61 1.54 -20.84
N HIS B 155 -8.12 0.88 -19.83
CA HIS B 155 -9.20 -0.12 -20.04
C HIS B 155 -10.29 0.13 -18.96
N HIS B 156 -10.61 1.40 -18.78
CA HIS B 156 -11.66 1.82 -17.84
C HIS B 156 -13.04 1.64 -18.52
N HIS B 157 -14.13 1.53 -17.72
CA HIS B 157 -15.53 1.40 -18.24
C HIS B 157 -15.89 2.40 -19.32
N HIS B 158 -16.02 1.89 -20.52
CA HIS B 158 -16.46 2.66 -21.68
C HIS B 158 -17.94 2.36 -21.88
N HIS B 159 -18.30 1.17 -21.49
CA HIS B 159 -19.64 0.66 -21.46
C HIS B 159 -19.79 0.06 -20.12
N MET A 1 -2.92 -0.28 18.33
CA MET A 1 -3.07 -0.33 16.88
C MET A 1 -3.82 0.88 16.40
N TYR A 2 -3.89 1.05 15.09
CA TYR A 2 -4.65 2.12 14.49
C TYR A 2 -4.97 1.73 13.06
N ALA A 3 -3.97 1.73 12.24
CA ALA A 3 -4.19 1.55 10.85
C ALA A 3 -3.21 0.61 10.24
N TYR A 4 -3.56 0.14 9.11
CA TYR A 4 -2.75 -0.70 8.30
C TYR A 4 -2.50 0.06 7.05
N ILE A 5 -1.28 0.19 6.66
CA ILE A 5 -0.94 0.85 5.43
C ILE A 5 -0.21 -0.15 4.58
N ASP A 6 -0.80 -0.53 3.52
CA ASP A 6 -0.18 -1.46 2.63
C ASP A 6 0.35 -0.75 1.44
N VAL A 7 1.60 -0.98 1.22
CA VAL A 7 2.41 -0.28 0.27
C VAL A 7 2.85 -1.26 -0.80
N ASP A 8 2.50 -0.98 -2.00
CA ASP A 8 2.89 -1.81 -3.10
C ASP A 8 3.89 -1.17 -3.94
N ILE A 9 5.02 -1.80 -3.99
CA ILE A 9 6.13 -1.34 -4.75
C ILE A 9 6.50 -2.45 -5.68
N ASN A 10 6.27 -2.24 -6.99
CA ASN A 10 6.56 -3.23 -8.05
C ASN A 10 5.70 -4.50 -7.88
N PRO B 1 7.13 -6.44 -4.65
CA PRO B 1 7.05 -6.41 -3.20
C PRO B 1 5.73 -5.83 -2.70
N SER B 2 4.98 -6.66 -2.00
CA SER B 2 3.76 -6.23 -1.33
C SER B 2 4.00 -6.11 0.21
N ILE B 3 4.00 -4.89 0.71
CA ILE B 3 4.37 -4.61 2.11
C ILE B 3 3.13 -4.09 2.87
N GLY B 4 3.02 -4.45 4.13
CA GLY B 4 2.05 -3.88 5.00
C GLY B 4 2.69 -3.30 6.24
N LEU B 5 2.40 -2.08 6.53
CA LEU B 5 2.90 -1.40 7.71
C LEU B 5 1.76 -1.17 8.69
N VAL B 6 1.81 -1.84 9.81
CA VAL B 6 0.79 -1.71 10.83
C VAL B 6 1.25 -0.62 11.78
N ILE B 7 0.49 0.44 11.89
CA ILE B 7 0.86 1.55 12.76
C ILE B 7 -0.02 1.58 14.00
N ASP B 8 0.45 2.26 15.02
CA ASP B 8 -0.30 2.47 16.24
C ASP B 8 -0.95 3.84 16.20
N LYS B 9 -1.51 4.24 17.35
CA LYS B 9 -2.17 5.51 17.58
C LYS B 9 -1.34 6.76 17.15
N LYS B 10 -0.01 6.66 17.19
CA LYS B 10 0.84 7.77 16.92
C LYS B 10 1.69 7.50 15.69
N GLU B 11 1.11 6.74 14.75
CA GLU B 11 1.66 6.53 13.39
C GLU B 11 2.93 5.68 13.32
N LYS B 12 3.36 5.09 14.40
CA LYS B 12 4.57 4.33 14.31
C LYS B 12 4.30 2.88 14.03
N VAL B 13 5.10 2.35 13.11
CA VAL B 13 4.96 1.00 12.62
C VAL B 13 5.38 0.02 13.71
N ILE B 14 4.41 -0.65 14.24
CA ILE B 14 4.59 -1.62 15.30
C ILE B 14 4.88 -3.00 14.72
N ASP B 15 4.48 -3.21 13.47
CA ASP B 15 4.74 -4.44 12.76
C ASP B 15 4.74 -4.20 11.28
N ALA B 16 5.71 -4.75 10.62
CA ALA B 16 5.82 -4.67 9.20
C ALA B 16 5.67 -6.07 8.65
N LYS B 17 4.64 -6.28 7.90
CA LYS B 17 4.24 -7.59 7.41
C LYS B 17 4.46 -7.73 5.89
N PRO B 18 5.05 -8.85 5.42
CA PRO B 18 5.14 -9.13 3.99
C PRO B 18 3.89 -9.88 3.49
N LEU B 19 3.24 -9.35 2.48
CA LEU B 19 2.04 -10.00 1.94
C LEU B 19 2.35 -10.79 0.68
N ASN B 20 3.60 -10.70 0.30
CA ASN B 20 4.14 -11.41 -0.83
C ASN B 20 5.60 -11.72 -0.42
N ASN B 21 6.14 -12.86 -0.87
CA ASN B 21 7.47 -13.40 -0.43
C ASN B 21 8.65 -12.47 -0.78
N ASP B 22 8.51 -11.76 -1.86
CA ASP B 22 9.56 -10.84 -2.35
C ASP B 22 9.74 -9.59 -1.47
N ALA B 23 8.76 -9.33 -0.66
CA ALA B 23 8.75 -8.18 0.23
C ALA B 23 9.59 -8.40 1.49
N LYS B 24 9.75 -9.67 1.91
CA LYS B 24 10.52 -10.04 3.10
C LYS B 24 11.97 -9.43 3.10
N PRO B 25 12.85 -9.64 2.02
CA PRO B 25 14.22 -9.05 1.99
C PRO B 25 14.25 -7.50 2.00
N ILE B 26 13.26 -6.86 1.35
CA ILE B 26 13.12 -5.40 1.37
C ILE B 26 12.82 -4.91 2.80
N LEU B 27 11.98 -5.65 3.52
CA LEU B 27 11.65 -5.38 4.92
C LEU B 27 12.85 -5.56 5.84
N ASP B 28 13.72 -6.50 5.49
CA ASP B 28 14.97 -6.74 6.23
C ASP B 28 15.88 -5.55 6.18
N GLU B 29 16.13 -5.05 4.99
CA GLU B 29 17.01 -3.93 4.80
C GLU B 29 16.43 -2.61 5.30
N ALA B 30 15.12 -2.41 5.12
CA ALA B 30 14.45 -1.19 5.56
C ALA B 30 14.34 -1.12 7.07
N ALA B 31 13.95 -2.26 7.65
CA ALA B 31 13.76 -2.46 9.10
C ALA B 31 12.77 -1.43 9.70
N PRO B 32 11.50 -1.29 9.14
CA PRO B 32 10.56 -0.18 9.48
C PRO B 32 9.83 -0.33 10.83
N LYS B 33 10.18 -1.36 11.57
CA LYS B 33 9.59 -1.63 12.86
C LYS B 33 10.17 -0.70 13.93
N ASP B 34 9.25 -0.02 14.66
CA ASP B 34 9.49 0.88 15.83
C ASP B 34 9.83 2.29 15.32
N MET B 35 9.56 2.48 14.07
CA MET B 35 9.84 3.70 13.37
C MET B 35 8.55 4.42 12.98
N PRO B 36 8.54 5.79 12.97
CA PRO B 36 7.36 6.59 12.54
C PRO B 36 7.06 6.34 11.06
N LEU B 37 5.78 6.44 10.68
CA LEU B 37 5.27 6.17 9.30
C LEU B 37 6.09 6.91 8.25
N TYR B 38 6.36 8.20 8.50
CA TYR B 38 7.12 9.04 7.57
C TYR B 38 8.51 8.45 7.25
N ASP B 39 9.25 8.11 8.28
CA ASP B 39 10.63 7.64 8.12
C ASP B 39 10.68 6.18 7.67
N ALA B 40 9.74 5.38 8.19
CA ALA B 40 9.60 3.95 7.86
C ALA B 40 9.21 3.72 6.40
N LEU B 41 8.31 4.58 5.92
CA LEU B 41 7.82 4.50 4.54
C LEU B 41 8.89 5.00 3.59
N SER B 42 9.73 5.93 4.06
CA SER B 42 10.83 6.45 3.28
C SER B 42 11.88 5.34 3.08
N LYS B 43 12.08 4.51 4.12
CA LYS B 43 13.04 3.39 4.06
C LYS B 43 12.54 2.32 3.11
N ILE B 44 11.25 2.06 3.11
CA ILE B 44 10.71 1.01 2.27
C ILE B 44 10.79 1.39 0.76
N LEU B 45 10.70 2.70 0.48
CA LEU B 45 10.82 3.22 -0.88
C LEU B 45 12.28 3.24 -1.29
N ASP B 46 13.13 3.65 -0.36
CA ASP B 46 14.58 3.73 -0.53
C ASP B 46 15.17 2.38 -0.86
N ILE B 47 14.83 1.38 -0.07
CA ILE B 47 15.34 0.01 -0.27
C ILE B 47 14.85 -0.59 -1.60
N SER B 48 13.64 -0.28 -1.98
CA SER B 48 13.10 -0.77 -3.22
C SER B 48 13.74 -0.11 -4.44
N LYS B 49 14.15 1.16 -4.34
CA LYS B 49 14.83 1.81 -5.45
C LYS B 49 16.30 1.35 -5.54
N LYS B 50 16.87 0.99 -4.37
CA LYS B 50 18.23 0.45 -4.25
C LYS B 50 18.33 -0.93 -4.88
N ASN B 51 17.30 -1.73 -4.70
CA ASN B 51 17.25 -3.06 -5.29
C ASN B 51 16.79 -3.02 -6.75
N GLY B 52 16.26 -1.89 -7.18
CA GLY B 52 15.87 -1.72 -8.57
C GLY B 52 14.47 -2.20 -8.90
N TYR B 53 13.59 -2.21 -7.91
CA TYR B 53 12.18 -2.56 -8.15
C TYR B 53 11.48 -1.35 -8.70
N ILE B 54 11.84 -0.21 -8.18
CA ILE B 54 11.38 1.03 -8.68
C ILE B 54 12.56 1.86 -9.11
N ASN B 55 12.45 2.40 -10.27
CA ASN B 55 13.47 3.22 -10.88
C ASN B 55 12.93 4.61 -10.82
N SER B 56 13.71 5.62 -11.03
CA SER B 56 13.15 6.98 -11.01
C SER B 56 12.22 7.28 -12.22
N ALA B 57 12.27 6.43 -13.25
CA ALA B 57 11.38 6.56 -14.39
C ALA B 57 10.12 5.70 -14.21
N ASP B 58 10.29 4.59 -13.54
CA ASP B 58 9.20 3.64 -13.32
C ASP B 58 9.13 3.30 -11.87
N ASN B 59 8.32 4.06 -11.20
CA ASN B 59 8.22 4.06 -9.77
C ASN B 59 6.83 4.35 -9.31
N ILE B 60 5.93 3.51 -9.68
CA ILE B 60 4.57 3.71 -9.32
C ILE B 60 4.30 2.87 -8.09
N VAL B 61 4.01 3.54 -7.02
CA VAL B 61 3.76 2.95 -5.76
C VAL B 61 2.28 3.11 -5.43
N LEU B 62 1.72 2.11 -4.83
CA LEU B 62 0.33 2.09 -4.47
C LEU B 62 0.28 2.15 -2.95
N PHE B 63 -0.63 2.92 -2.42
CA PHE B 63 -0.80 3.01 -0.99
C PHE B 63 -2.27 2.83 -0.67
N SER B 64 -2.58 1.94 0.24
CA SER B 64 -3.91 1.80 0.74
C SER B 64 -3.88 1.69 2.23
N ALA B 65 -4.75 2.41 2.91
CA ALA B 65 -4.76 2.42 4.35
C ALA B 65 -6.14 2.14 4.89
N SER B 66 -6.22 1.31 5.91
CA SER B 66 -7.47 0.99 6.54
C SER B 66 -7.32 1.19 8.04
N ILE B 67 -8.29 1.79 8.64
CA ILE B 67 -8.29 1.97 10.07
C ILE B 67 -9.15 0.90 10.66
N ASN B 68 -8.56 0.04 11.44
CA ASN B 68 -9.27 -1.05 12.09
C ASN B 68 -9.61 -0.69 13.51
N SER B 69 -10.82 -1.07 13.91
CA SER B 69 -11.41 -0.86 15.24
C SER B 69 -11.82 0.61 15.49
N GLY B 70 -11.62 1.47 14.45
CA GLY B 70 -11.90 2.91 14.52
C GLY B 70 -11.03 3.58 15.56
N ARG B 71 -9.82 3.00 15.75
CA ARG B 71 -8.89 3.32 16.83
C ARG B 71 -9.55 3.11 18.19
N ASN B 72 -10.28 4.12 18.70
CA ASN B 72 -11.06 4.01 19.94
C ASN B 72 -11.95 5.25 20.11
N ASN B 73 -12.52 5.71 18.99
CA ASN B 73 -13.41 6.86 18.98
C ASN B 73 -14.36 6.74 17.81
N VAL B 74 -15.63 7.11 18.03
CA VAL B 74 -16.68 6.96 17.02
C VAL B 74 -16.43 7.84 15.80
N SER B 75 -16.07 7.16 14.71
CA SER B 75 -15.83 7.73 13.39
C SER B 75 -14.66 8.74 13.34
N GLU B 76 -13.64 8.56 14.24
CA GLU B 76 -12.44 9.43 14.19
C GLU B 76 -11.65 9.15 12.93
N SER B 77 -11.89 7.96 12.41
CA SER B 77 -11.27 7.38 11.28
C SER B 77 -11.47 8.20 10.01
N ASP B 78 -12.53 9.01 9.94
CA ASP B 78 -12.76 9.91 8.80
C ASP B 78 -11.68 10.96 8.70
N LYS B 79 -11.22 11.44 9.84
CA LYS B 79 -10.19 12.47 9.87
C LYS B 79 -8.84 11.79 9.88
N GLY B 80 -8.76 10.69 10.64
CA GLY B 80 -7.56 9.89 10.77
C GLY B 80 -7.05 9.39 9.45
N ILE B 81 -7.95 8.90 8.59
CA ILE B 81 -7.59 8.39 7.28
C ILE B 81 -6.97 9.50 6.42
N GLN B 82 -7.52 10.73 6.51
CA GLN B 82 -7.11 11.86 5.67
C GLN B 82 -5.75 12.36 6.07
N GLU B 83 -5.49 12.25 7.35
CA GLU B 83 -4.29 12.66 7.96
C GLU B 83 -3.15 11.70 7.54
N ILE B 84 -3.49 10.42 7.52
CA ILE B 84 -2.59 9.36 7.09
C ILE B 84 -2.35 9.43 5.58
N ILE B 85 -3.42 9.71 4.78
CA ILE B 85 -3.33 9.89 3.30
C ILE B 85 -2.33 11.01 2.98
N SER B 86 -2.40 12.07 3.77
CA SER B 86 -1.52 13.21 3.65
C SER B 86 -0.06 12.84 3.95
N THR B 87 0.16 11.92 4.88
CA THR B 87 1.51 11.46 5.22
C THR B 87 2.05 10.52 4.13
N LEU B 88 1.16 9.70 3.54
CA LEU B 88 1.52 8.76 2.46
C LEU B 88 2.02 9.51 1.25
N LYS B 89 1.33 10.60 0.90
CA LYS B 89 1.73 11.42 -0.22
C LYS B 89 2.90 12.33 0.13
N ASP B 90 3.11 12.58 1.41
CA ASP B 90 4.18 13.44 1.91
C ASP B 90 5.50 12.74 1.75
N VAL B 91 5.53 11.46 2.10
CA VAL B 91 6.70 10.62 1.92
C VAL B 91 6.94 10.38 0.43
N ALA B 92 5.86 10.19 -0.31
CA ALA B 92 5.90 9.89 -1.72
C ALA B 92 6.45 11.06 -2.55
N LYS B 93 6.13 12.29 -2.16
CA LYS B 93 6.63 13.46 -2.87
C LYS B 93 8.05 13.81 -2.44
N ASP B 94 8.42 13.39 -1.24
CA ASP B 94 9.77 13.58 -0.71
C ASP B 94 10.75 12.63 -1.40
N ALA B 95 10.31 11.39 -1.59
CA ALA B 95 11.09 10.36 -2.30
C ALA B 95 11.07 10.63 -3.82
N GLY B 96 10.00 11.26 -4.29
CA GLY B 96 9.85 11.59 -5.68
C GLY B 96 9.36 10.40 -6.47
N VAL B 97 8.32 9.76 -5.97
CA VAL B 97 7.74 8.61 -6.63
C VAL B 97 6.39 8.96 -7.22
N LYS B 98 5.90 8.09 -8.05
CA LYS B 98 4.60 8.21 -8.67
C LYS B 98 3.68 7.35 -7.85
N PHE B 99 2.47 7.77 -7.62
CA PHE B 99 1.65 7.07 -6.65
C PHE B 99 0.16 7.26 -6.85
N GLU B 100 -0.58 6.29 -6.34
CA GLU B 100 -2.03 6.36 -6.20
C GLU B 100 -2.42 5.80 -4.87
N ILE B 101 -3.17 6.56 -4.14
CA ILE B 101 -3.58 6.21 -2.83
C ILE B 101 -5.05 5.91 -2.89
N ILE B 102 -5.36 4.71 -2.56
CA ILE B 102 -6.70 4.21 -2.58
C ILE B 102 -7.08 3.93 -1.12
N PRO B 103 -8.22 4.45 -0.62
CA PRO B 103 -8.68 4.12 0.74
C PRO B 103 -9.05 2.62 0.87
N SER B 104 -8.80 2.07 2.03
CA SER B 104 -9.13 0.70 2.30
C SER B 104 -10.10 0.68 3.49
N THR B 105 -10.67 -0.45 3.75
CA THR B 105 -11.67 -0.65 4.77
C THR B 105 -11.22 -1.89 5.60
N GLU B 106 -11.81 -2.12 6.79
CA GLU B 106 -11.42 -3.25 7.68
C GLU B 106 -11.70 -4.59 7.02
N GLU B 107 -12.82 -4.66 6.30
CA GLU B 107 -13.24 -5.83 5.56
C GLU B 107 -12.29 -6.06 4.39
N ASP B 108 -11.85 -4.96 3.79
CA ASP B 108 -10.94 -4.97 2.64
C ASP B 108 -9.56 -5.50 3.08
N ARG B 109 -9.17 -5.11 4.31
CA ARG B 109 -7.93 -5.53 4.97
C ARG B 109 -7.86 -7.06 5.12
N GLN B 110 -8.95 -7.65 5.61
CA GLN B 110 -8.98 -9.09 5.82
C GLN B 110 -9.12 -9.84 4.51
N LYS B 111 -9.80 -9.23 3.54
CA LYS B 111 -9.98 -9.88 2.26
C LYS B 111 -8.69 -9.89 1.49
N ALA B 112 -7.91 -8.81 1.63
CA ALA B 112 -6.58 -8.67 1.02
C ALA B 112 -5.66 -9.80 1.44
N LEU B 113 -5.57 -10.03 2.76
CA LEU B 113 -4.71 -11.07 3.30
C LEU B 113 -5.20 -12.46 2.90
N ASP B 114 -6.53 -12.59 2.71
CA ASP B 114 -7.17 -13.84 2.30
C ASP B 114 -6.91 -14.11 0.80
N GLN B 115 -6.59 -13.06 0.05
CA GLN B 115 -6.28 -13.18 -1.39
C GLN B 115 -4.77 -13.36 -1.60
N ASN B 116 -4.00 -13.19 -0.49
CA ASN B 116 -2.51 -13.26 -0.46
C ASN B 116 -1.96 -12.06 -1.22
N LEU B 117 -2.60 -10.94 -0.98
CA LEU B 117 -2.24 -9.69 -1.53
C LEU B 117 -2.13 -8.69 -0.40
N SER B 118 -1.55 -7.60 -0.69
CA SER B 118 -1.53 -6.47 0.17
C SER B 118 -2.80 -5.69 -0.07
N MET B 119 -3.18 -4.84 0.85
CA MET B 119 -4.41 -4.06 0.71
C MET B 119 -4.32 -3.09 -0.44
N GLY B 120 -3.10 -2.64 -0.77
CA GLY B 120 -2.90 -1.74 -1.88
C GLY B 120 -3.26 -2.41 -3.18
N ARG B 121 -2.62 -3.52 -3.42
CA ARG B 121 -2.80 -4.31 -4.60
C ARG B 121 -4.22 -4.90 -4.67
N TYR B 122 -4.79 -5.23 -3.52
CA TYR B 122 -6.15 -5.75 -3.45
C TYR B 122 -7.20 -4.66 -3.71
N ALA B 123 -6.95 -3.45 -3.22
CA ALA B 123 -7.86 -2.33 -3.40
C ALA B 123 -8.05 -2.01 -4.88
N ILE B 124 -6.99 -2.16 -5.62
CA ILE B 124 -7.05 -1.98 -7.04
C ILE B 124 -7.49 -3.27 -7.77
N TYR B 125 -7.20 -4.43 -7.19
CA TYR B 125 -7.72 -5.73 -7.72
C TYR B 125 -9.25 -5.73 -7.70
N VAL B 126 -9.84 -5.32 -6.58
CA VAL B 126 -11.27 -5.29 -6.44
C VAL B 126 -11.85 -4.13 -7.26
N LYS B 127 -11.03 -3.11 -7.52
CA LYS B 127 -11.43 -2.01 -8.36
C LYS B 127 -11.49 -2.49 -9.82
N ALA B 128 -10.50 -3.29 -10.20
CA ALA B 128 -10.34 -3.87 -11.53
C ALA B 128 -11.50 -4.77 -11.88
N VAL B 129 -11.90 -5.63 -10.94
CA VAL B 129 -13.05 -6.52 -11.15
C VAL B 129 -14.38 -5.71 -11.33
N GLU B 130 -14.47 -4.52 -10.71
CA GLU B 130 -15.62 -3.64 -10.89
C GLU B 130 -15.59 -2.99 -12.29
N GLU B 131 -14.40 -2.55 -12.73
CA GLU B 131 -14.24 -1.84 -13.99
C GLU B 131 -14.34 -2.76 -15.21
N GLY B 132 -14.10 -4.04 -14.99
CA GLY B 132 -14.13 -5.00 -16.06
C GLY B 132 -12.76 -5.33 -16.58
N VAL B 133 -11.80 -5.27 -15.71
CA VAL B 133 -10.44 -5.63 -16.00
C VAL B 133 -10.25 -7.02 -15.39
N ASN B 134 -9.89 -7.98 -16.20
CA ASN B 134 -9.74 -9.35 -15.74
C ASN B 134 -8.42 -9.57 -15.03
N LEU B 135 -8.50 -9.91 -13.77
CA LEU B 135 -7.33 -10.23 -12.96
C LEU B 135 -7.54 -11.49 -12.15
N ASN B 136 -6.46 -12.20 -11.97
CA ASN B 136 -6.37 -13.37 -11.09
C ASN B 136 -5.58 -12.89 -9.88
N LEU B 137 -5.71 -13.55 -8.75
CA LEU B 137 -4.97 -13.21 -7.53
C LEU B 137 -3.46 -13.36 -7.75
N GLU B 138 -3.09 -14.36 -8.52
CA GLU B 138 -1.71 -14.61 -8.84
C GLU B 138 -1.21 -13.66 -9.91
N ASP B 139 -2.08 -13.27 -10.85
CA ASP B 139 -1.72 -12.25 -11.87
C ASP B 139 -1.43 -10.94 -11.22
N ALA B 140 -2.33 -10.49 -10.33
CA ALA B 140 -2.18 -9.25 -9.58
C ALA B 140 -0.84 -9.16 -8.83
N ARG B 141 -0.43 -10.25 -8.13
CA ARG B 141 0.83 -10.22 -7.35
C ARG B 141 2.08 -10.36 -8.22
N ASN B 142 1.94 -11.06 -9.34
CA ASN B 142 3.08 -11.28 -10.24
C ASN B 142 3.28 -10.17 -11.27
N LEU B 143 2.28 -9.33 -11.45
CA LEU B 143 2.41 -8.14 -12.27
C LEU B 143 3.00 -7.02 -11.43
N SER B 144 3.43 -5.99 -12.05
CA SER B 144 3.89 -4.86 -11.33
C SER B 144 2.78 -3.84 -11.17
N VAL B 145 2.93 -2.98 -10.18
CA VAL B 145 1.99 -1.91 -9.85
C VAL B 145 1.72 -1.01 -11.08
N SER B 146 2.79 -0.73 -11.85
CA SER B 146 2.73 0.05 -13.08
C SER B 146 1.71 -0.53 -14.10
N GLU B 147 1.65 -1.88 -14.19
CA GLU B 147 0.73 -2.60 -15.06
C GLU B 147 -0.70 -2.46 -14.58
N ILE B 148 -0.90 -2.66 -13.28
CA ILE B 148 -2.22 -2.67 -12.66
C ILE B 148 -2.88 -1.26 -12.72
N LEU B 149 -2.08 -0.23 -12.47
CA LEU B 149 -2.53 1.17 -12.53
C LEU B 149 -2.83 1.59 -13.96
N GLY B 150 -2.01 1.09 -14.90
CA GLY B 150 -2.20 1.38 -16.31
C GLY B 150 -3.47 0.75 -16.87
N LYS B 151 -3.90 -0.36 -16.23
CA LYS B 151 -5.12 -1.05 -16.62
C LYS B 151 -6.35 -0.25 -16.30
N LEU B 152 -6.34 0.42 -15.15
CA LEU B 152 -7.48 1.29 -14.76
C LEU B 152 -7.59 2.50 -15.69
N GLU B 153 -6.44 2.98 -16.16
CA GLU B 153 -6.37 4.12 -17.04
C GLU B 153 -6.90 3.82 -18.44
N HIS B 154 -6.49 2.71 -19.02
CA HIS B 154 -6.95 2.38 -20.37
C HIS B 154 -8.33 1.71 -20.39
N HIS B 155 -8.75 1.14 -19.27
CA HIS B 155 -10.03 0.48 -19.20
C HIS B 155 -10.69 0.80 -17.86
N HIS B 156 -11.63 1.71 -17.89
CA HIS B 156 -12.33 2.12 -16.70
C HIS B 156 -13.82 2.11 -17.00
N HIS B 157 -14.56 1.26 -16.27
CA HIS B 157 -16.03 1.03 -16.42
C HIS B 157 -16.46 0.42 -17.76
N HIS B 158 -16.93 -0.82 -17.68
CA HIS B 158 -17.47 -1.61 -18.79
C HIS B 158 -18.04 -2.90 -18.23
N HIS B 159 -17.23 -3.54 -17.37
CA HIS B 159 -17.48 -4.85 -16.78
C HIS B 159 -17.44 -5.93 -17.89
N MET A 1 -3.43 -1.56 18.65
CA MET A 1 -3.32 -1.38 17.20
C MET A 1 -4.02 -0.10 16.81
N TYR A 2 -3.80 0.36 15.60
CA TYR A 2 -4.50 1.53 15.08
C TYR A 2 -4.87 1.33 13.63
N ALA A 3 -3.87 1.29 12.77
CA ALA A 3 -4.15 1.21 11.36
C ALA A 3 -3.15 0.31 10.65
N TYR A 4 -3.53 -0.15 9.50
CA TYR A 4 -2.70 -0.92 8.63
C TYR A 4 -2.44 -0.10 7.43
N ILE A 5 -1.20 0.07 7.10
CA ILE A 5 -0.82 0.80 5.92
C ILE A 5 -0.20 -0.19 4.97
N ASP A 6 -0.84 -0.45 3.89
CA ASP A 6 -0.33 -1.39 2.94
C ASP A 6 0.23 -0.68 1.75
N VAL A 7 1.48 -0.91 1.50
CA VAL A 7 2.22 -0.25 0.49
C VAL A 7 2.57 -1.23 -0.60
N ASP A 8 2.22 -0.89 -1.80
CA ASP A 8 2.51 -1.71 -2.93
C ASP A 8 3.50 -1.07 -3.81
N ILE A 9 4.63 -1.66 -3.84
CA ILE A 9 5.74 -1.24 -4.62
C ILE A 9 5.84 -2.24 -5.76
N ASN A 10 6.48 -1.84 -6.86
CA ASN A 10 6.56 -2.58 -8.11
C ASN A 10 5.23 -2.53 -8.71
N PRO B 1 6.47 -5.79 -4.36
CA PRO B 1 6.50 -5.89 -2.93
C PRO B 1 5.22 -5.41 -2.32
N SER B 2 4.54 -6.29 -1.62
CA SER B 2 3.35 -5.92 -0.89
C SER B 2 3.67 -5.89 0.61
N ILE B 3 3.69 -4.70 1.17
CA ILE B 3 4.09 -4.45 2.56
C ILE B 3 2.87 -4.04 3.37
N GLY B 4 2.79 -4.48 4.60
CA GLY B 4 1.81 -3.99 5.50
C GLY B 4 2.49 -3.46 6.74
N LEU B 5 2.34 -2.20 6.97
CA LEU B 5 2.91 -1.53 8.11
C LEU B 5 1.83 -1.35 9.12
N VAL B 6 1.95 -2.01 10.23
CA VAL B 6 0.96 -1.90 11.26
C VAL B 6 1.39 -0.78 12.15
N ILE B 7 0.62 0.26 12.21
CA ILE B 7 0.97 1.38 13.02
C ILE B 7 0.11 1.46 14.27
N ASP B 8 0.70 1.99 15.32
CA ASP B 8 -0.02 2.27 16.54
C ASP B 8 -0.55 3.72 16.49
N LYS B 9 -1.07 4.20 17.61
CA LYS B 9 -1.72 5.54 17.70
C LYS B 9 -0.76 6.73 17.46
N LYS B 10 0.54 6.50 17.57
CA LYS B 10 1.55 7.54 17.35
C LYS B 10 1.95 7.55 15.87
N GLU B 11 1.39 6.57 15.10
CA GLU B 11 1.73 6.33 13.70
C GLU B 11 3.14 5.80 13.65
N LYS B 12 3.37 4.84 14.51
CA LYS B 12 4.63 4.15 14.64
C LYS B 12 4.43 2.75 14.16
N VAL B 13 5.30 2.31 13.29
CA VAL B 13 5.21 0.96 12.78
C VAL B 13 5.68 -0.01 13.85
N ILE B 14 4.77 -0.77 14.36
CA ILE B 14 5.05 -1.71 15.41
C ILE B 14 5.46 -3.06 14.81
N ASP B 15 4.94 -3.35 13.65
CA ASP B 15 5.26 -4.55 12.93
C ASP B 15 5.16 -4.27 11.46
N ALA B 16 6.12 -4.73 10.73
CA ALA B 16 6.08 -4.62 9.31
C ALA B 16 5.99 -6.01 8.79
N LYS B 17 4.89 -6.33 8.21
CA LYS B 17 4.63 -7.65 7.75
C LYS B 17 4.52 -7.68 6.24
N PRO B 18 4.99 -8.75 5.60
CA PRO B 18 4.81 -8.91 4.17
C PRO B 18 3.46 -9.57 3.85
N LEU B 19 2.73 -9.01 2.92
CA LEU B 19 1.46 -9.59 2.46
C LEU B 19 1.71 -10.44 1.22
N ASN B 20 2.95 -10.40 0.78
CA ASN B 20 3.47 -11.14 -0.34
C ASN B 20 4.97 -11.29 -0.10
N ASN B 21 5.52 -12.44 -0.49
CA ASN B 21 6.92 -12.86 -0.16
C ASN B 21 8.01 -11.91 -0.71
N ASP B 22 7.71 -11.19 -1.76
CA ASP B 22 8.69 -10.29 -2.42
C ASP B 22 9.02 -9.04 -1.58
N ALA B 23 8.23 -8.81 -0.58
CA ALA B 23 8.41 -7.69 0.33
C ALA B 23 9.36 -8.02 1.48
N LYS B 24 9.58 -9.33 1.76
CA LYS B 24 10.44 -9.78 2.84
C LYS B 24 11.88 -9.19 2.79
N PRO B 25 12.65 -9.28 1.62
CA PRO B 25 14.02 -8.71 1.53
C PRO B 25 14.05 -7.19 1.73
N ILE B 26 12.98 -6.52 1.30
CA ILE B 26 12.86 -5.07 1.41
C ILE B 26 12.69 -4.67 2.88
N LEU B 27 11.83 -5.37 3.59
CA LEU B 27 11.56 -5.10 5.00
C LEU B 27 12.73 -5.44 5.89
N ASP B 28 13.50 -6.42 5.45
CA ASP B 28 14.71 -6.88 6.11
C ASP B 28 15.77 -5.78 6.18
N GLU B 29 16.03 -5.14 5.03
CA GLU B 29 17.05 -4.10 4.95
C GLU B 29 16.53 -2.77 5.51
N ALA B 30 15.23 -2.55 5.39
CA ALA B 30 14.58 -1.32 5.85
C ALA B 30 14.61 -1.16 7.36
N ALA B 31 14.24 -2.23 8.08
CA ALA B 31 14.11 -2.24 9.56
C ALA B 31 13.13 -1.14 10.06
N PRO B 32 11.80 -1.24 9.71
CA PRO B 32 10.82 -0.20 10.01
C PRO B 32 10.07 -0.39 11.34
N LYS B 33 10.47 -1.35 12.14
CA LYS B 33 9.81 -1.56 13.40
C LYS B 33 10.37 -0.60 14.44
N ASP B 34 9.43 0.08 15.15
CA ASP B 34 9.67 1.15 16.17
C ASP B 34 10.00 2.48 15.43
N MET B 35 9.71 2.51 14.15
CA MET B 35 10.06 3.62 13.32
C MET B 35 8.75 4.33 12.94
N PRO B 36 8.69 5.70 13.01
CA PRO B 36 7.47 6.46 12.67
C PRO B 36 7.09 6.31 11.20
N LEU B 37 5.80 6.41 10.89
CA LEU B 37 5.18 6.19 9.56
C LEU B 37 5.95 6.83 8.43
N TYR B 38 6.16 8.14 8.52
CA TYR B 38 6.93 8.92 7.54
C TYR B 38 8.34 8.34 7.29
N ASP B 39 9.01 8.04 8.36
CA ASP B 39 10.42 7.64 8.36
C ASP B 39 10.58 6.17 7.91
N ALA B 40 9.63 5.35 8.34
CA ALA B 40 9.58 3.93 8.01
C ALA B 40 9.22 3.73 6.56
N LEU B 41 8.25 4.53 6.08
CA LEU B 41 7.80 4.46 4.70
C LEU B 41 8.89 4.95 3.75
N SER B 42 9.73 5.87 4.26
CA SER B 42 10.88 6.37 3.53
C SER B 42 11.88 5.23 3.29
N LYS B 43 11.99 4.30 4.27
CA LYS B 43 12.83 3.14 4.14
C LYS B 43 12.25 2.14 3.18
N ILE B 44 10.94 1.91 3.29
CA ILE B 44 10.20 0.99 2.41
C ILE B 44 10.41 1.35 0.91
N LEU B 45 10.37 2.62 0.60
CA LEU B 45 10.53 3.11 -0.77
C LEU B 45 11.99 3.17 -1.20
N ASP B 46 12.85 3.49 -0.28
CA ASP B 46 14.28 3.58 -0.55
C ASP B 46 14.88 2.23 -0.87
N ILE B 47 14.59 1.26 -0.03
CA ILE B 47 15.12 -0.09 -0.15
C ILE B 47 14.57 -0.77 -1.41
N SER B 48 13.35 -0.48 -1.78
CA SER B 48 12.78 -1.07 -2.94
C SER B 48 13.35 -0.46 -4.23
N LYS B 49 13.67 0.84 -4.24
CA LYS B 49 14.29 1.44 -5.42
C LYS B 49 15.76 1.01 -5.53
N LYS B 50 16.40 0.74 -4.37
CA LYS B 50 17.74 0.13 -4.32
C LYS B 50 17.72 -1.29 -4.92
N ASN B 51 16.64 -2.04 -4.64
CA ASN B 51 16.46 -3.40 -5.15
C ASN B 51 15.89 -3.45 -6.58
N GLY B 52 15.60 -2.29 -7.16
CA GLY B 52 15.15 -2.23 -8.54
C GLY B 52 13.66 -2.56 -8.74
N TYR B 53 12.85 -2.28 -7.74
CA TYR B 53 11.42 -2.53 -7.84
C TYR B 53 10.66 -1.34 -8.34
N ILE B 54 11.26 -0.19 -8.26
CA ILE B 54 10.70 1.04 -8.77
C ILE B 54 11.77 1.82 -9.50
N ASN B 55 11.50 2.16 -10.74
CA ASN B 55 12.46 2.87 -11.57
C ASN B 55 12.01 4.31 -11.75
N SER B 56 12.94 5.23 -11.80
CA SER B 56 12.62 6.66 -11.90
C SER B 56 12.14 7.10 -13.31
N ALA B 57 12.11 6.16 -14.25
CA ALA B 57 11.57 6.42 -15.57
C ALA B 57 10.03 6.38 -15.49
N ASP B 58 9.52 5.57 -14.55
CA ASP B 58 8.11 5.47 -14.21
C ASP B 58 7.95 4.65 -12.96
N ASN B 59 7.57 5.30 -11.89
CA ASN B 59 7.41 4.69 -10.60
C ASN B 59 6.16 5.13 -9.92
N ILE B 60 5.13 4.38 -10.12
CA ILE B 60 3.87 4.59 -9.44
C ILE B 60 3.83 3.61 -8.26
N VAL B 61 3.70 4.14 -7.06
CA VAL B 61 3.61 3.33 -5.88
C VAL B 61 2.20 3.48 -5.31
N LEU B 62 1.63 2.37 -4.91
CA LEU B 62 0.29 2.33 -4.40
C LEU B 62 0.36 2.38 -2.87
N PHE B 63 -0.49 3.16 -2.27
CA PHE B 63 -0.55 3.25 -0.84
C PHE B 63 -1.99 3.12 -0.42
N SER B 64 -2.25 2.24 0.48
CA SER B 64 -3.54 2.07 1.02
C SER B 64 -3.43 2.14 2.53
N ALA B 65 -4.49 2.50 3.20
CA ALA B 65 -4.49 2.60 4.64
C ALA B 65 -5.89 2.43 5.18
N SER B 66 -6.01 1.74 6.29
CA SER B 66 -7.28 1.55 6.95
C SER B 66 -7.12 1.50 8.45
N ILE B 67 -8.00 2.18 9.16
CA ILE B 67 -8.00 2.17 10.60
C ILE B 67 -8.88 1.00 11.06
N ASN B 68 -8.24 -0.04 11.53
CA ASN B 68 -8.94 -1.26 11.91
C ASN B 68 -9.16 -1.33 13.40
N SER B 69 -10.31 -0.79 13.83
CA SER B 69 -10.86 -0.88 15.23
C SER B 69 -9.89 -0.43 16.37
N GLY B 70 -8.84 0.31 16.05
CA GLY B 70 -7.85 0.62 17.06
C GLY B 70 -7.99 1.97 17.68
N ARG B 71 -8.95 2.74 17.23
CA ARG B 71 -9.13 4.05 17.80
C ARG B 71 -10.44 4.12 18.58
N ASN B 72 -11.50 3.57 17.98
CA ASN B 72 -12.87 3.55 18.55
C ASN B 72 -13.33 4.97 18.92
N ASN B 73 -13.25 5.84 17.93
CA ASN B 73 -13.62 7.23 18.06
C ASN B 73 -14.03 7.73 16.71
N VAL B 74 -15.33 7.79 16.49
CA VAL B 74 -15.91 8.18 15.21
C VAL B 74 -15.69 9.69 14.95
N SER B 75 -15.58 10.05 13.65
CA SER B 75 -15.28 11.41 13.11
C SER B 75 -13.77 11.71 13.17
N GLU B 76 -13.15 11.35 14.28
CA GLU B 76 -11.72 11.52 14.46
C GLU B 76 -10.92 10.44 13.74
N SER B 77 -11.58 9.37 13.35
CA SER B 77 -10.97 8.33 12.53
C SER B 77 -11.06 8.72 11.04
N ASP B 78 -12.09 9.48 10.69
CA ASP B 78 -12.23 10.05 9.33
C ASP B 78 -11.13 11.08 9.10
N LYS B 79 -10.93 11.92 10.08
CA LYS B 79 -9.85 12.90 10.07
C LYS B 79 -8.49 12.20 10.20
N GLY B 80 -8.45 11.16 11.04
CA GLY B 80 -7.25 10.40 11.29
C GLY B 80 -6.71 9.68 10.08
N ILE B 81 -7.61 9.21 9.20
CA ILE B 81 -7.17 8.59 7.98
C ILE B 81 -6.56 9.62 7.03
N GLN B 82 -7.13 10.84 6.98
CA GLN B 82 -6.58 11.94 6.18
C GLN B 82 -5.17 12.36 6.61
N GLU B 83 -4.84 12.17 7.90
CA GLU B 83 -3.50 12.48 8.41
C GLU B 83 -2.49 11.51 7.79
N ILE B 84 -2.91 10.25 7.76
CA ILE B 84 -2.16 9.16 7.18
C ILE B 84 -2.03 9.36 5.64
N ILE B 85 -3.15 9.71 4.96
CA ILE B 85 -3.20 9.96 3.49
C ILE B 85 -2.19 11.05 3.09
N SER B 86 -2.13 12.12 3.90
CA SER B 86 -1.21 13.21 3.67
C SER B 86 0.25 12.78 3.85
N THR B 87 0.49 11.80 4.71
CA THR B 87 1.83 11.28 4.94
C THR B 87 2.25 10.36 3.77
N LEU B 88 1.30 9.58 3.24
CA LEU B 88 1.55 8.63 2.14
C LEU B 88 2.04 9.35 0.88
N LYS B 89 1.39 10.48 0.58
CA LYS B 89 1.76 11.29 -0.57
C LYS B 89 3.02 12.13 -0.27
N ASP B 90 3.27 12.40 1.02
CA ASP B 90 4.39 13.24 1.47
C ASP B 90 5.69 12.47 1.31
N VAL B 91 5.66 11.21 1.72
CA VAL B 91 6.82 10.33 1.59
C VAL B 91 7.07 10.00 0.12
N ALA B 92 5.99 9.86 -0.65
CA ALA B 92 6.06 9.56 -2.07
C ALA B 92 6.76 10.68 -2.86
N LYS B 93 6.46 11.93 -2.53
CA LYS B 93 7.10 13.04 -3.23
C LYS B 93 8.54 13.27 -2.79
N ASP B 94 8.83 12.88 -1.56
CA ASP B 94 10.17 12.95 -0.99
C ASP B 94 11.09 11.92 -1.66
N ALA B 95 10.54 10.74 -1.87
CA ALA B 95 11.21 9.64 -2.55
C ALA B 95 11.35 9.90 -4.05
N GLY B 96 10.44 10.70 -4.58
CA GLY B 96 10.48 11.06 -5.99
C GLY B 96 9.69 10.07 -6.83
N VAL B 97 8.61 9.57 -6.28
CA VAL B 97 7.78 8.61 -6.98
C VAL B 97 6.37 9.19 -7.15
N LYS B 98 5.61 8.62 -8.06
CA LYS B 98 4.22 8.99 -8.25
C LYS B 98 3.40 8.06 -7.39
N PHE B 99 2.20 8.42 -7.09
CA PHE B 99 1.44 7.68 -6.13
C PHE B 99 0.00 7.47 -6.52
N GLU B 100 -0.55 6.39 -6.00
CA GLU B 100 -1.95 6.09 -6.07
C GLU B 100 -2.41 5.68 -4.73
N ILE B 101 -3.30 6.43 -4.20
CA ILE B 101 -3.71 6.24 -2.82
C ILE B 101 -5.18 5.81 -2.73
N ILE B 102 -5.40 4.71 -2.07
CA ILE B 102 -6.74 4.18 -1.88
C ILE B 102 -7.00 4.05 -0.38
N PRO B 103 -7.93 4.84 0.19
CA PRO B 103 -8.36 4.61 1.57
C PRO B 103 -9.14 3.29 1.61
N SER B 104 -8.75 2.42 2.48
CA SER B 104 -9.27 1.08 2.49
C SER B 104 -10.17 0.85 3.69
N THR B 105 -10.85 -0.25 3.69
CA THR B 105 -11.75 -0.63 4.75
C THR B 105 -11.11 -1.80 5.52
N GLU B 106 -11.58 -2.05 6.72
CA GLU B 106 -11.14 -3.14 7.58
C GLU B 106 -11.51 -4.50 6.92
N GLU B 107 -12.61 -4.48 6.16
CA GLU B 107 -13.04 -5.63 5.39
C GLU B 107 -12.13 -5.86 4.20
N ASP B 108 -11.65 -4.77 3.59
CA ASP B 108 -10.75 -4.86 2.40
C ASP B 108 -9.43 -5.43 2.84
N ARG B 109 -9.09 -5.07 4.07
CA ARG B 109 -7.89 -5.48 4.74
C ARG B 109 -7.86 -7.01 4.85
N GLN B 110 -8.87 -7.58 5.48
CA GLN B 110 -8.93 -9.03 5.66
C GLN B 110 -9.09 -9.78 4.33
N LYS B 111 -9.83 -9.21 3.39
CA LYS B 111 -10.03 -9.85 2.08
C LYS B 111 -8.75 -9.84 1.26
N ALA B 112 -7.91 -8.85 1.49
CA ALA B 112 -6.61 -8.75 0.88
C ALA B 112 -5.72 -9.90 1.32
N LEU B 113 -5.59 -10.08 2.63
CA LEU B 113 -4.73 -11.13 3.19
C LEU B 113 -5.31 -12.53 2.95
N ASP B 114 -6.64 -12.58 2.77
CA ASP B 114 -7.36 -13.83 2.46
C ASP B 114 -7.03 -14.28 1.01
N GLN B 115 -6.64 -13.32 0.19
CA GLN B 115 -6.25 -13.53 -1.21
C GLN B 115 -4.71 -13.44 -1.42
N ASN B 116 -3.97 -13.20 -0.33
CA ASN B 116 -2.48 -13.06 -0.28
C ASN B 116 -2.03 -11.87 -1.13
N LEU B 117 -2.64 -10.78 -0.85
CA LEU B 117 -2.34 -9.52 -1.43
C LEU B 117 -2.37 -8.50 -0.32
N SER B 118 -1.90 -7.35 -0.59
CA SER B 118 -2.01 -6.22 0.29
C SER B 118 -3.26 -5.46 -0.06
N MET B 119 -3.62 -4.50 0.77
CA MET B 119 -4.85 -3.72 0.58
C MET B 119 -4.89 -2.96 -0.70
N GLY B 120 -3.80 -2.33 -1.08
CA GLY B 120 -3.75 -1.55 -2.30
C GLY B 120 -3.89 -2.41 -3.51
N ARG B 121 -3.09 -3.48 -3.51
CA ARG B 121 -3.06 -4.48 -4.55
C ARG B 121 -4.46 -5.10 -4.74
N TYR B 122 -5.13 -5.41 -3.63
CA TYR B 122 -6.46 -6.01 -3.65
C TYR B 122 -7.57 -5.00 -3.98
N ALA B 123 -7.47 -3.78 -3.49
CA ALA B 123 -8.49 -2.74 -3.72
C ALA B 123 -8.57 -2.36 -5.18
N ILE B 124 -7.42 -2.33 -5.84
CA ILE B 124 -7.40 -2.06 -7.24
C ILE B 124 -7.67 -3.36 -8.07
N TYR B 125 -7.33 -4.52 -7.51
CA TYR B 125 -7.68 -5.85 -8.09
C TYR B 125 -9.20 -6.00 -8.23
N VAL B 126 -9.91 -5.66 -7.15
CA VAL B 126 -11.36 -5.77 -7.13
C VAL B 126 -12.00 -4.65 -7.99
N LYS B 127 -11.28 -3.55 -8.16
CA LYS B 127 -11.69 -2.49 -9.06
C LYS B 127 -11.53 -2.96 -10.51
N ALA B 128 -10.40 -3.60 -10.78
CA ALA B 128 -10.04 -4.15 -12.08
C ALA B 128 -11.05 -5.19 -12.54
N VAL B 129 -11.47 -6.06 -11.63
CA VAL B 129 -12.46 -7.07 -11.98
C VAL B 129 -13.86 -6.41 -12.27
N GLU B 130 -14.12 -5.24 -11.65
CA GLU B 130 -15.32 -4.42 -11.95
C GLU B 130 -15.20 -3.81 -13.34
N GLU B 131 -13.98 -3.37 -13.70
CA GLU B 131 -13.70 -2.76 -14.98
C GLU B 131 -13.77 -3.77 -16.13
N GLY B 132 -13.63 -5.04 -15.79
CA GLY B 132 -13.65 -6.12 -16.76
C GLY B 132 -12.26 -6.56 -17.12
N VAL B 133 -11.33 -6.24 -16.26
CA VAL B 133 -9.94 -6.60 -16.42
C VAL B 133 -9.74 -8.02 -15.88
N ASN B 134 -9.06 -8.84 -16.65
CA ASN B 134 -8.79 -10.22 -16.30
C ASN B 134 -7.59 -10.30 -15.36
N LEU B 135 -7.86 -10.32 -14.08
CA LEU B 135 -6.83 -10.46 -13.07
C LEU B 135 -7.01 -11.66 -12.22
N ASN B 136 -5.90 -12.21 -11.83
CA ASN B 136 -5.84 -13.32 -10.94
C ASN B 136 -4.84 -12.93 -9.87
N LEU B 137 -4.78 -13.67 -8.80
CA LEU B 137 -3.98 -13.33 -7.63
C LEU B 137 -2.48 -13.27 -7.87
N GLU B 138 -1.94 -14.15 -8.72
CA GLU B 138 -0.49 -14.18 -8.93
C GLU B 138 -0.08 -13.14 -9.93
N ASP B 139 -0.96 -12.92 -10.91
CA ASP B 139 -0.75 -11.94 -11.95
C ASP B 139 -0.69 -10.57 -11.31
N ALA B 140 -1.68 -10.28 -10.47
CA ALA B 140 -1.79 -9.00 -9.76
C ALA B 140 -0.56 -8.66 -8.92
N ARG B 141 -0.05 -9.64 -8.15
CA ARG B 141 1.10 -9.38 -7.26
C ARG B 141 2.45 -9.32 -8.00
N ASN B 142 2.51 -9.95 -9.17
CA ASN B 142 3.73 -9.95 -9.99
C ASN B 142 3.80 -8.79 -10.96
N LEU B 143 2.63 -8.32 -11.40
CA LEU B 143 2.54 -7.13 -12.24
C LEU B 143 2.93 -5.93 -11.45
N SER B 144 3.32 -4.91 -12.13
CA SER B 144 3.64 -3.70 -11.47
C SER B 144 2.36 -2.87 -11.21
N VAL B 145 2.45 -1.93 -10.32
CA VAL B 145 1.38 -1.00 -9.97
C VAL B 145 1.06 -0.15 -11.21
N SER B 146 2.10 0.23 -11.96
CA SER B 146 1.95 0.92 -13.24
C SER B 146 1.16 0.04 -14.26
N GLU B 147 1.34 -1.30 -14.16
CA GLU B 147 0.60 -2.25 -14.98
C GLU B 147 -0.87 -2.29 -14.60
N ILE B 148 -1.15 -2.39 -13.29
CA ILE B 148 -2.53 -2.52 -12.77
C ILE B 148 -3.34 -1.22 -12.99
N LEU B 149 -2.71 -0.08 -12.74
CA LEU B 149 -3.34 1.22 -12.98
C LEU B 149 -3.51 1.46 -14.48
N GLY B 150 -2.56 0.93 -15.26
CA GLY B 150 -2.61 1.01 -16.71
C GLY B 150 -3.74 0.19 -17.29
N LYS B 151 -4.06 -0.95 -16.61
CA LYS B 151 -5.18 -1.85 -16.99
C LYS B 151 -6.48 -1.06 -16.98
N LEU B 152 -6.64 -0.26 -15.92
CA LEU B 152 -7.82 0.58 -15.72
C LEU B 152 -7.87 1.67 -16.78
N GLU B 153 -6.73 2.32 -17.00
CA GLU B 153 -6.63 3.46 -17.92
C GLU B 153 -6.97 3.11 -19.36
N HIS B 154 -6.52 1.96 -19.83
CA HIS B 154 -6.84 1.57 -21.19
C HIS B 154 -8.02 0.59 -21.28
N HIS B 155 -8.62 0.23 -20.16
CA HIS B 155 -9.78 -0.67 -20.16
C HIS B 155 -10.63 -0.42 -18.90
N HIS B 156 -11.59 0.46 -19.02
CA HIS B 156 -12.46 0.83 -17.89
C HIS B 156 -13.92 0.82 -18.28
N HIS B 157 -14.78 0.53 -17.33
CA HIS B 157 -16.21 0.41 -17.58
C HIS B 157 -16.97 1.76 -17.46
N HIS B 158 -16.62 2.68 -18.33
CA HIS B 158 -17.24 4.01 -18.44
C HIS B 158 -17.17 4.49 -19.86
N HIS B 159 -18.29 4.44 -20.55
CA HIS B 159 -18.42 4.92 -21.92
C HIS B 159 -19.90 5.00 -22.26
#